data_5DLQ
#
_entry.id   5DLQ
#
_cell.length_a   98.616
_cell.length_b   98.616
_cell.length_c   726.864
_cell.angle_alpha   90.000
_cell.angle_beta   90.000
_cell.angle_gamma   120.000
#
_symmetry.space_group_name_H-M   'P 31 2 1'
#
loop_
_entity.id
_entity.type
_entity.pdbx_description
1 polymer Exportin-4
2 polymer 'GTP-binding nuclear protein Ran'
3 polymer 'Eukaryotic translation initiation factor 5A-1'
4 non-polymer "GUANOSINE-5'-TRIPHOSPHATE"
5 non-polymer 'MAGNESIUM ION'
#
loop_
_entity_poly.entity_id
_entity_poly.type
_entity_poly.pdbx_seq_one_letter_code
_entity_poly.pdbx_strand_id
1 'polypeptide(L)'
;MMAAALGPPEVIAQLENAAKVLMAPPSMVSNEQRQHAEHIFLSFRKSKSPFAVCRHILETSKVDYVLFQAATAIMEAVVR
EWVLLEKGSIESLRTFLLTYVLQRPNLQKYVREQILLAVAVIVKRGSLDKSIDCKSIFHEVSQLISSGNPTVQTLACSIL
TALLSEFSSSSKTSNIGLSMEFHGNCKRVFQEEDLRQIFMLTVGVLQEFSRRENLSAQMSSVFQRYLALANQVLSWNFLP
PTESWREALLDSRVMELFFTVHRKIREDSDMAQDSLQCLAQLASLHGPIFPDEGSQVDYLAHFIEGLLNTINGIEIEDSE
AVGISSIISNLITVFPRNVLTAIPSELFSSFVNCLTHLTCSFGRSAALEEVLDKDDMVYMEAYDKLLESWLTLVRDDKHF
HKGFFTQHAVQVFNSYIQCHLAAPDGTRNLTANGVASREEEEISELQEDDRDQFSDQLASVGMLGRIAAEHCMPLLTSLL
EERVTRLHGQLQRHQQQFLASPGSSTIDNKMLDDLYEDIHWLILVTGYLLADDTQGETPLIPPEIMEYSIKHSSEVDINT
TLQILGSPGEKASSIPGYSRTDSVIRLLSAVLRVSEVESRAIRADLTHLLSPQMGKDIVWFLKRWAKTYLLVDEKLYDQI
SLPLSTAFGADTEGSQWIIGYLLQKVISNLSVWSSEQDLANDTVQLLVTLVERRERANLVIQCENWWNLAKQFASRSPPL
NFLSSPVQRTLMKALVLGGFAHMDTETKQQYWTEVLQPLQQRFLRVINQENFQQMCQQEEVKQEITATLEALCGIAEATQ
IDNVAILFNFLMDFLNNCIGLMEVYKNTPETVNLIIEVFVEVAHKQICYLGESKAMHLYEACLTLLQVYSKNNLGRQRID
VTAEEEQYQDLLLIMELLTNLLSKEFIDFSVSAADVVLYGVNLILPLMSQDLLKFPTLCNQYYKLITFICEIFPEKIPQL
PEDLFKSLMYSLELGMTSMSSEVCQLCLEALTPLAEQCAKAQETDSPLFLATRHFLKLVFDMLVLQKHNTEMTTAAGEAF
YTLVCLYQAEYSELVETLLSSQQDPVIYQRLADAFNKLTASSTPPALDRKQKMAFLKSLEEFMANVGGLLCVK
;
B,A
2 'polypeptide(L)'
;GEPQVQFKLVLVGDGGTGKTTFVKRHLTGEFEKKYVATLGVEVHPLVFHTNRGPIKFNVWDTAGLEKFGGLRDGYYIQAQ
CAIIMFDVTSRVTYKNVPNWHRDLVRVCENIPIVLCGNKVDIKDRKVKAKSIVFHRKKNLQYYDISAKSNYNFEKPFLWL
ARKLIGDPNLEFVAMP
;
C,D
3 'polypeptide(L)'
;GSATFPMQCSALRKNGFVVLKGRPCKIVEMSTSKTG(5CT)HGHAKVHLVGIDIFTGKKYEDICPSTHNMDVPNIKRNDF
QLIGIQDGYLSLLQDSGEVREDLRLPEGDLGKEIEQKYDCGEEILITVLSAMTEEAAVAIKAMAK
;
F,E
#
loop_
_chem_comp.id
_chem_comp.type
_chem_comp.name
_chem_comp.formula
GTP non-polymer GUANOSINE-5'-TRIPHOSPHATE 'C10 H16 N5 O14 P3'
MG non-polymer 'MAGNESIUM ION' 'Mg 2'
#
# COMPACT_ATOMS: atom_id res chain seq x y z
N ALA A 4 57.20 -11.84 14.42
CA ALA A 4 57.94 -13.09 14.44
C ALA A 4 59.22 -12.99 13.62
N ALA A 5 60.30 -13.60 14.12
CA ALA A 5 61.58 -13.51 13.44
C ALA A 5 61.58 -14.35 12.17
N LEU A 6 62.20 -13.80 11.12
CA LEU A 6 62.31 -14.46 9.82
C LEU A 6 63.67 -15.15 9.76
N GLY A 7 63.67 -16.48 9.90
CA GLY A 7 64.91 -17.22 9.87
C GLY A 7 65.08 -18.25 10.98
N PRO A 8 65.02 -17.82 12.23
CA PRO A 8 65.31 -18.74 13.36
C PRO A 8 64.42 -19.97 13.30
N PRO A 9 64.96 -21.14 13.67
CA PRO A 9 64.14 -22.36 13.67
C PRO A 9 63.08 -22.34 14.74
N GLU A 10 63.21 -21.51 15.77
CA GLU A 10 62.23 -21.48 16.85
C GLU A 10 60.86 -21.01 16.37
N VAL A 11 60.81 -20.12 15.38
CA VAL A 11 59.53 -19.61 14.90
C VAL A 11 58.73 -20.71 14.20
N ILE A 12 59.34 -21.31 13.17
CA ILE A 12 58.66 -22.38 12.43
C ILE A 12 58.39 -23.57 13.34
N ALA A 13 59.33 -23.87 14.24
CA ALA A 13 59.13 -24.99 15.16
C ALA A 13 57.97 -24.73 16.09
N GLN A 14 57.85 -23.50 16.60
CA GLN A 14 56.70 -23.14 17.44
C GLN A 14 55.40 -23.31 16.69
N LEU A 15 55.34 -22.80 15.45
CA LEU A 15 54.09 -22.89 14.69
C LEU A 15 53.72 -24.34 14.39
N GLU A 16 54.69 -25.17 14.02
CA GLU A 16 54.38 -26.54 13.67
C GLU A 16 54.03 -27.37 14.90
N ASN A 17 54.72 -27.16 16.01
CA ASN A 17 54.36 -27.84 17.25
C ASN A 17 52.97 -27.44 17.72
N ALA A 18 52.66 -26.14 17.63
CA ALA A 18 51.32 -25.67 17.98
C ALA A 18 50.27 -26.31 17.07
N ALA A 19 50.61 -26.49 15.80
CA ALA A 19 49.67 -27.15 14.88
C ALA A 19 49.46 -28.61 15.25
N LYS A 20 50.54 -29.32 15.59
CA LYS A 20 50.40 -30.72 15.99
C LYS A 20 49.64 -30.86 17.30
N VAL A 21 49.74 -29.85 18.18
CA VAL A 21 48.99 -29.89 19.43
C VAL A 21 47.51 -29.63 19.16
N LEU A 22 47.21 -28.61 18.35
CA LEU A 22 45.83 -28.24 18.11
C LEU A 22 45.09 -29.27 17.27
N MET A 23 45.79 -29.99 16.40
CA MET A 23 45.17 -31.04 15.60
C MET A 23 45.15 -32.40 16.29
N ALA A 24 45.80 -32.53 17.43
CA ALA A 24 45.80 -33.79 18.16
C ALA A 24 44.40 -34.05 18.73
N PRO A 25 44.06 -35.31 18.98
CA PRO A 25 42.78 -35.63 19.62
C PRO A 25 42.59 -34.82 20.88
N PRO A 26 41.50 -34.06 20.98
CA PRO A 26 41.39 -33.08 22.08
C PRO A 26 41.37 -33.68 23.46
N SER A 27 40.94 -34.93 23.61
CA SER A 27 40.89 -35.55 24.93
C SER A 27 42.26 -35.89 25.49
N MET A 28 43.33 -35.68 24.73
CA MET A 28 44.67 -36.07 25.16
C MET A 28 45.59 -34.88 25.36
N VAL A 29 45.08 -33.67 25.23
CA VAL A 29 45.89 -32.46 25.30
C VAL A 29 45.29 -31.56 26.39
N SER A 30 46.09 -31.21 27.38
CA SER A 30 45.60 -30.39 28.47
C SER A 30 45.24 -29.00 27.95
N ASN A 31 44.38 -28.31 28.70
CA ASN A 31 43.88 -27.02 28.23
C ASN A 31 44.96 -25.95 28.28
N GLU A 32 45.96 -26.12 29.14
CA GLU A 32 47.09 -25.20 29.16
C GLU A 32 47.89 -25.30 27.87
N GLN A 33 48.13 -26.52 27.41
CA GLN A 33 48.85 -26.72 26.15
C GLN A 33 48.05 -26.19 24.97
N ARG A 34 46.73 -26.44 24.95
CA ARG A 34 45.88 -25.94 23.88
C ARG A 34 45.90 -24.42 23.83
N GLN A 35 45.60 -23.77 24.96
CA GLN A 35 45.58 -22.32 25.00
C GLN A 35 46.96 -21.74 24.70
N HIS A 36 48.03 -22.45 25.06
CA HIS A 36 49.36 -22.00 24.67
C HIS A 36 49.54 -22.02 23.16
N ALA A 37 49.12 -23.11 22.52
CA ALA A 37 49.30 -23.23 21.06
C ALA A 37 48.48 -22.16 20.34
N GLU A 38 47.18 -22.07 20.66
CA GLU A 38 46.36 -21.07 20.00
C GLU A 38 46.80 -19.65 20.36
N HIS A 39 47.46 -19.45 21.50
CA HIS A 39 48.09 -18.17 21.76
C HIS A 39 49.30 -17.95 20.86
N ILE A 40 50.03 -19.01 20.53
CA ILE A 40 51.16 -18.89 19.61
C ILE A 40 50.65 -18.42 18.25
N PHE A 41 49.61 -19.07 17.73
CA PHE A 41 49.09 -18.67 16.43
C PHE A 41 48.46 -17.29 16.46
N LEU A 42 47.64 -17.01 17.48
CA LEU A 42 46.96 -15.72 17.55
C LEU A 42 47.95 -14.57 17.70
N SER A 43 48.98 -14.75 18.52
CA SER A 43 50.00 -13.71 18.66
C SER A 43 50.84 -13.58 17.40
N PHE A 44 51.07 -14.69 16.69
CA PHE A 44 51.79 -14.61 15.42
C PHE A 44 51.00 -13.80 14.39
N ARG A 45 49.68 -13.98 14.36
CA ARG A 45 48.84 -13.26 13.40
C ARG A 45 48.66 -11.80 13.76
N LYS A 46 48.95 -11.40 15.00
CA LYS A 46 48.84 -10.01 15.41
C LYS A 46 50.15 -9.24 15.29
N SER A 47 51.22 -9.89 14.87
CA SER A 47 52.52 -9.23 14.77
C SER A 47 52.50 -8.19 13.65
N LYS A 48 53.47 -7.27 13.70
CA LYS A 48 53.55 -6.19 12.74
C LYS A 48 54.29 -6.65 11.48
N SER A 49 53.64 -6.49 10.33
CA SER A 49 54.21 -6.82 9.03
C SER A 49 54.74 -8.25 8.98
N PRO A 50 53.87 -9.27 9.05
CA PRO A 50 54.36 -10.64 8.96
C PRO A 50 54.35 -11.16 7.53
N PHE A 51 54.40 -10.26 6.56
CA PHE A 51 54.19 -10.66 5.16
C PHE A 51 55.35 -11.50 4.66
N ALA A 52 56.59 -11.03 4.84
CA ALA A 52 57.74 -11.82 4.42
C ALA A 52 57.84 -13.10 5.24
N VAL A 53 57.59 -13.01 6.55
CA VAL A 53 57.60 -14.20 7.40
C VAL A 53 56.60 -15.23 6.90
N CYS A 54 55.38 -14.79 6.61
CA CYS A 54 54.36 -15.71 6.12
C CYS A 54 54.71 -16.26 4.75
N ARG A 55 55.36 -15.47 3.90
CA ARG A 55 55.88 -15.99 2.64
C ARG A 55 56.84 -17.13 2.89
N HIS A 56 57.79 -16.95 3.81
CA HIS A 56 58.76 -18.00 4.11
C HIS A 56 58.06 -19.24 4.66
N ILE A 57 57.06 -19.05 5.52
CA ILE A 57 56.33 -20.18 6.08
C ILE A 57 55.61 -20.95 4.96
N LEU A 58 54.95 -20.22 4.05
CA LEU A 58 54.25 -20.84 2.94
C LEU A 58 55.20 -21.56 2.00
N GLU A 59 56.44 -21.08 1.88
CA GLU A 59 57.40 -21.69 0.98
C GLU A 59 58.19 -22.84 1.60
N THR A 60 58.21 -22.94 2.93
CA THR A 60 59.03 -23.96 3.58
C THR A 60 58.23 -24.97 4.40
N SER A 61 57.26 -24.51 5.19
CA SER A 61 56.52 -25.41 6.06
C SER A 61 55.71 -26.43 5.25
N LYS A 62 55.70 -27.67 5.73
CA LYS A 62 54.95 -28.75 5.10
C LYS A 62 53.75 -29.20 5.94
N VAL A 63 53.41 -28.46 6.99
CA VAL A 63 52.27 -28.76 7.85
C VAL A 63 51.11 -27.89 7.40
N ASP A 64 50.03 -28.54 6.92
CA ASP A 64 48.95 -27.81 6.26
C ASP A 64 48.31 -26.80 7.21
N TYR A 65 48.21 -27.16 8.50
CA TYR A 65 47.61 -26.25 9.48
C TYR A 65 48.42 -24.96 9.57
N VAL A 66 49.75 -25.07 9.56
CA VAL A 66 50.61 -23.89 9.63
C VAL A 66 50.45 -23.03 8.39
N LEU A 67 50.29 -23.65 7.22
CA LEU A 67 50.05 -22.90 6.01
C LEU A 67 48.72 -22.14 6.08
N PHE A 68 47.67 -22.83 6.54
CA PHE A 68 46.38 -22.20 6.77
C PHE A 68 46.52 -20.97 7.65
N GLN A 69 47.16 -21.13 8.81
CA GLN A 69 47.32 -20.00 9.73
C GLN A 69 48.17 -18.89 9.14
N ALA A 70 49.13 -19.24 8.27
CA ALA A 70 49.94 -18.22 7.62
C ALA A 70 49.11 -17.41 6.64
N ALA A 71 48.29 -18.09 5.83
CA ALA A 71 47.37 -17.38 4.94
C ALA A 71 46.43 -16.49 5.73
N THR A 72 45.95 -16.96 6.88
CA THR A 72 45.12 -16.11 7.74
C THR A 72 45.91 -14.89 8.21
N ALA A 73 47.19 -15.07 8.53
CA ALA A 73 48.00 -13.96 9.00
C ALA A 73 48.17 -12.91 7.90
N ILE A 74 48.45 -13.34 6.67
CA ILE A 74 48.49 -12.40 5.55
C ILE A 74 47.16 -11.69 5.40
N MET A 75 46.06 -12.44 5.51
CA MET A 75 44.73 -11.90 5.32
C MET A 75 44.43 -10.79 6.32
N GLU A 76 44.77 -11.00 7.59
CA GLU A 76 44.48 -10.01 8.61
C GLU A 76 45.47 -8.84 8.58
N ALA A 77 46.73 -9.13 8.26
CA ALA A 77 47.73 -8.07 8.26
C ALA A 77 47.58 -7.13 7.07
N VAL A 78 47.15 -7.65 5.91
CA VAL A 78 47.01 -6.79 4.74
C VAL A 78 45.90 -5.77 4.95
N VAL A 79 44.89 -6.10 5.76
CA VAL A 79 43.84 -5.15 6.08
C VAL A 79 44.22 -4.29 7.28
N ARG A 80 44.96 -4.85 8.23
CA ARG A 80 45.40 -4.08 9.39
C ARG A 80 46.36 -2.97 8.97
N GLU A 81 47.27 -3.25 8.04
CA GLU A 81 48.31 -2.31 7.65
C GLU A 81 48.14 -1.84 6.22
N TRP A 82 46.89 -1.73 5.75
CA TRP A 82 46.65 -1.40 4.35
C TRP A 82 47.16 -0.01 3.99
N VAL A 83 47.01 0.95 4.90
CA VAL A 83 47.42 2.31 4.61
C VAL A 83 48.94 2.44 4.56
N LEU A 84 49.67 1.51 5.16
CA LEU A 84 51.13 1.57 5.17
C LEU A 84 51.76 0.96 3.93
N LEU A 85 51.07 0.01 3.29
CA LEU A 85 51.64 -0.72 2.18
C LEU A 85 51.46 0.05 0.86
N GLU A 86 52.45 -0.12 -0.02
CA GLU A 86 52.41 0.48 -1.35
C GLU A 86 51.59 -0.39 -2.30
N LYS A 87 51.07 0.24 -3.35
CA LYS A 87 50.26 -0.49 -4.32
C LYS A 87 51.07 -1.58 -5.01
N GLY A 88 52.35 -1.31 -5.29
CA GLY A 88 53.19 -2.31 -5.94
C GLY A 88 53.45 -3.52 -5.06
N SER A 89 53.71 -3.28 -3.77
CA SER A 89 53.94 -4.40 -2.85
C SER A 89 52.67 -5.19 -2.59
N ILE A 90 51.52 -4.51 -2.53
CA ILE A 90 50.26 -5.21 -2.33
C ILE A 90 49.94 -6.08 -3.55
N GLU A 91 50.09 -5.52 -4.75
CA GLU A 91 49.83 -6.29 -5.95
C GLU A 91 50.83 -7.44 -6.09
N SER A 92 52.07 -7.23 -5.68
CA SER A 92 53.06 -8.30 -5.69
C SER A 92 52.68 -9.41 -4.72
N LEU A 93 52.10 -9.04 -3.57
CA LEU A 93 51.62 -10.05 -2.63
C LEU A 93 50.44 -10.83 -3.20
N ARG A 94 49.50 -10.12 -3.81
CA ARG A 94 48.33 -10.77 -4.42
C ARG A 94 48.75 -11.75 -5.51
N THR A 95 49.61 -11.30 -6.43
CA THR A 95 50.10 -12.21 -7.46
C THR A 95 50.93 -13.33 -6.87
N PHE A 96 51.61 -13.09 -5.74
CA PHE A 96 52.36 -14.16 -5.10
C PHE A 96 51.42 -15.24 -4.58
N LEU A 97 50.29 -14.85 -3.99
CA LEU A 97 49.32 -15.83 -3.53
C LEU A 97 48.71 -16.60 -4.70
N LEU A 98 48.34 -15.87 -5.76
CA LEU A 98 47.74 -16.51 -6.93
C LEU A 98 48.69 -17.53 -7.55
N THR A 99 49.93 -17.11 -7.83
CA THR A 99 50.90 -18.04 -8.43
C THR A 99 51.26 -19.15 -7.47
N TYR A 100 51.26 -18.88 -6.16
CA TYR A 100 51.54 -19.91 -5.17
C TYR A 100 50.53 -21.04 -5.26
N VAL A 101 49.24 -20.70 -5.18
CA VAL A 101 48.23 -21.75 -5.27
C VAL A 101 48.15 -22.33 -6.68
N LEU A 102 48.56 -21.56 -7.70
CA LEU A 102 48.53 -22.05 -9.07
C LEU A 102 49.57 -23.13 -9.31
N GLN A 103 50.79 -22.94 -8.81
CA GLN A 103 51.88 -23.87 -9.02
C GLN A 103 51.78 -25.12 -8.15
N ARG A 104 50.80 -25.19 -7.25
CA ARG A 104 50.62 -26.34 -6.36
C ARG A 104 49.22 -26.88 -6.58
N PRO A 105 49.03 -27.75 -7.58
CA PRO A 105 47.68 -28.27 -7.84
C PRO A 105 47.21 -29.27 -6.80
N ASN A 106 48.13 -30.00 -6.19
CA ASN A 106 47.79 -30.98 -5.16
C ASN A 106 47.80 -30.38 -3.76
N LEU A 107 47.85 -29.06 -3.65
CA LEU A 107 47.83 -28.41 -2.34
C LEU A 107 46.55 -28.75 -1.60
N GLN A 108 46.63 -28.79 -0.27
CA GLN A 108 45.47 -29.12 0.55
C GLN A 108 44.34 -28.14 0.28
N LYS A 109 43.11 -28.65 0.30
CA LYS A 109 41.96 -27.86 -0.15
C LYS A 109 41.78 -26.61 0.70
N TYR A 110 41.67 -26.76 2.02
CA TYR A 110 41.40 -25.60 2.87
C TYR A 110 42.55 -24.60 2.88
N VAL A 111 43.77 -25.05 2.58
CA VAL A 111 44.87 -24.10 2.40
C VAL A 111 44.65 -23.27 1.15
N ARG A 112 44.37 -23.93 0.03
CA ARG A 112 44.07 -23.24 -1.22
C ARG A 112 42.94 -22.23 -1.02
N GLU A 113 41.85 -22.67 -0.41
CA GLU A 113 40.70 -21.78 -0.22
C GLU A 113 41.02 -20.64 0.73
N GLN A 114 41.89 -20.88 1.72
CA GLN A 114 42.28 -19.80 2.61
C GLN A 114 43.12 -18.75 1.87
N ILE A 115 44.00 -19.20 0.98
CA ILE A 115 44.83 -18.26 0.21
C ILE A 115 43.97 -17.48 -0.77
N LEU A 116 43.03 -18.16 -1.45
CA LEU A 116 42.12 -17.45 -2.33
C LEU A 116 41.23 -16.49 -1.57
N LEU A 117 40.91 -16.81 -0.32
CA LEU A 117 40.21 -15.86 0.54
C LEU A 117 41.09 -14.64 0.81
N ALA A 118 42.39 -14.85 1.02
CA ALA A 118 43.29 -13.71 1.18
C ALA A 118 43.33 -12.85 -0.08
N VAL A 119 43.32 -13.48 -1.26
CA VAL A 119 43.30 -12.72 -2.51
C VAL A 119 42.01 -11.91 -2.63
N ALA A 120 40.87 -12.54 -2.35
CA ALA A 120 39.60 -11.83 -2.44
C ALA A 120 39.54 -10.67 -1.45
N VAL A 121 40.08 -10.87 -0.24
CA VAL A 121 40.12 -9.80 0.74
C VAL A 121 41.00 -8.66 0.27
N ILE A 122 42.14 -8.97 -0.34
CA ILE A 122 43.01 -7.93 -0.89
C ILE A 122 42.28 -7.16 -1.98
N VAL A 123 41.53 -7.87 -2.83
CA VAL A 123 40.83 -7.22 -3.94
C VAL A 123 39.74 -6.29 -3.41
N LYS A 124 38.90 -6.79 -2.51
CA LYS A 124 37.81 -5.97 -1.99
C LYS A 124 38.35 -4.78 -1.21
N ARG A 125 39.38 -5.01 -0.38
CA ARG A 125 40.01 -3.91 0.33
C ARG A 125 40.59 -2.89 -0.64
N GLY A 126 41.06 -3.35 -1.81
CA GLY A 126 41.48 -2.43 -2.84
C GLY A 126 40.32 -1.70 -3.48
N SER A 127 39.14 -2.30 -3.48
CA SER A 127 37.97 -1.62 -3.99
C SER A 127 37.47 -0.55 -3.02
N LEU A 128 37.71 -0.74 -1.72
CA LEU A 128 37.29 0.27 -0.75
C LEU A 128 38.09 1.55 -0.90
N ASP A 129 39.40 1.45 -1.14
CA ASP A 129 40.25 2.61 -1.34
C ASP A 129 40.49 2.91 -2.81
N LYS A 130 39.79 2.22 -3.72
CA LYS A 130 39.97 2.39 -5.16
C LYS A 130 41.44 2.21 -5.54
N SER A 131 42.09 1.22 -4.93
CA SER A 131 43.49 0.92 -5.18
C SER A 131 43.66 -0.19 -6.21
N ILE A 132 43.11 -1.37 -5.93
CA ILE A 132 43.15 -2.50 -6.85
C ILE A 132 41.78 -2.64 -7.49
N ASP A 133 41.72 -2.47 -8.81
CA ASP A 133 40.49 -2.70 -9.54
C ASP A 133 40.25 -4.19 -9.74
N CYS A 134 38.99 -4.55 -10.01
CA CYS A 134 38.65 -5.94 -10.22
C CYS A 134 39.00 -6.43 -11.62
N LYS A 135 39.31 -5.50 -12.53
CA LYS A 135 39.51 -5.88 -13.92
C LYS A 135 40.83 -6.62 -14.11
N SER A 136 41.82 -6.39 -13.23
CA SER A 136 43.06 -7.15 -13.32
C SER A 136 42.86 -8.61 -12.92
N ILE A 137 42.16 -8.84 -11.80
CA ILE A 137 41.89 -10.23 -11.41
C ILE A 137 40.95 -10.88 -12.42
N PHE A 138 40.09 -10.08 -13.07
CA PHE A 138 39.21 -10.63 -14.09
C PHE A 138 39.98 -11.01 -15.35
N HIS A 139 40.96 -10.21 -15.74
CA HIS A 139 41.77 -10.58 -16.89
C HIS A 139 42.62 -11.81 -16.60
N GLU A 140 43.20 -11.88 -15.40
CA GLU A 140 43.96 -13.08 -15.03
C GLU A 140 43.06 -14.31 -15.00
N VAL A 141 41.81 -14.16 -14.52
CA VAL A 141 40.88 -15.27 -14.54
C VAL A 141 40.54 -15.68 -15.97
N SER A 142 40.33 -14.69 -16.84
CA SER A 142 40.03 -15.00 -18.25
C SER A 142 41.17 -15.77 -18.90
N GLN A 143 42.42 -15.35 -18.64
CA GLN A 143 43.56 -16.07 -19.18
C GLN A 143 43.67 -17.46 -18.57
N LEU A 144 43.28 -17.62 -17.30
CA LEU A 144 43.32 -18.92 -16.66
C LEU A 144 42.29 -19.86 -17.27
N ILE A 145 41.12 -19.33 -17.64
CA ILE A 145 40.09 -20.17 -18.26
C ILE A 145 40.43 -20.47 -19.71
N SER A 146 41.12 -19.56 -20.39
CA SER A 146 41.42 -19.76 -21.81
C SER A 146 42.28 -21.00 -22.04
N SER A 147 43.08 -21.39 -21.03
CA SER A 147 43.82 -22.63 -21.13
C SER A 147 42.88 -23.82 -20.93
N GLY A 148 43.17 -24.90 -21.65
CA GLY A 148 42.31 -26.06 -21.60
C GLY A 148 42.46 -26.94 -20.37
N ASN A 149 43.35 -26.59 -19.46
CA ASN A 149 43.61 -27.43 -18.29
C ASN A 149 42.42 -27.39 -17.34
N PRO A 150 41.77 -28.53 -17.08
CA PRO A 150 40.61 -28.52 -16.17
C PRO A 150 40.95 -28.10 -14.75
N THR A 151 42.17 -28.37 -14.29
CA THR A 151 42.57 -27.95 -12.96
C THR A 151 42.71 -26.43 -12.88
N VAL A 152 43.28 -25.82 -13.92
CA VAL A 152 43.42 -24.37 -13.94
C VAL A 152 42.04 -23.70 -14.09
N GLN A 153 41.16 -24.30 -14.89
CA GLN A 153 39.79 -23.79 -14.99
C GLN A 153 39.08 -23.88 -13.64
N THR A 154 39.26 -25.00 -12.93
CA THR A 154 38.71 -25.12 -11.58
C THR A 154 39.29 -24.05 -10.67
N LEU A 155 40.58 -23.74 -10.83
CA LEU A 155 41.19 -22.70 -10.00
C LEU A 155 40.56 -21.34 -10.29
N ALA A 156 40.36 -21.01 -11.56
CA ALA A 156 39.72 -19.73 -11.89
C ALA A 156 38.31 -19.67 -11.34
N CYS A 157 37.55 -20.76 -11.45
CA CYS A 157 36.21 -20.79 -10.87
C CYS A 157 36.26 -20.60 -9.35
N SER A 158 37.29 -21.16 -8.71
CA SER A 158 37.45 -20.98 -7.27
C SER A 158 37.76 -19.52 -6.92
N ILE A 159 38.60 -18.87 -7.73
CA ILE A 159 38.91 -17.46 -7.51
C ILE A 159 37.64 -16.61 -7.67
N LEU A 160 36.85 -16.90 -8.70
CA LEU A 160 35.61 -16.16 -8.91
C LEU A 160 34.64 -16.38 -7.76
N THR A 161 34.54 -17.61 -7.26
CA THR A 161 33.65 -17.86 -6.11
C THR A 161 34.14 -17.12 -4.88
N ALA A 162 35.47 -17.03 -4.71
CA ALA A 162 36.01 -16.28 -3.57
C ALA A 162 35.69 -14.81 -3.68
N LEU A 163 35.87 -14.22 -4.87
CA LEU A 163 35.49 -12.82 -5.08
C LEU A 163 34.01 -12.62 -4.80
N LEU A 164 33.18 -13.53 -5.29
CA LEU A 164 31.73 -13.41 -5.11
C LEU A 164 31.37 -13.42 -3.63
N SER A 165 31.87 -14.41 -2.89
CA SER A 165 31.55 -14.50 -1.47
C SER A 165 32.10 -13.33 -0.68
N GLU A 166 33.26 -12.78 -1.08
CA GLU A 166 33.85 -11.70 -0.30
C GLU A 166 33.09 -10.40 -0.46
N PHE A 167 32.58 -10.14 -1.66
CA PHE A 167 31.81 -8.92 -1.92
C PHE A 167 30.37 -9.02 -1.44
N SER A 168 30.03 -10.06 -0.68
CA SER A 168 28.66 -10.22 -0.17
C SER A 168 28.62 -10.00 1.33
N ASN A 185 28.53 1.03 -0.41
CA ASN A 185 28.80 1.42 -1.79
C ASN A 185 29.58 0.33 -2.53
N CYS A 186 30.51 -0.29 -1.83
CA CYS A 186 31.39 -1.30 -2.45
C CYS A 186 30.58 -2.46 -3.00
N LYS A 187 29.64 -2.98 -2.20
CA LYS A 187 28.85 -4.13 -2.63
C LYS A 187 28.02 -3.81 -3.87
N ARG A 188 27.46 -2.60 -3.93
CA ARG A 188 26.61 -2.24 -5.06
C ARG A 188 27.41 -1.96 -6.32
N VAL A 189 28.49 -1.18 -6.19
CA VAL A 189 29.36 -0.94 -7.33
C VAL A 189 29.90 -2.26 -7.86
N PHE A 190 30.12 -3.23 -6.98
CA PHE A 190 30.45 -4.57 -7.44
C PHE A 190 29.25 -5.23 -8.11
N GLN A 191 28.03 -4.92 -7.66
CA GLN A 191 26.84 -5.55 -8.21
C GLN A 191 26.60 -5.14 -9.65
N GLU A 192 26.81 -3.86 -9.96
CA GLU A 192 26.46 -3.38 -11.30
C GLU A 192 27.48 -3.81 -12.35
N GLU A 193 28.77 -3.73 -12.03
CA GLU A 193 29.81 -3.93 -13.04
C GLU A 193 30.43 -5.32 -12.97
N ASP A 194 31.14 -5.60 -11.88
CA ASP A 194 31.99 -6.78 -11.82
C ASP A 194 31.17 -8.06 -11.80
N LEU A 195 30.03 -8.07 -11.09
CA LEU A 195 29.16 -9.23 -11.06
C LEU A 195 28.63 -9.58 -12.45
N ARG A 196 28.38 -8.56 -13.29
CA ARG A 196 27.92 -8.82 -14.64
C ARG A 196 29.01 -9.49 -15.47
N GLN A 197 30.26 -9.03 -15.35
CA GLN A 197 31.35 -9.68 -16.06
C GLN A 197 31.53 -11.11 -15.60
N ILE A 198 31.45 -11.35 -14.30
CA ILE A 198 31.52 -12.73 -13.79
C ILE A 198 30.41 -13.58 -14.40
N PHE A 199 29.19 -13.04 -14.41
CA PHE A 199 28.05 -13.78 -14.96
C PHE A 199 28.25 -14.10 -16.43
N MET A 200 28.87 -13.18 -17.18
CA MET A 200 29.07 -13.42 -18.61
C MET A 200 30.18 -14.44 -18.84
N LEU A 201 31.24 -14.40 -18.03
CA LEU A 201 32.26 -15.46 -18.09
C LEU A 201 31.64 -16.82 -17.82
N THR A 202 30.86 -16.93 -16.75
CA THR A 202 30.23 -18.20 -16.40
C THR A 202 29.28 -18.66 -17.50
N VAL A 203 28.51 -17.74 -18.08
CA VAL A 203 27.58 -18.11 -19.14
C VAL A 203 28.33 -18.62 -20.36
N GLY A 204 29.44 -17.96 -20.71
CA GLY A 204 30.23 -18.43 -21.84
C GLY A 204 30.83 -19.80 -21.61
N VAL A 205 31.37 -20.03 -20.42
CA VAL A 205 31.88 -21.37 -20.07
C VAL A 205 30.78 -22.40 -20.19
N LEU A 206 29.59 -22.08 -19.67
CA LEU A 206 28.47 -23.02 -19.76
C LEU A 206 28.04 -23.28 -21.20
N GLN A 207 28.14 -22.26 -22.06
CA GLN A 207 27.84 -22.47 -23.47
C GLN A 207 28.84 -23.44 -24.10
N GLU A 208 30.13 -23.17 -23.93
CA GLU A 208 31.16 -24.02 -24.52
C GLU A 208 31.05 -25.45 -24.00
N PHE A 209 30.70 -25.62 -22.72
CA PHE A 209 30.55 -26.96 -22.18
C PHE A 209 29.29 -27.63 -22.71
N SER A 210 28.21 -26.86 -22.91
CA SER A 210 26.99 -27.47 -23.44
C SER A 210 27.15 -27.89 -24.89
N ARG A 211 28.00 -27.18 -25.65
CA ARG A 211 28.19 -27.53 -27.06
C ARG A 211 28.90 -28.87 -27.20
N ARG A 212 30.00 -29.06 -26.46
CA ARG A 212 30.80 -30.27 -26.59
C ARG A 212 30.07 -31.48 -26.01
N GLU A 213 30.19 -32.61 -26.70
CA GLU A 213 29.59 -33.86 -26.27
C GLU A 213 30.65 -34.75 -25.64
N ASN A 214 30.23 -35.59 -24.70
CA ASN A 214 31.10 -36.50 -23.97
C ASN A 214 32.26 -35.77 -23.31
N LEU A 215 32.03 -35.32 -22.08
CA LEU A 215 33.07 -34.66 -21.29
C LEU A 215 33.89 -35.71 -20.55
N SER A 216 35.14 -35.38 -20.29
CA SER A 216 35.99 -36.28 -19.52
C SER A 216 35.56 -36.25 -18.05
N ALA A 217 36.23 -37.06 -17.23
CA ALA A 217 35.89 -37.08 -15.81
C ALA A 217 36.20 -35.75 -15.15
N GLN A 218 37.24 -35.05 -15.61
CA GLN A 218 37.58 -33.75 -15.05
C GLN A 218 36.76 -32.64 -15.69
N MET A 219 36.51 -32.73 -17.00
CA MET A 219 35.70 -31.73 -17.67
C MET A 219 34.28 -31.68 -17.10
N SER A 220 33.75 -32.84 -16.70
CA SER A 220 32.44 -32.85 -16.07
C SER A 220 32.46 -32.16 -14.71
N SER A 221 33.60 -32.21 -14.02
CA SER A 221 33.72 -31.53 -12.74
C SER A 221 33.85 -30.03 -12.92
N VAL A 222 34.59 -29.59 -13.93
CA VAL A 222 34.64 -28.17 -14.25
C VAL A 222 33.25 -27.67 -14.66
N PHE A 223 32.50 -28.50 -15.37
CA PHE A 223 31.11 -28.18 -15.69
C PHE A 223 30.28 -28.04 -14.42
N GLN A 224 30.47 -28.95 -13.45
CA GLN A 224 29.75 -28.84 -12.18
C GLN A 224 30.07 -27.53 -11.48
N ARG A 225 31.35 -27.22 -11.33
CA ARG A 225 31.74 -26.05 -10.55
C ARG A 225 31.30 -24.76 -11.22
N TYR A 226 31.34 -24.71 -12.56
CA TYR A 226 30.89 -23.49 -13.22
C TYR A 226 29.37 -23.36 -13.22
N LEU A 227 28.65 -24.48 -13.33
CA LEU A 227 27.20 -24.42 -13.20
C LEU A 227 26.80 -23.92 -11.81
N ALA A 228 27.45 -24.45 -10.77
CA ALA A 228 27.18 -23.97 -9.42
C ALA A 228 27.58 -22.50 -9.26
N LEU A 229 28.65 -22.07 -9.95
CA LEU A 229 29.01 -20.67 -9.94
C LEU A 229 27.90 -19.81 -10.52
N ALA A 230 27.32 -20.24 -11.64
CA ALA A 230 26.18 -19.54 -12.19
C ALA A 230 25.02 -19.52 -11.20
N ASN A 231 24.81 -20.63 -10.49
CA ASN A 231 23.76 -20.70 -9.47
C ASN A 231 23.98 -19.63 -8.41
N GLN A 232 25.22 -19.46 -7.95
CA GLN A 232 25.48 -18.44 -6.93
C GLN A 232 25.37 -17.04 -7.49
N VAL A 233 25.74 -16.84 -8.76
CA VAL A 233 25.65 -15.52 -9.37
C VAL A 233 24.20 -15.09 -9.49
N LEU A 234 23.34 -15.95 -10.02
CA LEU A 234 21.93 -15.60 -10.17
C LEU A 234 21.26 -15.38 -8.83
N SER A 235 21.64 -16.14 -7.81
CA SER A 235 21.05 -16.03 -6.49
C SER A 235 21.60 -14.86 -5.68
N TRP A 236 22.37 -13.98 -6.31
CA TRP A 236 22.89 -12.80 -5.62
C TRP A 236 21.75 -11.88 -5.22
N ASN A 237 21.85 -11.32 -4.02
CA ASN A 237 20.76 -10.50 -3.48
C ASN A 237 20.66 -9.18 -4.24
N PHE A 238 19.48 -8.94 -4.83
CA PHE A 238 19.17 -7.69 -5.51
C PHE A 238 20.12 -7.42 -6.66
N LEU A 239 19.87 -8.00 -7.82
CA LEU A 239 20.60 -7.63 -9.03
C LEU A 239 20.13 -6.26 -9.49
N PRO A 240 21.06 -5.35 -9.78
CA PRO A 240 20.66 -3.96 -10.09
C PRO A 240 19.93 -3.89 -11.42
N PRO A 241 18.93 -3.00 -11.54
CA PRO A 241 18.16 -2.86 -12.79
C PRO A 241 18.76 -1.84 -13.75
N THR A 242 19.73 -2.31 -14.54
CA THR A 242 20.40 -1.48 -15.54
C THR A 242 20.21 -2.09 -16.91
N GLU A 243 20.46 -1.28 -17.94
CA GLU A 243 20.35 -1.76 -19.32
C GLU A 243 21.40 -2.80 -19.63
N SER A 244 22.53 -2.80 -18.91
CA SER A 244 23.53 -3.84 -19.08
C SER A 244 23.02 -5.17 -18.56
N TRP A 245 22.50 -5.17 -17.33
CA TRP A 245 21.87 -6.38 -16.80
C TRP A 245 20.62 -6.74 -17.58
N ARG A 246 19.97 -5.75 -18.21
CA ARG A 246 18.85 -6.03 -19.09
C ARG A 246 19.32 -6.85 -20.30
N GLU A 247 20.37 -6.38 -20.96
CA GLU A 247 20.91 -7.13 -22.10
C GLU A 247 21.52 -8.46 -21.68
N ALA A 248 21.89 -8.60 -20.41
CA ALA A 248 22.49 -9.85 -19.95
C ALA A 248 21.41 -10.90 -19.62
N LEU A 249 20.34 -10.48 -18.97
CA LEU A 249 19.32 -11.43 -18.49
C LEU A 249 18.17 -11.61 -19.48
N LEU A 250 17.71 -10.55 -20.12
CA LEU A 250 16.55 -10.60 -20.98
C LEU A 250 16.83 -11.22 -22.35
N ASP A 251 18.07 -11.55 -22.66
CA ASP A 251 18.38 -12.25 -23.91
C ASP A 251 17.89 -13.69 -23.84
N SER A 252 17.23 -14.13 -24.91
CA SER A 252 16.60 -15.46 -24.88
C SER A 252 17.62 -16.59 -24.90
N ARG A 253 18.81 -16.35 -25.43
CA ARG A 253 19.83 -17.39 -25.50
C ARG A 253 20.32 -17.82 -24.12
N VAL A 254 20.13 -16.99 -23.10
CA VAL A 254 20.50 -17.38 -21.74
C VAL A 254 19.46 -18.34 -21.17
N MET A 255 18.19 -18.02 -21.36
CA MET A 255 17.11 -18.91 -20.92
C MET A 255 17.21 -20.27 -21.62
N GLU A 256 17.28 -20.25 -22.95
CA GLU A 256 17.47 -21.50 -23.69
C GLU A 256 18.76 -22.20 -23.30
N LEU A 257 19.79 -21.42 -22.96
CA LEU A 257 21.06 -22.01 -22.53
C LEU A 257 20.86 -22.85 -21.28
N PHE A 258 20.26 -22.27 -20.24
CA PHE A 258 20.08 -23.02 -19.01
C PHE A 258 19.08 -24.16 -19.17
N PHE A 259 18.08 -23.99 -20.04
CA PHE A 259 17.16 -25.10 -20.31
C PHE A 259 17.88 -26.29 -20.95
N THR A 260 18.66 -26.02 -21.99
CA THR A 260 19.42 -27.10 -22.63
C THR A 260 20.42 -27.73 -21.68
N VAL A 261 21.13 -26.90 -20.91
CA VAL A 261 22.10 -27.40 -19.95
C VAL A 261 21.43 -28.34 -18.95
N HIS A 262 20.26 -27.93 -18.43
CA HIS A 262 19.52 -28.84 -17.55
C HIS A 262 19.13 -30.12 -18.26
N ARG A 263 18.77 -30.02 -19.55
CA ARG A 263 18.36 -31.21 -20.28
C ARG A 263 19.52 -32.19 -20.46
N LYS A 264 20.76 -31.68 -20.51
CA LYS A 264 21.89 -32.57 -20.78
C LYS A 264 22.37 -33.28 -19.52
N ILE A 265 22.46 -32.57 -18.39
CA ILE A 265 22.98 -33.13 -17.15
C ILE A 265 21.81 -33.51 -16.25
N ARG A 266 20.67 -33.84 -16.84
CA ARG A 266 19.46 -34.10 -16.07
C ARG A 266 19.64 -35.26 -15.10
N GLU A 267 20.30 -36.33 -15.54
CA GLU A 267 20.41 -37.54 -14.74
C GLU A 267 21.49 -37.46 -13.67
N ASP A 268 22.15 -36.31 -13.50
CA ASP A 268 23.18 -36.19 -12.49
C ASP A 268 22.62 -36.07 -11.07
N SER A 269 21.36 -35.64 -10.94
CA SER A 269 20.67 -35.48 -9.67
C SER A 269 21.35 -34.47 -8.75
N ASP A 270 22.51 -33.97 -9.17
CA ASP A 270 23.26 -32.95 -8.43
C ASP A 270 23.45 -31.70 -9.25
N MET A 271 23.89 -31.84 -10.51
CA MET A 271 23.89 -30.70 -11.43
C MET A 271 22.47 -30.33 -11.84
N ALA A 272 21.55 -31.30 -11.80
CA ALA A 272 20.15 -31.00 -12.11
C ALA A 272 19.57 -29.97 -11.16
N GLN A 273 19.93 -30.06 -9.88
CA GLN A 273 19.43 -29.10 -8.90
C GLN A 273 20.02 -27.71 -9.13
N ASP A 274 21.31 -27.63 -9.46
CA ASP A 274 21.91 -26.33 -9.75
C ASP A 274 21.27 -25.69 -10.99
N SER A 275 21.07 -26.48 -12.04
CA SER A 275 20.47 -25.95 -13.26
C SER A 275 19.04 -25.50 -13.01
N LEU A 276 18.26 -26.30 -12.27
CA LEU A 276 16.87 -25.94 -12.01
C LEU A 276 16.78 -24.73 -11.07
N GLN A 277 17.74 -24.57 -10.17
CA GLN A 277 17.75 -23.37 -9.33
C GLN A 277 18.14 -22.13 -10.13
N CYS A 278 19.05 -22.29 -11.11
CA CYS A 278 19.30 -21.22 -12.06
C CYS A 278 18.02 -20.83 -12.79
N LEU A 279 17.30 -21.81 -13.32
CA LEU A 279 16.08 -21.52 -14.08
C LEU A 279 15.03 -20.86 -13.20
N ALA A 280 14.90 -21.30 -11.95
CA ALA A 280 13.95 -20.67 -11.03
C ALA A 280 14.34 -19.22 -10.78
N GLN A 281 15.63 -18.97 -10.56
CA GLN A 281 16.09 -17.61 -10.33
C GLN A 281 15.82 -16.73 -11.55
N LEU A 282 16.02 -17.27 -12.76
CA LEU A 282 15.65 -16.52 -13.96
C LEU A 282 14.15 -16.30 -14.03
N ALA A 283 13.36 -17.21 -13.46
CA ALA A 283 11.91 -17.07 -13.43
C ALA A 283 11.42 -16.08 -12.38
N SER A 284 12.27 -15.70 -11.43
CA SER A 284 11.87 -14.79 -10.36
C SER A 284 12.09 -13.31 -10.70
N LEU A 285 12.45 -12.98 -11.94
CA LEU A 285 12.70 -11.59 -12.30
C LEU A 285 11.42 -10.77 -12.19
N HIS A 286 11.50 -9.62 -11.49
CA HIS A 286 10.28 -8.85 -11.23
C HIS A 286 10.51 -7.35 -11.10
N GLY A 287 11.72 -6.93 -10.75
CA GLY A 287 12.01 -5.54 -10.52
C GLY A 287 11.83 -4.63 -11.73
N PRO A 288 12.26 -3.38 -11.60
CA PRO A 288 12.19 -2.44 -12.72
C PRO A 288 13.09 -2.81 -13.88
N ILE A 289 13.79 -3.95 -13.82
CA ILE A 289 14.61 -4.41 -14.92
C ILE A 289 13.78 -4.64 -16.17
N PHE A 290 12.47 -4.80 -16.03
CA PHE A 290 11.59 -4.91 -17.18
C PHE A 290 11.19 -3.49 -17.59
N PRO A 291 11.56 -3.03 -18.79
CA PRO A 291 11.24 -1.64 -19.16
C PRO A 291 9.76 -1.37 -19.32
N ASP A 292 8.97 -2.33 -19.77
CA ASP A 292 7.54 -2.13 -19.98
C ASP A 292 6.83 -3.41 -19.56
N GLU A 293 5.54 -3.50 -19.91
CA GLU A 293 4.77 -4.69 -19.59
C GLU A 293 4.77 -5.72 -20.70
N GLY A 294 5.18 -5.35 -21.91
CA GLY A 294 5.21 -6.27 -23.03
C GLY A 294 6.40 -7.20 -22.97
N SER A 295 7.55 -6.68 -22.56
CA SER A 295 8.73 -7.51 -22.40
C SER A 295 8.52 -8.59 -21.34
N GLN A 296 7.70 -8.29 -20.32
CA GLN A 296 7.31 -9.32 -19.38
C GLN A 296 6.50 -10.41 -20.06
N VAL A 297 5.64 -10.04 -21.01
CA VAL A 297 4.82 -11.03 -21.69
C VAL A 297 5.68 -11.90 -22.59
N ASP A 298 6.63 -11.28 -23.31
CA ASP A 298 7.53 -12.07 -24.17
C ASP A 298 8.40 -12.99 -23.35
N TYR A 299 9.00 -12.46 -22.28
CA TYR A 299 9.88 -13.26 -21.42
C TYR A 299 9.12 -14.42 -20.79
N LEU A 300 7.95 -14.13 -20.22
CA LEU A 300 7.15 -15.17 -19.58
C LEU A 300 6.67 -16.21 -20.60
N ALA A 301 6.31 -15.76 -21.80
CA ALA A 301 5.84 -16.70 -22.82
C ALA A 301 6.95 -17.64 -23.26
N HIS A 302 8.13 -17.09 -23.57
CA HIS A 302 9.25 -17.94 -23.95
C HIS A 302 9.64 -18.87 -22.82
N PHE A 303 9.56 -18.39 -21.57
CA PHE A 303 9.94 -19.22 -20.43
C PHE A 303 8.97 -20.37 -20.25
N ILE A 304 7.66 -20.12 -20.40
CA ILE A 304 6.69 -21.19 -20.30
C ILE A 304 6.85 -22.17 -21.45
N GLU A 305 7.21 -21.66 -22.64
CA GLU A 305 7.48 -22.53 -23.77
C GLU A 305 8.61 -23.50 -23.48
N GLY A 306 9.78 -22.97 -23.09
CA GLY A 306 10.91 -23.84 -22.79
C GLY A 306 10.65 -24.76 -21.61
N LEU A 307 9.91 -24.28 -20.61
CA LEU A 307 9.60 -25.10 -19.44
C LEU A 307 8.70 -26.26 -19.79
N LEU A 308 7.64 -26.00 -20.56
CA LEU A 308 6.74 -27.08 -20.96
C LEU A 308 7.43 -28.06 -21.89
N ASN A 309 8.18 -27.55 -22.87
CA ASN A 309 8.93 -28.43 -23.75
C ASN A 309 9.92 -29.30 -22.98
N THR A 310 10.49 -28.77 -21.91
CA THR A 310 11.41 -29.56 -21.09
C THR A 310 10.65 -30.60 -20.27
N ILE A 311 9.51 -30.23 -19.70
CA ILE A 311 8.82 -31.10 -18.76
C ILE A 311 8.11 -32.26 -19.48
N ASN A 312 7.41 -31.98 -20.59
CA ASN A 312 6.58 -33.01 -21.19
C ASN A 312 7.38 -34.16 -21.79
N GLY A 313 8.66 -33.97 -22.07
CA GLY A 313 9.48 -35.05 -22.59
C GLY A 313 10.52 -35.54 -21.61
N ILE A 314 10.20 -35.48 -20.32
CA ILE A 314 11.14 -35.78 -19.26
C ILE A 314 10.40 -36.41 -18.09
N GLU A 315 10.96 -37.49 -17.54
CA GLU A 315 10.47 -38.06 -16.29
C GLU A 315 10.99 -37.21 -15.14
N ILE A 316 10.09 -36.82 -14.23
CA ILE A 316 10.41 -35.83 -13.22
C ILE A 316 11.50 -36.32 -12.26
N GLU A 317 11.51 -37.62 -11.94
CA GLU A 317 12.48 -38.18 -11.00
C GLU A 317 12.33 -37.53 -9.63
N ASP A 318 13.31 -37.76 -8.74
CA ASP A 318 13.24 -37.25 -7.38
C ASP A 318 13.97 -35.92 -7.17
N SER A 319 15.16 -35.76 -7.76
CA SER A 319 15.95 -34.55 -7.52
C SER A 319 15.41 -33.32 -8.25
N GLU A 320 14.45 -33.49 -9.16
CA GLU A 320 13.95 -32.37 -9.96
C GLU A 320 12.62 -31.82 -9.48
N ALA A 321 11.93 -32.52 -8.58
CA ALA A 321 10.56 -32.13 -8.21
C ALA A 321 10.52 -30.73 -7.59
N VAL A 322 11.33 -30.49 -6.56
CA VAL A 322 11.30 -29.20 -5.87
C VAL A 322 11.74 -28.08 -6.81
N GLY A 323 12.70 -28.37 -7.69
CA GLY A 323 13.13 -27.36 -8.64
C GLY A 323 12.03 -26.97 -9.61
N ILE A 324 11.40 -27.97 -10.23
CA ILE A 324 10.32 -27.70 -11.18
C ILE A 324 9.18 -26.95 -10.51
N SER A 325 8.74 -27.45 -9.35
CA SER A 325 7.65 -26.78 -8.63
C SER A 325 8.02 -25.36 -8.25
N SER A 326 9.29 -25.13 -7.89
CA SER A 326 9.73 -23.78 -7.54
C SER A 326 9.74 -22.87 -8.76
N ILE A 327 10.07 -23.41 -9.93
CA ILE A 327 9.99 -22.62 -11.16
C ILE A 327 8.55 -22.24 -11.47
N ILE A 328 7.64 -23.21 -11.38
CA ILE A 328 6.23 -22.95 -11.69
C ILE A 328 5.65 -21.92 -10.74
N SER A 329 5.83 -22.14 -9.42
CA SER A 329 5.31 -21.22 -8.43
C SER A 329 5.98 -19.85 -8.54
N ASN A 330 7.24 -19.82 -8.97
CA ASN A 330 7.90 -18.54 -9.22
C ASN A 330 7.21 -17.79 -10.35
N LEU A 331 6.90 -18.49 -11.44
CA LEU A 331 6.23 -17.84 -12.56
C LEU A 331 4.85 -17.35 -12.18
N ILE A 332 4.09 -18.15 -11.41
CA ILE A 332 2.71 -17.76 -11.09
C ILE A 332 2.69 -16.64 -10.06
N THR A 333 3.59 -16.68 -9.07
CA THR A 333 3.54 -15.70 -7.99
C THR A 333 4.24 -14.39 -8.36
N VAL A 334 5.29 -14.45 -9.17
CA VAL A 334 6.08 -13.26 -9.45
C VAL A 334 5.40 -12.36 -10.48
N PHE A 335 5.04 -12.93 -11.63
CA PHE A 335 4.47 -12.11 -12.69
C PHE A 335 3.00 -11.77 -12.40
N PRO A 336 2.59 -10.53 -12.66
CA PRO A 336 1.19 -10.15 -12.40
C PRO A 336 0.23 -10.89 -13.29
N ARG A 337 -1.04 -10.86 -12.88
CA ARG A 337 -2.06 -11.65 -13.57
C ARG A 337 -2.35 -11.13 -14.97
N ASN A 338 -2.24 -9.82 -15.19
CA ASN A 338 -2.47 -9.27 -16.51
C ASN A 338 -1.40 -9.70 -17.49
N VAL A 339 -0.19 -9.96 -17.02
CA VAL A 339 0.86 -10.48 -17.89
C VAL A 339 0.67 -11.98 -18.12
N LEU A 340 0.19 -12.70 -17.10
CA LEU A 340 -0.08 -14.12 -17.25
C LEU A 340 -1.14 -14.37 -18.32
N THR A 341 -2.16 -13.51 -18.39
CA THR A 341 -3.25 -13.67 -19.34
C THR A 341 -2.95 -13.09 -20.71
N ALA A 342 -1.77 -12.50 -20.91
CA ALA A 342 -1.39 -11.92 -22.19
C ALA A 342 -0.59 -12.87 -23.06
N ILE A 343 -0.28 -14.06 -22.57
CA ILE A 343 0.42 -15.08 -23.35
C ILE A 343 -0.61 -15.77 -24.25
N PRO A 344 -0.18 -16.53 -25.25
CA PRO A 344 -1.15 -17.27 -26.08
C PRO A 344 -2.06 -18.16 -25.22
N SER A 345 -3.33 -18.24 -25.64
CA SER A 345 -4.31 -18.99 -24.87
C SER A 345 -3.97 -20.48 -24.82
N GLU A 346 -3.44 -21.02 -25.91
CA GLU A 346 -3.03 -22.43 -25.92
C GLU A 346 -1.87 -22.66 -24.98
N LEU A 347 -0.92 -21.72 -24.93
CA LEU A 347 0.20 -21.84 -24.01
C LEU A 347 -0.26 -21.77 -22.56
N PHE A 348 -1.20 -20.87 -22.27
CA PHE A 348 -1.75 -20.78 -20.93
C PHE A 348 -2.48 -22.07 -20.55
N SER A 349 -3.26 -22.62 -21.48
CA SER A 349 -3.97 -23.86 -21.20
C SER A 349 -3.01 -25.02 -20.95
N SER A 350 -1.96 -25.12 -21.76
CA SER A 350 -0.96 -26.17 -21.53
C SER A 350 -0.24 -25.97 -20.21
N PHE A 351 0.01 -24.71 -19.83
CA PHE A 351 0.68 -24.42 -18.56
C PHE A 351 -0.18 -24.85 -17.39
N VAL A 352 -1.48 -24.53 -17.43
CA VAL A 352 -2.37 -24.88 -16.32
C VAL A 352 -2.61 -26.39 -16.28
N ASN A 353 -2.70 -27.03 -17.45
CA ASN A 353 -2.83 -28.48 -17.49
C ASN A 353 -1.60 -29.15 -16.87
N CYS A 354 -0.41 -28.68 -17.24
CA CYS A 354 0.81 -29.21 -16.63
C CYS A 354 0.82 -28.96 -15.12
N LEU A 355 0.33 -27.79 -14.69
CA LEU A 355 0.28 -27.49 -13.26
C LEU A 355 -0.63 -28.48 -12.53
N THR A 356 -1.77 -28.83 -13.13
CA THR A 356 -2.68 -29.78 -12.50
C THR A 356 -2.06 -31.18 -12.46
N HIS A 357 -1.48 -31.62 -13.57
CA HIS A 357 -0.84 -32.93 -13.63
C HIS A 357 0.25 -33.06 -12.58
N LEU A 358 1.18 -32.10 -12.55
CA LEU A 358 2.26 -32.15 -11.58
C LEU A 358 1.73 -31.99 -10.16
N THR A 359 0.62 -31.29 -9.99
CA THR A 359 0.05 -31.11 -8.66
C THR A 359 -0.46 -32.44 -8.11
N CYS A 360 -1.20 -33.20 -8.93
CA CYS A 360 -1.73 -34.47 -8.46
C CYS A 360 -0.62 -35.52 -8.31
N SER A 361 0.32 -35.56 -9.27
CA SER A 361 1.41 -36.52 -9.18
C SER A 361 2.27 -36.26 -7.96
N PHE A 362 2.65 -35.00 -7.74
CA PHE A 362 3.43 -34.65 -6.55
C PHE A 362 2.61 -34.87 -5.28
N GLY A 363 1.29 -34.71 -5.36
CA GLY A 363 0.45 -34.99 -4.20
C GLY A 363 0.51 -36.45 -3.79
N ARG A 364 0.28 -37.35 -4.75
CA ARG A 364 0.35 -38.78 -4.43
C ARG A 364 1.75 -39.16 -3.98
N SER A 365 2.78 -38.65 -4.64
CA SER A 365 4.15 -38.98 -4.25
C SER A 365 4.43 -38.54 -2.81
N ALA A 366 3.97 -37.35 -2.43
CA ALA A 366 4.17 -36.88 -1.05
C ALA A 366 3.39 -37.73 -0.06
N ALA A 367 2.14 -38.09 -0.40
CA ALA A 367 1.37 -38.97 0.45
C ALA A 367 2.08 -40.30 0.66
N LEU A 368 2.81 -40.78 -0.36
CA LEU A 368 3.62 -41.98 -0.19
C LEU A 368 4.83 -41.70 0.71
N GLU A 369 5.42 -40.51 0.57
CA GLU A 369 6.57 -40.18 1.41
C GLU A 369 6.19 -40.11 2.88
N GLU A 370 4.94 -39.78 3.19
CA GLU A 370 4.51 -39.76 4.58
C GLU A 370 4.54 -41.15 5.20
N VAL A 371 3.95 -42.13 4.51
CA VAL A 371 3.87 -43.48 5.09
C VAL A 371 5.21 -44.21 4.98
N LEU A 372 6.05 -43.85 4.00
CA LEU A 372 7.36 -44.49 3.93
C LEU A 372 8.30 -43.97 5.00
N ASP A 373 7.98 -42.83 5.63
CA ASP A 373 8.79 -42.25 6.70
C ASP A 373 10.23 -42.01 6.23
N LYS A 374 10.37 -41.52 4.99
CA LYS A 374 11.68 -41.20 4.47
C LYS A 374 12.27 -40.01 5.21
N ASP A 375 13.61 -39.93 5.21
CA ASP A 375 14.29 -38.89 5.97
C ASP A 375 14.26 -37.55 5.23
N ASP A 376 14.35 -37.57 3.91
CA ASP A 376 14.39 -36.37 3.09
C ASP A 376 13.06 -36.23 2.36
N MET A 377 12.23 -35.29 2.81
CA MET A 377 10.91 -35.04 2.23
C MET A 377 11.07 -34.09 1.05
N VAL A 378 10.84 -34.61 -0.16
CA VAL A 378 11.02 -33.86 -1.39
C VAL A 378 9.68 -33.48 -2.02
N TYR A 379 8.77 -34.46 -2.15
CA TYR A 379 7.49 -34.21 -2.80
C TYR A 379 6.53 -33.40 -1.93
N MET A 380 6.72 -33.40 -0.61
CA MET A 380 5.88 -32.56 0.24
C MET A 380 6.17 -31.09 0.02
N GLU A 381 7.45 -30.73 -0.14
CA GLU A 381 7.82 -29.35 -0.41
C GLU A 381 7.30 -28.91 -1.78
N ALA A 382 7.52 -29.73 -2.80
CA ALA A 382 7.08 -29.39 -4.15
C ALA A 382 5.55 -29.27 -4.22
N TYR A 383 4.85 -30.24 -3.62
CA TYR A 383 3.40 -30.18 -3.59
C TYR A 383 2.91 -28.94 -2.85
N ASP A 384 3.61 -28.56 -1.78
CA ASP A 384 3.26 -27.33 -1.07
C ASP A 384 3.43 -26.11 -1.95
N LYS A 385 4.53 -26.05 -2.71
CA LYS A 385 4.73 -24.92 -3.62
C LYS A 385 3.64 -24.87 -4.69
N LEU A 386 3.26 -26.04 -5.22
CA LEU A 386 2.25 -26.06 -6.27
C LEU A 386 0.88 -25.62 -5.74
N LEU A 387 0.50 -26.09 -4.55
CA LEU A 387 -0.77 -25.65 -3.98
C LEU A 387 -0.75 -24.16 -3.66
N GLU A 388 0.39 -23.65 -3.16
CA GLU A 388 0.53 -22.23 -2.93
C GLU A 388 0.30 -21.45 -4.22
N SER A 389 0.94 -21.88 -5.31
CA SER A 389 0.75 -21.23 -6.60
C SER A 389 -0.70 -21.32 -7.07
N TRP A 390 -1.38 -22.43 -6.78
CA TRP A 390 -2.81 -22.52 -7.08
C TRP A 390 -3.60 -21.45 -6.36
N LEU A 391 -3.34 -21.28 -5.06
CA LEU A 391 -4.07 -20.27 -4.29
C LEU A 391 -3.79 -18.87 -4.83
N THR A 392 -2.54 -18.57 -5.18
CA THR A 392 -2.23 -17.26 -5.73
C THR A 392 -2.87 -17.05 -7.10
N LEU A 393 -3.02 -18.13 -7.87
CA LEU A 393 -3.52 -18.02 -9.23
C LEU A 393 -5.03 -17.84 -9.26
N VAL A 394 -5.76 -18.64 -8.48
CA VAL A 394 -7.22 -18.60 -8.54
C VAL A 394 -7.76 -17.35 -7.85
N ARG A 395 -7.19 -16.98 -6.70
CA ARG A 395 -7.65 -15.82 -5.95
C ARG A 395 -7.47 -14.53 -6.75
N LYS A 402 -16.18 -16.42 -15.49
CA LYS A 402 -17.13 -17.29 -14.81
C LYS A 402 -16.43 -18.46 -14.12
N GLY A 403 -16.30 -19.57 -14.84
CA GLY A 403 -15.62 -20.73 -14.30
C GLY A 403 -14.72 -21.42 -15.31
N PHE A 404 -13.41 -21.21 -15.17
CA PHE A 404 -12.41 -21.77 -16.08
C PHE A 404 -11.64 -22.93 -15.48
N PHE A 405 -11.21 -22.81 -14.23
CA PHE A 405 -10.41 -23.85 -13.56
C PHE A 405 -11.25 -24.96 -12.95
N THR A 406 -12.56 -24.99 -13.23
CA THR A 406 -13.46 -25.89 -12.50
C THR A 406 -13.04 -27.35 -12.64
N GLN A 407 -12.72 -27.78 -13.86
CA GLN A 407 -12.27 -29.17 -14.05
C GLN A 407 -10.97 -29.42 -13.30
N HIS A 408 -10.01 -28.50 -13.42
CA HIS A 408 -8.75 -28.65 -12.71
C HIS A 408 -8.96 -28.63 -11.19
N ALA A 409 -9.78 -27.69 -10.71
CA ALA A 409 -10.07 -27.64 -9.27
C ALA A 409 -10.69 -28.95 -8.79
N VAL A 410 -11.54 -29.56 -9.61
CA VAL A 410 -12.12 -30.86 -9.25
C VAL A 410 -11.03 -31.92 -9.19
N GLN A 411 -10.08 -31.89 -10.14
CA GLN A 411 -9.03 -32.90 -10.15
C GLN A 411 -8.12 -32.77 -8.93
N VAL A 412 -7.67 -31.55 -8.62
CA VAL A 412 -6.77 -31.36 -7.49
C VAL A 412 -7.49 -31.61 -6.17
N PHE A 413 -8.76 -31.20 -6.08
CA PHE A 413 -9.53 -31.46 -4.87
C PHE A 413 -9.70 -32.96 -4.64
N ASN A 414 -10.08 -33.70 -5.69
CA ASN A 414 -10.24 -35.15 -5.54
C ASN A 414 -8.92 -35.82 -5.22
N SER A 415 -7.81 -35.32 -5.78
CA SER A 415 -6.52 -35.90 -5.45
C SER A 415 -6.15 -35.66 -3.99
N TYR A 416 -6.48 -34.47 -3.47
CA TYR A 416 -6.21 -34.18 -2.06
C TYR A 416 -7.05 -35.06 -1.15
N ILE A 417 -8.35 -35.18 -1.44
CA ILE A 417 -9.22 -36.02 -0.61
C ILE A 417 -8.80 -37.48 -0.69
N GLN A 418 -8.33 -37.94 -1.86
CA GLN A 418 -7.90 -39.32 -2.00
C GLN A 418 -6.58 -39.56 -1.25
N CYS A 419 -5.70 -38.56 -1.23
CA CYS A 419 -4.42 -38.72 -0.54
C CYS A 419 -4.52 -38.58 0.97
N HIS A 420 -5.65 -38.11 1.50
CA HIS A 420 -5.81 -37.92 2.93
C HIS A 420 -6.92 -38.77 3.53
N LEU A 421 -7.45 -39.74 2.79
CA LEU A 421 -8.46 -40.67 3.28
C LEU A 421 -7.86 -42.05 3.45
N ALA A 422 -8.43 -42.83 4.36
CA ALA A 422 -7.83 -44.09 4.78
C ALA A 422 -7.88 -45.12 3.65
N ALA A 423 -7.51 -46.36 3.98
CA ALA A 423 -7.28 -47.42 2.99
C ALA A 423 -8.45 -47.66 2.04
N PRO A 424 -9.70 -47.83 2.50
CA PRO A 424 -10.75 -48.24 1.54
C PRO A 424 -11.00 -47.24 0.42
N ASP A 425 -11.21 -45.97 0.75
CA ASP A 425 -11.57 -44.97 -0.25
C ASP A 425 -10.42 -44.09 -0.69
N GLY A 426 -9.25 -44.22 -0.07
CA GLY A 426 -8.14 -43.33 -0.34
C GLY A 426 -6.81 -44.06 -0.32
N THR A 427 -5.74 -43.31 -0.59
CA THR A 427 -4.39 -43.83 -0.65
C THR A 427 -3.49 -43.19 0.40
N ARG A 428 -4.06 -42.75 1.52
CA ARG A 428 -3.27 -42.07 2.54
C ARG A 428 -2.29 -43.03 3.21
N ASN A 429 -2.74 -44.24 3.54
CA ASN A 429 -1.90 -45.22 4.21
C ASN A 429 -1.51 -46.37 3.30
N LEU A 430 -1.67 -46.20 1.98
CA LEU A 430 -1.33 -47.25 1.02
C LEU A 430 0.10 -47.09 0.54
N THR A 431 0.86 -48.18 0.62
CA THR A 431 2.23 -48.23 0.10
C THR A 431 2.32 -49.19 -1.08
N ALA A 432 1.24 -49.31 -1.84
CA ALA A 432 1.00 -50.40 -2.79
C ALA A 432 0.94 -51.76 -2.10
N ASN A 433 0.98 -51.77 -0.76
CA ASN A 433 0.91 -52.99 0.03
C ASN A 433 -0.21 -52.87 1.06
N GLY A 434 -0.20 -51.80 1.84
CA GLY A 434 -1.19 -51.60 2.88
C GLY A 434 -0.65 -51.83 4.27
N VAL A 435 0.61 -51.44 4.50
CA VAL A 435 1.25 -51.70 5.79
C VAL A 435 0.77 -50.73 6.88
N ALA A 436 0.16 -49.60 6.50
CA ALA A 436 -0.36 -48.61 7.43
C ALA A 436 0.75 -48.07 8.34
N SER A 437 1.77 -47.51 7.70
CA SER A 437 2.88 -46.83 8.36
C SER A 437 3.55 -47.80 9.35
N ARG A 438 4.07 -47.27 10.45
CA ARG A 438 4.72 -48.10 11.47
C ARG A 438 4.15 -47.78 12.84
N GLU A 439 4.99 -47.83 13.88
CA GLU A 439 4.55 -47.53 15.23
C GLU A 439 4.21 -46.04 15.37
N GLU A 440 3.33 -45.73 16.31
CA GLU A 440 2.92 -44.35 16.53
C GLU A 440 4.10 -43.54 17.03
N GLU A 441 4.39 -42.45 16.34
CA GLU A 441 5.51 -41.58 16.68
C GLU A 441 5.12 -40.64 17.82
N GLU A 442 5.95 -40.61 18.87
CA GLU A 442 5.70 -39.72 20.00
C GLU A 442 5.73 -38.26 19.54
N ILE A 443 4.60 -37.59 19.70
CA ILE A 443 4.44 -36.21 19.25
C ILE A 443 4.55 -35.29 20.45
N SER A 444 5.43 -34.30 20.34
CA SER A 444 5.61 -33.32 21.40
C SER A 444 4.52 -32.26 21.34
N GLU A 445 4.35 -31.54 22.45
CA GLU A 445 3.40 -30.44 22.49
C GLU A 445 3.88 -29.27 21.63
N LEU A 446 5.20 -29.16 21.43
CA LEU A 446 5.73 -28.10 20.58
C LEU A 446 5.40 -28.32 19.11
N GLN A 447 5.08 -29.55 18.72
CA GLN A 447 4.71 -29.84 17.34
C GLN A 447 3.45 -29.09 16.96
N GLU A 448 3.50 -28.43 15.80
CA GLU A 448 2.35 -27.65 15.35
C GLU A 448 1.23 -28.55 14.85
N ASP A 449 0.00 -28.11 15.09
CA ASP A 449 -1.16 -28.87 14.65
C ASP A 449 -1.23 -28.84 13.12
N ASP A 450 -1.95 -29.82 12.57
CA ASP A 450 -2.08 -29.91 11.12
C ASP A 450 -2.71 -28.65 10.53
N ARG A 451 -3.71 -28.08 11.21
CA ARG A 451 -4.38 -26.90 10.69
C ARG A 451 -3.47 -25.69 10.68
N ASP A 452 -2.36 -25.72 11.41
CA ASP A 452 -1.37 -24.65 11.33
C ASP A 452 -0.26 -24.99 10.34
N GLN A 453 0.31 -26.19 10.46
CA GLN A 453 1.42 -26.58 9.60
C GLN A 453 1.01 -26.62 8.14
N PHE A 454 -0.15 -27.19 7.84
CA PHE A 454 -0.67 -27.27 6.48
C PHE A 454 -1.72 -26.20 6.20
N SER A 455 -1.55 -25.00 6.77
CA SER A 455 -2.56 -23.95 6.60
C SER A 455 -2.64 -23.48 5.16
N ASP A 456 -1.49 -23.30 4.49
CA ASP A 456 -1.52 -22.83 3.11
C ASP A 456 -2.16 -23.86 2.19
N GLN A 457 -1.81 -25.13 2.35
CA GLN A 457 -2.41 -26.18 1.52
C GLN A 457 -3.92 -26.26 1.75
N LEU A 458 -4.35 -26.17 3.02
CA LEU A 458 -5.77 -26.25 3.31
C LEU A 458 -6.53 -25.05 2.78
N ALA A 459 -5.90 -23.87 2.76
CA ALA A 459 -6.55 -22.71 2.18
C ALA A 459 -6.65 -22.84 0.67
N SER A 460 -5.58 -23.32 0.03
CA SER A 460 -5.61 -23.52 -1.42
C SER A 460 -6.70 -24.52 -1.81
N VAL A 461 -6.70 -25.70 -1.18
CA VAL A 461 -7.71 -26.71 -1.44
C VAL A 461 -9.10 -26.19 -1.11
N GLY A 462 -9.20 -25.30 -0.12
CA GLY A 462 -10.48 -24.70 0.20
C GLY A 462 -10.99 -23.80 -0.91
N MET A 463 -10.09 -22.99 -1.49
CA MET A 463 -10.48 -22.11 -2.58
C MET A 463 -10.86 -22.91 -3.82
N LEU A 464 -10.03 -23.90 -4.19
CA LEU A 464 -10.38 -24.79 -5.29
C LEU A 464 -11.72 -25.47 -5.03
N GLY A 465 -12.00 -25.81 -3.77
CA GLY A 465 -13.31 -26.33 -3.43
C GLY A 465 -14.42 -25.30 -3.50
N ARG A 466 -14.07 -24.01 -3.46
CA ARG A 466 -15.07 -22.96 -3.59
C ARG A 466 -15.46 -22.75 -5.04
N ILE A 467 -14.47 -22.67 -5.94
CA ILE A 467 -14.81 -22.47 -7.34
C ILE A 467 -15.46 -23.70 -7.96
N ALA A 468 -15.27 -24.87 -7.35
CA ALA A 468 -15.90 -26.12 -7.79
C ALA A 468 -16.83 -26.66 -6.70
N ALA A 469 -17.57 -25.77 -6.04
CA ALA A 469 -18.40 -26.17 -4.91
C ALA A 469 -19.50 -27.16 -5.31
N GLU A 470 -20.05 -27.02 -6.51
CA GLU A 470 -21.15 -27.87 -6.95
C GLU A 470 -20.79 -29.34 -6.88
N HIS A 471 -19.52 -29.67 -7.05
CA HIS A 471 -19.03 -31.04 -6.90
C HIS A 471 -18.43 -31.30 -5.53
N CYS A 472 -17.72 -30.33 -4.97
CA CYS A 472 -16.94 -30.57 -3.76
C CYS A 472 -17.82 -30.67 -2.52
N MET A 473 -18.83 -29.80 -2.39
CA MET A 473 -19.63 -29.79 -1.17
C MET A 473 -20.43 -31.07 -0.97
N PRO A 474 -21.15 -31.61 -1.98
CA PRO A 474 -21.79 -32.91 -1.77
C PRO A 474 -20.81 -34.03 -1.47
N LEU A 475 -19.59 -33.94 -2.01
CA LEU A 475 -18.57 -34.94 -1.70
C LEU A 475 -18.20 -34.89 -0.22
N LEU A 476 -17.92 -33.70 0.30
CA LEU A 476 -17.56 -33.56 1.71
C LEU A 476 -18.72 -33.97 2.61
N THR A 477 -19.95 -33.64 2.22
CA THR A 477 -21.11 -34.02 3.02
C THR A 477 -21.27 -35.55 3.05
N SER A 478 -21.13 -36.20 1.90
CA SER A 478 -21.24 -37.65 1.84
C SER A 478 -20.17 -38.32 2.70
N LEU A 479 -18.91 -37.89 2.53
CA LEU A 479 -17.82 -38.48 3.30
C LEU A 479 -18.03 -38.25 4.80
N LEU A 480 -18.46 -37.05 5.18
CA LEU A 480 -18.66 -36.74 6.60
C LEU A 480 -19.79 -37.56 7.19
N GLU A 481 -20.88 -37.75 6.45
CA GLU A 481 -21.98 -38.57 6.95
C GLU A 481 -21.56 -40.02 7.11
N GLU A 482 -20.86 -40.58 6.10
CA GLU A 482 -20.40 -41.95 6.20
C GLU A 482 -19.46 -42.15 7.38
N ARG A 483 -18.49 -41.25 7.53
CA ARG A 483 -17.56 -41.35 8.65
C ARG A 483 -18.27 -41.16 9.99
N VAL A 484 -19.31 -40.32 10.03
CA VAL A 484 -20.08 -40.13 11.27
C VAL A 484 -20.76 -41.43 11.67
N THR A 485 -21.45 -42.08 10.73
CA THR A 485 -22.10 -43.35 11.05
C THR A 485 -21.07 -44.40 11.45
N ARG A 486 -19.96 -44.47 10.73
CA ARG A 486 -18.92 -45.44 11.05
C ARG A 486 -18.37 -45.20 12.46
N LEU A 487 -18.24 -43.93 12.87
CA LEU A 487 -17.74 -43.63 14.20
C LEU A 487 -18.76 -43.96 15.28
N HIS A 488 -20.04 -43.68 15.01
CA HIS A 488 -21.09 -44.05 15.95
C HIS A 488 -21.09 -45.56 16.19
N GLY A 489 -21.10 -46.34 15.10
CA GLY A 489 -21.08 -47.79 15.25
C GLY A 489 -19.82 -48.30 15.90
N GLN A 490 -18.67 -47.70 15.57
CA GLN A 490 -17.41 -48.15 16.15
C GLN A 490 -17.35 -47.87 17.65
N LEU A 491 -17.88 -46.72 18.08
CA LEU A 491 -17.90 -46.40 19.51
C LEU A 491 -18.88 -47.29 20.25
N GLN A 492 -20.04 -47.59 19.63
CA GLN A 492 -20.95 -48.54 20.25
C GLN A 492 -20.32 -49.93 20.35
N ARG A 493 -19.49 -50.31 19.38
CA ARG A 493 -18.84 -51.62 19.41
C ARG A 493 -17.73 -51.67 20.45
N HIS A 494 -17.03 -50.56 20.67
CA HIS A 494 -15.95 -50.52 21.65
C HIS A 494 -16.43 -50.65 23.09
N GLN A 495 -17.74 -50.82 23.32
CA GLN A 495 -18.26 -51.06 24.64
C GLN A 495 -18.40 -52.55 24.94
N GLN A 496 -18.82 -53.33 23.95
CA GLN A 496 -19.02 -54.77 24.13
C GLN A 496 -17.69 -55.48 24.39
N ASP A 508 -9.30 -54.19 15.27
CA ASP A 508 -9.91 -52.98 14.72
C ASP A 508 -9.56 -51.76 15.57
N ASN A 509 -8.46 -51.85 16.33
CA ASN A 509 -8.02 -50.72 17.13
C ASN A 509 -7.35 -49.66 16.28
N LYS A 510 -6.66 -50.07 15.21
CA LYS A 510 -6.07 -49.10 14.28
C LYS A 510 -7.13 -48.51 13.35
N MET A 511 -8.21 -49.26 13.07
CA MET A 511 -9.28 -48.75 12.24
C MET A 511 -9.92 -47.52 12.87
N LEU A 512 -9.95 -47.45 14.20
CA LEU A 512 -10.52 -46.30 14.88
C LEU A 512 -9.65 -45.07 14.68
N ASP A 513 -8.32 -45.23 14.70
CA ASP A 513 -7.45 -44.08 14.48
C ASP A 513 -7.45 -43.66 13.01
N ASP A 514 -7.58 -44.62 12.09
CA ASP A 514 -7.69 -44.25 10.68
C ASP A 514 -8.97 -43.47 10.44
N LEU A 515 -10.07 -43.89 11.10
CA LEU A 515 -11.32 -43.14 11.02
C LEU A 515 -11.17 -41.75 11.61
N TYR A 516 -10.49 -41.65 12.75
CA TYR A 516 -10.26 -40.34 13.36
C TYR A 516 -9.45 -39.44 12.43
N GLU A 517 -8.51 -40.02 11.69
CA GLU A 517 -7.73 -39.21 10.74
C GLU A 517 -8.57 -38.77 9.56
N ASP A 518 -9.46 -39.64 9.07
CA ASP A 518 -10.37 -39.26 8.00
C ASP A 518 -11.23 -38.08 8.44
N ILE A 519 -11.94 -38.21 9.56
CA ILE A 519 -12.77 -37.13 10.06
C ILE A 519 -11.93 -35.88 10.31
N HIS A 520 -10.68 -36.05 10.74
CA HIS A 520 -9.77 -34.94 10.96
C HIS A 520 -9.57 -34.12 9.68
N TRP A 521 -9.07 -34.78 8.62
CA TRP A 521 -8.80 -34.05 7.39
C TRP A 521 -10.08 -33.51 6.76
N LEU A 522 -11.18 -34.26 6.85
CA LEU A 522 -12.44 -33.77 6.30
C LEU A 522 -12.88 -32.50 7.00
N ILE A 523 -12.76 -32.45 8.33
CA ILE A 523 -13.15 -31.25 9.07
C ILE A 523 -12.25 -30.08 8.71
N LEU A 524 -10.95 -30.33 8.54
CA LEU A 524 -10.05 -29.24 8.16
C LEU A 524 -10.40 -28.68 6.79
N VAL A 525 -10.54 -29.56 5.80
CA VAL A 525 -10.85 -29.12 4.44
C VAL A 525 -12.18 -28.35 4.42
N THR A 526 -13.19 -28.88 5.11
CA THR A 526 -14.49 -28.20 5.16
C THR A 526 -14.36 -26.82 5.79
N GLY A 527 -13.62 -26.73 6.90
CA GLY A 527 -13.44 -25.44 7.55
C GLY A 527 -12.79 -24.41 6.64
N TYR A 528 -11.70 -24.79 5.98
CA TYR A 528 -11.08 -23.84 5.06
C TYR A 528 -11.90 -23.64 3.79
N LEU A 529 -12.91 -24.48 3.53
CA LEU A 529 -13.76 -24.29 2.37
C LEU A 529 -14.88 -23.30 2.65
N LEU A 530 -15.44 -23.32 3.86
CA LEU A 530 -16.63 -22.54 4.16
C LEU A 530 -16.35 -21.16 4.73
N ALA A 531 -15.12 -20.88 5.16
CA ALA A 531 -14.80 -19.56 5.71
C ALA A 531 -13.31 -19.31 5.61
N ASP A 532 -12.90 -18.09 5.93
CA ASP A 532 -11.51 -17.64 5.84
C ASP A 532 -10.94 -17.39 7.23
N ASP A 533 -9.67 -16.97 7.24
CA ASP A 533 -8.93 -16.65 8.47
C ASP A 533 -8.93 -15.16 8.75
N THR A 534 -8.47 -14.36 7.78
CA THR A 534 -8.35 -12.91 7.89
C THR A 534 -7.55 -12.48 9.12
N GLN A 535 -7.99 -12.87 10.32
CA GLN A 535 -7.34 -12.64 11.61
C GLN A 535 -7.24 -11.16 11.96
N GLY A 536 -7.71 -10.25 11.10
CA GLY A 536 -7.68 -8.84 11.41
C GLY A 536 -9.02 -8.17 11.22
N GLU A 537 -9.85 -8.72 10.35
CA GLU A 537 -11.15 -8.16 10.01
C GLU A 537 -12.26 -9.17 10.27
N THR A 538 -13.50 -8.73 10.04
CA THR A 538 -14.65 -9.60 10.18
C THR A 538 -14.75 -10.54 8.97
N PRO A 539 -14.66 -11.85 9.16
CA PRO A 539 -14.73 -12.75 8.01
C PRO A 539 -16.14 -12.83 7.45
N LEU A 540 -16.24 -12.70 6.14
CA LEU A 540 -17.52 -12.79 5.45
C LEU A 540 -17.69 -14.17 4.83
N ILE A 541 -18.93 -14.49 4.48
CA ILE A 541 -19.23 -15.72 3.76
C ILE A 541 -18.57 -15.61 2.40
N PRO A 542 -17.70 -16.55 2.02
CA PRO A 542 -17.02 -16.45 0.72
C PRO A 542 -18.03 -16.31 -0.41
N PRO A 543 -17.74 -15.46 -1.40
CA PRO A 543 -18.74 -15.15 -2.43
C PRO A 543 -19.23 -16.36 -3.19
N GLU A 544 -18.37 -17.34 -3.46
CA GLU A 544 -18.81 -18.53 -4.18
C GLU A 544 -19.86 -19.30 -3.40
N ILE A 545 -19.74 -19.34 -2.08
CA ILE A 545 -20.70 -20.07 -1.26
C ILE A 545 -22.05 -19.37 -1.26
N MET A 546 -22.05 -18.04 -1.08
CA MET A 546 -23.31 -17.30 -1.10
C MET A 546 -23.96 -17.37 -2.48
N GLU A 547 -23.15 -17.32 -3.53
CA GLU A 547 -23.68 -17.41 -4.88
C GLU A 547 -24.27 -18.79 -5.15
N TYR A 548 -23.61 -19.85 -4.66
CA TYR A 548 -24.16 -21.19 -4.83
C TYR A 548 -25.47 -21.35 -4.05
N SER A 549 -25.57 -20.72 -2.88
CA SER A 549 -26.79 -20.84 -2.10
C SER A 549 -27.93 -20.01 -2.70
N ILE A 550 -27.61 -18.86 -3.29
CA ILE A 550 -28.63 -18.04 -3.93
C ILE A 550 -29.14 -18.67 -5.23
N LYS A 551 -28.23 -19.25 -6.02
CA LYS A 551 -28.64 -19.86 -7.29
C LYS A 551 -29.51 -21.09 -7.10
N HIS A 552 -29.35 -21.82 -5.99
CA HIS A 552 -30.10 -23.04 -5.76
C HIS A 552 -31.16 -22.89 -4.67
N SER A 553 -31.39 -21.66 -4.19
CA SER A 553 -32.34 -21.44 -3.10
C SER A 553 -33.77 -21.80 -3.49
N SER A 554 -34.08 -21.84 -4.78
CA SER A 554 -35.42 -22.24 -5.20
C SER A 554 -35.62 -23.75 -5.20
N GLU A 555 -34.53 -24.53 -5.23
CA GLU A 555 -34.61 -25.99 -5.25
C GLU A 555 -34.57 -26.62 -3.86
N VAL A 556 -34.66 -25.82 -2.80
CA VAL A 556 -34.51 -26.32 -1.44
C VAL A 556 -35.68 -25.86 -0.60
N ASP A 557 -36.28 -26.79 0.14
CA ASP A 557 -37.29 -26.48 1.14
C ASP A 557 -36.59 -26.12 2.45
N ILE A 558 -36.80 -24.88 2.91
CA ILE A 558 -36.10 -24.41 4.11
C ILE A 558 -36.59 -25.12 5.37
N ASN A 559 -37.78 -25.72 5.36
CA ASN A 559 -38.25 -26.45 6.53
C ASN A 559 -37.45 -27.72 6.74
N THR A 560 -37.30 -28.54 5.70
CA THR A 560 -36.47 -29.73 5.81
C THR A 560 -35.02 -29.38 6.11
N THR A 561 -34.54 -28.26 5.56
CA THR A 561 -33.18 -27.82 5.86
C THR A 561 -33.03 -27.50 7.34
N LEU A 562 -33.99 -26.76 7.91
CA LEU A 562 -33.95 -26.49 9.34
C LEU A 562 -34.12 -27.76 10.16
N GLN A 563 -34.78 -28.79 9.60
CA GLN A 563 -34.87 -30.06 10.32
C GLN A 563 -33.54 -30.79 10.30
N ILE A 564 -32.79 -30.70 9.20
CA ILE A 564 -31.46 -31.31 9.15
C ILE A 564 -30.51 -30.58 10.09
N LEU A 565 -30.55 -29.24 10.07
CA LEU A 565 -29.66 -28.46 10.94
C LEU A 565 -30.04 -28.61 12.41
N GLY A 566 -31.34 -28.60 12.71
CA GLY A 566 -31.79 -28.65 14.08
C GLY A 566 -31.71 -29.99 14.76
N SER A 567 -31.45 -31.06 14.01
CA SER A 567 -31.38 -32.42 14.55
C SER A 567 -30.04 -33.05 14.21
N PRO A 568 -28.96 -32.64 14.88
CA PRO A 568 -27.64 -33.23 14.62
C PRO A 568 -27.43 -34.59 15.25
N GLY A 569 -28.42 -35.14 15.95
CA GLY A 569 -28.28 -36.44 16.58
C GLY A 569 -28.68 -37.59 15.69
N GLU A 570 -29.73 -37.41 14.91
CA GLU A 570 -30.23 -38.44 14.02
C GLU A 570 -29.58 -38.32 12.64
N LYS A 571 -29.64 -39.42 11.88
CA LYS A 571 -29.02 -39.45 10.57
C LYS A 571 -29.74 -38.51 9.61
N ALA A 572 -28.96 -37.89 8.72
CA ALA A 572 -29.56 -37.01 7.72
C ALA A 572 -30.31 -37.81 6.67
N SER A 573 -29.85 -39.04 6.38
CA SER A 573 -30.48 -39.86 5.35
C SER A 573 -31.90 -40.26 5.71
N SER A 574 -32.28 -40.17 6.98
CA SER A 574 -33.62 -40.51 7.43
C SER A 574 -34.29 -39.22 7.92
N ILE A 575 -34.85 -38.47 6.98
CA ILE A 575 -35.61 -37.25 7.27
C ILE A 575 -36.53 -36.99 6.08
N PRO A 576 -37.72 -36.41 6.30
CA PRO A 576 -38.65 -36.19 5.19
C PRO A 576 -38.09 -35.28 4.10
N GLY A 577 -37.42 -35.87 3.11
CA GLY A 577 -36.93 -35.13 1.97
C GLY A 577 -35.62 -34.41 2.20
N TYR A 578 -34.63 -35.12 2.76
CA TYR A 578 -33.33 -34.53 3.04
C TYR A 578 -32.59 -34.12 1.77
N SER A 579 -32.97 -34.69 0.62
CA SER A 579 -32.27 -34.37 -0.62
C SER A 579 -32.46 -32.91 -1.01
N ARG A 580 -33.60 -32.32 -0.67
CA ARG A 580 -33.88 -30.93 -0.98
C ARG A 580 -33.49 -30.00 0.17
N THR A 581 -32.25 -30.11 0.63
CA THR A 581 -31.71 -29.28 1.70
C THR A 581 -30.50 -28.52 1.18
N ASP A 582 -30.36 -27.27 1.64
CA ASP A 582 -29.25 -26.44 1.20
C ASP A 582 -27.93 -27.13 1.46
N SER A 583 -27.13 -27.30 0.41
CA SER A 583 -25.91 -28.10 0.50
C SER A 583 -24.95 -27.52 1.54
N VAL A 584 -24.84 -26.19 1.59
CA VAL A 584 -23.99 -25.54 2.59
C VAL A 584 -24.45 -25.91 4.00
N ILE A 585 -25.72 -25.66 4.30
CA ILE A 585 -26.25 -25.94 5.63
C ILE A 585 -26.20 -27.44 5.93
N ARG A 586 -26.26 -28.27 4.89
CA ARG A 586 -26.13 -29.71 5.11
C ARG A 586 -24.69 -30.09 5.47
N LEU A 587 -23.71 -29.37 4.93
CA LEU A 587 -22.32 -29.63 5.29
C LEU A 587 -22.01 -29.17 6.71
N LEU A 588 -22.38 -27.93 7.02
CA LEU A 588 -22.29 -27.46 8.40
C LEU A 588 -23.03 -28.39 9.37
N SER A 589 -24.15 -28.95 8.91
CA SER A 589 -24.86 -29.94 9.70
C SER A 589 -24.11 -31.26 9.78
N ALA A 590 -23.26 -31.56 8.80
CA ALA A 590 -22.45 -32.77 8.87
C ALA A 590 -21.41 -32.66 9.98
N VAL A 591 -20.62 -31.59 9.96
CA VAL A 591 -19.64 -31.39 11.03
C VAL A 591 -20.36 -31.26 12.38
N LEU A 592 -21.52 -30.60 12.39
CA LEU A 592 -22.31 -30.53 13.61
C LEU A 592 -22.71 -31.92 14.09
N ARG A 593 -22.96 -32.84 13.15
CA ARG A 593 -23.27 -34.22 13.53
C ARG A 593 -22.06 -34.93 14.11
N VAL A 594 -20.86 -34.62 13.60
CA VAL A 594 -19.65 -35.11 14.27
C VAL A 594 -19.60 -34.61 15.71
N SER A 595 -19.89 -33.32 15.90
CA SER A 595 -19.93 -32.75 17.24
C SER A 595 -20.94 -33.47 18.13
N GLU A 596 -22.08 -33.86 17.57
CA GLU A 596 -23.06 -34.60 18.36
C GLU A 596 -22.57 -36.00 18.72
N VAL A 597 -21.86 -36.65 17.80
CA VAL A 597 -21.27 -37.95 18.13
C VAL A 597 -20.31 -37.82 19.30
N GLU A 598 -19.44 -36.81 19.25
CA GLU A 598 -18.48 -36.60 20.33
C GLU A 598 -19.20 -36.32 21.65
N SER A 599 -20.20 -35.44 21.62
CA SER A 599 -20.91 -35.08 22.84
C SER A 599 -21.62 -36.30 23.45
N ARG A 600 -22.24 -37.12 22.61
CA ARG A 600 -22.90 -38.33 23.10
C ARG A 600 -21.89 -39.31 23.68
N ALA A 601 -20.68 -39.39 23.10
CA ALA A 601 -19.64 -40.19 23.72
C ALA A 601 -19.25 -39.62 25.08
N ILE A 602 -19.34 -38.30 25.24
CA ILE A 602 -19.07 -37.70 26.55
C ILE A 602 -20.16 -38.07 27.54
N ARG A 603 -21.42 -38.17 27.06
CA ARG A 603 -22.51 -38.52 27.96
C ARG A 603 -22.31 -39.90 28.58
N ALA A 604 -21.68 -40.81 27.85
CA ALA A 604 -21.27 -42.09 28.40
C ALA A 604 -19.86 -41.96 28.96
N ASP A 605 -19.33 -43.05 29.51
CA ASP A 605 -17.95 -43.03 30.02
C ASP A 605 -16.94 -43.31 28.92
N LEU A 606 -17.26 -42.96 27.67
CA LEU A 606 -16.39 -43.26 26.54
C LEU A 606 -15.44 -42.11 26.21
N THR A 607 -15.27 -41.14 27.12
CA THR A 607 -14.35 -40.04 26.86
C THR A 607 -12.94 -40.52 26.61
N HIS A 608 -12.56 -41.65 27.22
CA HIS A 608 -11.22 -42.18 27.04
C HIS A 608 -11.00 -42.74 25.64
N LEU A 609 -12.06 -43.04 24.91
CA LEU A 609 -11.94 -43.59 23.57
C LEU A 609 -11.91 -42.52 22.48
N LEU A 610 -12.14 -41.26 22.83
CA LEU A 610 -12.22 -40.21 21.84
C LEU A 610 -10.83 -39.73 21.45
N SER A 611 -10.79 -38.86 20.45
CA SER A 611 -9.54 -38.28 19.98
C SER A 611 -9.50 -36.81 20.35
N PRO A 612 -8.62 -36.39 21.26
CA PRO A 612 -8.50 -34.95 21.55
C PRO A 612 -8.14 -34.12 20.33
N GLN A 613 -7.46 -34.73 19.35
CA GLN A 613 -7.20 -34.05 18.09
C GLN A 613 -8.50 -33.69 17.39
N MET A 614 -9.40 -34.67 17.23
CA MET A 614 -10.69 -34.39 16.61
C MET A 614 -11.49 -33.39 17.42
N GLY A 615 -11.34 -33.41 18.75
CA GLY A 615 -11.98 -32.38 19.56
C GLY A 615 -11.48 -31.00 19.22
N LYS A 616 -10.16 -30.85 19.05
CA LYS A 616 -9.60 -29.58 18.62
C LYS A 616 -10.14 -29.18 17.25
N ASP A 617 -10.29 -30.14 16.34
CA ASP A 617 -10.80 -29.83 15.01
C ASP A 617 -12.23 -29.32 15.08
N ILE A 618 -13.08 -29.99 15.86
CA ILE A 618 -14.48 -29.57 15.96
C ILE A 618 -14.58 -28.21 16.64
N VAL A 619 -13.81 -27.98 17.70
CA VAL A 619 -13.86 -26.70 18.39
C VAL A 619 -13.40 -25.57 17.49
N TRP A 620 -12.28 -25.79 16.78
CA TRP A 620 -11.80 -24.81 15.80
C TRP A 620 -12.87 -24.53 14.75
N PHE A 621 -13.51 -25.59 14.25
CA PHE A 621 -14.54 -25.41 13.24
C PHE A 621 -15.70 -24.57 13.76
N LEU A 622 -16.24 -24.94 14.92
CA LEU A 622 -17.37 -24.19 15.48
C LEU A 622 -16.97 -22.74 15.77
N LYS A 623 -15.71 -22.51 16.13
CA LYS A 623 -15.20 -21.15 16.27
C LYS A 623 -15.30 -20.40 14.96
N ARG A 624 -14.85 -21.04 13.87
CA ARG A 624 -14.90 -20.41 12.56
C ARG A 624 -16.34 -20.16 12.11
N TRP A 625 -17.23 -21.13 12.35
CA TRP A 625 -18.64 -20.99 12.05
C TRP A 625 -19.24 -19.79 12.77
N ALA A 626 -18.96 -19.66 14.07
CA ALA A 626 -19.55 -18.57 14.85
C ALA A 626 -19.19 -17.20 14.29
N LYS A 627 -18.00 -17.05 13.71
CA LYS A 627 -17.57 -15.77 13.18
C LYS A 627 -18.13 -15.46 11.80
N THR A 628 -18.80 -16.40 11.14
CA THR A 628 -19.24 -16.17 9.77
C THR A 628 -20.72 -16.51 9.57
N TYR A 629 -21.14 -17.70 9.97
CA TYR A 629 -22.51 -18.16 9.75
C TYR A 629 -23.39 -17.99 10.98
N LEU A 630 -23.12 -16.99 11.81
CA LEU A 630 -23.96 -16.65 12.95
C LEU A 630 -24.29 -15.17 12.91
N LEU A 631 -25.58 -14.86 13.01
CA LEU A 631 -26.08 -13.48 13.04
C LEU A 631 -25.53 -12.67 11.86
N VAL A 632 -25.80 -13.18 10.66
CA VAL A 632 -25.32 -12.52 9.45
C VAL A 632 -25.96 -11.15 9.33
N ASP A 633 -25.12 -10.14 9.15
CA ASP A 633 -25.59 -8.77 8.94
C ASP A 633 -25.85 -8.58 7.45
N GLU A 634 -27.12 -8.30 7.11
CA GLU A 634 -27.49 -8.17 5.71
C GLU A 634 -26.86 -6.94 5.05
N LYS A 635 -26.35 -6.00 5.84
CA LYS A 635 -25.69 -4.83 5.28
C LYS A 635 -24.30 -5.13 4.74
N LEU A 636 -23.75 -6.32 5.02
CA LEU A 636 -22.42 -6.69 4.56
C LEU A 636 -22.44 -7.47 3.25
N TYR A 637 -23.63 -7.79 2.71
CA TYR A 637 -23.76 -8.54 1.48
C TYR A 637 -24.78 -7.87 0.59
N ASP A 638 -24.52 -7.88 -0.72
CA ASP A 638 -25.51 -7.35 -1.66
C ASP A 638 -26.78 -8.17 -1.64
N GLN A 639 -26.66 -9.50 -1.65
CA GLN A 639 -27.80 -10.40 -1.61
C GLN A 639 -27.43 -11.63 -0.80
N ILE A 640 -28.32 -12.03 0.10
CA ILE A 640 -28.14 -13.24 0.91
C ILE A 640 -29.27 -14.20 0.57
N SER A 641 -28.93 -15.47 0.43
CA SER A 641 -29.93 -16.47 0.10
C SER A 641 -30.93 -16.63 1.25
N LEU A 642 -32.16 -16.98 0.89
CA LEU A 642 -33.19 -17.19 1.91
C LEU A 642 -32.86 -18.32 2.87
N PRO A 643 -32.32 -19.48 2.44
CA PRO A 643 -31.94 -20.50 3.44
C PRO A 643 -30.89 -20.02 4.42
N LEU A 644 -29.88 -19.28 3.96
CA LEU A 644 -28.87 -18.74 4.87
C LEU A 644 -29.35 -17.53 5.65
N SER A 645 -30.48 -16.92 5.26
CA SER A 645 -31.05 -15.80 6.00
C SER A 645 -31.99 -16.28 7.10
N THR A 646 -32.79 -17.30 6.83
CA THR A 646 -33.76 -17.78 7.81
C THR A 646 -33.11 -18.65 8.88
N ALA A 647 -32.02 -19.34 8.56
CA ALA A 647 -31.36 -20.20 9.55
C ALA A 647 -30.26 -19.50 10.33
N PHE A 648 -29.53 -18.56 9.73
CA PHE A 648 -28.42 -17.88 10.40
C PHE A 648 -28.66 -16.38 10.55
N GLY A 649 -29.89 -15.92 10.37
CA GLY A 649 -30.20 -14.50 10.40
C GLY A 649 -30.02 -13.88 11.78
N ALA A 650 -30.39 -12.59 11.84
CA ALA A 650 -30.17 -11.81 13.06
C ALA A 650 -31.18 -12.18 14.14
N ASP A 651 -32.47 -12.01 13.86
CA ASP A 651 -33.51 -12.28 14.84
C ASP A 651 -34.09 -13.69 14.72
N THR A 652 -33.44 -14.57 13.97
CA THR A 652 -33.96 -15.91 13.77
C THR A 652 -33.74 -16.76 15.02
N GLU A 653 -34.56 -17.81 15.15
CA GLU A 653 -34.36 -18.77 16.21
C GLU A 653 -33.25 -19.77 15.89
N GLY A 654 -32.85 -19.87 14.63
CA GLY A 654 -31.73 -20.72 14.28
C GLY A 654 -30.44 -20.29 14.94
N SER A 655 -30.17 -18.99 14.97
CA SER A 655 -28.99 -18.48 15.65
C SER A 655 -29.09 -18.69 17.15
N GLN A 656 -30.27 -18.44 17.73
CA GLN A 656 -30.47 -18.71 19.15
C GLN A 656 -30.25 -20.18 19.49
N TRP A 657 -30.53 -21.07 18.54
CA TRP A 657 -30.28 -22.49 18.76
C TRP A 657 -28.81 -22.83 18.63
N ILE A 658 -28.14 -22.31 17.60
CA ILE A 658 -26.73 -22.63 17.40
C ILE A 658 -25.88 -22.10 18.54
N ILE A 659 -26.21 -20.91 19.06
CA ILE A 659 -25.41 -20.32 20.12
C ILE A 659 -25.52 -21.15 21.39
N GLY A 660 -26.71 -21.61 21.73
CA GLY A 660 -26.88 -22.50 22.87
C GLY A 660 -26.25 -23.86 22.65
N TYR A 661 -26.28 -24.36 21.42
CA TYR A 661 -25.62 -25.62 21.13
C TYR A 661 -24.11 -25.53 21.34
N LEU A 662 -23.51 -24.44 20.87
CA LEU A 662 -22.08 -24.22 21.10
C LEU A 662 -21.79 -24.06 22.58
N LEU A 663 -22.70 -23.41 23.32
CA LEU A 663 -22.55 -23.30 24.77
C LEU A 663 -22.51 -24.68 25.42
N GLN A 664 -23.46 -25.55 25.04
CA GLN A 664 -23.45 -26.91 25.57
C GLN A 664 -22.16 -27.64 25.20
N LYS A 665 -21.64 -27.39 23.99
CA LYS A 665 -20.38 -27.99 23.60
C LYS A 665 -19.25 -27.57 24.53
N VAL A 666 -19.16 -26.26 24.81
CA VAL A 666 -18.13 -25.74 25.70
C VAL A 666 -18.28 -26.33 27.10
N ILE A 667 -19.52 -26.56 27.53
CA ILE A 667 -19.73 -27.11 28.87
C ILE A 667 -19.28 -28.56 28.93
N SER A 668 -19.56 -29.33 27.87
CA SER A 668 -19.11 -30.72 27.81
C SER A 668 -17.58 -30.81 27.83
N ASN A 669 -16.94 -30.07 26.92
CA ASN A 669 -15.48 -30.13 26.84
C ASN A 669 -14.84 -29.69 28.15
N LEU A 670 -15.28 -28.54 28.70
CA LEU A 670 -14.74 -28.11 29.98
C LEU A 670 -15.08 -29.09 31.11
N SER A 671 -16.06 -29.96 30.91
CA SER A 671 -16.40 -30.94 31.93
C SER A 671 -15.50 -32.16 31.88
N VAL A 672 -15.06 -32.59 30.70
CA VAL A 672 -14.28 -33.83 30.65
C VAL A 672 -12.84 -33.64 30.17
N TRP A 673 -12.59 -32.60 29.37
CA TRP A 673 -11.28 -32.46 28.72
C TRP A 673 -10.31 -31.59 29.50
N SER A 674 -10.20 -31.77 30.82
CA SER A 674 -9.24 -30.99 31.59
C SER A 674 -7.80 -31.38 31.26
N SER A 675 -7.56 -32.68 31.05
CA SER A 675 -6.21 -33.19 30.89
C SER A 675 -5.56 -32.80 29.57
N GLU A 676 -6.34 -32.45 28.56
CA GLU A 676 -5.81 -32.06 27.24
C GLU A 676 -5.79 -30.54 27.19
N GLN A 677 -4.59 -29.97 27.41
CA GLN A 677 -4.47 -28.52 27.56
C GLN A 677 -4.90 -27.79 26.29
N ASP A 678 -4.47 -28.29 25.13
CA ASP A 678 -4.84 -27.66 23.86
C ASP A 678 -6.36 -27.61 23.71
N LEU A 679 -7.03 -28.76 23.89
CA LEU A 679 -8.47 -28.83 23.71
C LEU A 679 -9.20 -27.94 24.69
N ALA A 680 -8.72 -27.87 25.93
CA ALA A 680 -9.35 -27.02 26.93
C ALA A 680 -9.23 -25.54 26.56
N ASN A 681 -8.01 -25.10 26.19
CA ASN A 681 -7.84 -23.69 25.84
C ASN A 681 -8.60 -23.32 24.59
N ASP A 682 -8.61 -24.20 23.59
CA ASP A 682 -9.40 -23.93 22.39
C ASP A 682 -10.88 -23.84 22.73
N THR A 683 -11.34 -24.67 23.67
CA THR A 683 -12.75 -24.63 24.07
C THR A 683 -13.09 -23.30 24.73
N VAL A 684 -12.30 -22.89 25.73
CA VAL A 684 -12.59 -21.63 26.40
C VAL A 684 -12.44 -20.46 25.45
N GLN A 685 -11.58 -20.60 24.43
CA GLN A 685 -11.49 -19.59 23.39
C GLN A 685 -12.77 -19.54 22.57
N LEU A 686 -13.37 -20.70 22.27
CA LEU A 686 -14.69 -20.70 21.64
C LEU A 686 -15.69 -19.95 22.50
N LEU A 687 -15.64 -20.13 23.81
CA LEU A 687 -16.51 -19.36 24.70
C LEU A 687 -16.31 -17.87 24.49
N VAL A 688 -15.05 -17.41 24.58
CA VAL A 688 -14.75 -15.99 24.38
C VAL A 688 -15.28 -15.52 23.03
N THR A 689 -15.18 -16.36 22.00
CA THR A 689 -15.74 -16.00 20.70
C THR A 689 -17.26 -15.82 20.80
N LEU A 690 -17.92 -16.65 21.60
CA LEU A 690 -19.35 -16.49 21.78
C LEU A 690 -19.72 -15.25 22.57
N VAL A 691 -18.79 -14.65 23.30
CA VAL A 691 -19.12 -13.49 24.13
C VAL A 691 -18.48 -12.18 23.69
N GLU A 692 -17.57 -12.19 22.71
CA GLU A 692 -16.83 -10.97 22.39
C GLU A 692 -17.73 -9.88 21.81
N ARG A 693 -18.21 -10.08 20.58
CA ARG A 693 -19.08 -9.10 19.96
C ARG A 693 -20.43 -9.08 20.66
N ARG A 694 -20.94 -7.87 20.94
CA ARG A 694 -22.16 -7.74 21.75
C ARG A 694 -23.35 -8.42 21.11
N GLU A 695 -23.38 -8.49 19.78
CA GLU A 695 -24.49 -9.15 19.09
C GLU A 695 -24.64 -10.60 19.52
N ARG A 696 -23.53 -11.28 19.81
CA ARG A 696 -23.59 -12.65 20.31
C ARG A 696 -23.72 -12.71 21.82
N ALA A 697 -23.06 -11.80 22.54
CA ALA A 697 -23.13 -11.82 24.00
C ALA A 697 -24.53 -11.56 24.50
N ASN A 698 -25.33 -10.80 23.74
CA ASN A 698 -26.71 -10.55 24.14
C ASN A 698 -27.56 -11.81 24.06
N LEU A 699 -27.23 -12.73 23.14
CA LEU A 699 -27.97 -13.97 23.03
C LEU A 699 -27.39 -15.10 23.87
N VAL A 700 -26.11 -15.03 24.23
CA VAL A 700 -25.52 -16.14 24.98
C VAL A 700 -25.84 -16.02 26.46
N ILE A 701 -26.05 -14.80 26.98
CA ILE A 701 -26.30 -14.63 28.41
C ILE A 701 -27.71 -15.02 28.81
N GLN A 702 -28.62 -15.18 27.86
CA GLN A 702 -29.96 -15.61 28.19
C GLN A 702 -30.05 -17.12 28.43
N CYS A 703 -28.99 -17.86 28.13
CA CYS A 703 -29.00 -19.30 28.28
C CYS A 703 -28.74 -19.69 29.73
N GLU A 704 -29.47 -20.70 30.19
CA GLU A 704 -29.27 -21.22 31.55
C GLU A 704 -27.88 -21.79 31.73
N ASN A 705 -27.35 -22.45 30.68
CA ASN A 705 -26.02 -23.05 30.79
C ASN A 705 -24.94 -22.01 31.06
N TRP A 706 -25.15 -20.77 30.60
CA TRP A 706 -24.21 -19.71 30.91
C TRP A 706 -24.20 -19.39 32.40
N TRP A 707 -25.39 -19.28 33.01
CA TRP A 707 -25.47 -18.94 34.43
C TRP A 707 -25.05 -20.11 35.32
N ASN A 708 -25.42 -21.35 34.98
CA ASN A 708 -24.93 -22.47 35.76
C ASN A 708 -23.46 -22.73 35.54
N LEU A 709 -22.91 -22.28 34.40
CA LEU A 709 -21.47 -22.29 34.25
C LEU A 709 -20.84 -21.23 35.14
N ALA A 710 -21.51 -20.09 35.32
CA ALA A 710 -21.05 -19.06 36.23
C ALA A 710 -21.03 -19.57 37.67
N LYS A 711 -22.13 -20.16 38.12
CA LYS A 711 -22.21 -20.69 39.47
C LYS A 711 -21.23 -21.84 39.66
N GLN A 712 -21.19 -22.75 38.69
CA GLN A 712 -20.33 -23.92 38.77
C GLN A 712 -18.86 -23.52 38.83
N PHE A 713 -18.50 -22.45 38.11
CA PHE A 713 -17.13 -21.97 38.16
C PHE A 713 -16.84 -21.26 39.48
N ALA A 714 -17.78 -20.42 39.94
CA ALA A 714 -17.59 -19.70 41.20
C ALA A 714 -17.66 -20.61 42.42
N SER A 715 -18.22 -21.81 42.27
CA SER A 715 -18.28 -22.76 43.38
C SER A 715 -17.01 -23.59 43.52
N ARG A 716 -16.11 -23.54 42.54
CA ARG A 716 -14.89 -24.34 42.53
C ARG A 716 -15.23 -25.82 42.67
N SER A 717 -16.21 -26.26 41.87
CA SER A 717 -16.67 -27.64 41.87
C SER A 717 -15.56 -28.57 41.40
N PRO A 718 -15.69 -29.88 41.68
CA PRO A 718 -14.66 -30.84 41.24
C PRO A 718 -14.37 -30.78 39.75
N PRO A 719 -15.38 -30.78 38.86
CA PRO A 719 -15.04 -30.89 37.43
C PRO A 719 -14.24 -29.71 36.90
N LEU A 720 -14.59 -28.48 37.27
CA LEU A 720 -13.92 -27.31 36.70
C LEU A 720 -12.63 -26.92 37.41
N ASN A 721 -12.40 -27.39 38.63
CA ASN A 721 -11.17 -27.01 39.31
C ASN A 721 -9.97 -27.78 38.80
N PHE A 722 -10.17 -28.80 37.97
CA PHE A 722 -9.04 -29.51 37.37
C PHE A 722 -8.42 -28.76 36.20
N LEU A 723 -9.06 -27.68 35.74
CA LEU A 723 -8.51 -26.92 34.63
C LEU A 723 -7.24 -26.18 35.05
N SER A 724 -6.38 -25.91 34.08
CA SER A 724 -5.13 -25.21 34.35
C SER A 724 -5.40 -23.74 34.66
N SER A 725 -4.31 -23.00 34.94
CA SER A 725 -4.46 -21.59 35.29
C SER A 725 -4.91 -20.74 34.10
N PRO A 726 -4.27 -20.77 32.93
CA PRO A 726 -4.73 -19.90 31.84
C PRO A 726 -6.15 -20.20 31.38
N VAL A 727 -6.58 -21.46 31.45
CA VAL A 727 -7.96 -21.79 31.08
C VAL A 727 -8.95 -21.11 32.00
N GLN A 728 -8.67 -21.14 33.31
CA GLN A 728 -9.57 -20.49 34.27
C GLN A 728 -9.52 -18.97 34.13
N ARG A 729 -8.34 -18.43 33.84
CA ARG A 729 -8.25 -17.00 33.56
C ARG A 729 -9.13 -16.61 32.38
N THR A 730 -9.01 -17.35 31.28
CA THR A 730 -9.82 -17.07 30.10
C THR A 730 -11.31 -17.22 30.40
N LEU A 731 -11.66 -18.22 31.21
CA LEU A 731 -13.07 -18.40 31.59
C LEU A 731 -13.58 -17.20 32.36
N MET A 732 -12.81 -16.72 33.34
CA MET A 732 -13.18 -15.51 34.06
C MET A 732 -13.35 -14.34 33.11
N LYS A 733 -12.42 -14.20 32.16
CA LYS A 733 -12.52 -13.13 31.17
C LYS A 733 -13.83 -13.23 30.38
N ALA A 734 -14.24 -14.45 30.04
CA ALA A 734 -15.47 -14.62 29.28
C ALA A 734 -16.69 -14.24 30.11
N LEU A 735 -16.71 -14.61 31.39
CA LEU A 735 -17.85 -14.29 32.23
C LEU A 735 -17.96 -12.78 32.47
N VAL A 736 -16.84 -12.14 32.81
CA VAL A 736 -16.86 -10.69 33.00
C VAL A 736 -17.23 -9.99 31.71
N LEU A 737 -16.75 -10.51 30.58
CA LEU A 737 -17.09 -9.94 29.28
C LEU A 737 -18.59 -10.05 29.02
N GLY A 738 -19.19 -11.17 29.41
CA GLY A 738 -20.64 -11.35 29.30
C GLY A 738 -21.44 -10.47 30.23
N GLY A 739 -20.85 -10.04 31.34
CA GLY A 739 -21.56 -9.16 32.24
C GLY A 739 -21.92 -7.79 31.69
N PHE A 740 -21.39 -7.42 30.52
CA PHE A 740 -21.64 -6.12 29.93
C PHE A 740 -22.54 -6.20 28.69
N ALA A 741 -23.38 -7.22 28.60
CA ALA A 741 -24.34 -7.35 27.51
C ALA A 741 -25.70 -6.81 27.96
N HIS A 742 -26.68 -6.91 27.06
CA HIS A 742 -28.00 -6.36 27.32
C HIS A 742 -28.67 -7.08 28.48
N MET A 743 -28.91 -6.36 29.57
CA MET A 743 -29.62 -6.90 30.71
C MET A 743 -30.44 -5.79 31.35
N ASP A 744 -31.60 -6.14 31.89
CA ASP A 744 -32.31 -5.23 32.75
C ASP A 744 -31.64 -5.16 34.12
N THR A 745 -32.05 -4.18 34.92
CA THR A 745 -31.37 -3.94 36.19
C THR A 745 -31.49 -5.13 37.14
N GLU A 746 -32.61 -5.86 37.09
CA GLU A 746 -32.78 -7.03 37.95
C GLU A 746 -31.72 -8.09 37.66
N THR A 747 -31.66 -8.56 36.41
CA THR A 747 -30.67 -9.56 36.04
C THR A 747 -29.26 -9.00 36.01
N LYS A 748 -29.12 -7.66 35.95
CA LYS A 748 -27.79 -7.06 36.11
C LYS A 748 -27.28 -7.27 37.53
N GLN A 749 -28.07 -6.87 38.53
CA GLN A 749 -27.67 -7.10 39.91
C GLN A 749 -27.51 -8.59 40.19
N GLN A 750 -28.41 -9.42 39.68
CA GLN A 750 -28.28 -10.87 39.85
C GLN A 750 -26.99 -11.38 39.25
N TYR A 751 -26.61 -10.88 38.07
CA TYR A 751 -25.41 -11.35 37.39
C TYR A 751 -24.16 -10.94 38.15
N TRP A 752 -24.01 -9.63 38.42
CA TRP A 752 -22.83 -9.16 39.14
C TRP A 752 -22.71 -9.82 40.50
N THR A 753 -23.85 -9.98 41.19
CA THR A 753 -23.86 -10.64 42.49
C THR A 753 -23.77 -12.15 42.40
N GLU A 754 -23.75 -12.70 41.18
CA GLU A 754 -23.52 -14.13 40.98
C GLU A 754 -22.13 -14.44 40.43
N VAL A 755 -21.40 -13.43 39.96
CA VAL A 755 -20.09 -13.61 39.36
C VAL A 755 -18.99 -12.95 40.20
N LEU A 756 -19.12 -11.65 40.47
CA LEU A 756 -18.09 -10.91 41.17
C LEU A 756 -18.31 -10.88 42.68
N GLN A 757 -19.55 -11.01 43.13
CA GLN A 757 -19.82 -11.02 44.57
C GLN A 757 -19.21 -12.21 45.30
N PRO A 758 -19.25 -13.45 44.80
CA PRO A 758 -18.59 -14.54 45.52
C PRO A 758 -17.09 -14.35 45.65
N LEU A 759 -16.46 -13.68 44.68
CA LEU A 759 -15.03 -13.40 44.78
C LEU A 759 -14.74 -12.46 45.95
N GLN A 760 -15.49 -11.36 46.03
CA GLN A 760 -15.33 -10.43 47.14
C GLN A 760 -15.65 -11.08 48.48
N GLN A 761 -16.73 -11.86 48.54
CA GLN A 761 -17.15 -12.45 49.80
C GLN A 761 -16.15 -13.49 50.29
N ARG A 762 -15.75 -14.42 49.41
CA ARG A 762 -14.79 -15.44 49.83
C ARG A 762 -13.44 -14.82 50.16
N PHE A 763 -12.96 -13.89 49.33
CA PHE A 763 -11.66 -13.29 49.59
C PHE A 763 -11.66 -12.51 50.90
N LEU A 764 -12.67 -11.65 51.09
CA LEU A 764 -12.71 -10.84 52.32
C LEU A 764 -12.95 -11.70 53.56
N ARG A 765 -13.70 -12.80 53.42
CA ARG A 765 -13.90 -13.67 54.57
C ARG A 765 -12.64 -14.45 54.91
N VAL A 766 -11.83 -14.82 53.91
CA VAL A 766 -10.60 -15.55 54.19
C VAL A 766 -9.58 -14.68 54.91
N ILE A 767 -9.42 -13.43 54.46
CA ILE A 767 -8.47 -12.52 55.09
C ILE A 767 -9.00 -11.99 56.41
N ASN A 768 -10.23 -12.36 56.76
CA ASN A 768 -10.82 -12.00 58.04
C ASN A 768 -11.09 -13.21 58.93
N GLN A 769 -10.46 -14.34 58.63
CA GLN A 769 -10.69 -15.58 59.38
C GLN A 769 -9.95 -15.58 60.71
N GLU A 770 -9.91 -14.43 61.39
CA GLU A 770 -9.20 -14.26 62.65
C GLU A 770 -7.72 -14.62 62.51
N ASN A 771 -7.21 -14.62 61.28
CA ASN A 771 -5.83 -14.98 60.99
C ASN A 771 -5.12 -13.79 60.36
N PHE A 772 -4.00 -13.39 60.95
CA PHE A 772 -3.13 -12.38 60.35
C PHE A 772 -1.85 -12.96 59.79
N GLN A 773 -1.45 -14.17 60.23
CA GLN A 773 -0.18 -14.76 59.83
C GLN A 773 -0.19 -16.29 59.90
N GLN A 774 -0.82 -16.84 60.94
CA GLN A 774 -0.65 -18.26 61.22
C GLN A 774 -1.32 -19.16 60.18
N MET A 775 -2.57 -18.85 59.82
CA MET A 775 -3.34 -19.77 59.00
C MET A 775 -3.06 -19.67 57.50
N CYS A 776 -2.24 -18.69 57.08
CA CYS A 776 -2.07 -18.46 55.64
C CYS A 776 -1.34 -19.61 54.96
N GLN A 777 -0.47 -20.31 55.68
CA GLN A 777 0.34 -21.37 55.08
C GLN A 777 -0.48 -22.61 54.73
N GLN A 778 -1.62 -22.82 55.38
CA GLN A 778 -2.39 -24.03 55.14
C GLN A 778 -3.05 -23.99 53.76
N GLU A 779 -3.16 -25.17 53.14
CA GLU A 779 -3.58 -25.24 51.74
C GLU A 779 -5.02 -24.78 51.55
N GLU A 780 -5.89 -24.95 52.56
CA GLU A 780 -7.27 -24.49 52.42
C GLU A 780 -7.33 -22.98 52.22
N VAL A 781 -6.37 -22.24 52.79
CA VAL A 781 -6.32 -20.80 52.62
C VAL A 781 -5.48 -20.41 51.40
N LYS A 782 -4.31 -21.04 51.25
CA LYS A 782 -3.39 -20.67 50.17
C LYS A 782 -4.00 -20.96 48.80
N GLN A 783 -4.72 -22.07 48.69
CA GLN A 783 -5.34 -22.41 47.41
C GLN A 783 -6.48 -21.45 47.07
N GLU A 784 -7.22 -21.01 48.09
CA GLU A 784 -8.29 -20.06 47.87
C GLU A 784 -7.74 -18.70 47.46
N ILE A 785 -6.67 -18.25 48.12
CA ILE A 785 -6.05 -16.98 47.74
C ILE A 785 -5.51 -17.06 46.32
N THR A 786 -4.90 -18.20 45.96
CA THR A 786 -4.40 -18.38 44.60
C THR A 786 -5.54 -18.31 43.59
N ALA A 787 -6.65 -18.99 43.87
CA ALA A 787 -7.80 -18.94 42.97
C ALA A 787 -8.32 -17.52 42.82
N THR A 788 -8.39 -16.77 43.92
CA THR A 788 -8.85 -15.38 43.85
C THR A 788 -7.93 -14.55 42.96
N LEU A 789 -6.62 -14.68 43.15
CA LEU A 789 -5.68 -13.89 42.35
C LEU A 789 -5.76 -14.24 40.87
N GLU A 790 -5.85 -15.54 40.55
CA GLU A 790 -6.03 -15.94 39.16
C GLU A 790 -7.29 -15.32 38.57
N ALA A 791 -8.39 -15.37 39.32
CA ALA A 791 -9.63 -14.75 38.85
C ALA A 791 -9.43 -13.26 38.59
N LEU A 792 -8.68 -12.57 39.47
CA LEU A 792 -8.39 -11.17 39.25
C LEU A 792 -7.63 -10.95 37.95
N CYS A 793 -6.68 -11.83 37.65
CA CYS A 793 -5.99 -11.75 36.36
C CYS A 793 -6.97 -11.88 35.20
N GLY A 794 -7.94 -12.79 35.32
CA GLY A 794 -8.96 -12.90 34.28
C GLY A 794 -9.78 -11.64 34.12
N ILE A 795 -10.19 -11.03 35.24
CA ILE A 795 -10.96 -9.79 35.20
C ILE A 795 -10.16 -8.70 34.49
N ALA A 796 -8.90 -8.53 34.88
CA ALA A 796 -8.06 -7.52 34.25
C ALA A 796 -7.90 -7.81 32.76
N GLU A 797 -7.79 -9.08 32.38
CA GLU A 797 -7.64 -9.43 30.98
C GLU A 797 -8.92 -9.21 30.19
N ALA A 798 -10.07 -9.12 30.86
CA ALA A 798 -11.32 -8.79 30.18
C ALA A 798 -11.53 -7.29 29.97
N THR A 799 -10.50 -6.48 30.21
CA THR A 799 -10.65 -5.02 30.15
C THR A 799 -10.86 -4.54 28.71
N GLN A 800 -11.84 -3.64 28.54
CA GLN A 800 -12.03 -2.93 27.28
C GLN A 800 -12.18 -1.44 27.54
N ILE A 801 -12.61 -0.69 26.52
CA ILE A 801 -12.72 0.76 26.66
C ILE A 801 -13.87 1.12 27.60
N ASP A 802 -14.96 0.37 27.53
CA ASP A 802 -16.11 0.61 28.41
C ASP A 802 -16.05 -0.20 29.70
N ASN A 803 -15.03 -1.04 29.88
CA ASN A 803 -14.91 -1.80 31.12
C ASN A 803 -14.21 -1.01 32.22
N VAL A 804 -13.26 -0.14 31.87
CA VAL A 804 -12.48 0.60 32.86
C VAL A 804 -13.40 1.48 33.70
N ALA A 805 -12.86 1.99 34.82
CA ALA A 805 -13.60 2.77 35.81
C ALA A 805 -14.65 1.93 36.54
N ILE A 806 -15.04 0.81 35.95
CA ILE A 806 -15.90 -0.18 36.60
C ILE A 806 -15.10 -1.39 37.04
N LEU A 807 -14.36 -2.00 36.11
CA LEU A 807 -13.47 -3.09 36.48
C LEU A 807 -12.32 -2.57 37.33
N PHE A 808 -11.82 -1.37 37.03
CA PHE A 808 -10.72 -0.80 37.78
C PHE A 808 -11.12 -0.53 39.23
N ASN A 809 -12.30 0.08 39.43
CA ASN A 809 -12.79 0.31 40.79
C ASN A 809 -13.01 -1.00 41.53
N PHE A 810 -13.28 -2.08 40.80
CA PHE A 810 -13.43 -3.39 41.42
C PHE A 810 -12.08 -3.99 41.80
N LEU A 811 -11.05 -3.74 41.01
CA LEU A 811 -9.74 -4.35 41.26
C LEU A 811 -8.92 -3.57 42.28
N MET A 812 -9.16 -2.27 42.42
CA MET A 812 -8.31 -1.45 43.30
C MET A 812 -8.36 -1.93 44.74
N ASP A 813 -9.55 -2.26 45.25
CA ASP A 813 -9.63 -2.79 46.61
C ASP A 813 -8.85 -4.08 46.75
N PHE A 814 -8.93 -4.96 45.75
CA PHE A 814 -8.15 -6.19 45.78
C PHE A 814 -6.66 -5.91 45.79
N LEU A 815 -6.22 -4.84 45.13
CA LEU A 815 -4.81 -4.45 45.20
C LEU A 815 -4.42 -4.00 46.60
N ASN A 816 -5.22 -3.10 47.18
CA ASN A 816 -4.92 -2.61 48.52
C ASN A 816 -4.91 -3.75 49.54
N ASN A 817 -5.71 -4.79 49.32
CA ASN A 817 -5.58 -5.98 50.17
C ASN A 817 -4.36 -6.82 49.81
N CYS A 818 -3.96 -6.79 48.54
CA CYS A 818 -2.76 -7.50 48.11
C CYS A 818 -1.49 -6.90 48.70
N ILE A 819 -1.55 -5.66 49.20
CA ILE A 819 -0.43 -5.12 49.97
C ILE A 819 -0.22 -5.95 51.23
N GLY A 820 -1.26 -6.07 52.05
CA GLY A 820 -1.18 -6.90 53.24
C GLY A 820 -0.88 -8.35 52.94
N LEU A 821 -1.41 -8.86 51.83
CA LEU A 821 -1.06 -10.23 51.41
C LEU A 821 0.43 -10.34 51.09
N MET A 822 1.00 -9.30 50.48
CA MET A 822 2.45 -9.28 50.26
C MET A 822 3.19 -9.31 51.58
N GLU A 823 2.66 -8.62 52.59
CA GLU A 823 3.31 -8.64 53.91
C GLU A 823 3.13 -9.98 54.61
N VAL A 824 2.07 -10.71 54.30
CA VAL A 824 1.79 -11.98 54.97
C VAL A 824 2.51 -13.15 54.31
N TYR A 825 2.57 -13.17 52.98
CA TYR A 825 3.23 -14.25 52.24
C TYR A 825 4.67 -13.92 51.90
N LYS A 826 5.43 -13.36 52.85
CA LYS A 826 6.83 -13.00 52.60
C LYS A 826 7.62 -14.16 52.02
N ASN A 827 7.63 -15.28 52.73
CA ASN A 827 8.45 -16.43 52.37
C ASN A 827 7.75 -17.39 51.42
N THR A 828 6.55 -17.06 50.95
CA THR A 828 5.86 -17.90 49.98
C THR A 828 6.12 -17.34 48.59
N PRO A 829 7.03 -17.93 47.80
CA PRO A 829 7.45 -17.28 46.55
C PRO A 829 6.36 -17.26 45.49
N GLU A 830 5.64 -18.37 45.33
CA GLU A 830 4.66 -18.47 44.25
C GLU A 830 3.52 -17.46 44.45
N THR A 831 3.11 -17.22 45.70
CA THR A 831 2.02 -16.29 45.95
C THR A 831 2.48 -14.84 45.76
N VAL A 832 3.69 -14.51 46.20
CA VAL A 832 4.24 -13.18 45.93
C VAL A 832 4.31 -12.94 44.42
N ASN A 833 4.87 -13.90 43.69
CA ASN A 833 4.96 -13.79 42.24
C ASN A 833 3.59 -13.62 41.61
N LEU A 834 2.59 -14.32 42.14
CA LEU A 834 1.24 -14.21 41.60
C LEU A 834 0.66 -12.82 41.85
N ILE A 835 0.84 -12.29 43.06
CA ILE A 835 0.35 -10.95 43.38
C ILE A 835 0.96 -9.92 42.43
N ILE A 836 2.30 -9.95 42.31
CA ILE A 836 2.96 -9.07 41.37
C ILE A 836 2.39 -9.26 39.97
N GLU A 837 2.02 -10.48 39.62
CA GLU A 837 1.46 -10.73 38.30
C GLU A 837 0.09 -10.06 38.13
N VAL A 838 -0.72 -10.01 39.19
CA VAL A 838 -2.00 -9.29 39.06
C VAL A 838 -1.74 -7.80 38.92
N PHE A 839 -0.76 -7.25 39.64
CA PHE A 839 -0.44 -5.83 39.45
C PHE A 839 0.04 -5.56 38.04
N VAL A 840 0.84 -6.47 37.48
CA VAL A 840 1.30 -6.34 36.09
C VAL A 840 0.11 -6.39 35.13
N GLU A 841 -0.84 -7.27 35.41
CA GLU A 841 -2.01 -7.41 34.54
C GLU A 841 -2.85 -6.13 34.54
N VAL A 842 -3.19 -5.64 35.73
CA VAL A 842 -4.02 -4.44 35.82
C VAL A 842 -3.30 -3.24 35.21
N ALA A 843 -2.02 -3.08 35.55
CA ALA A 843 -1.26 -1.94 35.04
C ALA A 843 -1.12 -1.99 33.53
N HIS A 844 -0.95 -3.20 32.97
CA HIS A 844 -0.75 -3.34 31.53
C HIS A 844 -2.07 -3.12 30.78
N LYS A 845 -3.15 -3.74 31.25
CA LYS A 845 -4.40 -3.72 30.50
C LYS A 845 -5.18 -2.41 30.67
N GLN A 846 -5.07 -1.76 31.84
CA GLN A 846 -5.99 -0.69 32.17
C GLN A 846 -5.39 0.71 32.17
N ILE A 847 -4.07 0.85 32.35
CA ILE A 847 -3.51 2.19 32.54
C ILE A 847 -3.64 3.04 31.28
N CYS A 848 -3.82 2.43 30.10
CA CYS A 848 -3.94 3.23 28.89
C CYS A 848 -5.29 3.93 28.81
N TYR A 849 -6.32 3.39 29.46
CA TYR A 849 -7.65 3.99 29.47
C TYR A 849 -7.92 4.84 30.69
N LEU A 850 -7.07 4.77 31.72
CA LEU A 850 -7.35 5.46 32.97
C LEU A 850 -7.13 6.96 32.84
N GLY A 851 -7.75 7.70 33.75
CA GLY A 851 -7.53 9.12 33.87
C GLY A 851 -6.27 9.41 34.65
N GLU A 852 -6.23 10.60 35.26
CA GLU A 852 -5.07 10.99 36.05
C GLU A 852 -5.17 10.57 37.51
N SER A 853 -6.34 10.79 38.14
CA SER A 853 -6.49 10.44 39.55
C SER A 853 -6.41 8.93 39.76
N LYS A 854 -7.13 8.16 38.94
CA LYS A 854 -7.07 6.71 39.04
C LYS A 854 -5.65 6.20 38.82
N ALA A 855 -4.96 6.73 37.82
CA ALA A 855 -3.57 6.35 37.59
C ALA A 855 -2.68 6.73 38.76
N MET A 856 -3.02 7.80 39.47
CA MET A 856 -2.27 8.14 40.68
C MET A 856 -2.51 7.11 41.78
N HIS A 857 -3.75 6.66 41.95
CA HIS A 857 -4.02 5.62 42.94
C HIS A 857 -3.27 4.33 42.59
N LEU A 858 -3.29 3.95 41.31
CA LEU A 858 -2.56 2.75 40.88
C LEU A 858 -1.06 2.92 41.12
N TYR A 859 -0.54 4.13 40.87
CA TYR A 859 0.87 4.40 41.13
C TYR A 859 1.19 4.25 42.61
N GLU A 860 0.34 4.78 43.49
CA GLU A 860 0.57 4.65 44.91
C GLU A 860 0.54 3.19 45.36
N ALA A 861 -0.42 2.42 44.83
CA ALA A 861 -0.49 1.00 45.18
C ALA A 861 0.77 0.26 44.74
N CYS A 862 1.22 0.50 43.50
CA CYS A 862 2.42 -0.17 43.02
C CYS A 862 3.65 0.23 43.82
N LEU A 863 3.78 1.52 44.14
CA LEU A 863 4.91 1.97 44.94
C LEU A 863 4.92 1.32 46.32
N THR A 864 3.74 1.23 46.95
CA THR A 864 3.66 0.58 48.26
C THR A 864 4.02 -0.90 48.17
N LEU A 865 3.52 -1.59 47.15
CA LEU A 865 3.84 -3.00 46.97
C LEU A 865 5.35 -3.21 46.81
N LEU A 866 5.99 -2.39 45.96
CA LEU A 866 7.43 -2.49 45.81
C LEU A 866 8.16 -2.14 47.11
N GLN A 867 7.59 -1.24 47.92
CA GLN A 867 8.19 -0.96 49.22
C GLN A 867 8.15 -2.19 50.13
N VAL A 868 7.03 -2.90 50.15
CA VAL A 868 6.94 -4.10 50.98
C VAL A 868 7.89 -5.17 50.48
N TYR A 869 7.89 -5.42 49.17
CA TYR A 869 8.78 -6.44 48.60
C TYR A 869 10.24 -6.12 48.89
N SER A 870 10.65 -4.86 48.70
CA SER A 870 12.02 -4.47 48.97
C SER A 870 12.35 -4.62 50.45
N LYS A 871 11.38 -4.29 51.32
CA LYS A 871 11.63 -4.41 52.75
C LYS A 871 11.82 -5.85 53.17
N ASN A 872 11.08 -6.78 52.56
CA ASN A 872 11.20 -8.18 52.95
C ASN A 872 12.33 -8.92 52.25
N ASN A 873 12.82 -8.42 51.11
CA ASN A 873 13.84 -9.12 50.34
C ASN A 873 15.18 -8.39 50.31
N LEU A 874 15.36 -7.34 51.12
CA LEU A 874 16.57 -6.54 51.07
C LEU A 874 17.83 -7.36 51.33
N GLY A 875 18.06 -7.72 52.59
CA GLY A 875 19.27 -8.45 52.96
C GLY A 875 19.04 -9.93 53.19
N ARG A 876 18.11 -10.52 52.47
CA ARG A 876 17.77 -11.93 52.63
C ARG A 876 18.71 -12.80 51.78
N GLN A 877 19.26 -13.84 52.40
CA GLN A 877 20.13 -14.80 51.73
C GLN A 877 19.57 -16.20 51.88
N ARG A 878 19.50 -16.94 50.77
CA ARG A 878 18.93 -18.27 50.72
C ARG A 878 19.99 -19.28 50.30
N ILE A 879 19.67 -20.56 50.44
CA ILE A 879 20.62 -21.63 50.15
C ILE A 879 20.55 -22.01 48.67
N ASP A 880 19.63 -22.92 48.34
CA ASP A 880 19.60 -23.53 47.01
C ASP A 880 18.16 -23.62 46.51
N VAL A 881 17.76 -24.84 46.10
CA VAL A 881 16.44 -25.17 45.57
C VAL A 881 15.89 -24.07 44.68
N THR A 882 16.74 -23.54 43.80
CA THR A 882 16.36 -22.55 42.78
C THR A 882 15.76 -21.29 43.40
N ALA A 883 16.53 -20.70 44.31
CA ALA A 883 16.16 -19.38 44.84
C ALA A 883 16.44 -18.28 43.82
N GLU A 884 17.57 -18.39 43.13
CA GLU A 884 17.91 -17.45 42.06
C GLU A 884 16.81 -17.45 40.99
N GLU A 885 16.24 -18.62 40.72
CA GLU A 885 15.13 -18.71 39.78
C GLU A 885 13.93 -17.88 40.25
N GLU A 886 13.55 -18.05 41.51
CA GLU A 886 12.35 -17.38 42.02
C GLU A 886 12.53 -15.87 42.09
N GLN A 887 13.69 -15.42 42.57
CA GLN A 887 13.94 -13.98 42.57
C GLN A 887 14.05 -13.45 41.15
N TYR A 888 14.53 -14.28 40.21
CA TYR A 888 14.56 -13.88 38.81
C TYR A 888 13.14 -13.64 38.28
N GLN A 889 12.22 -14.56 38.58
CA GLN A 889 10.83 -14.38 38.14
C GLN A 889 10.23 -13.13 38.75
N ASP A 890 10.37 -12.96 40.07
CA ASP A 890 9.82 -11.79 40.74
C ASP A 890 10.36 -10.49 40.13
N LEU A 891 11.69 -10.41 39.97
CA LEU A 891 12.28 -9.20 39.40
C LEU A 891 11.82 -8.97 37.97
N LEU A 892 11.60 -10.03 37.20
CA LEU A 892 11.10 -9.87 35.83
C LEU A 892 9.72 -9.23 35.83
N LEU A 893 8.81 -9.76 36.65
CA LEU A 893 7.47 -9.17 36.74
C LEU A 893 7.52 -7.73 37.24
N ILE A 894 8.39 -7.44 38.22
CA ILE A 894 8.52 -6.07 38.71
C ILE A 894 8.99 -5.13 37.61
N MET A 895 9.97 -5.58 36.82
CA MET A 895 10.47 -4.76 35.71
C MET A 895 9.35 -4.47 34.71
N GLU A 896 8.53 -5.48 34.40
CA GLU A 896 7.40 -5.23 33.52
C GLU A 896 6.41 -4.26 34.14
N LEU A 897 6.24 -4.31 35.47
CA LEU A 897 5.34 -3.38 36.14
C LEU A 897 5.84 -1.95 36.01
N LEU A 898 7.13 -1.72 36.19
CA LEU A 898 7.67 -0.38 36.05
C LEU A 898 7.58 0.11 34.60
N THR A 899 7.78 -0.80 33.64
CA THR A 899 7.63 -0.41 32.23
C THR A 899 6.20 0.04 31.93
N ASN A 900 5.21 -0.80 32.25
CA ASN A 900 3.83 -0.38 32.03
C ASN A 900 3.48 0.86 32.86
N LEU A 901 4.20 1.11 33.96
CA LEU A 901 4.00 2.35 34.69
C LEU A 901 4.57 3.53 33.94
N LEU A 902 5.57 3.31 33.09
CA LEU A 902 6.10 4.35 32.23
C LEU A 902 5.35 4.45 30.90
N SER A 903 4.39 3.56 30.66
CA SER A 903 3.55 3.66 29.46
C SER A 903 2.91 5.04 29.34
N LYS A 904 2.13 5.44 30.34
CA LYS A 904 1.45 6.73 30.31
C LYS A 904 2.43 7.88 30.57
N VAL A 911 4.25 13.34 40.77
CA VAL A 911 3.29 14.00 39.90
C VAL A 911 3.83 14.03 38.48
N SER A 912 5.15 13.90 38.34
CA SER A 912 5.83 13.98 37.05
C SER A 912 5.80 12.65 36.28
N ALA A 913 4.89 11.75 36.66
CA ALA A 913 4.64 10.50 35.94
C ALA A 913 5.80 9.51 36.01
N ALA A 914 7.03 10.00 36.08
CA ALA A 914 8.21 9.14 36.08
C ALA A 914 8.95 9.13 37.41
N ASP A 915 8.51 9.93 38.39
CA ASP A 915 9.19 9.91 39.68
C ASP A 915 8.94 8.60 40.42
N VAL A 916 7.70 8.09 40.37
CA VAL A 916 7.37 6.84 41.03
C VAL A 916 8.19 5.69 40.46
N VAL A 917 8.49 5.76 39.16
CA VAL A 917 9.35 4.74 38.55
C VAL A 917 10.76 4.85 39.10
N LEU A 918 11.23 6.07 39.35
CA LEU A 918 12.55 6.25 39.96
C LEU A 918 12.56 5.67 41.37
N TYR A 919 11.48 5.86 42.14
CA TYR A 919 11.39 5.23 43.44
C TYR A 919 11.41 3.71 43.31
N GLY A 920 10.78 3.19 42.24
CA GLY A 920 10.76 1.75 42.05
C GLY A 920 12.13 1.17 41.76
N VAL A 921 12.81 1.69 40.74
CA VAL A 921 14.14 1.21 40.40
C VAL A 921 15.11 1.47 41.55
N ASN A 922 14.87 2.51 42.34
CA ASN A 922 15.67 2.73 43.54
C ASN A 922 15.42 1.63 44.57
N LEU A 923 14.19 1.16 44.67
CA LEU A 923 13.87 0.14 45.66
C LEU A 923 14.42 -1.23 45.25
N ILE A 924 14.32 -1.59 43.97
CA ILE A 924 14.71 -2.94 43.54
C ILE A 924 16.13 -2.99 42.99
N LEU A 925 16.82 -1.86 42.86
CA LEU A 925 18.17 -1.88 42.33
C LEU A 925 19.15 -2.70 43.18
N PRO A 926 19.16 -2.60 44.52
CA PRO A 926 20.08 -3.44 45.30
C PRO A 926 19.84 -4.94 45.12
N LEU A 927 18.67 -5.34 44.61
CA LEU A 927 18.39 -6.74 44.35
C LEU A 927 19.02 -7.24 43.06
N MET A 928 19.57 -6.34 42.24
CA MET A 928 20.12 -6.68 40.93
C MET A 928 21.57 -7.16 41.10
N SER A 929 21.72 -8.46 41.34
CA SER A 929 23.06 -9.02 41.48
C SER A 929 23.69 -9.26 40.11
N GLN A 930 25.01 -9.43 40.11
CA GLN A 930 25.71 -9.70 38.86
C GLN A 930 25.29 -11.02 38.24
N ASP A 931 24.90 -11.99 39.07
CA ASP A 931 24.43 -13.27 38.56
C ASP A 931 23.01 -13.16 38.00
N LEU A 932 22.18 -12.26 38.54
CA LEU A 932 20.83 -12.09 38.00
C LEU A 932 20.85 -11.40 36.64
N LEU A 933 21.89 -10.61 36.36
CA LEU A 933 22.04 -10.05 35.03
C LEU A 933 22.50 -11.08 34.00
N LYS A 934 22.94 -12.26 34.45
CA LYS A 934 23.23 -13.35 33.53
C LYS A 934 21.97 -14.01 32.98
N PHE A 935 20.80 -13.67 33.51
CA PHE A 935 19.55 -14.06 32.86
C PHE A 935 19.29 -13.05 31.75
N PRO A 936 19.47 -13.43 30.48
CA PRO A 936 19.43 -12.42 29.40
C PRO A 936 18.10 -11.68 29.30
N THR A 937 16.98 -12.32 29.62
CA THR A 937 15.70 -11.63 29.57
C THR A 937 15.64 -10.52 30.63
N LEU A 938 15.96 -10.86 31.88
CA LEU A 938 15.96 -9.86 32.94
C LEU A 938 16.96 -8.74 32.65
N CYS A 939 18.13 -9.09 32.11
CA CYS A 939 19.13 -8.08 31.78
C CYS A 939 18.60 -7.11 30.73
N ASN A 940 18.02 -7.66 29.65
CA ASN A 940 17.49 -6.81 28.59
C ASN A 940 16.37 -5.91 29.10
N GLN A 941 15.48 -6.45 29.94
CA GLN A 941 14.39 -5.63 30.46
C GLN A 941 14.92 -4.52 31.35
N TYR A 942 15.86 -4.85 32.25
CA TYR A 942 16.42 -3.85 33.15
C TYR A 942 17.12 -2.73 32.38
N TYR A 943 17.96 -3.09 31.41
CA TYR A 943 18.69 -2.07 30.68
C TYR A 943 17.78 -1.28 29.75
N LYS A 944 16.76 -1.90 29.16
CA LYS A 944 15.76 -1.15 28.42
C LYS A 944 15.08 -0.12 29.31
N LEU A 945 14.74 -0.51 30.54
CA LEU A 945 14.04 0.40 31.45
C LEU A 945 14.94 1.57 31.84
N ILE A 946 16.13 1.28 32.38
CA ILE A 946 16.96 2.37 32.87
C ILE A 946 17.48 3.25 31.74
N THR A 947 17.73 2.67 30.56
CA THR A 947 18.15 3.50 29.44
C THR A 947 17.00 4.36 28.93
N PHE A 948 15.78 3.82 28.95
CA PHE A 948 14.62 4.65 28.63
C PHE A 948 14.46 5.79 29.62
N ILE A 949 14.79 5.56 30.90
CA ILE A 949 14.71 6.63 31.88
C ILE A 949 15.83 7.64 31.68
N CYS A 950 16.98 7.20 31.18
CA CYS A 950 18.08 8.14 30.98
C CYS A 950 17.90 8.97 29.72
N GLU A 951 17.32 8.40 28.67
CA GLU A 951 17.09 9.15 27.42
C GLU A 951 15.94 10.14 27.59
N ILE A 952 14.77 9.64 27.95
CA ILE A 952 13.60 10.48 28.19
C ILE A 952 13.56 10.83 29.68
N PHE A 953 13.36 12.11 29.98
CA PHE A 953 13.47 12.67 31.33
C PHE A 953 14.88 12.45 31.89
N PRO A 954 15.91 13.07 31.30
CA PRO A 954 17.27 12.94 31.87
C PRO A 954 17.53 13.89 33.02
N GLU A 955 16.69 14.91 33.21
CA GLU A 955 16.93 15.92 34.23
C GLU A 955 16.82 15.37 35.64
N LYS A 956 16.06 14.28 35.83
CA LYS A 956 15.84 13.72 37.15
C LYS A 956 16.99 12.85 37.63
N ILE A 957 18.00 12.62 36.79
CA ILE A 957 19.11 11.74 37.13
C ILE A 957 20.06 12.43 38.12
N PRO A 958 20.49 13.69 37.89
CA PRO A 958 21.34 14.34 38.90
C PRO A 958 20.62 14.56 40.22
N GLN A 959 19.30 14.62 40.22
CA GLN A 959 18.53 14.83 41.45
C GLN A 959 18.36 13.55 42.26
N LEU A 960 18.99 12.46 41.86
CA LEU A 960 18.93 11.21 42.60
C LEU A 960 19.97 11.20 43.71
N PRO A 961 19.78 10.34 44.73
CA PRO A 961 20.77 10.26 45.81
C PRO A 961 22.13 9.73 45.34
N GLU A 962 23.06 9.57 46.27
CA GLU A 962 24.42 9.17 45.90
C GLU A 962 24.47 7.73 45.42
N ASP A 963 23.92 6.80 46.22
CA ASP A 963 24.01 5.38 45.87
C ASP A 963 23.22 5.07 44.60
N LEU A 964 22.08 5.76 44.41
CA LEU A 964 21.31 5.57 43.19
C LEU A 964 22.11 6.01 41.97
N PHE A 965 22.71 7.20 42.04
CA PHE A 965 23.48 7.71 40.90
C PHE A 965 24.68 6.81 40.62
N LYS A 966 25.35 6.33 41.67
CA LYS A 966 26.53 5.49 41.48
C LYS A 966 26.12 4.14 40.88
N SER A 967 25.00 3.58 41.34
CA SER A 967 24.52 2.31 40.80
C SER A 967 24.14 2.46 39.33
N LEU A 968 23.51 3.57 38.96
CA LEU A 968 23.15 3.78 37.56
C LEU A 968 24.39 3.94 36.69
N MET A 969 25.33 4.79 37.11
CA MET A 969 26.53 5.00 36.31
C MET A 969 27.34 3.72 36.16
N TYR A 970 27.47 2.95 37.25
CA TYR A 970 28.15 1.66 37.16
C TYR A 970 27.41 0.70 36.25
N SER A 971 26.08 0.74 36.24
CA SER A 971 25.31 -0.09 35.33
C SER A 971 25.56 0.30 33.88
N LEU A 972 25.69 1.59 33.60
CA LEU A 972 25.96 2.03 32.24
C LEU A 972 27.37 1.62 31.81
N GLU A 973 28.36 1.84 32.67
CA GLU A 973 29.72 1.44 32.34
C GLU A 973 29.81 -0.06 32.12
N LEU A 974 29.15 -0.86 32.96
CA LEU A 974 29.16 -2.30 32.77
C LEU A 974 28.44 -2.71 31.49
N GLY A 975 27.38 -1.98 31.13
CA GLY A 975 26.67 -2.29 29.90
C GLY A 975 27.48 -1.96 28.65
N MET A 976 28.30 -0.91 28.72
CA MET A 976 29.13 -0.53 27.58
C MET A 976 30.34 -1.44 27.46
N THR A 977 31.02 -1.70 28.58
CA THR A 977 32.27 -2.45 28.56
C THR A 977 32.07 -3.95 28.37
N SER A 978 30.91 -4.50 28.73
CA SER A 978 30.72 -5.94 28.64
C SER A 978 29.27 -6.21 28.22
N MET A 979 28.81 -7.44 28.47
CA MET A 979 27.47 -7.90 28.17
C MET A 979 27.12 -7.75 26.70
N SER A 980 25.84 -7.64 26.38
CA SER A 980 25.38 -7.77 25.01
C SER A 980 25.65 -6.51 24.20
N SER A 981 25.62 -6.67 22.88
CA SER A 981 25.75 -5.53 21.98
C SER A 981 24.49 -4.68 21.98
N GLU A 982 23.32 -5.30 22.11
CA GLU A 982 22.09 -4.53 22.26
C GLU A 982 22.12 -3.68 23.53
N VAL A 983 22.64 -4.25 24.62
CA VAL A 983 22.78 -3.49 25.86
C VAL A 983 23.77 -2.35 25.70
N CYS A 984 24.92 -2.63 25.07
CA CYS A 984 25.93 -1.60 24.85
C CYS A 984 25.37 -0.46 24.00
N GLN A 985 24.63 -0.79 22.94
CA GLN A 985 24.02 0.24 22.12
C GLN A 985 22.95 1.01 22.88
N LEU A 986 22.23 0.33 23.77
CA LEU A 986 21.24 1.03 24.60
C LEU A 986 21.90 2.03 25.52
N CYS A 987 23.02 1.65 26.14
CA CYS A 987 23.75 2.56 27.00
C CYS A 987 24.32 3.73 26.21
N LEU A 988 24.96 3.44 25.07
CA LEU A 988 25.50 4.52 24.24
C LEU A 988 24.40 5.47 23.79
N GLU A 989 23.20 4.93 23.54
CA GLU A 989 22.06 5.77 23.23
C GLU A 989 21.61 6.56 24.45
N ALA A 990 21.88 6.06 25.65
CA ALA A 990 21.52 6.81 26.86
C ALA A 990 22.57 7.85 27.25
N LEU A 991 23.78 7.78 26.69
CA LEU A 991 24.81 8.75 27.03
C LEU A 991 24.59 10.09 26.34
N THR A 992 24.04 10.09 25.12
CA THR A 992 23.91 11.36 24.40
C THR A 992 22.90 12.30 25.05
N PRO A 993 21.70 11.87 25.44
CA PRO A 993 20.81 12.77 26.17
C PRO A 993 21.18 12.98 27.63
N LEU A 994 22.33 12.45 28.07
CA LEU A 994 22.83 12.63 29.42
C LEU A 994 24.02 13.56 29.46
N ALA A 995 24.54 13.99 28.31
CA ALA A 995 25.66 14.93 28.27
C ALA A 995 25.23 16.34 28.62
N GLU A 996 23.98 16.70 28.30
CA GLU A 996 23.47 18.03 28.62
C GLU A 996 22.98 18.07 30.07
N LEU A 1008 28.26 14.71 39.42
CA LEU A 1008 27.42 14.70 38.23
C LEU A 1008 28.26 14.64 36.96
N PHE A 1009 29.09 15.67 36.78
CA PHE A 1009 29.95 15.76 35.60
C PHE A 1009 31.14 14.81 35.67
N LEU A 1010 31.41 14.21 36.83
CA LEU A 1010 32.58 13.34 36.94
C LEU A 1010 32.35 12.02 36.23
N ALA A 1011 31.16 11.44 36.37
CA ALA A 1011 30.85 10.21 35.65
C ALA A 1011 30.77 10.46 34.15
N THR A 1012 30.28 11.64 33.75
CA THR A 1012 30.23 11.98 32.34
C THR A 1012 31.63 12.17 31.78
N ARG A 1013 32.56 12.67 32.59
CA ARG A 1013 33.95 12.76 32.16
C ARG A 1013 34.59 11.38 32.12
N HIS A 1014 34.15 10.47 32.99
CA HIS A 1014 34.64 9.10 32.97
C HIS A 1014 34.16 8.36 31.72
N PHE A 1015 32.98 8.73 31.21
CA PHE A 1015 32.48 8.06 30.01
C PHE A 1015 33.35 8.36 28.78
N LEU A 1016 33.99 9.53 28.75
CA LEU A 1016 34.78 9.90 27.58
C LEU A 1016 35.93 8.93 27.35
N LYS A 1017 36.59 8.51 28.43
CA LYS A 1017 37.66 7.52 28.30
C LYS A 1017 37.12 6.20 27.76
N LEU A 1018 35.96 5.77 28.26
CA LEU A 1018 35.39 4.49 27.84
C LEU A 1018 34.99 4.52 26.37
N VAL A 1019 34.32 5.59 25.93
CA VAL A 1019 33.94 5.68 24.53
C VAL A 1019 35.17 5.84 23.65
N PHE A 1020 36.21 6.51 24.15
CA PHE A 1020 37.45 6.60 23.39
C PHE A 1020 38.09 5.23 23.22
N ASP A 1021 38.01 4.39 24.25
CA ASP A 1021 38.53 3.04 24.13
C ASP A 1021 37.64 2.17 23.25
N MET A 1022 36.35 2.48 23.18
CA MET A 1022 35.43 1.71 22.34
C MET A 1022 35.77 1.88 20.86
N LEU A 1023 36.15 3.09 20.44
CA LEU A 1023 36.41 3.39 19.05
C LEU A 1023 37.90 3.58 18.76
N VAL A 1024 38.54 4.53 19.42
CA VAL A 1024 39.93 4.87 19.10
C VAL A 1024 40.87 3.71 19.45
N LEU A 1025 40.54 2.92 20.48
CA LEU A 1025 41.40 1.81 20.86
C LEU A 1025 41.11 0.58 20.01
N GLN A 1026 40.04 -0.13 20.33
CA GLN A 1026 39.68 -1.35 19.60
C GLN A 1026 38.40 -1.16 18.80
N ASN A 1029 33.68 -3.72 23.86
CA ASN A 1029 33.11 -4.20 22.61
C ASN A 1029 33.79 -3.54 21.41
N THR A 1030 33.56 -4.10 20.21
CA THR A 1030 34.18 -3.63 18.99
C THR A 1030 33.15 -3.25 17.93
N GLU A 1031 31.90 -3.07 18.32
CA GLU A 1031 30.84 -2.77 17.36
C GLU A 1031 30.82 -1.28 17.05
N MET A 1032 30.97 -0.95 15.76
CA MET A 1032 30.85 0.43 15.32
C MET A 1032 29.38 0.78 15.14
N THR A 1033 28.96 1.91 15.71
CA THR A 1033 27.55 2.29 15.73
C THR A 1033 27.43 3.78 15.53
N THR A 1034 26.29 4.19 14.93
CA THR A 1034 25.98 5.61 14.81
C THR A 1034 25.78 6.25 16.18
N ALA A 1035 25.09 5.54 17.08
CA ALA A 1035 24.94 6.04 18.44
C ALA A 1035 26.27 6.17 19.16
N ALA A 1036 27.20 5.25 18.89
CA ALA A 1036 28.54 5.38 19.45
C ALA A 1036 29.23 6.63 18.94
N GLY A 1037 29.02 6.97 17.66
CA GLY A 1037 29.60 8.20 17.13
C GLY A 1037 28.96 9.45 17.69
N GLU A 1038 27.64 9.42 17.90
CA GLU A 1038 26.96 10.58 18.48
C GLU A 1038 27.38 10.81 19.93
N ALA A 1039 27.42 9.74 20.74
CA ALA A 1039 27.88 9.87 22.11
C ALA A 1039 29.35 10.28 22.16
N PHE A 1040 30.17 9.73 21.26
CA PHE A 1040 31.56 10.16 21.18
C PHE A 1040 31.67 11.64 20.86
N TYR A 1041 30.86 12.13 19.92
CA TYR A 1041 30.91 13.54 19.56
C TYR A 1041 30.54 14.42 20.74
N THR A 1042 29.39 14.14 21.37
CA THR A 1042 28.95 14.98 22.47
C THR A 1042 29.96 14.95 23.62
N LEU A 1043 30.49 13.76 23.94
CA LEU A 1043 31.47 13.69 25.01
C LEU A 1043 32.81 14.31 24.62
N VAL A 1044 33.10 14.44 23.33
CA VAL A 1044 34.33 15.10 22.91
C VAL A 1044 34.21 16.60 23.01
N CYS A 1045 33.09 17.16 22.52
CA CYS A 1045 32.88 18.59 22.59
C CYS A 1045 32.60 19.08 24.01
N LEU A 1046 32.11 18.20 24.88
CA LEU A 1046 31.92 18.56 26.28
C LEU A 1046 33.24 18.90 26.95
N TYR A 1047 34.05 17.90 27.23
CA TYR A 1047 35.31 18.06 27.94
C TYR A 1047 36.45 17.90 26.94
N GLN A 1048 36.81 19.00 26.29
CA GLN A 1048 37.89 18.97 25.31
C GLN A 1048 39.26 18.82 25.97
N ALA A 1049 39.37 19.10 27.26
CA ALA A 1049 40.67 19.00 27.93
C ALA A 1049 41.07 17.54 28.11
N GLU A 1050 40.15 16.72 28.62
CA GLU A 1050 40.43 15.29 28.73
C GLU A 1050 40.55 14.66 27.34
N TYR A 1051 39.91 15.25 26.34
CA TYR A 1051 40.00 14.74 24.98
C TYR A 1051 41.40 14.96 24.40
N SER A 1052 41.91 16.19 24.50
CA SER A 1052 43.27 16.45 24.04
C SER A 1052 44.27 15.67 24.89
N GLU A 1053 43.96 15.45 26.17
CA GLU A 1053 44.83 14.65 27.02
C GLU A 1053 44.94 13.21 26.51
N LEU A 1054 43.79 12.61 26.16
CA LEU A 1054 43.82 11.23 25.69
C LEU A 1054 44.43 11.13 24.28
N VAL A 1055 44.09 12.07 23.40
CA VAL A 1055 44.63 12.04 22.04
C VAL A 1055 46.14 12.21 22.06
N GLU A 1056 46.62 13.21 22.81
CA GLU A 1056 48.06 13.42 22.91
C GLU A 1056 48.74 12.28 23.64
N THR A 1057 48.06 11.67 24.62
CA THR A 1057 48.64 10.52 25.32
C THR A 1057 48.82 9.34 24.38
N LEU A 1058 47.88 9.15 23.45
CA LEU A 1058 48.03 8.07 22.48
C LEU A 1058 49.09 8.42 21.44
N LEU A 1059 49.12 9.68 21.00
CA LEU A 1059 50.10 10.09 20.00
C LEU A 1059 51.52 10.09 20.55
N SER A 1060 51.69 10.15 21.87
CA SER A 1060 53.03 10.10 22.44
C SER A 1060 53.53 8.67 22.61
N SER A 1061 52.64 7.71 22.82
CA SER A 1061 53.02 6.33 23.11
C SER A 1061 53.22 5.49 21.86
N GLN A 1062 53.37 6.12 20.69
CA GLN A 1062 53.52 5.38 19.45
C GLN A 1062 54.98 4.97 19.25
N GLN A 1063 55.19 4.07 18.28
CA GLN A 1063 56.52 3.51 18.05
C GLN A 1063 57.24 4.19 16.89
N ASP A 1064 56.83 3.85 15.66
CA ASP A 1064 57.45 4.39 14.44
C ASP A 1064 56.68 5.62 13.96
N PRO A 1065 57.36 6.72 13.65
CA PRO A 1065 56.67 7.96 13.29
C PRO A 1065 55.79 7.85 12.06
N VAL A 1066 55.93 6.79 11.26
CA VAL A 1066 55.07 6.62 10.09
C VAL A 1066 53.62 6.49 10.53
N ILE A 1067 53.39 5.81 11.66
CA ILE A 1067 52.04 5.71 12.21
C ILE A 1067 51.66 7.02 12.90
N TYR A 1068 52.62 7.68 13.53
CA TYR A 1068 52.35 8.95 14.20
C TYR A 1068 51.87 10.01 13.23
N GLN A 1069 52.36 9.98 11.99
CA GLN A 1069 51.98 11.00 11.01
C GLN A 1069 50.52 10.85 10.60
N ARG A 1070 50.10 9.62 10.25
CA ARG A 1070 48.73 9.42 9.81
C ARG A 1070 47.74 9.45 10.97
N LEU A 1071 48.17 9.02 12.17
CA LEU A 1071 47.36 9.26 13.36
C LEU A 1071 47.19 10.74 13.62
N ALA A 1072 48.26 11.52 13.41
CA ALA A 1072 48.20 12.96 13.62
C ALA A 1072 47.25 13.62 12.64
N ASP A 1073 47.38 13.29 11.35
CA ASP A 1073 46.45 13.83 10.36
C ASP A 1073 45.02 13.39 10.66
N ALA A 1074 44.84 12.19 11.17
CA ALA A 1074 43.50 11.68 11.45
C ALA A 1074 42.86 12.43 12.61
N PHE A 1075 43.55 12.52 13.74
CA PHE A 1075 43.02 13.25 14.89
C PHE A 1075 42.86 14.73 14.61
N ASN A 1076 43.78 15.31 13.82
CA ASN A 1076 43.62 16.70 13.40
C ASN A 1076 42.36 16.87 12.56
N LYS A 1077 42.10 15.94 11.65
CA LYS A 1077 40.86 15.98 10.89
C LYS A 1077 39.65 15.72 11.76
N LEU A 1078 39.83 15.09 12.91
CA LEU A 1078 38.72 14.92 13.85
C LEU A 1078 38.43 16.22 14.59
N THR A 1079 39.47 16.91 15.08
CA THR A 1079 39.25 18.17 15.78
C THR A 1079 38.85 19.28 14.82
N ALA A 1080 39.15 19.15 13.53
CA ALA A 1080 38.80 20.19 12.57
C ALA A 1080 37.29 20.24 12.34
N SER A 1081 36.65 19.07 12.28
CA SER A 1081 35.20 19.02 12.08
C SER A 1081 34.44 19.26 13.36
N SER A 1082 35.03 18.94 14.51
CA SER A 1082 34.35 19.15 15.79
C SER A 1082 34.12 20.64 16.06
N THR A 1083 35.22 21.43 16.04
CA THR A 1083 35.30 22.86 16.34
C THR A 1083 34.13 23.33 17.19
N PRO A 1084 34.21 23.21 18.53
CA PRO A 1084 33.20 23.28 19.57
C PRO A 1084 31.82 23.76 19.11
N ASP A 1088 26.25 19.19 17.30
CA ASP A 1088 24.82 19.01 17.51
C ASP A 1088 24.18 18.38 16.27
N ARG A 1089 23.67 19.24 15.39
CA ARG A 1089 23.19 18.80 14.08
C ARG A 1089 24.30 19.00 13.05
N LYS A 1090 24.41 20.22 12.51
CA LYS A 1090 25.46 20.51 11.55
C LYS A 1090 26.85 20.33 12.14
N GLN A 1091 26.99 20.54 13.46
CA GLN A 1091 28.29 20.39 14.09
C GLN A 1091 28.68 18.93 14.26
N LYS A 1092 27.71 18.03 14.41
CA LYS A 1092 27.97 16.61 14.55
C LYS A 1092 27.76 15.83 13.27
N MET A 1093 26.91 16.32 12.36
CA MET A 1093 26.69 15.63 11.09
C MET A 1093 28.00 15.45 10.33
N ALA A 1094 28.82 16.51 10.29
CA ALA A 1094 30.14 16.38 9.67
C ALA A 1094 31.09 15.59 10.57
N PHE A 1095 30.87 15.64 11.89
CA PHE A 1095 31.71 14.85 12.80
C PHE A 1095 31.45 13.36 12.63
N LEU A 1096 30.25 12.99 12.18
CA LEU A 1096 29.95 11.58 11.93
C LEU A 1096 30.66 11.09 10.67
N LYS A 1097 30.60 11.88 9.60
CA LYS A 1097 31.30 11.49 8.37
C LYS A 1097 32.80 11.49 8.57
N SER A 1098 33.32 12.47 9.32
CA SER A 1098 34.75 12.49 9.61
C SER A 1098 35.14 11.36 10.55
N LEU A 1099 34.22 10.90 11.40
CA LEU A 1099 34.48 9.71 12.19
C LEU A 1099 34.45 8.45 11.34
N GLU A 1100 33.64 8.45 10.27
CA GLU A 1100 33.64 7.32 9.34
C GLU A 1100 34.95 7.27 8.56
N GLU A 1101 35.40 8.41 8.06
CA GLU A 1101 36.71 8.47 7.39
C GLU A 1101 37.83 8.10 8.36
N PHE A 1102 37.72 8.56 9.61
CA PHE A 1102 38.71 8.20 10.63
C PHE A 1102 38.77 6.70 10.85
N MET A 1103 37.60 6.06 11.03
CA MET A 1103 37.57 4.62 11.22
C MET A 1103 38.09 3.89 9.99
N ALA A 1104 37.79 4.41 8.80
CA ALA A 1104 38.27 3.79 7.57
C ALA A 1104 39.74 4.06 7.33
N ASN A 1105 40.36 4.98 8.06
CA ASN A 1105 41.78 5.26 7.95
C ASN A 1105 42.56 4.91 9.22
N VAL A 1106 41.89 4.78 10.36
CA VAL A 1106 42.54 4.40 11.61
C VAL A 1106 42.13 3.03 12.09
N GLY A 1107 41.03 2.47 11.59
CA GLY A 1107 40.58 1.15 11.99
C GLY A 1107 41.60 0.06 11.72
N GLY A 1108 42.47 0.25 10.73
CA GLY A 1108 43.52 -0.70 10.49
C GLY A 1108 44.66 -0.58 11.48
N LEU A 1109 45.01 0.64 11.87
CA LEU A 1109 46.23 0.92 12.63
C LEU A 1109 46.34 0.16 13.94
N LEU A 1110 45.33 -0.63 14.28
CA LEU A 1110 45.33 -1.44 15.49
C LEU A 1110 46.57 -2.33 15.59
N PRO B 3 38.66 -50.52 16.97
CA PRO B 3 38.47 -49.36 16.10
C PRO B 3 37.14 -48.67 16.32
N GLN B 4 37.09 -47.77 17.31
CA GLN B 4 35.84 -47.11 17.65
C GLN B 4 35.37 -46.19 16.53
N VAL B 5 34.06 -46.20 16.28
CA VAL B 5 33.45 -45.41 15.23
C VAL B 5 33.12 -44.04 15.81
N GLN B 6 33.84 -43.01 15.38
CA GLN B 6 33.67 -41.67 15.89
C GLN B 6 33.82 -40.65 14.78
N PHE B 7 33.08 -39.54 14.91
CA PHE B 7 33.08 -38.47 13.93
C PHE B 7 33.28 -37.13 14.63
N LYS B 8 33.93 -36.21 13.93
CA LYS B 8 34.10 -34.84 14.42
C LYS B 8 32.94 -33.99 13.93
N LEU B 9 32.22 -33.39 14.88
CA LEU B 9 31.11 -32.50 14.61
C LEU B 9 31.47 -31.12 15.13
N VAL B 10 31.28 -30.10 14.30
CA VAL B 10 31.53 -28.71 14.69
C VAL B 10 30.20 -28.02 14.89
N LEU B 11 30.03 -27.43 16.06
CA LEU B 11 28.80 -26.72 16.42
C LEU B 11 29.07 -25.23 16.27
N VAL B 12 28.42 -24.60 15.28
CA VAL B 12 28.63 -23.18 15.01
C VAL B 12 27.29 -22.47 15.05
N GLY B 13 27.37 -21.15 15.21
CA GLY B 13 26.19 -20.32 15.26
C GLY B 13 26.46 -19.03 15.99
N ASP B 14 25.51 -18.11 15.86
CA ASP B 14 25.62 -16.83 16.55
C ASP B 14 25.63 -17.03 18.07
N GLY B 15 26.22 -16.06 18.76
CA GLY B 15 26.33 -16.16 20.21
C GLY B 15 24.96 -16.09 20.87
N GLY B 16 24.72 -17.00 21.81
CA GLY B 16 23.48 -17.00 22.54
C GLY B 16 22.33 -17.71 21.86
N THR B 17 22.62 -18.53 20.84
CA THR B 17 21.57 -19.31 20.19
C THR B 17 21.26 -20.61 20.91
N GLY B 18 22.05 -20.97 21.91
CA GLY B 18 21.78 -22.18 22.67
C GLY B 18 22.59 -23.40 22.25
N LYS B 19 23.84 -23.19 21.82
CA LYS B 19 24.69 -24.32 21.46
C LYS B 19 25.12 -25.08 22.70
N THR B 20 25.77 -24.38 23.65
CA THR B 20 26.20 -25.02 24.89
C THR B 20 25.02 -25.59 25.65
N THR B 21 23.87 -24.95 25.57
CA THR B 21 22.66 -25.48 26.19
C THR B 21 22.25 -26.79 25.53
N PHE B 22 22.25 -26.81 24.20
CA PHE B 22 21.92 -28.02 23.44
C PHE B 22 22.81 -29.19 23.86
N VAL B 23 24.13 -28.97 23.87
CA VAL B 23 25.05 -30.06 24.21
C VAL B 23 24.91 -30.46 25.68
N LYS B 24 24.93 -29.48 26.58
CA LYS B 24 24.94 -29.81 28.01
C LYS B 24 23.66 -30.52 28.44
N ARG B 25 22.50 -30.10 27.92
CA ARG B 25 21.28 -30.85 28.18
C ARG B 25 21.34 -32.22 27.53
N HIS B 26 21.93 -32.31 26.33
CA HIS B 26 22.14 -33.61 25.70
C HIS B 26 23.06 -34.50 26.52
N LEU B 27 23.78 -33.93 27.49
CA LEU B 27 24.86 -34.62 28.20
C LEU B 27 24.49 -34.93 29.64
N THR B 28 24.14 -33.91 30.43
CA THR B 28 23.79 -34.11 31.83
C THR B 28 22.29 -34.29 32.05
N GLY B 29 21.47 -33.50 31.37
CA GLY B 29 20.04 -33.50 31.58
C GLY B 29 19.50 -32.28 32.29
N GLU B 30 20.33 -31.29 32.57
CA GLU B 30 19.91 -30.07 33.24
C GLU B 30 19.94 -28.91 32.26
N PHE B 31 18.92 -28.06 32.33
CA PHE B 31 18.84 -26.86 31.50
C PHE B 31 19.23 -25.64 32.34
N GLU B 32 20.28 -24.94 31.91
CA GLU B 32 20.75 -23.76 32.60
C GLU B 32 20.12 -22.52 31.95
N LYS B 33 19.37 -21.76 32.75
CA LYS B 33 18.75 -20.55 32.22
C LYS B 33 19.74 -19.40 32.08
N LYS B 34 20.80 -19.39 32.89
CA LYS B 34 21.80 -18.34 32.77
C LYS B 34 22.63 -18.54 31.50
N TYR B 35 23.16 -17.44 30.97
CA TYR B 35 23.94 -17.43 29.74
C TYR B 35 25.39 -17.12 30.06
N VAL B 36 26.27 -18.09 29.87
CA VAL B 36 27.71 -17.93 30.04
C VAL B 36 28.37 -18.22 28.69
N ALA B 37 28.96 -17.18 28.11
CA ALA B 37 29.49 -17.29 26.76
C ALA B 37 30.69 -18.25 26.71
N THR B 38 30.70 -19.08 25.68
CA THR B 38 31.81 -20.00 25.47
C THR B 38 33.05 -19.25 25.00
N LEU B 39 34.22 -19.67 25.49
CA LEU B 39 35.49 -19.13 25.06
C LEU B 39 36.17 -20.14 24.16
N GLY B 40 36.35 -19.79 22.90
CA GLY B 40 36.99 -20.69 21.95
C GLY B 40 36.11 -21.89 21.64
N VAL B 41 36.54 -23.07 22.08
CA VAL B 41 35.83 -24.31 21.83
C VAL B 41 35.90 -25.20 23.07
N GLU B 42 34.89 -26.05 23.22
CA GLU B 42 34.87 -27.10 24.24
C GLU B 42 34.37 -28.37 23.58
N VAL B 43 35.21 -29.41 23.56
CA VAL B 43 34.90 -30.65 22.87
C VAL B 43 34.23 -31.62 23.85
N HIS B 44 33.03 -32.05 23.51
CA HIS B 44 32.27 -32.97 24.35
C HIS B 44 32.00 -34.27 23.59
N PRO B 45 32.35 -35.43 24.14
CA PRO B 45 32.00 -36.69 23.47
C PRO B 45 30.56 -37.07 23.76
N LEU B 46 29.86 -37.51 22.71
CA LEU B 46 28.47 -37.93 22.82
C LEU B 46 28.33 -39.31 22.18
N VAL B 47 27.83 -40.28 22.94
CA VAL B 47 27.70 -41.65 22.47
C VAL B 47 26.24 -41.93 22.20
N PHE B 48 25.96 -42.55 21.04
CA PHE B 48 24.63 -42.98 20.66
C PHE B 48 24.67 -44.45 20.34
N HIS B 49 23.77 -45.23 20.95
CA HIS B 49 23.70 -46.66 20.72
C HIS B 49 22.71 -46.93 19.60
N THR B 50 23.20 -47.51 18.51
CA THR B 50 22.38 -47.77 17.34
C THR B 50 22.28 -49.27 17.10
N ASN B 51 21.36 -49.65 16.21
CA ASN B 51 21.19 -51.05 15.86
C ASN B 51 22.43 -51.64 15.21
N ARG B 52 23.34 -50.79 14.72
CA ARG B 52 24.60 -51.23 14.15
C ARG B 52 25.77 -50.98 15.08
N GLY B 53 25.52 -50.69 16.36
CA GLY B 53 26.57 -50.47 17.32
C GLY B 53 26.64 -49.05 17.81
N PRO B 54 27.64 -48.75 18.64
CA PRO B 54 27.80 -47.38 19.16
C PRO B 54 28.47 -46.46 18.16
N ILE B 55 28.10 -45.18 18.25
CA ILE B 55 28.69 -44.11 17.46
C ILE B 55 29.05 -42.97 18.40
N LYS B 56 30.21 -42.36 18.20
CA LYS B 56 30.66 -41.25 19.02
C LYS B 56 30.76 -39.98 18.17
N PHE B 57 30.09 -38.92 18.61
CA PHE B 57 30.19 -37.59 18.04
C PHE B 57 30.95 -36.72 19.03
N ASN B 58 32.18 -36.37 18.68
CA ASN B 58 32.95 -35.42 19.49
C ASN B 58 32.49 -34.02 19.04
N VAL B 59 31.44 -33.52 19.67
CA VAL B 59 30.86 -32.24 19.27
C VAL B 59 31.73 -31.12 19.80
N TRP B 60 32.28 -30.32 18.88
CA TRP B 60 33.08 -29.14 19.20
C TRP B 60 32.14 -27.96 19.40
N ASP B 61 31.85 -27.63 20.65
CA ASP B 61 31.00 -26.51 20.98
C ASP B 61 31.82 -25.22 20.87
N THR B 62 31.62 -24.50 19.77
CA THR B 62 32.41 -23.31 19.47
C THR B 62 31.70 -22.05 19.95
N ALA B 63 32.45 -20.95 19.97
CA ALA B 63 31.98 -19.68 20.50
C ALA B 63 31.29 -18.86 19.43
N GLY B 64 30.17 -18.24 19.81
CA GLY B 64 29.43 -17.40 18.88
C GLY B 64 29.98 -16.00 18.73
N LEU B 65 30.28 -15.33 19.84
CA LEU B 65 30.77 -13.96 19.76
C LEU B 65 32.15 -13.94 19.10
N GLU B 66 32.35 -12.96 18.21
CA GLU B 66 33.65 -12.82 17.56
C GLU B 66 34.74 -12.53 18.58
N LYS B 67 34.42 -11.78 19.63
CA LYS B 67 35.42 -11.46 20.65
C LYS B 67 35.96 -12.72 21.31
N PHE B 68 35.11 -13.72 21.52
CA PHE B 68 35.51 -14.97 22.13
C PHE B 68 35.74 -16.07 21.09
N GLY B 69 35.90 -15.69 19.82
CA GLY B 69 35.98 -16.68 18.75
C GLY B 69 37.16 -17.62 18.89
N GLY B 70 38.30 -17.11 19.38
CA GLY B 70 39.50 -17.92 19.46
C GLY B 70 40.09 -18.13 18.08
N LEU B 71 40.18 -19.38 17.65
CA LEU B 71 40.66 -19.68 16.31
C LEU B 71 39.52 -19.80 15.30
N ARG B 72 38.27 -19.82 15.76
CA ARG B 72 37.09 -19.83 14.89
C ARG B 72 37.19 -20.92 13.83
N ASP B 73 37.33 -20.52 12.56
CA ASP B 73 37.32 -21.48 11.48
C ASP B 73 38.50 -22.42 11.53
N GLY B 74 39.55 -22.08 12.30
CA GLY B 74 40.64 -23.02 12.51
C GLY B 74 40.19 -24.31 13.17
N TYR B 75 39.09 -24.25 13.94
CA TYR B 75 38.53 -25.45 14.55
C TYR B 75 37.82 -26.34 13.55
N TYR B 76 37.52 -25.83 12.34
CA TYR B 76 36.77 -26.59 11.38
C TYR B 76 37.62 -27.58 10.59
N ILE B 77 38.94 -27.52 10.76
CA ILE B 77 39.83 -28.36 9.97
C ILE B 77 39.62 -29.82 10.34
N GLN B 78 39.58 -30.68 9.33
CA GLN B 78 39.32 -32.12 9.48
C GLN B 78 37.99 -32.40 10.17
N ALA B 79 37.06 -31.46 10.13
CA ALA B 79 35.72 -31.72 10.65
C ALA B 79 34.95 -32.58 9.66
N GLN B 80 34.23 -33.57 10.18
CA GLN B 80 33.51 -34.51 9.34
C GLN B 80 32.03 -34.17 9.20
N CYS B 81 31.47 -33.40 10.13
CA CYS B 81 30.08 -32.96 10.04
C CYS B 81 29.90 -31.73 10.90
N ALA B 82 28.80 -31.02 10.68
CA ALA B 82 28.57 -29.73 11.31
C ALA B 82 27.10 -29.56 11.67
N ILE B 83 26.86 -28.67 12.64
CA ILE B 83 25.53 -28.22 13.03
C ILE B 83 25.57 -26.70 13.14
N ILE B 84 24.76 -26.02 12.32
CA ILE B 84 24.59 -24.57 12.39
C ILE B 84 23.32 -24.28 13.16
N MET B 85 23.42 -23.43 14.18
CA MET B 85 22.28 -23.11 15.03
C MET B 85 21.96 -21.63 14.96
N PHE B 86 20.66 -21.32 14.95
CA PHE B 86 20.20 -19.94 15.02
C PHE B 86 18.99 -19.88 15.94
N ASP B 87 18.66 -18.66 16.36
CA ASP B 87 17.53 -18.41 17.25
C ASP B 87 16.34 -17.97 16.41
N VAL B 88 15.26 -18.76 16.45
CA VAL B 88 14.06 -18.41 15.68
C VAL B 88 13.36 -17.18 16.23
N THR B 89 13.72 -16.72 17.42
CA THR B 89 13.19 -15.48 17.98
C THR B 89 14.07 -14.28 17.71
N SER B 90 15.24 -14.49 17.09
CA SER B 90 16.17 -13.42 16.77
C SER B 90 16.52 -13.53 15.30
N ARG B 91 15.97 -12.62 14.48
CA ARG B 91 16.13 -12.74 13.03
C ARG B 91 17.58 -12.53 12.60
N VAL B 92 18.35 -11.73 13.33
CA VAL B 92 19.73 -11.46 12.94
C VAL B 92 20.55 -12.75 13.00
N THR B 93 20.26 -13.63 13.97
CA THR B 93 20.96 -14.91 14.03
C THR B 93 20.60 -15.79 12.84
N TYR B 94 19.45 -15.56 12.20
CA TYR B 94 19.14 -16.29 10.97
C TYR B 94 19.83 -15.66 9.77
N LYS B 95 19.91 -14.33 9.73
CA LYS B 95 20.59 -13.65 8.63
C LYS B 95 22.06 -14.04 8.56
N ASN B 96 22.65 -14.47 9.67
CA ASN B 96 24.06 -14.82 9.69
C ASN B 96 24.32 -16.29 9.36
N VAL B 97 23.27 -17.11 9.22
CA VAL B 97 23.46 -18.52 8.90
C VAL B 97 24.27 -18.73 7.63
N PRO B 98 24.02 -18.03 6.52
CA PRO B 98 24.84 -18.24 5.32
C PRO B 98 26.31 -17.91 5.52
N ASN B 99 26.66 -17.10 6.52
CA ASN B 99 28.06 -16.84 6.81
C ASN B 99 28.73 -18.07 7.40
N TRP B 100 28.14 -18.63 8.47
CA TRP B 100 28.64 -19.88 9.03
C TRP B 100 28.72 -20.96 7.97
N HIS B 101 27.65 -21.09 7.15
CA HIS B 101 27.66 -22.05 6.06
C HIS B 101 28.86 -21.81 5.13
N ARG B 102 29.15 -20.54 4.85
CA ARG B 102 30.28 -20.21 3.99
C ARG B 102 31.60 -20.67 4.60
N ASP B 103 31.80 -20.39 5.90
CA ASP B 103 33.06 -20.75 6.53
C ASP B 103 33.24 -22.26 6.58
N LEU B 104 32.19 -22.98 6.99
CA LEU B 104 32.26 -24.44 7.00
C LEU B 104 32.56 -24.99 5.62
N VAL B 105 31.83 -24.50 4.60
CA VAL B 105 32.02 -25.00 3.25
C VAL B 105 33.38 -24.59 2.69
N ARG B 106 34.03 -23.59 3.28
CA ARG B 106 35.37 -23.20 2.83
C ARG B 106 36.44 -24.09 3.45
N VAL B 107 36.44 -24.25 4.76
CA VAL B 107 37.47 -25.07 5.40
C VAL B 107 37.20 -26.54 5.13
N CYS B 108 35.97 -26.98 5.34
CA CYS B 108 35.54 -28.31 4.91
C CYS B 108 35.00 -28.18 3.48
N GLU B 109 34.26 -29.16 3.00
CA GLU B 109 33.67 -29.01 1.68
C GLU B 109 32.22 -29.46 1.67
N ASN B 110 31.96 -30.69 1.24
CA ASN B 110 30.62 -31.23 1.13
C ASN B 110 30.20 -32.03 2.36
N ILE B 111 30.78 -31.72 3.52
CA ILE B 111 30.40 -32.45 4.73
C ILE B 111 28.93 -32.18 5.03
N PRO B 112 28.18 -33.15 5.55
CA PRO B 112 26.76 -32.91 5.81
C PRO B 112 26.58 -31.96 6.98
N ILE B 113 25.74 -30.95 6.79
CA ILE B 113 25.45 -29.95 7.80
C ILE B 113 23.96 -29.99 8.12
N VAL B 114 23.63 -29.80 9.39
CA VAL B 114 22.25 -29.74 9.85
C VAL B 114 22.00 -28.34 10.43
N LEU B 115 20.98 -27.66 9.92
CA LEU B 115 20.57 -26.39 10.45
C LEU B 115 19.52 -26.60 11.54
N CYS B 116 19.67 -25.92 12.66
CA CYS B 116 18.79 -26.08 13.81
C CYS B 116 18.25 -24.71 14.21
N GLY B 117 16.94 -24.55 14.13
CA GLY B 117 16.28 -23.40 14.69
C GLY B 117 15.88 -23.67 16.12
N ASN B 118 16.56 -23.01 17.06
CA ASN B 118 16.40 -23.29 18.48
C ASN B 118 15.41 -22.30 19.11
N LYS B 119 14.99 -22.65 20.32
CA LYS B 119 14.07 -21.83 21.13
C LYS B 119 12.69 -21.72 20.49
N VAL B 120 12.24 -22.81 19.86
CA VAL B 120 10.89 -22.84 19.32
C VAL B 120 9.83 -22.89 20.41
N ASP B 121 10.24 -23.03 21.67
CA ASP B 121 9.33 -23.01 22.80
C ASP B 121 8.88 -21.60 23.19
N ILE B 122 9.48 -20.57 22.61
CA ILE B 122 9.11 -19.19 22.90
C ILE B 122 7.96 -18.79 21.98
N LYS B 123 6.99 -18.07 22.54
CA LYS B 123 5.75 -17.79 21.83
C LYS B 123 6.00 -16.96 20.57
N ASP B 124 6.59 -15.78 20.73
CA ASP B 124 6.78 -14.86 19.60
C ASP B 124 7.92 -15.36 18.74
N ARG B 125 7.60 -16.09 17.69
CA ARG B 125 8.57 -16.70 16.79
C ARG B 125 8.68 -15.86 15.52
N LYS B 126 9.86 -15.31 15.25
CA LYS B 126 10.05 -14.41 14.12
C LYS B 126 10.41 -15.13 12.83
N VAL B 127 11.21 -16.20 12.90
CA VAL B 127 11.64 -16.95 11.72
C VAL B 127 10.72 -18.15 11.57
N LYS B 128 9.86 -18.11 10.55
CA LYS B 128 8.92 -19.19 10.32
C LYS B 128 9.62 -20.41 9.74
N ALA B 129 9.00 -21.57 9.94
CA ALA B 129 9.61 -22.83 9.53
C ALA B 129 9.62 -22.99 8.01
N LYS B 130 8.54 -22.57 7.35
CA LYS B 130 8.46 -22.68 5.89
C LYS B 130 9.40 -21.71 5.17
N SER B 131 9.99 -20.75 5.88
CA SER B 131 10.86 -19.76 5.28
C SER B 131 12.26 -20.29 5.00
N ILE B 132 12.52 -21.55 5.29
CA ILE B 132 13.86 -22.13 5.17
C ILE B 132 14.00 -22.80 3.80
N VAL B 133 15.09 -22.47 3.11
CA VAL B 133 15.47 -23.09 1.85
C VAL B 133 16.80 -23.82 1.95
N PHE B 134 17.32 -23.99 3.18
CA PHE B 134 18.65 -24.55 3.39
C PHE B 134 18.67 -26.07 3.26
N HIS B 135 17.53 -26.73 3.41
CA HIS B 135 17.46 -28.18 3.35
C HIS B 135 17.48 -28.71 1.92
N ARG B 136 17.42 -27.84 0.91
CA ARG B 136 17.37 -28.27 -0.48
C ARG B 136 18.79 -28.57 -0.95
N LYS B 137 19.27 -29.75 -0.57
CA LYS B 137 20.58 -30.27 -0.95
C LYS B 137 20.69 -31.70 -0.43
N LYS B 138 21.53 -32.52 -1.08
CA LYS B 138 21.66 -33.91 -0.67
C LYS B 138 22.29 -34.04 0.72
N ASN B 139 23.13 -33.07 1.10
CA ASN B 139 23.86 -33.13 2.35
C ASN B 139 23.44 -32.05 3.36
N LEU B 140 22.32 -31.37 3.13
CA LEU B 140 21.85 -30.35 4.05
C LEU B 140 20.45 -30.70 4.55
N GLN B 141 20.20 -30.36 5.81
CA GLN B 141 18.93 -30.71 6.44
C GLN B 141 18.62 -29.70 7.53
N TYR B 142 17.33 -29.47 7.75
CA TYR B 142 16.86 -28.54 8.77
C TYR B 142 15.97 -29.25 9.78
N TYR B 143 16.05 -28.80 11.04
CA TYR B 143 15.26 -29.33 12.13
C TYR B 143 14.84 -28.21 13.07
N ASP B 144 13.62 -28.32 13.60
CA ASP B 144 13.13 -27.45 14.65
C ASP B 144 13.45 -28.10 16.00
N ILE B 145 14.20 -27.40 16.85
CA ILE B 145 14.60 -27.95 18.14
C ILE B 145 14.34 -26.92 19.23
N SER B 146 14.19 -27.43 20.45
CA SER B 146 14.10 -26.60 21.65
C SER B 146 15.02 -27.21 22.70
N ALA B 147 16.06 -26.47 23.08
CA ALA B 147 17.01 -26.99 24.06
C ALA B 147 16.37 -27.19 25.43
N LYS B 148 15.38 -26.37 25.78
CA LYS B 148 14.64 -26.56 27.02
C LYS B 148 13.97 -27.92 27.05
N SER B 149 12.94 -28.08 26.21
CA SER B 149 12.01 -29.21 26.30
C SER B 149 12.59 -30.50 25.73
N ASN B 150 13.86 -30.52 25.34
CA ASN B 150 14.51 -31.70 24.79
C ASN B 150 13.74 -32.18 23.55
N TYR B 151 13.58 -31.26 22.60
CA TYR B 151 12.70 -31.43 21.45
C TYR B 151 13.54 -31.60 20.19
N ASN B 152 13.35 -32.73 19.50
CA ASN B 152 14.11 -33.07 18.31
C ASN B 152 15.61 -33.06 18.58
N PHE B 153 15.99 -33.49 19.79
CA PHE B 153 17.41 -33.47 20.16
C PHE B 153 18.19 -34.49 19.34
N GLU B 154 17.69 -35.73 19.28
CA GLU B 154 18.42 -36.78 18.59
C GLU B 154 18.36 -36.66 17.07
N LYS B 155 17.48 -35.80 16.53
CA LYS B 155 17.28 -35.78 15.07
C LYS B 155 18.53 -35.40 14.29
N PRO B 156 19.24 -34.31 14.59
CA PRO B 156 20.47 -34.02 13.83
C PRO B 156 21.49 -35.13 13.90
N PHE B 157 21.66 -35.76 15.08
CA PHE B 157 22.65 -36.82 15.20
C PHE B 157 22.23 -38.08 14.46
N LEU B 158 20.94 -38.39 14.42
CA LEU B 158 20.48 -39.56 13.67
C LEU B 158 20.64 -39.35 12.18
N TRP B 159 20.26 -38.17 11.68
CA TRP B 159 20.42 -37.87 10.26
C TRP B 159 21.90 -37.87 9.88
N LEU B 160 22.73 -37.19 10.66
CA LEU B 160 24.16 -37.14 10.38
C LEU B 160 24.78 -38.53 10.43
N ALA B 161 24.33 -39.38 11.37
CA ALA B 161 24.84 -40.74 11.42
C ALA B 161 24.44 -41.52 10.17
N ARG B 162 23.18 -41.37 9.74
CA ARG B 162 22.74 -42.05 8.53
C ARG B 162 23.53 -41.60 7.30
N LYS B 163 23.95 -40.33 7.26
CA LYS B 163 24.69 -39.86 6.09
C LYS B 163 26.17 -40.26 6.16
N LEU B 164 26.76 -40.17 7.35
CA LEU B 164 28.18 -40.48 7.49
C LEU B 164 28.44 -41.97 7.32
N ILE B 165 27.56 -42.82 7.87
CA ILE B 165 27.72 -44.26 7.71
C ILE B 165 27.24 -44.71 6.33
N GLY B 166 26.13 -44.15 5.87
CA GLY B 166 25.56 -44.55 4.60
C GLY B 166 24.43 -45.55 4.71
N ASP B 167 23.82 -45.69 5.88
CA ASP B 167 22.74 -46.64 6.11
C ASP B 167 21.48 -45.87 6.49
N PRO B 168 20.56 -45.64 5.56
CA PRO B 168 19.30 -44.95 5.90
C PRO B 168 18.42 -45.73 6.85
N ASN B 169 18.68 -47.02 7.05
CA ASN B 169 17.93 -47.86 7.97
C ASN B 169 18.48 -47.81 9.39
N LEU B 170 19.44 -46.92 9.65
CA LEU B 170 20.03 -46.79 10.98
C LEU B 170 19.07 -46.04 11.89
N GLU B 171 18.85 -46.58 13.09
CA GLU B 171 17.98 -45.95 14.08
C GLU B 171 18.62 -46.08 15.46
N PHE B 172 18.33 -45.09 16.31
CA PHE B 172 18.85 -45.10 17.67
C PHE B 172 18.00 -45.97 18.58
N VAL B 173 18.68 -46.75 19.41
CA VAL B 173 18.03 -47.66 20.35
C VAL B 173 18.61 -47.42 21.73
N ALA B 174 17.92 -47.95 22.75
CA ALA B 174 18.38 -47.82 24.11
C ALA B 174 19.47 -48.85 24.40
N MET B 175 20.41 -48.45 25.27
CA MET B 175 21.55 -49.29 25.60
C MET B 175 21.11 -50.60 26.26
N SER C 2 -3.89 -34.02 55.71
CA SER C 2 -2.84 -33.05 55.47
C SER C 2 -1.58 -33.72 54.93
N ALA C 3 -0.43 -33.06 55.15
CA ALA C 3 0.88 -33.46 54.65
C ALA C 3 0.96 -33.33 53.13
N THR C 4 0.10 -34.02 52.40
CA THR C 4 0.02 -33.88 50.96
C THR C 4 -1.45 -33.87 50.52
N PHE C 5 -1.72 -33.19 49.42
CA PHE C 5 -3.05 -33.18 48.83
C PHE C 5 -2.97 -33.60 47.38
N PRO C 6 -3.91 -34.42 46.91
CA PRO C 6 -3.87 -34.87 45.52
C PRO C 6 -4.32 -33.79 44.54
N MET C 7 -3.72 -33.80 43.35
CA MET C 7 -4.05 -32.85 42.32
C MET C 7 -3.81 -33.50 40.96
N GLN C 8 -4.75 -33.32 40.04
CA GLN C 8 -4.62 -33.88 38.70
C GLN C 8 -3.34 -33.38 38.05
N CYS C 9 -2.59 -34.30 37.43
CA CYS C 9 -1.26 -33.99 36.94
C CYS C 9 -1.27 -32.85 35.93
N SER C 10 -2.34 -32.76 35.12
CA SER C 10 -2.42 -31.68 34.14
C SER C 10 -2.46 -30.32 34.80
N ALA C 11 -2.98 -30.24 36.03
CA ALA C 11 -3.15 -28.97 36.72
C ALA C 11 -1.89 -28.53 37.47
N LEU C 12 -0.81 -29.30 37.42
CA LEU C 12 0.40 -28.93 38.13
C LEU C 12 1.02 -27.69 37.51
N ARG C 13 1.30 -26.70 38.35
CA ARG C 13 1.93 -25.48 37.88
C ARG C 13 3.40 -25.73 37.58
N LYS C 14 3.91 -25.08 36.53
CA LYS C 14 5.33 -25.17 36.24
C LYS C 14 6.17 -24.45 37.29
N ASN C 15 5.52 -23.66 38.15
CA ASN C 15 6.15 -22.91 39.22
C ASN C 15 5.94 -23.55 40.58
N GLY C 16 5.15 -24.63 40.65
CA GLY C 16 4.76 -25.24 41.90
C GLY C 16 5.63 -26.43 42.30
N PHE C 17 5.08 -27.23 43.21
CA PHE C 17 5.76 -28.38 43.79
C PHE C 17 4.95 -29.65 43.57
N VAL C 18 5.61 -30.80 43.73
CA VAL C 18 4.97 -32.09 43.55
C VAL C 18 5.84 -33.14 44.23
N VAL C 19 5.21 -34.23 44.68
CA VAL C 19 5.92 -35.35 45.28
C VAL C 19 6.39 -36.27 44.16
N LEU C 20 7.70 -36.47 44.06
CA LEU C 20 8.29 -37.36 43.07
C LEU C 20 9.11 -38.42 43.79
N LYS C 21 8.78 -39.69 43.55
CA LYS C 21 9.51 -40.82 44.10
C LYS C 21 9.63 -40.73 45.62
N GLY C 22 8.64 -40.13 46.26
CA GLY C 22 8.60 -40.01 47.71
C GLY C 22 9.14 -38.71 48.26
N ARG C 23 9.84 -37.90 47.45
CA ARG C 23 10.39 -36.69 48.02
C ARG C 23 9.65 -35.46 47.50
N PRO C 24 9.47 -34.44 48.35
CA PRO C 24 8.84 -33.21 47.88
C PRO C 24 9.82 -32.42 47.02
N CYS C 25 9.37 -32.02 45.83
CA CYS C 25 10.25 -31.39 44.87
C CYS C 25 9.61 -30.13 44.31
N LYS C 26 10.47 -29.18 43.94
CA LYS C 26 10.07 -28.03 43.15
C LYS C 26 10.19 -28.40 41.68
N ILE C 27 9.09 -28.22 40.94
CA ILE C 27 9.07 -28.60 39.53
C ILE C 27 9.96 -27.65 38.75
N VAL C 28 10.94 -28.22 38.03
CA VAL C 28 11.84 -27.42 37.22
C VAL C 28 11.59 -27.58 35.72
N GLU C 29 10.96 -28.67 35.30
CA GLU C 29 10.53 -28.81 33.91
C GLU C 29 9.30 -29.69 33.85
N MET C 30 8.37 -29.32 32.97
CA MET C 30 7.10 -30.05 32.82
C MET C 30 6.70 -29.96 31.36
N SER C 31 6.85 -31.07 30.63
CA SER C 31 6.54 -31.10 29.21
C SER C 31 5.52 -32.20 28.92
N THR C 32 4.67 -31.95 27.92
CA THR C 32 3.58 -32.84 27.58
C THR C 32 3.83 -33.46 26.21
N SER C 33 3.46 -34.74 26.06
CA SER C 33 3.55 -35.42 24.79
C SER C 33 2.39 -36.41 24.68
N LYS C 34 2.20 -36.91 23.46
CA LYS C 34 1.17 -37.91 23.19
C LYS C 34 1.76 -39.01 22.32
N THR C 35 1.26 -40.23 22.52
CA THR C 35 1.81 -41.38 21.80
C THR C 35 1.48 -41.30 20.31
N GLY C 36 0.20 -41.30 19.97
CA GLY C 36 -0.21 -41.13 18.58
C GLY C 36 -0.57 -39.68 18.27
CG 5CT C 37 -2.64 -36.78 14.85
CD 5CT C 37 -2.07 -36.06 13.61
CE 5CT C 37 -1.72 -37.03 12.43
NZ 5CT C 37 -1.46 -36.24 11.24
C1 5CT C 37 -0.22 -36.69 10.61
C2 5CT C 37 0.22 -35.69 9.56
C3 5CT C 37 1.61 -35.17 9.90
C4 5CT C 37 2.73 -36.03 9.30
N1 5CT C 37 3.80 -35.21 8.83
O1 5CT C 37 -0.69 -34.62 9.53
CB 5CT C 37 -1.85 -38.05 15.24
CA 5CT C 37 -1.60 -38.16 16.74
C 5CT C 37 -2.86 -37.95 17.52
O 5CT C 37 -3.14 -36.83 18.01
N 5CT C 37 -1.12 -39.45 17.09
N HIS C 38 -3.62 -39.03 17.69
CA HIS C 38 -4.89 -38.97 18.43
C HIS C 38 -4.73 -39.50 19.84
N GLY C 39 -3.49 -39.75 20.26
CA GLY C 39 -3.25 -40.25 21.59
C GLY C 39 -3.53 -39.20 22.66
N HIS C 40 -3.79 -39.69 23.87
CA HIS C 40 -4.03 -38.81 24.99
C HIS C 40 -2.72 -38.32 25.59
N ALA C 41 -2.81 -37.20 26.32
CA ALA C 41 -1.62 -36.51 26.80
C ALA C 41 -0.99 -37.22 27.98
N LYS C 42 0.34 -37.22 28.01
CA LYS C 42 1.11 -37.71 29.15
C LYS C 42 2.20 -36.70 29.48
N VAL C 43 2.37 -36.44 30.78
CA VAL C 43 3.24 -35.37 31.28
C VAL C 43 4.56 -35.97 31.76
N HIS C 44 5.66 -35.31 31.42
CA HIS C 44 7.00 -35.64 31.89
C HIS C 44 7.41 -34.57 32.91
N LEU C 45 7.38 -34.93 34.19
CA LEU C 45 7.77 -34.06 35.27
C LEU C 45 9.23 -34.32 35.67
N VAL C 46 9.89 -33.26 36.10
CA VAL C 46 11.22 -33.35 36.72
C VAL C 46 11.37 -32.21 37.70
N GLY C 47 11.74 -32.54 38.94
CA GLY C 47 11.84 -31.55 39.99
C GLY C 47 13.03 -31.83 40.89
N ILE C 48 13.35 -30.82 41.72
CA ILE C 48 14.48 -30.85 42.62
C ILE C 48 13.97 -31.08 44.04
N ASP C 49 14.61 -32.00 44.76
CA ASP C 49 14.25 -32.23 46.16
C ASP C 49 14.39 -30.95 46.95
N ILE C 50 13.27 -30.48 47.52
CA ILE C 50 13.24 -29.22 48.24
C ILE C 50 14.17 -29.19 49.43
N PHE C 51 14.73 -30.34 49.83
CA PHE C 51 15.66 -30.42 50.95
C PHE C 51 17.04 -30.87 50.51
N THR C 52 17.17 -32.07 49.95
CA THR C 52 18.48 -32.58 49.58
C THR C 52 19.03 -31.89 48.33
N GLY C 53 18.16 -31.53 47.39
CA GLY C 53 18.59 -30.91 46.16
C GLY C 53 18.79 -31.87 45.01
N LYS C 54 18.54 -33.16 45.21
CA LYS C 54 18.72 -34.16 44.16
C LYS C 54 17.59 -34.06 43.14
N LYS C 55 17.90 -34.47 41.91
CA LYS C 55 16.95 -34.37 40.80
C LYS C 55 16.16 -35.67 40.70
N TYR C 56 14.85 -35.57 40.84
CA TYR C 56 13.95 -36.70 40.64
C TYR C 56 12.99 -36.38 39.51
N GLU C 57 12.78 -37.34 38.62
CA GLU C 57 11.90 -37.14 37.48
C GLU C 57 10.98 -38.35 37.33
N ASP C 58 9.83 -38.12 36.69
CA ASP C 58 8.87 -39.19 36.47
C ASP C 58 8.01 -38.82 35.27
N ILE C 59 7.48 -39.83 34.59
CA ILE C 59 6.60 -39.66 33.46
C ILE C 59 5.29 -40.36 33.77
N CYS C 60 4.19 -39.62 33.80
CA CYS C 60 2.89 -40.19 34.09
C CYS C 60 1.86 -39.52 33.21
N PRO C 61 0.80 -40.24 32.82
CA PRO C 61 -0.21 -39.63 31.96
C PRO C 61 -0.93 -38.50 32.70
N SER C 62 -1.48 -37.59 31.91
CA SER C 62 -2.33 -36.53 32.45
C SER C 62 -3.57 -37.18 33.06
N THR C 63 -4.47 -36.38 33.63
CA THR C 63 -5.72 -36.88 34.22
C THR C 63 -5.45 -37.76 35.44
N HIS C 64 -4.25 -38.31 35.54
CA HIS C 64 -3.85 -39.09 36.71
C HIS C 64 -3.46 -38.16 37.85
N ASN C 65 -3.81 -38.55 39.07
CA ASN C 65 -3.60 -37.70 40.23
C ASN C 65 -2.18 -37.87 40.76
N MET C 66 -1.53 -36.75 41.05
CA MET C 66 -0.22 -36.72 41.68
C MET C 66 -0.36 -36.14 43.09
N ASP C 67 0.59 -36.49 43.95
CA ASP C 67 0.59 -35.99 45.32
C ASP C 67 1.40 -34.69 45.39
N VAL C 68 0.76 -33.64 45.89
CA VAL C 68 1.41 -32.33 46.04
C VAL C 68 1.70 -32.10 47.51
N PRO C 69 2.94 -31.80 47.89
CA PRO C 69 3.25 -31.61 49.30
C PRO C 69 2.79 -30.25 49.80
N ASN C 70 2.32 -30.22 51.04
CA ASN C 70 1.93 -28.96 51.67
C ASN C 70 3.20 -28.30 52.22
N ILE C 71 3.56 -27.15 51.68
CA ILE C 71 4.81 -26.48 51.99
C ILE C 71 4.53 -25.31 52.92
N LYS C 72 5.26 -25.24 54.02
CA LYS C 72 5.18 -24.13 54.96
C LYS C 72 6.57 -23.55 55.17
N ARG C 73 6.64 -22.21 55.25
CA ARG C 73 7.90 -21.52 55.52
C ARG C 73 7.64 -20.44 56.57
N ASN C 74 8.45 -20.42 57.62
CA ASN C 74 8.20 -19.53 58.74
C ASN C 74 9.46 -18.78 59.15
N ASP C 75 9.24 -17.62 59.77
CA ASP C 75 10.32 -16.73 60.18
C ASP C 75 10.40 -16.71 61.71
N PHE C 76 11.53 -17.12 62.24
CA PHE C 76 11.82 -17.02 63.66
C PHE C 76 13.03 -16.10 63.84
N GLN C 77 13.10 -15.39 64.96
CA GLN C 77 14.30 -14.62 65.26
C GLN C 77 15.23 -15.47 66.12
N LEU C 78 16.49 -15.53 65.73
CA LEU C 78 17.46 -16.38 66.39
C LEU C 78 17.86 -15.76 67.73
N ILE C 79 17.60 -16.49 68.81
CA ILE C 79 17.96 -16.02 70.15
C ILE C 79 18.94 -16.94 70.86
N GLY C 80 19.30 -18.09 70.28
CA GLY C 80 20.30 -18.92 70.92
C GLY C 80 20.89 -19.96 69.99
N ILE C 81 22.05 -20.48 70.41
CA ILE C 81 22.68 -21.63 69.76
C ILE C 81 23.17 -22.53 70.88
N GLN C 82 22.47 -23.65 71.10
CA GLN C 82 22.68 -24.53 72.25
C GLN C 82 23.33 -25.84 71.78
N ASP C 83 24.66 -25.90 71.87
CA ASP C 83 25.44 -27.08 71.52
C ASP C 83 25.22 -27.54 70.08
N GLY C 84 24.68 -26.67 69.23
CA GLY C 84 24.35 -27.04 67.87
C GLY C 84 22.87 -27.05 67.56
N TYR C 85 22.01 -26.76 68.53
CA TYR C 85 20.56 -26.68 68.32
C TYR C 85 20.15 -25.21 68.32
N LEU C 86 19.57 -24.76 67.21
CA LEU C 86 19.13 -23.38 67.12
C LEU C 86 17.98 -23.11 68.07
N SER C 87 18.10 -22.05 68.87
CA SER C 87 17.04 -21.57 69.74
C SER C 87 16.35 -20.41 69.05
N LEU C 88 15.14 -20.67 68.55
CA LEU C 88 14.42 -19.77 67.65
C LEU C 88 13.17 -19.26 68.33
N LEU C 89 12.87 -17.97 68.13
CA LEU C 89 11.78 -17.28 68.79
C LEU C 89 10.70 -16.90 67.77
N GLN C 90 9.49 -17.39 67.99
CA GLN C 90 8.36 -16.97 67.17
C GLN C 90 7.91 -15.57 67.58
N ASP C 91 7.16 -14.94 66.68
CA ASP C 91 6.55 -13.65 67.01
C ASP C 91 5.40 -13.80 68.00
N SER C 92 4.99 -15.03 68.30
CA SER C 92 3.97 -15.30 69.31
C SER C 92 4.56 -15.47 70.71
N GLY C 93 5.88 -15.42 70.85
CA GLY C 93 6.54 -15.58 72.13
C GLY C 93 7.16 -16.94 72.36
N GLU C 94 6.77 -17.94 71.58
CA GLU C 94 7.25 -19.30 71.78
C GLU C 94 8.69 -19.46 71.32
N VAL C 95 9.41 -20.34 71.98
CA VAL C 95 10.80 -20.67 71.66
C VAL C 95 10.90 -22.16 71.35
N ARG C 96 11.49 -22.47 70.20
CA ARG C 96 11.68 -23.85 69.75
C ARG C 96 13.17 -24.12 69.65
N GLU C 97 13.64 -25.14 70.37
CA GLU C 97 15.05 -25.51 70.40
C GLU C 97 15.32 -26.88 69.79
N ASP C 98 14.39 -27.38 68.96
CA ASP C 98 14.53 -28.71 68.39
C ASP C 98 15.31 -28.73 67.08
N LEU C 99 15.25 -27.64 66.31
CA LEU C 99 15.92 -27.61 65.01
C LEU C 99 17.42 -27.46 65.18
N ARG C 100 18.17 -28.27 64.45
CA ARG C 100 19.62 -28.25 64.51
C ARG C 100 20.18 -27.07 63.72
N LEU C 101 21.51 -26.98 63.67
CA LEU C 101 22.09 -25.95 62.81
C LEU C 101 22.42 -26.55 61.44
N PRO C 102 22.08 -25.85 60.36
CA PRO C 102 22.33 -26.40 59.02
C PRO C 102 23.81 -26.43 58.68
N GLU C 103 24.20 -27.44 57.91
CA GLU C 103 25.57 -27.58 57.46
C GLU C 103 25.80 -26.69 56.23
N GLY C 104 27.07 -26.45 55.94
CA GLY C 104 27.45 -25.63 54.81
C GLY C 104 27.71 -24.19 55.21
N ASP C 105 27.81 -23.34 54.18
CA ASP C 105 28.10 -21.93 54.41
C ASP C 105 27.00 -21.20 55.16
N LEU C 106 25.77 -21.73 55.17
CA LEU C 106 24.70 -21.04 55.87
C LEU C 106 24.86 -21.19 57.38
N GLY C 107 25.23 -22.39 57.84
CA GLY C 107 25.54 -22.55 59.26
C GLY C 107 26.75 -21.73 59.68
N LYS C 108 27.74 -21.60 58.80
CA LYS C 108 28.88 -20.74 59.07
C LYS C 108 28.43 -19.29 59.20
N GLU C 109 27.51 -18.86 58.34
CA GLU C 109 26.96 -17.50 58.46
C GLU C 109 26.17 -17.32 59.75
N ILE C 110 25.47 -18.37 60.18
CA ILE C 110 24.69 -18.28 61.41
C ILE C 110 25.61 -18.15 62.62
N GLU C 111 26.66 -18.96 62.68
CA GLU C 111 27.60 -18.87 63.79
C GLU C 111 28.35 -17.55 63.78
N GLN C 112 28.78 -17.09 62.60
CA GLN C 112 29.52 -15.83 62.52
C GLN C 112 28.65 -14.65 62.92
N LYS C 113 27.45 -14.54 62.32
CA LYS C 113 26.57 -13.44 62.65
C LYS C 113 25.99 -13.55 64.06
N TYR C 114 25.99 -14.75 64.64
CA TYR C 114 25.52 -14.91 66.01
C TYR C 114 26.57 -14.49 67.02
N ASP C 115 27.84 -14.87 66.80
CA ASP C 115 28.89 -14.42 67.71
C ASP C 115 29.12 -12.93 67.61
N CYS C 116 28.79 -12.31 66.46
CA CYS C 116 28.93 -10.88 66.30
C CYS C 116 27.80 -10.09 66.95
N GLY C 117 26.71 -10.75 67.34
CA GLY C 117 25.64 -10.08 68.05
C GLY C 117 24.59 -9.42 67.20
N GLU C 118 24.48 -9.79 65.92
CA GLU C 118 23.47 -9.19 65.06
C GLU C 118 22.12 -9.88 65.25
N GLU C 119 21.06 -9.10 65.06
CA GLU C 119 19.70 -9.64 65.09
C GLU C 119 19.45 -10.38 63.78
N ILE C 120 19.36 -11.70 63.86
CA ILE C 120 19.31 -12.56 62.67
C ILE C 120 17.93 -13.21 62.58
N LEU C 121 17.29 -13.05 61.43
CA LEU C 121 16.02 -13.71 61.15
C LEU C 121 16.31 -14.99 60.36
N ILE C 122 15.69 -16.09 60.78
CA ILE C 122 15.91 -17.41 60.21
C ILE C 122 14.60 -17.92 59.65
N THR C 123 14.60 -18.25 58.36
CA THR C 123 13.43 -18.86 57.71
C THR C 123 13.62 -20.36 57.66
N VAL C 124 12.70 -21.08 58.32
CA VAL C 124 12.70 -22.53 58.39
C VAL C 124 11.62 -23.06 57.44
N LEU C 125 11.94 -24.14 56.73
CA LEU C 125 11.08 -24.73 55.71
C LEU C 125 10.60 -26.08 56.20
N SER C 126 9.31 -26.19 56.49
CA SER C 126 8.67 -27.43 56.90
C SER C 126 7.83 -27.96 55.73
N ALA C 127 8.16 -29.16 55.26
CA ALA C 127 7.51 -29.72 54.09
C ALA C 127 6.59 -30.85 54.53
N MET C 128 7.05 -32.10 54.57
CA MET C 128 6.17 -33.20 54.91
C MET C 128 6.41 -33.69 56.33
N THR C 129 7.51 -34.41 56.56
CA THR C 129 7.91 -34.81 57.90
C THR C 129 9.20 -34.14 58.37
N GLU C 130 9.84 -33.35 57.51
CA GLU C 130 11.13 -32.75 57.80
C GLU C 130 11.00 -31.25 57.97
N GLU C 131 11.93 -30.67 58.72
CA GLU C 131 12.02 -29.22 58.89
C GLU C 131 13.49 -28.82 58.83
N ALA C 132 13.76 -27.66 58.24
CA ALA C 132 15.15 -27.22 58.08
C ALA C 132 15.18 -25.72 57.90
N ALA C 133 16.20 -25.08 58.47
CA ALA C 133 16.43 -23.66 58.27
C ALA C 133 17.01 -23.43 56.89
N VAL C 134 16.37 -22.56 56.11
CA VAL C 134 16.77 -22.35 54.72
C VAL C 134 17.14 -20.91 54.40
N ALA C 135 16.76 -19.92 55.21
CA ALA C 135 17.08 -18.55 54.81
C ALA C 135 17.51 -17.71 56.01
N ILE C 136 18.22 -16.62 55.71
CA ILE C 136 18.71 -15.66 56.70
C ILE C 136 18.40 -14.25 56.20
N LYS C 137 17.83 -13.43 57.07
CA LYS C 137 17.58 -12.02 56.78
C LYS C 137 18.11 -11.18 57.93
N ALA C 138 18.99 -10.23 57.62
CA ALA C 138 19.60 -9.37 58.63
C ALA C 138 19.40 -7.91 58.24
N MET C 139 19.26 -7.07 59.26
CA MET C 139 19.08 -5.64 59.05
C MET C 139 20.22 -4.85 59.68
N PRO D 9 20.78 31.64 -58.22
CA PRO D 9 20.60 32.82 -57.37
C PRO D 9 19.13 33.11 -57.10
N GLU D 10 18.26 32.59 -57.96
CA GLU D 10 16.82 32.81 -57.79
C GLU D 10 16.28 32.15 -56.53
N VAL D 11 16.93 31.08 -56.08
CA VAL D 11 16.44 30.34 -54.91
C VAL D 11 16.50 31.22 -53.66
N ILE D 12 17.68 31.80 -53.39
CA ILE D 12 17.80 32.67 -52.23
C ILE D 12 16.92 33.91 -52.37
N ALA D 13 16.82 34.45 -53.59
CA ALA D 13 15.97 35.63 -53.80
C ALA D 13 14.50 35.30 -53.57
N GLN D 14 14.03 34.15 -54.07
CA GLN D 14 12.66 33.73 -53.82
C GLN D 14 12.40 33.58 -52.34
N LEU D 15 13.33 32.92 -51.64
CA LEU D 15 13.16 32.69 -50.20
C LEU D 15 13.10 34.02 -49.44
N GLU D 16 13.95 34.98 -49.83
CA GLU D 16 13.98 36.25 -49.12
C GLU D 16 12.73 37.08 -49.40
N ASN D 17 12.24 37.06 -50.64
CA ASN D 17 11.00 37.77 -50.95
C ASN D 17 9.82 37.15 -50.21
N ALA D 18 9.75 35.82 -50.20
CA ALA D 18 8.70 35.14 -49.44
C ALA D 18 8.79 35.46 -47.95
N ALA D 19 10.02 35.58 -47.43
CA ALA D 19 10.20 35.92 -46.02
C ALA D 19 9.72 37.33 -45.73
N LYS D 20 10.05 38.28 -46.60
CA LYS D 20 9.58 39.65 -46.41
C LYS D 20 8.08 39.74 -46.53
N VAL D 21 7.47 38.85 -47.33
CA VAL D 21 6.01 38.82 -47.46
C VAL D 21 5.37 38.26 -46.18
N LEU D 22 5.91 37.15 -45.68
CA LEU D 22 5.30 36.48 -44.53
C LEU D 22 5.48 37.29 -43.24
N MET D 23 6.53 38.08 -43.14
CA MET D 23 6.73 38.91 -41.96
C MET D 23 5.97 40.23 -42.03
N ALA D 24 5.38 40.55 -43.18
CA ALA D 24 4.58 41.75 -43.30
C ALA D 24 3.28 41.63 -42.51
N PRO D 25 2.69 42.76 -42.10
CA PRO D 25 1.38 42.71 -41.42
C PRO D 25 0.37 41.93 -42.24
N PRO D 26 -0.27 40.94 -41.62
CA PRO D 26 -1.09 39.99 -42.41
C PRO D 26 -2.26 40.66 -43.12
N SER D 27 -2.76 41.79 -42.62
CA SER D 27 -3.87 42.49 -43.26
C SER D 27 -3.48 43.17 -44.56
N MET D 28 -2.20 43.13 -44.93
CA MET D 28 -1.69 43.86 -46.09
C MET D 28 -1.16 42.93 -47.18
N VAL D 29 -1.39 41.63 -47.09
CA VAL D 29 -0.77 40.69 -48.02
C VAL D 29 -1.80 39.84 -48.77
N SER D 30 -2.94 39.58 -48.14
CA SER D 30 -4.01 38.74 -48.70
C SER D 30 -3.58 37.28 -48.77
N ASN D 31 -4.56 36.38 -48.87
CA ASN D 31 -4.28 34.95 -48.78
C ASN D 31 -3.57 34.38 -50.00
N GLU D 32 -3.70 35.00 -51.18
CA GLU D 32 -3.00 34.48 -52.35
C GLU D 32 -1.49 34.62 -52.20
N GLN D 33 -1.02 35.81 -51.82
CA GLN D 33 0.41 36.02 -51.63
C GLN D 33 0.95 35.23 -50.45
N ARG D 34 0.18 35.17 -49.35
CA ARG D 34 0.59 34.40 -48.19
C ARG D 34 0.75 32.93 -48.55
N GLN D 35 -0.29 32.33 -49.13
CA GLN D 35 -0.23 30.92 -49.50
C GLN D 35 0.85 30.65 -50.54
N HIS D 36 1.14 31.62 -51.41
CA HIS D 36 2.23 31.46 -52.35
C HIS D 36 3.58 31.42 -51.63
N ALA D 37 3.80 32.35 -50.70
CA ALA D 37 5.07 32.41 -49.98
C ALA D 37 5.28 31.16 -49.13
N GLU D 38 4.31 30.82 -48.29
CA GLU D 38 4.45 29.64 -47.46
C GLU D 38 4.48 28.37 -48.30
N HIS D 39 3.91 28.39 -49.51
CA HIS D 39 4.09 27.27 -50.41
C HIS D 39 5.54 27.21 -50.92
N ILE D 40 6.17 28.37 -51.12
CA ILE D 40 7.58 28.40 -51.51
C ILE D 40 8.44 27.78 -50.42
N PHE D 41 8.23 28.20 -49.17
CA PHE D 41 9.04 27.64 -48.08
C PHE D 41 8.74 26.16 -47.86
N LEU D 42 7.46 25.79 -47.84
CA LEU D 42 7.11 24.39 -47.59
C LEU D 42 7.64 23.48 -48.68
N SER D 43 7.54 23.91 -49.94
CA SER D 43 8.08 23.09 -51.03
C SER D 43 9.61 23.07 -51.00
N PHE D 44 10.24 24.17 -50.59
CA PHE D 44 11.69 24.18 -50.46
C PHE D 44 12.15 23.20 -49.39
N ARG D 45 11.42 23.10 -48.29
CA ARG D 45 11.78 22.17 -47.23
C ARG D 45 11.51 20.72 -47.62
N LYS D 46 10.72 20.49 -48.66
CA LYS D 46 10.46 19.15 -49.16
C LYS D 46 11.41 18.75 -50.28
N SER D 47 12.31 19.63 -50.68
CA SER D 47 13.24 19.34 -51.77
C SER D 47 14.24 18.26 -51.35
N LYS D 48 14.85 17.64 -52.36
CA LYS D 48 15.80 16.55 -52.13
C LYS D 48 17.19 17.12 -51.90
N SER D 49 17.79 16.76 -50.77
CA SER D 49 19.16 17.13 -50.39
C SER D 49 19.42 18.63 -50.52
N PRO D 50 18.81 19.46 -49.66
CA PRO D 50 19.09 20.90 -49.72
C PRO D 50 20.23 21.32 -48.80
N PHE D 51 21.15 20.41 -48.51
CA PHE D 51 22.14 20.65 -47.47
C PHE D 51 23.13 21.73 -47.88
N ALA D 52 23.74 21.60 -49.06
CA ALA D 52 24.69 22.61 -49.52
C ALA D 52 24.01 23.95 -49.75
N VAL D 53 22.81 23.93 -50.34
CA VAL D 53 22.06 25.16 -50.56
C VAL D 53 21.83 25.88 -49.24
N CYS D 54 21.37 25.13 -48.23
CA CYS D 54 21.12 25.73 -46.92
C CYS D 54 22.40 26.22 -46.26
N ARG D 55 23.52 25.52 -46.48
CA ARG D 55 24.80 26.03 -46.01
C ARG D 55 25.09 27.41 -46.59
N HIS D 56 24.96 27.53 -47.92
CA HIS D 56 25.22 28.82 -48.56
C HIS D 56 24.25 29.90 -48.06
N ILE D 57 22.98 29.54 -47.89
CA ILE D 57 21.99 30.50 -47.41
C ILE D 57 22.35 30.99 -46.01
N LEU D 58 22.73 30.06 -45.13
CA LEU D 58 23.12 30.44 -43.78
C LEU D 58 24.39 31.28 -43.79
N GLU D 59 25.25 31.09 -44.78
CA GLU D 59 26.50 31.83 -44.83
C GLU D 59 26.38 33.18 -45.52
N THR D 60 25.31 33.43 -46.28
CA THR D 60 25.19 34.66 -47.06
C THR D 60 23.98 35.50 -46.68
N SER D 61 22.81 34.88 -46.54
CA SER D 61 21.59 35.63 -46.30
C SER D 61 21.66 36.39 -44.97
N LYS D 62 21.14 37.61 -44.97
CA LYS D 62 21.11 38.45 -43.78
C LYS D 62 19.72 38.68 -43.23
N VAL D 63 18.70 38.00 -43.76
CA VAL D 63 17.33 38.10 -43.27
C VAL D 63 17.07 36.89 -42.37
N ASP D 64 16.80 37.15 -41.09
CA ASP D 64 16.78 36.08 -40.08
C ASP D 64 15.74 35.01 -40.37
N TYR D 65 14.58 35.40 -40.94
CA TYR D 65 13.54 34.41 -41.23
C TYR D 65 14.04 33.32 -42.16
N VAL D 66 14.80 33.71 -43.19
CA VAL D 66 15.33 32.72 -44.12
C VAL D 66 16.34 31.81 -43.43
N LEU D 67 17.11 32.33 -42.48
CA LEU D 67 18.02 31.48 -41.70
C LEU D 67 17.23 30.47 -40.88
N PHE D 68 16.17 30.93 -40.21
CA PHE D 68 15.27 30.04 -39.49
C PHE D 68 14.78 28.91 -40.39
N GLN D 69 14.22 29.26 -41.56
CA GLN D 69 13.68 28.25 -42.45
C GLN D 69 14.78 27.34 -43.00
N ALA D 70 16.01 27.85 -43.12
CA ALA D 70 17.11 27.01 -43.59
C ALA D 70 17.47 25.96 -42.54
N ALA D 71 17.58 26.38 -41.28
CA ALA D 71 17.81 25.41 -40.20
C ALA D 71 16.69 24.38 -40.14
N THR D 72 15.44 24.82 -40.33
CA THR D 72 14.34 23.86 -40.38
C THR D 72 14.49 22.90 -41.56
N ALA D 73 14.93 23.41 -42.70
CA ALA D 73 15.08 22.56 -43.88
C ALA D 73 16.15 21.49 -43.68
N ILE D 74 17.30 21.88 -43.14
CA ILE D 74 18.33 20.90 -42.80
C ILE D 74 17.77 19.89 -41.81
N MET D 75 17.04 20.38 -40.80
CA MET D 75 16.51 19.52 -39.76
C MET D 75 15.58 18.45 -40.32
N GLU D 76 14.72 18.82 -41.27
CA GLU D 76 13.81 17.85 -41.85
C GLU D 76 14.51 16.95 -42.86
N ALA D 77 15.48 17.47 -43.60
CA ALA D 77 16.15 16.68 -44.63
C ALA D 77 17.08 15.63 -44.04
N VAL D 78 17.72 15.93 -42.92
CA VAL D 78 18.62 14.94 -42.32
C VAL D 78 17.84 13.74 -41.83
N VAL D 79 16.57 13.92 -41.47
CA VAL D 79 15.75 12.80 -41.04
C VAL D 79 15.07 12.12 -42.23
N ARG D 80 14.70 12.88 -43.25
CA ARG D 80 14.12 12.27 -44.45
C ARG D 80 15.14 11.41 -45.18
N GLU D 81 16.39 11.87 -45.26
CA GLU D 81 17.42 11.21 -46.03
C GLU D 81 18.55 10.67 -45.15
N TRP D 82 18.22 10.23 -43.94
CA TRP D 82 19.26 9.80 -43.01
C TRP D 82 20.01 8.59 -43.53
N VAL D 83 19.30 7.63 -44.14
CA VAL D 83 19.94 6.43 -44.64
C VAL D 83 20.80 6.71 -45.87
N LEU D 84 20.54 7.82 -46.57
CA LEU D 84 21.30 8.12 -47.79
C LEU D 84 22.61 8.83 -47.50
N LEU D 85 22.70 9.55 -46.38
CA LEU D 85 23.88 10.34 -46.08
C LEU D 85 24.96 9.48 -45.43
N GLU D 86 26.21 9.85 -45.67
CA GLU D 86 27.33 9.18 -45.03
C GLU D 86 27.56 9.73 -43.64
N LYS D 87 28.16 8.91 -42.77
CA LYS D 87 28.41 9.32 -41.40
C LYS D 87 29.33 10.54 -41.34
N GLY D 88 30.31 10.60 -42.25
CA GLY D 88 31.22 11.73 -42.26
C GLY D 88 30.53 13.03 -42.62
N SER D 89 29.62 12.99 -43.60
CA SER D 89 28.88 14.20 -43.96
C SER D 89 27.92 14.62 -42.86
N ILE D 90 27.33 13.66 -42.15
CA ILE D 90 26.43 13.99 -41.05
C ILE D 90 27.19 14.65 -39.91
N GLU D 91 28.32 14.05 -39.49
CA GLU D 91 29.10 14.62 -38.41
C GLU D 91 29.68 15.97 -38.82
N SER D 92 30.12 16.10 -40.07
CA SER D 92 30.64 17.37 -40.55
C SER D 92 29.55 18.44 -40.58
N LEU D 93 28.31 18.04 -40.90
CA LEU D 93 27.19 18.98 -40.84
C LEU D 93 26.92 19.42 -39.41
N ARG D 94 26.93 18.46 -38.46
CA ARG D 94 26.71 18.81 -37.07
C ARG D 94 27.77 19.80 -36.57
N THR D 95 29.04 19.49 -36.81
CA THR D 95 30.11 20.41 -36.42
C THR D 95 30.01 21.73 -37.17
N PHE D 96 29.48 21.72 -38.40
CA PHE D 96 29.29 22.95 -39.14
C PHE D 96 28.24 23.83 -38.47
N LEU D 97 27.16 23.23 -37.98
CA LEU D 97 26.14 24.00 -37.27
C LEU D 97 26.69 24.52 -35.94
N LEU D 98 27.38 23.65 -35.18
CA LEU D 98 27.92 24.06 -33.89
C LEU D 98 28.92 25.19 -34.04
N THR D 99 29.91 25.03 -34.93
CA THR D 99 30.88 26.10 -35.15
C THR D 99 30.21 27.32 -35.76
N TYR D 100 29.16 27.13 -36.55
CA TYR D 100 28.42 28.25 -37.12
C TYR D 100 27.85 29.13 -36.02
N VAL D 101 27.12 28.54 -35.07
CA VAL D 101 26.57 29.34 -33.97
C VAL D 101 27.70 29.82 -33.06
N LEU D 102 28.82 29.10 -33.02
CA LEU D 102 29.92 29.48 -32.15
C LEU D 102 30.60 30.77 -32.63
N GLN D 103 30.86 30.86 -33.94
CA GLN D 103 31.54 32.02 -34.49
C GLN D 103 30.65 33.24 -34.64
N ARG D 104 29.35 33.11 -34.35
CA ARG D 104 28.38 34.19 -34.50
C ARG D 104 27.70 34.42 -33.15
N PRO D 105 28.30 35.22 -32.27
CA PRO D 105 27.68 35.45 -30.95
C PRO D 105 26.46 36.35 -31.02
N ASN D 106 26.38 37.25 -31.99
CA ASN D 106 25.26 38.14 -32.15
C ASN D 106 24.15 37.57 -33.03
N LEU D 107 24.19 36.28 -33.32
CA LEU D 107 23.16 35.65 -34.15
C LEU D 107 21.80 35.80 -33.50
N GLN D 108 20.76 35.88 -34.33
CA GLN D 108 19.40 36.03 -33.83
C GLN D 108 19.04 34.84 -32.95
N LYS D 109 18.27 35.11 -31.89
CA LYS D 109 18.02 34.12 -30.85
C LYS D 109 17.34 32.88 -31.40
N TYR D 110 16.18 33.06 -32.04
CA TYR D 110 15.44 31.90 -32.53
C TYR D 110 16.18 31.19 -33.66
N VAL D 111 17.06 31.90 -34.38
CA VAL D 111 17.91 31.24 -35.36
C VAL D 111 18.89 30.30 -34.67
N ARG D 112 19.60 30.81 -33.67
CA ARG D 112 20.51 29.97 -32.89
C ARG D 112 19.78 28.77 -32.31
N GLU D 113 18.61 29.01 -31.70
CA GLU D 113 17.88 27.91 -31.07
C GLU D 113 17.39 26.89 -32.09
N GLN D 114 17.04 27.34 -33.30
CA GLN D 114 16.63 26.39 -34.34
C GLN D 114 17.82 25.56 -34.82
N ILE D 115 19.00 26.19 -34.95
CA ILE D 115 20.17 25.45 -35.38
C ILE D 115 20.60 24.44 -34.32
N LEU D 116 20.58 24.85 -33.04
CA LEU D 116 20.87 23.91 -31.96
C LEU D 116 19.84 22.80 -31.90
N LEU D 117 18.59 23.10 -32.24
CA LEU D 117 17.59 22.05 -32.36
C LEU D 117 17.94 21.09 -33.49
N ALA D 118 18.46 21.60 -34.60
CA ALA D 118 18.92 20.73 -35.67
C ALA D 118 20.07 19.85 -35.20
N VAL D 119 20.97 20.40 -34.39
CA VAL D 119 22.08 19.62 -33.85
C VAL D 119 21.55 18.50 -32.96
N ALA D 120 20.60 18.84 -32.07
CA ALA D 120 20.01 17.83 -31.21
C ALA D 120 19.31 16.73 -32.01
N VAL D 121 18.64 17.12 -33.11
CA VAL D 121 18.00 16.13 -33.97
C VAL D 121 19.05 15.21 -34.59
N ILE D 122 20.19 15.79 -35.02
CA ILE D 122 21.28 14.98 -35.56
C ILE D 122 21.77 13.99 -34.51
N VAL D 123 21.93 14.45 -33.27
CA VAL D 123 22.48 13.60 -32.21
C VAL D 123 21.52 12.46 -31.88
N LYS D 124 20.25 12.77 -31.63
CA LYS D 124 19.29 11.73 -31.26
C LYS D 124 19.07 10.75 -32.41
N ARG D 125 18.93 11.27 -33.63
CA ARG D 125 18.77 10.38 -34.78
C ARG D 125 19.98 9.48 -34.96
N GLY D 126 21.18 9.99 -34.63
CA GLY D 126 22.35 9.13 -34.64
C GLY D 126 22.36 8.12 -33.52
N SER D 127 21.73 8.45 -32.40
CA SER D 127 21.64 7.50 -31.28
C SER D 127 20.65 6.39 -31.55
N LEU D 128 19.62 6.65 -32.36
CA LEU D 128 18.63 5.63 -32.65
C LEU D 128 19.20 4.48 -33.47
N ASP D 129 20.06 4.79 -34.45
CA ASP D 129 20.68 3.79 -35.30
C ASP D 129 22.09 3.41 -34.83
N LYS D 130 22.48 3.83 -33.63
CA LYS D 130 23.84 3.62 -33.11
C LYS D 130 24.87 4.19 -34.08
N SER D 131 24.57 5.38 -34.60
CA SER D 131 25.46 6.08 -35.53
C SER D 131 26.34 7.09 -34.81
N ILE D 132 25.72 8.03 -34.10
CA ILE D 132 26.46 9.03 -33.34
C ILE D 132 26.41 8.67 -31.86
N ASP D 133 26.56 7.37 -31.57
CA ASP D 133 26.67 6.95 -30.18
C ASP D 133 28.07 7.28 -29.67
N CYS D 134 28.21 7.31 -28.34
CA CYS D 134 29.43 7.77 -27.68
C CYS D 134 29.72 9.21 -28.13
N LYS D 135 28.86 10.10 -27.64
CA LYS D 135 28.75 11.45 -28.17
C LYS D 135 29.97 12.29 -27.84
N SER D 136 30.68 12.71 -28.90
CA SER D 136 31.77 13.67 -28.77
C SER D 136 31.24 15.04 -28.38
N ILE D 137 29.97 15.32 -28.71
CA ILE D 137 29.35 16.61 -28.43
C ILE D 137 29.42 16.93 -26.93
N PHE D 138 29.47 15.91 -26.07
CA PHE D 138 29.65 16.19 -24.66
C PHE D 138 31.06 16.70 -24.38
N HIS D 139 32.05 16.16 -25.08
CA HIS D 139 33.41 16.67 -24.93
C HIS D 139 33.53 18.08 -25.49
N GLU D 140 32.88 18.34 -26.62
CA GLU D 140 32.87 19.69 -27.18
C GLU D 140 32.20 20.68 -26.23
N VAL D 141 31.10 20.26 -25.59
CA VAL D 141 30.45 21.10 -24.59
C VAL D 141 31.38 21.33 -23.40
N SER D 142 32.11 20.30 -23.00
CA SER D 142 33.09 20.46 -21.92
C SER D 142 34.14 21.50 -22.28
N GLN D 143 34.61 21.48 -23.54
CA GLN D 143 35.56 22.49 -23.97
C GLN D 143 34.94 23.88 -24.01
N LEU D 144 33.65 23.98 -24.35
CA LEU D 144 33.00 25.29 -24.36
C LEU D 144 32.81 25.84 -22.95
N ILE D 145 32.49 24.98 -21.98
CA ILE D 145 32.30 25.46 -20.62
C ILE D 145 33.65 25.75 -19.96
N SER D 146 34.69 25.00 -20.32
CA SER D 146 35.99 25.19 -19.69
C SER D 146 36.55 26.58 -19.98
N SER D 147 36.17 27.19 -21.10
CA SER D 147 36.57 28.55 -21.40
C SER D 147 35.79 29.54 -20.54
N GLY D 148 36.47 30.65 -20.18
CA GLY D 148 35.90 31.64 -19.30
C GLY D 148 34.92 32.60 -19.92
N ASN D 149 34.66 32.50 -21.21
CA ASN D 149 33.73 33.42 -21.87
C ASN D 149 32.30 33.13 -21.42
N PRO D 150 31.62 34.09 -20.78
CA PRO D 150 30.24 33.82 -20.35
C PRO D 150 29.29 33.55 -21.50
N THR D 151 29.54 34.14 -22.67
CA THR D 151 28.68 33.88 -23.83
C THR D 151 28.86 32.46 -24.33
N VAL D 152 30.10 31.95 -24.34
CA VAL D 152 30.33 30.58 -24.78
C VAL D 152 29.74 29.59 -23.77
N GLN D 153 29.82 29.92 -22.48
CA GLN D 153 29.16 29.09 -21.48
C GLN D 153 27.65 29.08 -21.67
N THR D 154 27.07 30.24 -21.98
CA THR D 154 25.64 30.30 -22.29
C THR D 154 25.32 29.44 -23.51
N LEU D 155 26.19 29.46 -24.52
CA LEU D 155 25.96 28.64 -25.71
C LEU D 155 25.98 27.16 -25.38
N ALA D 156 26.97 26.74 -24.59
CA ALA D 156 27.04 25.33 -24.19
C ALA D 156 25.81 24.92 -23.38
N CYS D 157 25.36 25.79 -22.47
CA CYS D 157 24.15 25.51 -21.72
C CYS D 157 22.96 25.37 -22.65
N SER D 158 22.91 26.17 -23.72
CA SER D 158 21.83 26.04 -24.69
C SER D 158 21.93 24.71 -25.44
N ILE D 159 23.15 24.27 -25.75
CA ILE D 159 23.33 22.99 -26.42
C ILE D 159 22.84 21.84 -25.52
N LEU D 160 23.19 21.89 -24.24
CA LEU D 160 22.74 20.86 -23.31
C LEU D 160 21.21 20.87 -23.16
N THR D 161 20.61 22.07 -23.09
CA THR D 161 19.16 22.14 -22.99
C THR D 161 18.50 21.59 -24.24
N ALA D 162 19.09 21.83 -25.41
CA ALA D 162 18.55 21.28 -26.64
C ALA D 162 18.63 19.76 -26.65
N LEU D 163 19.77 19.20 -26.22
CA LEU D 163 19.89 17.75 -26.11
C LEU D 163 18.84 17.18 -25.15
N LEU D 164 18.67 17.83 -23.99
CA LEU D 164 17.70 17.35 -23.01
C LEU D 164 16.29 17.35 -23.57
N SER D 165 15.87 18.47 -24.15
CA SER D 165 14.51 18.56 -24.68
C SER D 165 14.32 17.58 -25.84
N GLU D 166 15.38 17.33 -26.62
CA GLU D 166 15.23 16.44 -27.78
C GLU D 166 15.14 14.98 -27.36
N PHE D 167 15.88 14.58 -26.31
CA PHE D 167 15.81 13.19 -25.88
C PHE D 167 14.57 12.88 -25.05
N SER D 168 13.86 13.91 -24.58
CA SER D 168 12.58 13.70 -23.93
C SER D 168 11.51 13.46 -25.01
N SER D 169 10.25 13.43 -24.61
CA SER D 169 9.16 13.20 -25.56
C SER D 169 8.99 14.40 -26.48
N PHE D 182 8.90 -0.57 -29.41
CA PHE D 182 9.44 0.32 -30.43
C PHE D 182 10.11 1.54 -29.79
N HIS D 183 11.37 1.78 -30.15
CA HIS D 183 12.10 2.98 -29.77
C HIS D 183 12.11 3.16 -28.24
N GLY D 184 12.87 2.28 -27.59
CA GLY D 184 12.90 2.27 -26.14
C GLY D 184 14.28 2.22 -25.52
N ASN D 185 15.25 1.68 -26.25
CA ASN D 185 16.60 1.55 -25.71
C ASN D 185 17.29 2.90 -25.56
N CYS D 186 17.08 3.79 -26.53
CA CYS D 186 17.76 5.08 -26.52
C CYS D 186 17.43 5.88 -25.26
N LYS D 187 16.15 5.94 -24.90
CA LYS D 187 15.73 6.69 -23.72
C LYS D 187 16.41 6.17 -22.46
N ARG D 188 16.60 4.85 -22.37
CA ARG D 188 17.18 4.26 -21.18
C ARG D 188 18.69 4.49 -21.11
N VAL D 189 19.40 4.19 -22.20
CA VAL D 189 20.85 4.41 -22.21
C VAL D 189 21.19 5.89 -22.02
N PHE D 190 20.35 6.78 -22.55
CA PHE D 190 20.54 8.21 -22.27
C PHE D 190 20.18 8.53 -20.83
N GLN D 191 19.19 7.83 -20.27
CA GLN D 191 18.73 8.12 -18.91
C GLN D 191 19.80 7.76 -17.89
N GLU D 192 20.48 6.62 -18.07
CA GLU D 192 21.44 6.15 -17.09
C GLU D 192 22.76 6.92 -17.15
N GLU D 193 23.27 7.18 -18.37
CA GLU D 193 24.62 7.71 -18.51
C GLU D 193 24.66 9.21 -18.81
N ASP D 194 24.15 9.62 -19.97
CA ASP D 194 24.39 10.97 -20.45
C ASP D 194 23.71 12.02 -19.58
N LEU D 195 22.49 11.73 -19.11
CA LEU D 195 21.80 12.68 -18.23
C LEU D 195 22.59 12.92 -16.95
N ARG D 196 23.27 11.88 -16.44
CA ARG D 196 24.11 12.06 -15.26
C ARG D 196 25.30 12.96 -15.56
N GLN D 197 25.93 12.77 -16.72
CA GLN D 197 27.06 13.63 -17.09
C GLN D 197 26.63 15.07 -17.22
N ILE D 198 25.47 15.33 -17.84
CA ILE D 198 24.93 16.68 -17.91
C ILE D 198 24.71 17.23 -16.50
N PHE D 199 24.13 16.42 -15.62
CA PHE D 199 23.86 16.86 -14.25
C PHE D 199 25.15 17.21 -13.52
N MET D 200 26.23 16.47 -13.79
CA MET D 200 27.49 16.75 -13.12
C MET D 200 28.15 18.01 -13.68
N LEU D 201 28.06 18.23 -14.99
CA LEU D 201 28.53 19.48 -15.57
C LEU D 201 27.80 20.66 -14.94
N THR D 202 26.47 20.59 -14.87
CA THR D 202 25.68 21.67 -14.29
C THR D 202 26.03 21.87 -12.81
N VAL D 203 26.20 20.78 -12.06
CA VAL D 203 26.52 20.89 -10.65
C VAL D 203 27.89 21.53 -10.44
N GLY D 204 28.87 21.14 -11.26
CA GLY D 204 30.19 21.75 -11.14
C GLY D 204 30.16 23.24 -11.46
N VAL D 205 29.45 23.61 -12.54
CA VAL D 205 29.28 25.02 -12.86
C VAL D 205 28.66 25.77 -11.69
N LEU D 206 27.61 25.19 -11.09
CA LEU D 206 26.96 25.84 -9.96
C LEU D 206 27.89 25.95 -8.76
N GLN D 207 28.79 24.99 -8.56
CA GLN D 207 29.78 25.08 -7.50
C GLN D 207 30.72 26.26 -7.74
N GLU D 208 31.30 26.32 -8.94
CA GLU D 208 32.24 27.40 -9.24
C GLU D 208 31.56 28.77 -9.15
N PHE D 209 30.30 28.86 -9.55
CA PHE D 209 29.58 30.13 -9.45
C PHE D 209 29.26 30.47 -8.00
N SER D 210 28.94 29.46 -7.19
CA SER D 210 28.65 29.69 -5.79
C SER D 210 29.90 30.11 -5.02
N ARG D 211 31.08 29.71 -5.49
CA ARG D 211 32.31 30.09 -4.80
C ARG D 211 32.55 31.59 -4.87
N ARG D 212 32.35 32.20 -6.03
CA ARG D 212 32.60 33.63 -6.18
C ARG D 212 31.57 34.43 -5.40
N GLU D 213 32.02 35.52 -4.78
CA GLU D 213 31.16 36.36 -3.95
C GLU D 213 30.63 37.60 -4.65
N ASN D 214 31.33 38.11 -5.66
CA ASN D 214 30.92 39.29 -6.39
C ASN D 214 30.83 38.94 -7.86
N LEU D 215 29.64 38.49 -8.29
CA LEU D 215 29.40 38.16 -9.68
C LEU D 215 28.99 39.41 -10.46
N SER D 216 29.38 39.44 -11.74
CA SER D 216 28.98 40.51 -12.62
C SER D 216 27.52 40.34 -13.04
N ALA D 217 27.02 41.28 -13.84
CA ALA D 217 25.67 41.18 -14.35
C ALA D 217 25.51 40.00 -15.30
N GLN D 218 26.57 39.63 -16.02
CA GLN D 218 26.51 38.51 -16.95
C GLN D 218 26.68 37.17 -16.25
N MET D 219 27.57 37.12 -15.25
CA MET D 219 27.79 35.89 -14.50
C MET D 219 26.50 35.46 -13.79
N SER D 220 25.70 36.42 -13.32
CA SER D 220 24.43 36.08 -12.72
C SER D 220 23.43 35.53 -13.74
N SER D 221 23.52 35.98 -14.99
CA SER D 221 22.60 35.48 -16.02
C SER D 221 22.96 34.08 -16.49
N VAL D 222 24.25 33.82 -16.74
CA VAL D 222 24.66 32.45 -17.03
C VAL D 222 24.38 31.56 -15.82
N PHE D 223 24.50 32.12 -14.62
CA PHE D 223 24.08 31.43 -13.41
C PHE D 223 22.59 31.08 -13.47
N GLN D 224 21.76 32.00 -13.96
CA GLN D 224 20.35 31.72 -14.15
C GLN D 224 20.16 30.53 -15.09
N ARG D 225 20.84 30.55 -16.24
CA ARG D 225 20.60 29.52 -17.24
C ARG D 225 21.08 28.15 -16.76
N TYR D 226 22.19 28.10 -16.02
CA TYR D 226 22.65 26.81 -15.52
C TYR D 226 21.81 26.31 -14.35
N LEU D 227 21.34 27.22 -13.49
CA LEU D 227 20.43 26.80 -12.43
C LEU D 227 19.14 26.23 -13.00
N ALA D 228 18.58 26.90 -14.00
CA ALA D 228 17.39 26.38 -14.67
C ALA D 228 17.69 25.06 -15.39
N LEU D 229 18.89 24.93 -15.95
CA LEU D 229 19.28 23.67 -16.57
C LEU D 229 19.27 22.53 -15.56
N ALA D 230 19.84 22.77 -14.37
CA ALA D 230 19.75 21.77 -13.30
C ALA D 230 18.30 21.49 -12.93
N ASN D 231 17.47 22.54 -12.92
CA ASN D 231 16.04 22.34 -12.63
C ASN D 231 15.41 21.38 -13.62
N GLN D 232 15.71 21.53 -14.91
CA GLN D 232 15.16 20.63 -15.91
C GLN D 232 15.76 19.23 -15.79
N VAL D 233 17.03 19.13 -15.39
CA VAL D 233 17.66 17.82 -15.24
C VAL D 233 16.98 17.03 -14.13
N LEU D 234 16.78 17.67 -12.97
CA LEU D 234 16.14 16.98 -11.85
C LEU D 234 14.71 16.59 -12.18
N SER D 235 14.01 17.38 -12.98
CA SER D 235 12.62 17.12 -13.33
C SER D 235 12.47 16.06 -14.43
N TRP D 236 13.55 15.38 -14.81
CA TRP D 236 13.43 14.32 -15.82
C TRP D 236 12.58 13.17 -15.30
N ASN D 237 11.77 12.60 -16.19
CA ASN D 237 10.83 11.56 -15.81
C ASN D 237 11.58 10.28 -15.46
N PHE D 238 11.41 9.82 -14.22
CA PHE D 238 11.98 8.56 -13.76
C PHE D 238 13.50 8.52 -13.90
N LEU D 239 14.21 9.10 -12.95
CA LEU D 239 15.67 8.94 -12.91
C LEU D 239 16.00 7.51 -12.49
N PRO D 240 16.89 6.82 -13.22
CA PRO D 240 17.12 5.41 -12.93
C PRO D 240 17.83 5.24 -11.60
N PRO D 241 17.51 4.12 -10.82
CA PRO D 241 18.14 3.88 -9.52
C PRO D 241 19.43 3.06 -9.63
N THR D 242 20.52 3.77 -9.94
CA THR D 242 21.84 3.17 -10.07
C THR D 242 22.80 3.81 -9.07
N GLU D 243 23.92 3.13 -8.84
CA GLU D 243 24.92 3.65 -7.91
C GLU D 243 25.56 4.93 -8.41
N SER D 244 25.55 5.18 -9.72
CA SER D 244 26.06 6.44 -10.23
C SER D 244 25.13 7.59 -9.86
N TRP D 245 23.83 7.42 -10.12
CA TRP D 245 22.86 8.42 -9.68
C TRP D 245 22.77 8.46 -8.16
N ARG D 246 23.09 7.36 -7.48
CA ARG D 246 23.15 7.38 -6.02
C ARG D 246 24.27 8.31 -5.55
N GLU D 247 25.48 8.11 -6.05
CA GLU D 247 26.60 8.96 -5.68
C GLU D 247 26.42 10.39 -6.18
N ALA D 248 25.59 10.60 -7.20
CA ALA D 248 25.36 11.96 -7.69
C ALA D 248 24.34 12.70 -6.85
N LEU D 249 23.26 12.05 -6.45
CA LEU D 249 22.17 12.69 -5.73
C LEU D 249 22.27 12.56 -4.21
N LEU D 250 22.61 11.37 -3.70
CA LEU D 250 22.61 11.13 -2.27
C LEU D 250 23.80 11.74 -1.54
N ASP D 251 24.75 12.32 -2.28
CA ASP D 251 25.85 13.02 -1.64
C ASP D 251 25.34 14.32 -1.03
N SER D 252 25.77 14.59 0.20
CA SER D 252 25.23 15.74 0.93
C SER D 252 25.68 17.08 0.35
N ARG D 253 26.81 17.10 -0.36
CA ARG D 253 27.31 18.36 -0.91
C ARG D 253 26.39 18.94 -1.99
N VAL D 254 25.56 18.12 -2.63
CA VAL D 254 24.61 18.66 -3.60
C VAL D 254 23.42 19.30 -2.88
N MET D 255 22.92 18.64 -1.83
CA MET D 255 21.85 19.23 -1.03
C MET D 255 22.29 20.55 -0.41
N GLU D 256 23.42 20.54 0.29
CA GLU D 256 23.97 21.78 0.84
C GLU D 256 24.28 22.77 -0.28
N LEU D 257 24.67 22.27 -1.46
CA LEU D 257 24.95 23.14 -2.59
C LEU D 257 23.72 23.94 -3.00
N PHE D 258 22.61 23.25 -3.23
CA PHE D 258 21.39 23.94 -3.65
C PHE D 258 20.82 24.81 -2.54
N PHE D 259 20.99 24.40 -1.27
CA PHE D 259 20.54 25.26 -0.17
C PHE D 259 21.32 26.56 -0.13
N THR D 260 22.65 26.48 -0.18
CA THR D 260 23.47 27.69 -0.18
C THR D 260 23.20 28.54 -1.41
N VAL D 261 23.10 27.90 -2.59
CA VAL D 261 22.80 28.63 -3.81
C VAL D 261 21.49 29.40 -3.68
N HIS D 262 20.46 28.76 -3.13
CA HIS D 262 19.22 29.48 -2.86
C HIS D 262 19.44 30.63 -1.89
N ARG D 263 20.32 30.43 -0.90
CA ARG D 263 20.56 31.49 0.08
C ARG D 263 21.26 32.70 -0.55
N LYS D 264 22.04 32.48 -1.61
CA LYS D 264 22.81 33.58 -2.19
C LYS D 264 21.98 34.40 -3.18
N ILE D 265 21.22 33.74 -4.04
CA ILE D 265 20.46 34.44 -5.08
C ILE D 265 18.99 34.56 -4.67
N ARG D 266 18.76 34.60 -3.36
CA ARG D 266 17.39 34.61 -2.85
C ARG D 266 16.61 35.84 -3.31
N GLU D 267 17.26 37.00 -3.35
CA GLU D 267 16.58 38.25 -3.64
C GLU D 267 16.27 38.46 -5.11
N ASP D 268 16.57 37.48 -5.97
CA ASP D 268 16.26 37.61 -7.39
C ASP D 268 14.77 37.41 -7.67
N SER D 269 14.04 36.73 -6.79
CA SER D 269 12.62 36.46 -6.93
C SER D 269 12.30 35.61 -8.16
N ASP D 270 13.32 35.34 -8.98
CA ASP D 270 13.19 34.51 -10.17
C ASP D 270 14.11 33.30 -10.11
N MET D 271 15.38 33.50 -9.76
CA MET D 271 16.27 32.38 -9.51
C MET D 271 15.88 31.64 -8.23
N ALA D 272 15.23 32.34 -7.29
CA ALA D 272 14.77 31.70 -6.07
C ALA D 272 13.77 30.58 -6.39
N GLN D 273 12.91 30.79 -7.37
CA GLN D 273 11.94 29.76 -7.74
C GLN D 273 12.63 28.55 -8.35
N ASP D 274 13.64 28.78 -9.21
CA ASP D 274 14.38 27.67 -9.78
C ASP D 274 15.12 26.89 -8.71
N SER D 275 15.79 27.59 -7.79
CA SER D 275 16.52 26.91 -6.72
C SER D 275 15.59 26.12 -5.81
N LEU D 276 14.45 26.73 -5.44
CA LEU D 276 13.52 26.03 -4.56
C LEU D 276 12.84 24.85 -5.26
N GLN D 277 12.64 24.93 -6.58
CA GLN D 277 12.13 23.78 -7.30
C GLN D 277 13.18 22.68 -7.42
N CYS D 278 14.45 23.05 -7.57
CA CYS D 278 15.52 22.07 -7.46
C CYS D 278 15.48 21.36 -6.12
N LEU D 279 15.39 22.14 -5.04
CA LEU D 279 15.36 21.55 -3.70
C LEU D 279 14.15 20.66 -3.50
N ALA D 280 12.99 21.07 -4.03
CA ALA D 280 11.80 20.23 -3.94
C ALA D 280 11.99 18.92 -4.69
N GLN D 281 12.56 18.99 -5.90
CA GLN D 281 12.81 17.78 -6.67
C GLN D 281 13.76 16.84 -5.92
N LEU D 282 14.78 17.41 -5.27
CA LEU D 282 15.65 16.60 -4.43
C LEU D 282 14.90 16.03 -3.23
N ALA D 283 13.89 16.74 -2.75
CA ALA D 283 13.08 16.27 -1.63
C ALA D 283 12.08 15.20 -2.03
N SER D 284 11.84 15.02 -3.33
CA SER D 284 10.89 14.02 -3.81
C SER D 284 11.55 12.67 -4.08
N LEU D 285 12.81 12.48 -3.69
CA LEU D 285 13.51 11.24 -3.98
C LEU D 285 12.89 10.07 -3.23
N HIS D 286 12.61 9.00 -3.97
CA HIS D 286 11.99 7.79 -3.43
C HIS D 286 12.42 6.62 -4.32
N GLY D 287 11.79 5.46 -4.12
CA GLY D 287 12.11 4.29 -4.90
C GLY D 287 13.36 3.56 -4.45
N PRO D 288 13.80 2.58 -5.25
CA PRO D 288 15.00 1.82 -4.90
C PRO D 288 16.30 2.61 -4.95
N ILE D 289 16.28 3.90 -5.26
CA ILE D 289 17.52 4.69 -5.24
C ILE D 289 18.08 4.79 -3.84
N PHE D 290 17.25 4.61 -2.82
CA PHE D 290 17.72 4.65 -1.44
C PHE D 290 18.15 3.27 -0.98
N PRO D 291 19.43 3.06 -0.65
CA PRO D 291 19.84 1.79 -0.07
C PRO D 291 19.24 1.66 1.33
N ASP D 292 18.60 0.51 1.59
CA ASP D 292 17.91 0.20 2.85
C ASP D 292 17.06 1.37 3.36
N GLU D 293 16.62 1.30 4.62
CA GLU D 293 15.80 2.34 5.21
C GLU D 293 16.62 3.39 5.96
N GLY D 294 17.88 3.14 6.26
CA GLY D 294 18.68 4.08 7.01
C GLY D 294 19.15 5.27 6.20
N SER D 295 19.53 5.03 4.94
CA SER D 295 19.94 6.13 4.08
C SER D 295 18.81 7.12 3.85
N GLN D 296 17.55 6.65 3.87
CA GLN D 296 16.41 7.55 3.83
C GLN D 296 16.39 8.44 5.06
N VAL D 297 16.73 7.89 6.22
CA VAL D 297 16.73 8.66 7.45
C VAL D 297 17.85 9.69 7.44
N ASP D 298 19.02 9.31 6.93
CA ASP D 298 20.14 10.25 6.83
C ASP D 298 19.81 11.38 5.87
N TYR D 299 19.30 11.04 4.68
CA TYR D 299 18.95 12.06 3.69
C TYR D 299 17.87 12.99 4.22
N LEU D 300 16.81 12.42 4.80
CA LEU D 300 15.73 13.24 5.34
C LEU D 300 16.22 14.12 6.48
N ALA D 301 17.10 13.59 7.32
CA ALA D 301 17.61 14.36 8.46
C ALA D 301 18.47 15.53 7.99
N HIS D 302 19.38 15.28 7.05
CA HIS D 302 20.19 16.37 6.51
C HIS D 302 19.31 17.40 5.81
N PHE D 303 18.27 16.93 5.12
CA PHE D 303 17.41 17.83 4.36
C PHE D 303 16.59 18.71 5.28
N ILE D 304 16.02 18.15 6.35
CA ILE D 304 15.27 18.97 7.30
C ILE D 304 16.21 19.91 8.04
N GLU D 305 17.43 19.47 8.33
CA GLU D 305 18.40 20.34 8.97
C GLU D 305 18.70 21.56 8.10
N GLY D 306 19.08 21.33 6.84
CA GLY D 306 19.37 22.44 5.95
C GLY D 306 18.15 23.30 5.66
N LEU D 307 16.96 22.68 5.59
CA LEU D 307 15.75 23.43 5.32
C LEU D 307 15.41 24.36 6.49
N LEU D 308 15.51 23.86 7.72
CA LEU D 308 15.26 24.70 8.88
C LEU D 308 16.31 25.79 9.00
N ASN D 309 17.58 25.46 8.78
CA ASN D 309 18.64 26.46 8.82
C ASN D 309 18.39 27.55 7.76
N THR D 310 17.85 27.17 6.61
CA THR D 310 17.56 28.15 5.57
C THR D 310 16.35 29.01 5.94
N ILE D 311 15.32 28.40 6.51
CA ILE D 311 14.07 29.13 6.76
C ILE D 311 14.24 30.08 7.93
N ASN D 312 14.88 29.62 9.01
CA ASN D 312 14.97 30.42 10.23
C ASN D 312 15.83 31.66 10.04
N GLY D 313 16.66 31.70 9.01
CA GLY D 313 17.49 32.86 8.74
C GLY D 313 17.04 33.60 7.50
N ILE D 314 15.74 33.58 7.23
CA ILE D 314 15.19 34.16 6.01
C ILE D 314 13.81 34.73 6.31
N GLU D 315 13.58 35.98 5.90
CA GLU D 315 12.25 36.56 5.97
C GLU D 315 11.42 36.06 4.80
N ILE D 316 10.21 35.57 5.11
CA ILE D 316 9.38 34.90 4.11
C ILE D 316 8.97 35.90 3.05
N GLU D 317 9.32 35.61 1.79
CA GLU D 317 9.00 36.48 0.68
C GLU D 317 7.72 35.98 0.00
N ASP D 318 7.44 36.50 -1.18
CA ASP D 318 6.23 36.14 -1.91
C ASP D 318 6.48 35.00 -2.89
N SER D 319 7.60 35.05 -3.62
CA SER D 319 7.90 34.03 -4.61
C SER D 319 8.37 32.72 -3.98
N GLU D 320 8.64 32.71 -2.68
CA GLU D 320 9.19 31.53 -2.01
C GLU D 320 8.16 30.68 -1.30
N ALA D 321 6.93 31.17 -1.13
CA ALA D 321 5.94 30.44 -0.33
C ALA D 321 5.62 29.10 -0.96
N VAL D 322 5.24 29.09 -2.23
CA VAL D 322 4.84 27.85 -2.90
C VAL D 322 6.01 26.89 -3.00
N GLY D 323 7.23 27.41 -3.21
CA GLY D 323 8.39 26.54 -3.26
C GLY D 323 8.67 25.86 -1.93
N ILE D 324 8.72 26.65 -0.85
CA ILE D 324 8.99 26.11 0.48
C ILE D 324 7.92 25.10 0.86
N SER D 325 6.64 25.47 0.66
CA SER D 325 5.55 24.55 0.98
C SER D 325 5.65 23.28 0.14
N SER D 326 6.10 23.40 -1.10
CA SER D 326 6.28 22.21 -1.94
C SER D 326 7.39 21.33 -1.40
N ILE D 327 8.44 21.93 -0.85
CA ILE D 327 9.52 21.16 -0.24
C ILE D 327 9.01 20.41 0.99
N ILE D 328 8.28 21.12 1.86
CA ILE D 328 7.79 20.49 3.10
C ILE D 328 6.83 19.36 2.78
N SER D 329 5.81 19.65 1.95
CA SER D 329 4.84 18.62 1.61
C SER D 329 5.48 17.47 0.85
N ASN D 330 6.54 17.76 0.08
CA ASN D 330 7.28 16.68 -0.56
C ASN D 330 7.96 15.79 0.46
N LEU D 331 8.61 16.40 1.47
CA LEU D 331 9.28 15.61 2.50
C LEU D 331 8.30 14.76 3.28
N ILE D 332 7.14 15.33 3.63
CA ILE D 332 6.18 14.60 4.45
C ILE D 332 5.47 13.53 3.62
N THR D 333 5.21 13.81 2.34
CA THR D 333 4.43 12.89 1.51
C THR D 333 5.29 11.76 0.95
N VAL D 334 6.55 12.02 0.63
CA VAL D 334 7.38 11.00 -0.02
C VAL D 334 7.89 9.99 0.99
N PHE D 335 8.52 10.47 2.06
CA PHE D 335 9.16 9.56 3.00
C PHE D 335 8.11 8.91 3.91
N PRO D 336 8.23 7.60 4.14
CA PRO D 336 7.26 6.91 5.01
C PRO D 336 7.35 7.38 6.44
N ARG D 337 6.30 7.06 7.20
CA ARG D 337 6.17 7.56 8.56
C ARG D 337 7.23 6.98 9.49
N ASN D 338 7.62 5.73 9.27
CA ASN D 338 8.66 5.14 10.12
C ASN D 338 10.01 5.81 9.90
N VAL D 339 10.24 6.37 8.72
CA VAL D 339 11.47 7.12 8.47
C VAL D 339 11.37 8.52 9.07
N LEU D 340 10.18 9.13 9.04
CA LEU D 340 10.00 10.44 9.65
C LEU D 340 10.30 10.40 11.15
N THR D 341 9.91 9.33 11.83
CA THR D 341 10.13 9.21 13.27
C THR D 341 11.52 8.69 13.62
N ALA D 342 12.36 8.41 12.62
CA ALA D 342 13.71 7.91 12.87
C ALA D 342 14.75 9.01 12.90
N ILE D 343 14.38 10.25 12.63
CA ILE D 343 15.29 11.38 12.74
C ILE D 343 15.34 11.78 14.22
N PRO D 344 16.29 12.61 14.65
CA PRO D 344 16.29 13.06 16.05
C PRO D 344 14.98 13.68 16.45
N SER D 345 14.57 13.43 17.70
CA SER D 345 13.27 13.91 18.17
C SER D 345 13.21 15.43 18.22
N GLU D 346 14.32 16.07 18.59
CA GLU D 346 14.35 17.53 18.60
C GLU D 346 14.26 18.10 17.19
N LEU D 347 14.93 17.46 16.23
CA LEU D 347 14.86 17.91 14.85
C LEU D 347 13.46 17.72 14.27
N PHE D 348 12.82 16.59 14.60
CA PHE D 348 11.45 16.36 14.18
C PHE D 348 10.51 17.39 14.79
N SER D 349 10.70 17.71 16.07
CA SER D 349 9.87 18.70 16.74
C SER D 349 10.05 20.08 16.10
N SER D 350 11.29 20.44 15.76
CA SER D 350 11.52 21.72 15.08
C SER D 350 10.87 21.72 13.71
N PHE D 351 10.88 20.57 13.03
CA PHE D 351 10.23 20.48 11.72
C PHE D 351 8.73 20.70 11.82
N VAL D 352 8.09 20.04 12.79
CA VAL D 352 6.64 20.18 12.93
C VAL D 352 6.27 21.56 13.43
N ASN D 353 7.10 22.14 14.31
CA ASN D 353 6.87 23.51 14.74
C ASN D 353 6.94 24.48 13.57
N CYS D 354 7.94 24.32 12.71
CA CYS D 354 8.04 25.14 11.51
C CYS D 354 6.83 24.93 10.61
N LEU D 355 6.35 23.68 10.50
CA LEU D 355 5.17 23.41 9.71
C LEU D 355 3.96 24.16 10.25
N THR D 356 3.81 24.21 11.57
CA THR D 356 2.70 24.95 12.16
C THR D 356 2.84 26.45 11.94
N HIS D 357 4.04 26.98 12.13
CA HIS D 357 4.27 28.41 11.93
C HIS D 357 3.95 28.82 10.50
N LEU D 358 4.51 28.10 9.52
CA LEU D 358 4.23 28.43 8.12
C LEU D 358 2.77 28.16 7.76
N THR D 359 2.14 27.19 8.42
CA THR D 359 0.73 26.91 8.13
C THR D 359 -0.16 28.07 8.57
N CYS D 360 0.05 28.57 9.79
CA CYS D 360 -0.78 29.67 10.28
C CYS D 360 -0.45 30.96 9.55
N SER D 361 0.85 31.23 9.33
CA SER D 361 1.25 32.45 8.65
C SER D 361 0.74 32.48 7.21
N PHE D 362 0.94 31.38 6.47
CA PHE D 362 0.41 31.30 5.12
C PHE D 362 -1.12 31.31 5.11
N GLY D 363 -1.74 30.81 6.18
CA GLY D 363 -3.19 30.90 6.27
C GLY D 363 -3.68 32.34 6.33
N ARG D 364 -3.12 33.13 7.25
CA ARG D 364 -3.50 34.53 7.34
C ARG D 364 -3.17 35.29 6.06
N SER D 365 -1.97 35.05 5.51
CA SER D 365 -1.58 35.73 4.27
C SER D 365 -2.53 35.39 3.13
N ALA D 366 -2.93 34.12 3.02
CA ALA D 366 -3.85 33.72 1.97
C ALA D 366 -5.24 34.34 2.18
N ALA D 367 -5.70 34.37 3.43
CA ALA D 367 -6.98 35.03 3.70
C ALA D 367 -6.95 36.50 3.32
N LEU D 368 -5.80 37.16 3.48
CA LEU D 368 -5.69 38.55 3.05
C LEU D 368 -5.65 38.67 1.54
N GLU D 369 -4.89 37.79 0.87
CA GLU D 369 -4.80 37.86 -0.59
C GLU D 369 -6.14 37.55 -1.25
N GLU D 370 -7.00 36.78 -0.57
CA GLU D 370 -8.32 36.49 -1.12
C GLU D 370 -9.15 37.76 -1.24
N VAL D 371 -9.19 38.57 -0.18
CA VAL D 371 -9.99 39.78 -0.23
C VAL D 371 -9.29 40.87 -1.03
N LEU D 372 -7.96 40.83 -1.11
CA LEU D 372 -7.25 41.82 -1.91
C LEU D 372 -7.38 41.55 -3.41
N ASP D 373 -7.74 40.33 -3.80
CA ASP D 373 -7.85 39.94 -5.20
C ASP D 373 -6.52 40.13 -5.94
N ASP D 376 -2.77 37.32 -8.82
CA ASP D 376 -1.91 36.17 -8.69
C ASP D 376 -2.01 35.59 -7.28
N MET D 377 -2.71 34.46 -7.15
CA MET D 377 -2.92 33.81 -5.86
C MET D 377 -1.72 32.92 -5.56
N VAL D 378 -0.91 33.32 -4.58
CA VAL D 378 0.31 32.62 -4.21
C VAL D 378 0.17 31.91 -2.87
N TYR D 379 -0.27 32.62 -1.84
CA TYR D 379 -0.33 32.03 -0.50
C TYR D 379 -1.47 31.04 -0.34
N MET D 380 -2.52 31.13 -1.16
CA MET D 380 -3.58 30.14 -1.07
C MET D 380 -3.11 28.77 -1.54
N GLU D 381 -2.28 28.74 -2.59
CA GLU D 381 -1.73 27.48 -3.07
C GLU D 381 -0.77 26.86 -2.06
N ALA D 382 0.16 27.67 -1.55
CA ALA D 382 1.13 27.17 -0.57
C ALA D 382 0.44 26.71 0.71
N TYR D 383 -0.48 27.52 1.21
CA TYR D 383 -1.26 27.14 2.39
C TYR D 383 -2.05 25.85 2.13
N ASP D 384 -2.56 25.70 0.90
CA ASP D 384 -3.26 24.47 0.55
C ASP D 384 -2.33 23.27 0.63
N LYS D 385 -1.10 23.42 0.15
CA LYS D 385 -0.12 22.33 0.25
C LYS D 385 0.21 22.01 1.70
N LEU D 386 0.34 23.04 2.54
CA LEU D 386 0.66 22.77 3.94
C LEU D 386 -0.48 22.04 4.64
N LEU D 387 -1.74 22.43 4.35
CA LEU D 387 -2.86 21.73 4.94
C LEU D 387 -2.94 20.28 4.43
N GLU D 388 -2.62 20.06 3.16
CA GLU D 388 -2.56 18.70 2.63
C GLU D 388 -1.52 17.86 3.38
N SER D 389 -0.32 18.43 3.57
CA SER D 389 0.71 17.70 4.30
C SER D 389 0.30 17.45 5.74
N TRP D 390 -0.46 18.37 6.33
CA TRP D 390 -1.03 18.12 7.65
C TRP D 390 -1.95 16.91 7.62
N LEU D 391 -2.80 16.82 6.60
CA LEU D 391 -3.72 15.69 6.49
C LEU D 391 -2.96 14.37 6.36
N THR D 392 -1.91 14.34 5.52
CA THR D 392 -1.15 13.11 5.38
C THR D 392 -0.36 12.77 6.64
N LEU D 393 0.08 13.78 7.39
CA LEU D 393 0.89 13.53 8.58
C LEU D 393 0.04 13.02 9.73
N VAL D 394 -1.13 13.64 9.96
CA VAL D 394 -1.95 13.30 11.11
C VAL D 394 -2.63 11.96 10.92
N ARG D 395 -3.13 11.68 9.70
CA ARG D 395 -3.84 10.44 9.44
C ARG D 395 -2.95 9.21 9.60
N ASP D 396 -1.63 9.38 9.65
CA ASP D 396 -0.71 8.26 9.83
C ASP D 396 -0.24 8.10 11.27
N ASP D 397 -0.92 8.74 12.22
CA ASP D 397 -0.52 8.67 13.61
C ASP D 397 -0.93 7.32 14.21
N LYS D 398 0.01 6.69 14.91
CA LYS D 398 -0.24 5.40 15.53
C LYS D 398 -0.75 5.58 16.96
N GLY D 403 -1.22 11.56 22.02
CA GLY D 403 -1.51 12.80 21.32
C GLY D 403 -0.31 13.73 21.24
N PHE D 404 0.29 13.82 20.05
CA PHE D 404 1.47 14.64 19.85
C PHE D 404 1.17 15.93 19.12
N PHE D 405 0.38 15.86 18.04
CA PHE D 405 0.04 17.05 17.26
C PHE D 405 -1.14 17.82 17.83
N THR D 406 -1.62 17.45 19.03
CA THR D 406 -2.87 18.02 19.53
C THR D 406 -2.76 19.53 19.70
N GLN D 407 -1.67 20.00 20.30
CA GLN D 407 -1.47 21.45 20.46
C GLN D 407 -1.34 22.14 19.11
N HIS D 408 -0.55 21.55 18.20
CA HIS D 408 -0.40 22.12 16.87
C HIS D 408 -1.73 22.12 16.12
N ALA D 409 -2.47 21.01 16.19
CA ALA D 409 -3.78 20.95 15.56
C ALA D 409 -4.71 22.02 16.11
N VAL D 410 -4.59 22.31 17.41
CA VAL D 410 -5.37 23.39 18.00
C VAL D 410 -4.95 24.74 17.43
N GLN D 411 -3.65 24.94 17.23
CA GLN D 411 -3.16 26.22 16.71
C GLN D 411 -3.63 26.44 15.28
N VAL D 412 -3.44 25.45 14.41
CA VAL D 412 -3.82 25.60 13.00
C VAL D 412 -5.34 25.66 12.87
N PHE D 413 -6.06 24.89 13.70
CA PHE D 413 -7.52 24.93 13.68
C PHE D 413 -8.02 26.31 14.06
N ASN D 414 -7.50 26.87 15.15
CA ASN D 414 -7.93 28.20 15.58
C ASN D 414 -7.53 29.27 14.57
N SER D 415 -6.38 29.11 13.92
CA SER D 415 -5.99 30.06 12.88
C SER D 415 -6.94 29.97 11.70
N TYR D 416 -7.40 28.75 11.37
CA TYR D 416 -8.34 28.57 10.28
C TYR D 416 -9.69 29.22 10.61
N ILE D 417 -10.20 28.99 11.82
CA ILE D 417 -11.47 29.59 12.21
C ILE D 417 -11.33 31.11 12.30
N GLN D 418 -10.15 31.60 12.70
CA GLN D 418 -9.94 33.04 12.77
C GLN D 418 -9.88 33.67 11.39
N CYS D 419 -9.32 32.95 10.41
CA CYS D 419 -9.25 33.48 9.05
C CYS D 419 -10.58 33.40 8.32
N HIS D 420 -11.56 32.67 8.84
CA HIS D 420 -12.84 32.49 8.18
C HIS D 420 -14.01 33.04 8.99
N LEU D 421 -13.74 33.81 10.03
CA LEU D 421 -14.78 34.45 10.83
C LEU D 421 -14.79 35.94 10.58
N ALA D 422 -15.95 36.56 10.76
CA ALA D 422 -16.17 37.94 10.38
C ALA D 422 -15.38 38.89 11.28
N ALA D 423 -15.66 40.18 11.14
CA ALA D 423 -14.86 41.24 11.77
C ALA D 423 -14.66 41.07 13.28
N PRO D 424 -15.70 40.83 14.09
CA PRO D 424 -15.46 40.84 15.55
C PRO D 424 -14.47 39.79 16.02
N ASP D 425 -14.65 38.53 15.62
CA ASP D 425 -13.82 37.45 16.12
C ASP D 425 -12.75 36.98 15.13
N GLY D 426 -12.76 37.48 13.89
CA GLY D 426 -11.86 36.97 12.88
C GLY D 426 -11.32 38.06 11.98
N THR D 427 -10.46 37.64 11.04
CA THR D 427 -9.78 38.53 10.09
C THR D 427 -10.16 38.19 8.65
N ARG D 428 -11.36 37.66 8.43
CA ARG D 428 -11.76 37.23 7.10
C ARG D 428 -11.90 38.40 6.14
N ASN D 429 -12.45 39.52 6.60
CA ASN D 429 -12.71 40.68 5.76
C ASN D 429 -11.73 41.83 6.03
N LEU D 430 -10.57 41.53 6.61
CA LEU D 430 -9.61 42.57 6.95
C LEU D 430 -8.64 42.81 5.80
N THR D 431 -8.47 44.09 5.45
CA THR D 431 -7.50 44.50 4.44
C THR D 431 -6.36 45.28 5.07
N GLU D 440 -19.88 43.46 -4.00
CA GLU D 440 -20.22 42.06 -4.17
C GLU D 440 -19.74 41.56 -5.53
N GLU D 441 -18.95 40.48 -5.51
CA GLU D 441 -18.40 39.93 -6.73
C GLU D 441 -19.41 39.03 -7.43
N GLU D 442 -19.68 39.31 -8.70
CA GLU D 442 -20.60 38.49 -9.48
C GLU D 442 -20.08 37.07 -9.63
N ILE D 443 -20.81 36.09 -9.09
CA ILE D 443 -20.40 34.70 -9.09
C ILE D 443 -21.15 33.97 -10.20
N SER D 444 -20.42 33.29 -11.06
CA SER D 444 -21.01 32.52 -12.13
C SER D 444 -21.56 31.19 -11.61
N GLU D 445 -22.48 30.61 -12.37
CA GLU D 445 -23.02 29.30 -12.00
C GLU D 445 -21.97 28.20 -12.17
N LEU D 446 -21.01 28.41 -13.08
CA LEU D 446 -19.96 27.44 -13.28
C LEU D 446 -19.00 27.37 -12.10
N GLN D 447 -18.91 28.43 -11.30
CA GLN D 447 -18.04 28.41 -10.14
C GLN D 447 -18.50 27.35 -9.16
N GLU D 448 -17.57 26.49 -8.73
CA GLU D 448 -17.87 25.43 -7.79
C GLU D 448 -18.01 26.00 -6.38
N ASP D 449 -18.87 25.37 -5.59
CA ASP D 449 -19.10 25.83 -4.22
C ASP D 449 -17.84 25.66 -3.37
N ASP D 450 -17.81 26.40 -2.26
CA ASP D 450 -16.66 26.35 -1.35
C ASP D 450 -16.43 24.94 -0.83
N ARG D 451 -17.50 24.19 -0.55
CA ARG D 451 -17.35 22.84 -0.01
C ARG D 451 -16.71 21.89 -1.03
N ASP D 452 -16.72 22.24 -2.31
CA ASP D 452 -16.00 21.49 -3.34
C ASP D 452 -14.63 22.08 -3.62
N GLN D 453 -14.54 23.40 -3.85
CA GLN D 453 -13.28 24.02 -4.20
C GLN D 453 -12.28 23.91 -3.06
N PHE D 454 -12.72 24.17 -1.82
CA PHE D 454 -11.87 24.06 -0.65
C PHE D 454 -12.09 22.76 0.12
N SER D 455 -12.40 21.67 -0.60
CA SER D 455 -12.70 20.41 0.05
C SER D 455 -11.48 19.83 0.75
N ASP D 456 -10.30 19.93 0.14
CA ASP D 456 -9.09 19.38 0.75
C ASP D 456 -8.77 20.09 2.05
N GLN D 457 -8.85 21.42 2.05
CA GLN D 457 -8.58 22.18 3.27
C GLN D 457 -9.60 21.85 4.35
N LEU D 458 -10.88 21.73 3.98
CA LEU D 458 -11.91 21.42 4.97
C LEU D 458 -11.75 20.02 5.54
N ALA D 459 -11.29 19.06 4.72
CA ALA D 459 -11.04 17.72 5.24
C ALA D 459 -9.84 17.70 6.16
N SER D 460 -8.75 18.38 5.78
CA SER D 460 -7.57 18.46 6.64
C SER D 460 -7.91 19.11 7.98
N VAL D 461 -8.53 20.29 7.94
CA VAL D 461 -8.94 20.98 9.16
C VAL D 461 -9.94 20.13 9.95
N GLY D 462 -10.73 19.32 9.26
CA GLY D 462 -11.63 18.42 9.95
C GLY D 462 -10.90 17.34 10.73
N MET D 463 -9.85 16.77 10.14
CA MET D 463 -9.06 15.76 10.83
C MET D 463 -8.30 16.37 12.01
N LEU D 464 -7.67 17.53 11.79
CA LEU D 464 -7.03 18.26 12.87
C LEU D 464 -8.03 18.57 13.99
N GLY D 465 -9.27 18.87 13.62
CA GLY D 465 -10.32 19.03 14.60
C GLY D 465 -10.76 17.74 15.26
N ARG D 466 -10.48 16.60 14.62
CA ARG D 466 -10.81 15.31 15.23
C ARG D 466 -9.78 14.92 16.29
N ILE D 467 -8.49 15.06 15.98
CA ILE D 467 -7.48 14.70 16.99
C ILE D 467 -7.47 15.68 18.15
N ALA D 468 -8.01 16.89 17.96
CA ALA D 468 -8.14 17.87 19.02
C ALA D 468 -9.61 18.15 19.31
N ALA D 469 -10.42 17.09 19.31
CA ALA D 469 -11.87 17.25 19.43
C ALA D 469 -12.27 17.87 20.77
N GLU D 470 -11.54 17.53 21.84
CA GLU D 470 -11.89 18.03 23.17
C GLU D 470 -11.90 19.55 23.21
N HIS D 471 -11.09 20.20 22.38
CA HIS D 471 -11.09 21.65 22.25
C HIS D 471 -11.94 22.16 21.09
N CYS D 472 -11.92 21.45 19.96
CA CYS D 472 -12.57 21.96 18.75
C CYS D 472 -14.09 21.84 18.82
N MET D 473 -14.61 20.71 19.32
CA MET D 473 -16.05 20.52 19.33
C MET D 473 -16.78 21.52 20.22
N PRO D 474 -16.36 21.78 21.46
CA PRO D 474 -17.01 22.86 22.22
C PRO D 474 -16.86 24.22 21.56
N LEU D 475 -15.77 24.46 20.85
CA LEU D 475 -15.59 25.71 20.13
C LEU D 475 -16.63 25.85 19.02
N LEU D 476 -16.78 24.80 18.20
CA LEU D 476 -17.78 24.85 17.13
C LEU D 476 -19.19 24.97 17.69
N THR D 477 -19.46 24.32 18.83
CA THR D 477 -20.78 24.43 19.43
C THR D 477 -21.05 25.85 19.92
N SER D 478 -20.07 26.45 20.60
CA SER D 478 -20.22 27.81 21.09
C SER D 478 -20.42 28.80 19.93
N LEU D 479 -19.56 28.71 18.92
CA LEU D 479 -19.67 29.61 17.77
C LEU D 479 -21.00 29.42 17.06
N LEU D 480 -21.45 28.18 16.88
CA LEU D 480 -22.69 27.95 16.17
C LEU D 480 -23.89 28.46 16.96
N GLU D 481 -23.90 28.28 18.27
CA GLU D 481 -25.01 28.80 19.07
C GLU D 481 -25.01 30.34 19.06
N GLU D 482 -23.84 30.95 19.25
CA GLU D 482 -23.77 32.41 19.25
C GLU D 482 -24.21 32.99 17.92
N ARG D 483 -23.72 32.42 16.81
CA ARG D 483 -24.11 32.92 15.49
C ARG D 483 -25.58 32.66 15.21
N VAL D 484 -26.12 31.56 15.72
CA VAL D 484 -27.55 31.28 15.56
C VAL D 484 -28.38 32.37 16.23
N THR D 485 -28.02 32.71 17.48
CA THR D 485 -28.74 33.77 18.18
C THR D 485 -28.61 35.10 17.43
N ARG D 486 -27.44 35.35 16.84
CA ARG D 486 -27.24 36.54 16.02
C ARG D 486 -28.03 36.44 14.71
N MET D 511 -22.22 43.52 7.21
CA MET D 511 -22.56 42.85 8.46
C MET D 511 -23.69 41.84 8.26
N LEU D 512 -24.59 42.15 7.31
CA LEU D 512 -25.71 41.25 7.04
C LEU D 512 -25.22 39.96 6.38
N ASP D 513 -24.31 40.07 5.41
CA ASP D 513 -23.73 38.91 4.76
C ASP D 513 -22.66 38.24 5.61
N ASP D 514 -21.98 39.01 6.47
CA ASP D 514 -20.89 38.47 7.27
C ASP D 514 -21.36 37.35 8.19
N LEU D 515 -22.55 37.50 8.79
CA LEU D 515 -23.07 36.42 9.62
C LEU D 515 -23.34 35.16 8.79
N TYR D 516 -23.92 35.33 7.60
CA TYR D 516 -24.18 34.19 6.72
C TYR D 516 -22.90 33.49 6.32
N GLU D 517 -21.82 34.26 6.09
CA GLU D 517 -20.54 33.65 5.75
C GLU D 517 -19.95 32.93 6.95
N ASP D 518 -20.10 33.50 8.15
CA ASP D 518 -19.66 32.84 9.37
C ASP D 518 -20.34 31.48 9.52
N ILE D 519 -21.66 31.46 9.51
CA ILE D 519 -22.40 30.21 9.62
C ILE D 519 -22.04 29.26 8.49
N HIS D 520 -21.76 29.82 7.30
CA HIS D 520 -21.33 29.02 6.16
C HIS D 520 -20.06 28.23 6.49
N TRP D 521 -18.99 28.94 6.86
CA TRP D 521 -17.73 28.27 7.15
C TRP D 521 -17.82 27.35 8.36
N LEU D 522 -18.59 27.76 9.38
CA LEU D 522 -18.75 26.90 10.54
C LEU D 522 -19.42 25.59 10.18
N ILE D 523 -20.47 25.65 9.34
CA ILE D 523 -21.17 24.43 8.93
C ILE D 523 -20.25 23.55 8.08
N LEU D 524 -19.45 24.15 7.20
CA LEU D 524 -18.53 23.36 6.40
C LEU D 524 -17.51 22.64 7.26
N VAL D 525 -16.84 23.38 8.15
CA VAL D 525 -15.83 22.78 9.02
C VAL D 525 -16.44 21.70 9.89
N THR D 526 -17.61 21.97 10.47
CA THR D 526 -18.26 20.97 11.32
C THR D 526 -18.60 19.71 10.54
N GLY D 527 -19.15 19.87 9.33
CA GLY D 527 -19.48 18.72 8.51
C GLY D 527 -18.26 17.88 8.21
N TYR D 528 -17.17 18.51 7.77
CA TYR D 528 -15.96 17.73 7.52
C TYR D 528 -15.31 17.22 8.80
N LEU D 529 -15.73 17.72 9.97
CA LEU D 529 -15.17 17.23 11.22
C LEU D 529 -15.89 15.96 11.69
N LEU D 530 -17.20 15.89 11.49
CA LEU D 530 -18.00 14.82 12.09
C LEU D 530 -18.16 13.59 11.19
N ALA D 531 -17.82 13.67 9.91
CA ALA D 531 -17.98 12.51 9.03
C ALA D 531 -17.08 12.65 7.82
N ASP D 532 -17.05 11.60 7.01
CA ASP D 532 -16.21 11.50 5.82
C ASP D 532 -17.07 11.55 4.57
N ASP D 533 -16.40 11.45 3.41
CA ASP D 533 -17.08 11.50 2.11
C ASP D 533 -17.34 10.10 1.56
N THR D 534 -16.28 9.31 1.39
CA THR D 534 -16.36 7.94 0.87
C THR D 534 -17.18 7.87 -0.41
N GLN D 535 -16.57 8.27 -1.53
CA GLN D 535 -17.22 8.16 -2.84
C GLN D 535 -17.23 6.72 -3.35
N THR D 538 -19.59 3.14 2.50
CA THR D 538 -20.42 3.65 3.58
C THR D 538 -19.57 4.26 4.69
N PRO D 539 -19.76 5.56 4.93
CA PRO D 539 -18.96 6.24 5.95
C PRO D 539 -19.38 5.84 7.36
N LEU D 540 -18.39 5.56 8.19
CA LEU D 540 -18.61 5.24 9.60
C LEU D 540 -18.32 6.47 10.46
N ILE D 541 -18.75 6.41 11.71
CA ILE D 541 -18.44 7.48 12.66
C ILE D 541 -16.94 7.50 12.86
N PRO D 542 -16.26 8.61 12.59
CA PRO D 542 -14.80 8.67 12.72
C PRO D 542 -14.35 8.23 14.10
N PRO D 543 -13.24 7.49 14.19
CA PRO D 543 -12.85 6.90 15.48
C PRO D 543 -12.61 7.93 16.58
N GLU D 544 -12.08 9.10 16.26
CA GLU D 544 -11.86 10.12 17.28
C GLU D 544 -13.18 10.55 17.92
N ILE D 545 -14.24 10.64 17.11
CA ILE D 545 -15.53 11.06 17.62
C ILE D 545 -16.12 9.98 18.52
N MET D 546 -16.05 8.71 18.10
CA MET D 546 -16.59 7.63 18.91
C MET D 546 -15.80 7.45 20.20
N GLU D 547 -14.47 7.59 20.13
CA GLU D 547 -13.67 7.48 21.35
C GLU D 547 -13.96 8.63 22.30
N TYR D 548 -14.12 9.85 21.77
CA TYR D 548 -14.50 10.97 22.63
C TYR D 548 -15.89 10.77 23.22
N SER D 549 -16.81 10.15 22.48
CA SER D 549 -18.16 9.96 22.99
C SER D 549 -18.21 8.84 24.03
N ILE D 550 -17.40 7.81 23.88
CA ILE D 550 -17.36 6.76 24.91
C ILE D 550 -16.75 7.32 26.18
N LYS D 551 -15.68 8.11 26.05
CA LYS D 551 -15.21 8.88 27.18
C LYS D 551 -16.22 9.99 27.46
N HIS D 552 -16.12 10.58 28.66
CA HIS D 552 -17.03 11.64 29.10
C HIS D 552 -18.48 11.16 29.11
N SER D 553 -18.72 9.89 28.81
CA SER D 553 -20.08 9.35 28.76
C SER D 553 -20.70 9.27 30.15
N SER D 554 -19.88 9.20 31.20
CA SER D 554 -20.38 9.21 32.57
C SER D 554 -20.70 10.61 33.05
N GLU D 555 -20.14 11.63 32.39
CA GLU D 555 -20.38 13.02 32.75
C GLU D 555 -21.54 13.63 31.97
N VAL D 556 -22.31 12.82 31.28
CA VAL D 556 -23.39 13.29 30.40
C VAL D 556 -24.67 12.54 30.75
N ASP D 557 -25.75 13.29 30.95
CA ASP D 557 -27.08 12.71 31.09
C ASP D 557 -27.70 12.56 29.71
N ILE D 558 -28.00 11.32 29.33
CA ILE D 558 -28.58 11.09 28.01
C ILE D 558 -29.99 11.66 27.90
N ASN D 559 -30.65 11.88 29.05
CA ASN D 559 -31.98 12.47 29.03
C ASN D 559 -31.92 13.94 28.65
N THR D 560 -31.05 14.71 29.31
CA THR D 560 -30.85 16.11 28.94
C THR D 560 -30.31 16.23 27.53
N THR D 561 -29.45 15.29 27.12
CA THR D 561 -28.93 15.29 25.76
C THR D 561 -30.06 15.09 24.75
N LEU D 562 -30.94 14.13 25.00
CA LEU D 562 -32.08 13.91 24.12
C LEU D 562 -33.04 15.10 24.16
N GLN D 563 -33.05 15.85 25.26
CA GLN D 563 -33.88 17.06 25.30
C GLN D 563 -33.27 18.18 24.47
N ILE D 564 -31.94 18.28 24.44
CA ILE D 564 -31.30 19.28 23.59
C ILE D 564 -31.47 18.93 22.12
N LEU D 565 -31.29 17.65 21.77
CA LEU D 565 -31.45 17.25 20.38
C LEU D 565 -32.92 17.32 19.95
N GLY D 566 -33.82 16.89 20.84
CA GLY D 566 -35.24 16.82 20.50
C GLY D 566 -35.96 18.15 20.45
N SER D 567 -35.34 19.22 20.93
CA SER D 567 -35.95 20.56 20.94
C SER D 567 -35.00 21.52 20.24
N PRO D 568 -34.93 21.46 18.90
CA PRO D 568 -34.02 22.36 18.16
C PRO D 568 -34.53 23.77 18.00
N GLY D 569 -35.69 24.11 18.54
CA GLY D 569 -36.24 25.43 18.40
C GLY D 569 -35.79 26.40 19.49
N GLU D 570 -35.66 25.91 20.72
CA GLU D 570 -35.26 26.75 21.82
C GLU D 570 -33.74 26.76 21.99
N LYS D 571 -33.24 27.80 22.66
CA LYS D 571 -31.81 27.96 22.86
C LYS D 571 -31.28 26.89 23.81
N ALA D 572 -30.04 26.46 23.54
CA ALA D 572 -29.40 25.48 24.41
C ALA D 572 -29.02 26.09 25.75
N SER D 573 -28.72 27.39 25.78
CA SER D 573 -28.31 28.03 27.03
C SER D 573 -29.42 28.04 28.06
N SER D 574 -30.67 27.84 27.64
CA SER D 574 -31.82 27.79 28.54
C SER D 574 -32.38 26.37 28.49
N ILE D 575 -31.81 25.49 29.29
CA ILE D 575 -32.27 24.11 29.41
C ILE D 575 -31.82 23.54 30.75
N PRO D 576 -32.61 22.66 31.37
CA PRO D 576 -32.21 22.11 32.67
C PRO D 576 -30.93 21.29 32.62
N GLY D 577 -29.78 21.95 32.80
CA GLY D 577 -28.51 21.25 32.87
C GLY D 577 -27.91 20.91 31.53
N TYR D 578 -27.90 21.89 30.62
CA TYR D 578 -27.36 21.68 29.28
C TYR D 578 -25.87 21.42 29.28
N SER D 579 -25.15 21.79 30.35
CA SER D 579 -23.71 21.61 30.37
C SER D 579 -23.32 20.13 30.36
N ARG D 580 -24.14 19.27 30.95
CA ARG D 580 -23.88 17.83 30.98
C ARG D 580 -24.57 17.12 29.82
N THR D 581 -24.29 17.60 28.61
CA THR D 581 -24.86 17.04 27.38
C THR D 581 -23.74 16.59 26.47
N ASP D 582 -23.97 15.46 25.78
CA ASP D 582 -22.97 14.88 24.90
C ASP D 582 -22.55 15.90 23.85
N SER D 583 -21.24 16.18 23.79
CA SER D 583 -20.74 17.27 22.95
C SER D 583 -21.06 17.04 21.48
N VAL D 584 -20.93 15.80 21.01
CA VAL D 584 -21.26 15.48 19.62
C VAL D 584 -22.71 15.82 19.32
N ILE D 585 -23.62 15.26 20.12
CA ILE D 585 -25.05 15.49 19.90
C ILE D 585 -25.40 16.95 20.10
N ARG D 586 -24.63 17.67 20.93
CA ARG D 586 -24.88 19.10 21.10
C ARG D 586 -24.45 19.89 19.86
N LEU D 587 -23.39 19.45 19.17
CA LEU D 587 -22.96 20.13 17.95
C LEU D 587 -23.92 19.85 16.80
N LEU D 588 -24.24 18.58 16.57
CA LEU D 588 -25.28 18.24 15.60
C LEU D 588 -26.56 19.00 15.91
N SER D 589 -26.86 19.19 17.20
CA SER D 589 -28.00 20.01 17.60
C SER D 589 -27.78 21.48 17.29
N ALA D 590 -26.52 21.92 17.22
CA ALA D 590 -26.25 23.31 16.87
C ALA D 590 -26.58 23.59 15.41
N VAL D 591 -26.01 22.79 14.50
CA VAL D 591 -26.36 22.96 13.09
C VAL D 591 -27.84 22.72 12.89
N LEU D 592 -28.42 21.76 13.62
CA LEU D 592 -29.86 21.57 13.57
C LEU D 592 -30.61 22.82 14.00
N ARG D 593 -30.04 23.58 14.94
CA ARG D 593 -30.64 24.85 15.34
C ARG D 593 -30.53 25.89 14.24
N VAL D 594 -29.44 25.88 13.47
CA VAL D 594 -29.40 26.71 12.27
C VAL D 594 -30.56 26.35 11.34
N SER D 595 -30.76 25.05 11.14
CA SER D 595 -31.88 24.59 10.32
C SER D 595 -33.22 25.06 10.89
N GLU D 596 -33.34 25.12 12.21
CA GLU D 596 -34.57 25.62 12.81
C GLU D 596 -34.74 27.12 12.57
N VAL D 597 -33.64 27.86 12.61
CA VAL D 597 -33.71 29.29 12.28
C VAL D 597 -34.22 29.48 10.86
N GLU D 598 -33.64 28.72 9.92
CA GLU D 598 -34.07 28.85 8.53
C GLU D 598 -35.53 28.46 8.35
N SER D 599 -35.94 27.33 8.93
CA SER D 599 -37.31 26.85 8.76
C SER D 599 -38.32 27.81 9.38
N ARG D 600 -38.02 28.31 10.58
CA ARG D 600 -38.91 29.29 11.20
C ARG D 600 -38.96 30.58 10.39
N ALA D 601 -37.84 30.96 9.77
CA ALA D 601 -37.87 32.09 8.85
C ALA D 601 -38.76 31.80 7.66
N ILE D 602 -38.84 30.54 7.24
CA ILE D 602 -39.76 30.18 6.15
C ILE D 602 -41.20 30.29 6.60
N ARG D 603 -41.49 29.89 7.84
CA ARG D 603 -42.86 29.98 8.34
C ARG D 603 -43.34 31.43 8.43
N ALA D 604 -42.44 32.37 8.70
CA ALA D 604 -42.78 33.78 8.74
C ALA D 604 -42.61 34.47 7.39
N ASP D 605 -42.57 33.71 6.29
CA ASP D 605 -42.50 34.26 4.94
C ASP D 605 -41.26 35.12 4.72
N LEU D 606 -40.18 34.82 5.46
CA LEU D 606 -38.94 35.58 5.38
C LEU D 606 -37.94 34.98 4.38
N THR D 607 -38.43 34.15 3.44
CA THR D 607 -37.55 33.48 2.49
C THR D 607 -36.72 34.48 1.69
N HIS D 608 -37.23 35.68 1.47
CA HIS D 608 -36.49 36.67 0.68
C HIS D 608 -35.27 37.21 1.41
N LEU D 609 -35.22 37.10 2.74
CA LEU D 609 -34.10 37.62 3.51
C LEU D 609 -33.01 36.58 3.76
N LEU D 610 -33.25 35.31 3.43
CA LEU D 610 -32.33 34.24 3.77
C LEU D 610 -31.19 34.15 2.76
N SER D 611 -30.24 33.28 3.04
CA SER D 611 -29.09 33.02 2.19
C SER D 611 -29.22 31.65 1.56
N PRO D 612 -29.44 31.54 0.25
CA PRO D 612 -29.50 30.20 -0.38
C PRO D 612 -28.21 29.42 -0.23
N GLN D 613 -27.07 30.11 -0.09
CA GLN D 613 -25.81 29.42 0.20
C GLN D 613 -25.90 28.65 1.52
N MET D 614 -26.36 29.32 2.58
CA MET D 614 -26.53 28.64 3.86
C MET D 614 -27.55 27.52 3.76
N GLY D 615 -28.56 27.68 2.91
CA GLY D 615 -29.49 26.59 2.68
C GLY D 615 -28.82 25.37 2.09
N LYS D 616 -27.96 25.59 1.09
CA LYS D 616 -27.19 24.48 0.52
C LYS D 616 -26.29 23.85 1.56
N ASP D 617 -25.68 24.68 2.43
CA ASP D 617 -24.80 24.16 3.46
C ASP D 617 -25.56 23.27 4.44
N ILE D 618 -26.73 23.73 4.89
CA ILE D 618 -27.52 22.97 5.83
C ILE D 618 -28.02 21.68 5.19
N VAL D 619 -28.46 21.74 3.93
CA VAL D 619 -28.95 20.54 3.26
C VAL D 619 -27.83 19.51 3.12
N TRP D 620 -26.66 19.97 2.66
CA TRP D 620 -25.50 19.09 2.57
C TRP D 620 -25.17 18.46 3.92
N PHE D 621 -25.17 19.27 4.97
CA PHE D 621 -24.85 18.75 6.30
C PHE D 621 -25.86 17.68 6.71
N LEU D 622 -27.15 17.97 6.59
CA LEU D 622 -28.17 17.00 6.98
C LEU D 622 -28.05 15.72 6.16
N LYS D 623 -27.62 15.83 4.90
CA LYS D 623 -27.31 14.64 4.11
C LYS D 623 -26.20 13.82 4.77
N ARG D 624 -25.11 14.49 5.14
CA ARG D 624 -23.99 13.80 5.76
C ARG D 624 -24.39 13.16 7.09
N TRP D 625 -25.18 13.89 7.89
CA TRP D 625 -25.73 13.34 9.13
C TRP D 625 -26.55 12.08 8.86
N ALA D 626 -27.47 12.17 7.89
CA ALA D 626 -28.33 11.03 7.59
C ALA D 626 -27.53 9.81 7.14
N LYS D 627 -26.42 10.02 6.45
CA LYS D 627 -25.65 8.89 5.97
C LYS D 627 -24.77 8.24 7.05
N THR D 628 -24.66 8.83 8.23
CA THR D 628 -23.75 8.31 9.23
C THR D 628 -24.42 8.14 10.60
N TYR D 629 -25.07 9.21 11.08
CA TYR D 629 -25.67 9.22 12.41
C TYR D 629 -27.17 8.93 12.38
N LEU D 630 -27.62 8.12 11.42
CA LEU D 630 -29.01 7.67 11.35
C LEU D 630 -29.03 6.16 11.27
N LEU D 631 -29.78 5.53 12.16
CA LEU D 631 -29.93 4.08 12.20
C LEU D 631 -28.57 3.40 12.22
N VAL D 632 -27.77 3.77 13.22
CA VAL D 632 -26.43 3.22 13.34
C VAL D 632 -26.52 1.72 13.55
N ASP D 633 -25.80 0.97 12.71
CA ASP D 633 -25.75 -0.48 12.84
C ASP D 633 -24.65 -0.82 13.83
N GLU D 634 -25.03 -1.41 14.96
CA GLU D 634 -24.07 -1.70 16.01
C GLU D 634 -23.09 -2.80 15.63
N LYS D 635 -23.40 -3.57 14.58
CA LYS D 635 -22.49 -4.60 14.11
C LYS D 635 -21.30 -4.03 13.35
N LEU D 636 -21.31 -2.74 13.04
CA LEU D 636 -20.25 -2.09 12.28
C LEU D 636 -19.20 -1.46 13.17
N TYR D 637 -19.36 -1.51 14.48
CA TYR D 637 -18.41 -0.90 15.41
C TYR D 637 -18.10 -1.89 16.53
N ASP D 638 -16.83 -1.92 16.94
CA ASP D 638 -16.46 -2.73 18.10
C ASP D 638 -17.13 -2.20 19.37
N GLN D 639 -17.15 -0.88 19.55
CA GLN D 639 -17.74 -0.27 20.72
C GLN D 639 -18.44 1.02 20.33
N ILE D 640 -19.68 1.18 20.79
CA ILE D 640 -20.46 2.39 20.56
C ILE D 640 -20.80 3.02 21.90
N SER D 641 -20.69 4.34 21.99
CA SER D 641 -21.03 5.04 23.21
C SER D 641 -22.53 4.95 23.48
N LEU D 642 -22.87 4.98 24.77
CA LEU D 642 -24.28 4.93 25.15
C LEU D 642 -25.09 6.11 24.63
N PRO D 643 -24.62 7.37 24.68
CA PRO D 643 -25.42 8.46 24.07
C PRO D 643 -25.64 8.26 22.59
N LEU D 644 -24.64 7.80 21.85
CA LEU D 644 -24.82 7.52 20.43
C LEU D 644 -25.57 6.22 20.18
N SER D 645 -25.76 5.39 21.21
CA SER D 645 -26.54 4.18 21.06
C SER D 645 -28.03 4.43 21.29
N THR D 646 -28.37 5.17 22.34
CA THR D 646 -29.78 5.42 22.61
C THR D 646 -30.32 6.52 21.71
N ALA D 647 -29.49 7.52 21.40
CA ALA D 647 -29.83 8.54 20.42
C ALA D 647 -29.18 8.14 19.10
N PHE D 648 -29.91 8.37 18.00
CA PHE D 648 -29.50 8.00 16.65
C PHE D 648 -29.43 6.49 16.45
N GLY D 649 -29.94 5.71 17.39
CA GLY D 649 -29.84 4.26 17.31
C GLY D 649 -30.69 3.67 16.20
N ALA D 650 -30.68 2.34 16.14
CA ALA D 650 -31.39 1.62 15.09
C ALA D 650 -32.89 1.62 15.36
N ASP D 651 -33.31 1.07 16.50
CA ASP D 651 -34.71 0.99 16.86
C ASP D 651 -35.18 2.14 17.73
N THR D 652 -34.36 3.19 17.88
CA THR D 652 -34.70 4.29 18.76
C THR D 652 -35.78 5.17 18.14
N GLU D 653 -36.50 5.89 19.01
CA GLU D 653 -37.43 6.90 18.56
C GLU D 653 -36.74 8.20 18.19
N GLY D 654 -35.49 8.38 18.62
CA GLY D 654 -34.74 9.55 18.22
C GLY D 654 -34.49 9.61 16.73
N SER D 655 -34.13 8.48 16.13
CA SER D 655 -33.95 8.43 14.68
C SER D 655 -35.28 8.61 13.96
N GLN D 656 -36.35 7.99 14.47
CA GLN D 656 -37.67 8.20 13.89
C GLN D 656 -38.09 9.67 13.96
N TRP D 657 -37.58 10.40 14.96
CA TRP D 657 -37.88 11.83 15.07
C TRP D 657 -37.03 12.64 14.09
N ILE D 658 -35.73 12.32 14.00
CA ILE D 658 -34.84 13.08 13.13
C ILE D 658 -35.23 12.90 11.67
N ILE D 659 -35.65 11.69 11.28
CA ILE D 659 -35.99 11.46 9.88
C ILE D 659 -37.22 12.28 9.49
N GLY D 660 -38.23 12.35 10.35
CA GLY D 660 -39.37 13.20 10.09
C GLY D 660 -39.02 14.67 10.10
N TYR D 661 -38.05 15.05 10.95
CA TYR D 661 -37.58 16.43 10.95
C TYR D 661 -36.93 16.79 9.63
N LEU D 662 -36.11 15.89 9.08
CA LEU D 662 -35.52 16.12 7.77
C LEU D 662 -36.60 16.17 6.69
N LEU D 663 -37.65 15.36 6.83
CA LEU D 663 -38.77 15.46 5.90
C LEU D 663 -39.38 16.86 5.94
N GLN D 664 -39.63 17.39 7.14
CA GLN D 664 -40.17 18.74 7.25
C GLN D 664 -39.23 19.77 6.64
N LYS D 665 -37.92 19.56 6.80
CA LYS D 665 -36.95 20.49 6.21
C LYS D 665 -37.03 20.48 4.69
N VAL D 666 -36.97 19.29 4.08
CA VAL D 666 -37.03 19.23 2.62
C VAL D 666 -38.35 19.77 2.10
N ILE D 667 -39.43 19.61 2.86
CA ILE D 667 -40.72 20.14 2.40
C ILE D 667 -40.73 21.67 2.48
N SER D 668 -40.11 22.23 3.51
CA SER D 668 -39.98 23.68 3.58
C SER D 668 -39.19 24.21 2.38
N ASN D 669 -38.00 23.64 2.15
CA ASN D 669 -37.15 24.10 1.06
C ASN D 669 -37.85 23.95 -0.29
N LEU D 670 -38.40 22.77 -0.56
CA LEU D 670 -39.14 22.56 -1.81
C LEU D 670 -40.38 23.44 -1.89
N SER D 671 -40.85 23.95 -0.75
CA SER D 671 -42.03 24.81 -0.75
C SER D 671 -41.69 26.25 -1.10
N VAL D 672 -40.51 26.74 -0.70
CA VAL D 672 -40.21 28.14 -0.95
C VAL D 672 -39.03 28.35 -1.90
N TRP D 673 -38.12 27.39 -1.98
CA TRP D 673 -36.88 27.58 -2.74
C TRP D 673 -36.98 27.07 -4.17
N SER D 674 -38.08 27.39 -4.85
CA SER D 674 -38.21 27.00 -6.25
C SER D 674 -37.27 27.80 -7.14
N SER D 675 -37.04 29.06 -6.81
CA SER D 675 -36.24 29.94 -7.67
C SER D 675 -34.76 29.60 -7.64
N GLU D 676 -34.29 28.94 -6.59
CA GLU D 676 -32.87 28.58 -6.44
C GLU D 676 -32.69 27.12 -6.84
N GLN D 677 -32.20 26.91 -8.07
CA GLN D 677 -32.13 25.56 -8.62
C GLN D 677 -31.18 24.67 -7.82
N ASP D 678 -30.00 25.19 -7.47
CA ASP D 678 -29.04 24.41 -6.69
C ASP D 678 -29.64 23.92 -5.38
N LEU D 679 -30.23 24.85 -4.61
CA LEU D 679 -30.79 24.48 -3.32
C LEU D 679 -31.93 23.48 -3.46
N ALA D 680 -32.75 23.63 -4.50
CA ALA D 680 -33.86 22.70 -4.72
C ALA D 680 -33.34 21.30 -5.04
N ASN D 681 -32.38 21.20 -5.96
CA ASN D 681 -31.85 19.90 -6.34
C ASN D 681 -31.12 19.24 -5.18
N ASP D 682 -30.38 20.02 -4.39
CA ASP D 682 -29.72 19.47 -3.21
C ASP D 682 -30.76 18.98 -2.20
N THR D 683 -31.87 19.71 -2.07
CA THR D 683 -32.93 19.32 -1.14
C THR D 683 -33.55 17.99 -1.56
N VAL D 684 -33.98 17.89 -2.82
CA VAL D 684 -34.59 16.64 -3.29
C VAL D 684 -33.57 15.51 -3.26
N GLN D 685 -32.29 15.83 -3.41
CA GLN D 685 -31.26 14.82 -3.25
C GLN D 685 -31.19 14.32 -1.81
N LEU D 686 -31.33 15.22 -0.84
CA LEU D 686 -31.45 14.79 0.55
C LEU D 686 -32.65 13.87 0.73
N LEU D 687 -33.77 14.19 0.08
CA LEU D 687 -34.93 13.29 0.12
C LEU D 687 -34.56 11.90 -0.38
N VAL D 688 -33.96 11.82 -1.57
CA VAL D 688 -33.56 10.53 -2.12
C VAL D 688 -32.65 9.80 -1.15
N THR D 689 -31.76 10.53 -0.47
CA THR D 689 -30.92 9.90 0.56
C THR D 689 -31.78 9.33 1.68
N LEU D 690 -32.85 10.04 2.04
CA LEU D 690 -33.75 9.55 3.10
C LEU D 690 -34.56 8.34 2.66
N VAL D 691 -34.66 8.06 1.36
CA VAL D 691 -35.48 6.94 0.90
C VAL D 691 -34.66 5.83 0.26
N GLU D 692 -33.34 6.00 0.11
CA GLU D 692 -32.52 5.05 -0.64
C GLU D 692 -32.47 3.68 0.02
N ARG D 693 -31.76 3.57 1.14
CA ARG D 693 -31.65 2.29 1.84
C ARG D 693 -32.98 1.91 2.48
N ARG D 694 -33.35 0.64 2.33
CA ARG D 694 -34.67 0.19 2.78
C ARG D 694 -34.86 0.42 4.28
N GLU D 695 -33.77 0.35 5.06
CA GLU D 695 -33.87 0.61 6.49
C GLU D 695 -34.44 1.98 6.79
N ARG D 696 -34.18 2.96 5.93
CA ARG D 696 -34.72 4.30 6.07
C ARG D 696 -36.12 4.42 5.46
N ALA D 697 -36.35 3.73 4.34
CA ALA D 697 -37.65 3.79 3.68
C ALA D 697 -38.74 3.16 4.53
N ASN D 698 -38.39 2.17 5.35
CA ASN D 698 -39.40 1.56 6.23
C ASN D 698 -39.86 2.54 7.32
N LEU D 699 -38.99 3.44 7.75
CA LEU D 699 -39.34 4.42 8.76
C LEU D 699 -39.87 5.73 8.17
N VAL D 700 -39.58 6.01 6.90
CA VAL D 700 -39.99 7.30 6.33
C VAL D 700 -41.45 7.26 5.89
N ILE D 701 -41.99 6.09 5.56
CA ILE D 701 -43.36 6.02 5.09
C ILE D 701 -44.37 6.14 6.22
N GLN D 702 -43.95 5.97 7.46
CA GLN D 702 -44.83 6.11 8.62
C GLN D 702 -45.04 7.55 9.05
N CYS D 703 -44.31 8.50 8.47
CA CYS D 703 -44.39 9.90 8.90
C CYS D 703 -45.60 10.63 8.36
N GLU D 704 -46.48 9.95 7.62
CA GLU D 704 -47.74 10.51 7.10
C GLU D 704 -47.54 11.68 6.15
N ASN D 705 -46.61 12.60 6.47
CA ASN D 705 -46.36 13.73 5.58
C ASN D 705 -45.83 13.26 4.24
N TRP D 706 -45.16 12.10 4.21
CA TRP D 706 -44.69 11.51 2.96
C TRP D 706 -45.86 11.23 2.03
N TRP D 707 -46.95 10.67 2.58
CA TRP D 707 -48.12 10.40 1.76
C TRP D 707 -48.77 11.69 1.31
N ASN D 708 -48.69 12.74 2.14
CA ASN D 708 -49.18 14.05 1.74
C ASN D 708 -48.33 14.63 0.61
N LEU D 709 -47.07 14.21 0.52
CA LEU D 709 -46.26 14.52 -0.66
C LEU D 709 -46.71 13.70 -1.87
N ALA D 710 -47.13 12.46 -1.63
CA ALA D 710 -47.62 11.64 -2.74
C ALA D 710 -48.86 12.26 -3.37
N LYS D 711 -49.87 12.56 -2.55
CA LYS D 711 -51.09 13.17 -3.07
C LYS D 711 -50.84 14.58 -3.56
N GLN D 712 -50.16 15.41 -2.77
CA GLN D 712 -49.97 16.81 -3.13
C GLN D 712 -49.13 16.95 -4.39
N PHE D 713 -48.09 16.12 -4.54
CA PHE D 713 -47.26 16.18 -5.74
C PHE D 713 -47.96 15.56 -6.94
N ALA D 714 -48.64 14.43 -6.75
CA ALA D 714 -49.31 13.77 -7.86
C ALA D 714 -50.51 14.57 -8.36
N SER D 715 -50.98 15.53 -7.57
CA SER D 715 -52.09 16.39 -7.97
C SER D 715 -51.63 17.58 -8.80
N ARG D 716 -50.32 17.83 -8.89
CA ARG D 716 -49.76 18.98 -9.59
C ARG D 716 -50.34 20.29 -9.04
N SER D 717 -50.33 20.39 -7.71
CA SER D 717 -50.84 21.57 -7.03
C SER D 717 -50.02 22.81 -7.37
N PRO D 718 -50.57 24.00 -7.15
CA PRO D 718 -49.84 25.25 -7.44
C PRO D 718 -48.49 25.33 -6.74
N PRO D 719 -48.38 25.05 -5.43
CA PRO D 719 -47.10 25.32 -4.76
C PRO D 719 -45.93 24.50 -5.30
N LEU D 720 -46.16 23.24 -5.64
CA LEU D 720 -45.08 22.37 -6.07
C LEU D 720 -44.76 22.51 -7.56
N ASN D 721 -45.64 23.12 -8.34
CA ASN D 721 -45.41 23.27 -9.77
C ASN D 721 -44.38 24.34 -10.10
N PHE D 722 -43.95 25.14 -9.13
CA PHE D 722 -42.91 26.14 -9.37
C PHE D 722 -41.52 25.53 -9.47
N LEU D 723 -41.36 24.25 -9.12
CA LEU D 723 -40.06 23.61 -9.21
C LEU D 723 -39.65 23.40 -10.66
N SER D 724 -38.33 23.29 -10.87
CA SER D 724 -37.80 23.08 -12.21
C SER D 724 -38.10 21.65 -12.67
N SER D 725 -37.68 21.33 -13.90
CA SER D 725 -37.94 19.99 -14.44
C SER D 725 -37.09 18.91 -13.77
N PRO D 726 -35.76 19.01 -13.70
CA PRO D 726 -34.99 17.93 -13.05
C PRO D 726 -35.31 17.76 -11.58
N VAL D 727 -35.69 18.84 -10.88
CA VAL D 727 -36.10 18.72 -9.49
C VAL D 727 -37.34 17.84 -9.38
N GLN D 728 -38.30 18.04 -10.29
CA GLN D 728 -39.49 17.21 -10.28
C GLN D 728 -39.19 15.77 -10.69
N ARG D 729 -38.25 15.57 -11.61
CA ARG D 729 -37.82 14.21 -11.93
C ARG D 729 -37.28 13.51 -10.68
N THR D 730 -36.36 14.16 -9.98
CA THR D 730 -35.78 13.55 -8.78
C THR D 730 -36.84 13.32 -7.71
N LEU D 731 -37.79 14.25 -7.58
CA LEU D 731 -38.88 14.07 -6.62
C LEU D 731 -39.70 12.84 -6.96
N MET D 732 -40.05 12.69 -8.23
CA MET D 732 -40.74 11.47 -8.67
C MET D 732 -39.93 10.23 -8.35
N LYS D 733 -38.61 10.30 -8.57
CA LYS D 733 -37.74 9.17 -8.24
C LYS D 733 -37.82 8.82 -6.76
N ALA D 734 -37.87 9.83 -5.90
CA ALA D 734 -37.93 9.57 -4.46
C ALA D 734 -39.28 8.98 -4.06
N LEU D 735 -40.38 9.49 -4.65
CA LEU D 735 -41.70 8.98 -4.29
C LEU D 735 -41.88 7.55 -4.77
N VAL D 736 -41.48 7.26 -6.01
CA VAL D 736 -41.52 5.88 -6.49
C VAL D 736 -40.59 5.00 -5.67
N LEU D 737 -39.47 5.56 -5.23
CA LEU D 737 -38.53 4.81 -4.39
C LEU D 737 -39.17 4.44 -3.06
N GLY D 738 -40.02 5.30 -2.52
CA GLY D 738 -40.72 4.98 -1.29
C GLY D 738 -41.69 3.82 -1.42
N GLY D 739 -42.17 3.55 -2.63
CA GLY D 739 -43.05 2.42 -2.85
C GLY D 739 -42.39 1.08 -2.66
N PHE D 740 -41.06 1.04 -2.50
CA PHE D 740 -40.34 -0.21 -2.31
C PHE D 740 -39.85 -0.35 -0.88
N TRP D 752 -48.85 2.90 -4.30
CA TRP D 752 -48.87 2.82 -5.76
C TRP D 752 -50.14 3.47 -6.32
N THR D 753 -51.27 3.24 -5.66
CA THR D 753 -52.54 3.80 -6.07
C THR D 753 -52.71 5.26 -5.68
N GLU D 754 -51.77 5.83 -4.93
CA GLU D 754 -51.81 7.25 -4.59
C GLU D 754 -50.77 8.08 -5.32
N VAL D 755 -49.82 7.45 -6.02
CA VAL D 755 -48.74 8.16 -6.69
C VAL D 755 -48.86 8.04 -8.21
N LEU D 756 -48.93 6.81 -8.72
CA LEU D 756 -48.91 6.57 -10.16
C LEU D 756 -50.30 6.53 -10.78
N GLN D 757 -51.31 6.14 -10.01
CA GLN D 757 -52.67 6.11 -10.54
C GLN D 757 -53.20 7.49 -10.91
N PRO D 758 -53.02 8.55 -10.11
CA PRO D 758 -53.44 9.88 -10.58
C PRO D 758 -52.68 10.33 -11.82
N LEU D 759 -51.43 9.91 -11.97
CA LEU D 759 -50.68 10.21 -13.19
C LEU D 759 -51.33 9.54 -14.39
N GLN D 760 -51.66 8.26 -14.27
CA GLN D 760 -52.37 7.56 -15.34
C GLN D 760 -53.71 8.23 -15.64
N GLN D 761 -54.43 8.66 -14.60
CA GLN D 761 -55.74 9.26 -14.78
C GLN D 761 -55.65 10.58 -15.53
N ARG D 762 -54.72 11.44 -15.12
CA ARG D 762 -54.56 12.73 -15.81
C ARG D 762 -54.10 12.52 -17.24
N PHE D 763 -53.13 11.63 -17.45
CA PHE D 763 -52.61 11.41 -18.81
C PHE D 763 -53.68 10.83 -19.73
N LEU D 764 -54.36 9.78 -19.28
CA LEU D 764 -55.39 9.15 -20.11
C LEU D 764 -56.60 10.06 -20.31
N ARG D 765 -56.92 10.89 -19.32
CA ARG D 765 -58.04 11.82 -19.47
C ARG D 765 -57.70 12.95 -20.44
N VAL D 766 -56.42 13.32 -20.53
CA VAL D 766 -56.03 14.38 -21.47
C VAL D 766 -56.26 13.92 -22.91
N ILE D 767 -55.90 12.68 -23.22
CA ILE D 767 -56.08 12.15 -24.57
C ILE D 767 -57.55 11.88 -24.84
N GLN D 773 -56.74 15.72 -30.88
CA GLN D 773 -55.76 16.22 -31.83
C GLN D 773 -55.82 17.75 -31.93
N GLN D 774 -57.04 18.28 -31.93
CA GLN D 774 -57.21 19.71 -32.21
C GLN D 774 -56.68 20.56 -31.05
N MET D 775 -56.98 20.15 -29.82
CA MET D 775 -56.69 20.96 -28.64
C MET D 775 -55.25 20.82 -28.15
N CYS D 776 -54.44 19.95 -28.77
CA CYS D 776 -53.12 19.67 -28.23
C CYS D 776 -52.19 20.87 -28.33
N GLN D 777 -52.42 21.77 -29.29
CA GLN D 777 -51.51 22.89 -29.48
C GLN D 777 -51.56 23.90 -28.34
N GLN D 778 -52.66 23.95 -27.60
CA GLN D 778 -52.79 24.91 -26.51
C GLN D 778 -51.92 24.51 -25.32
N GLU D 779 -51.39 25.53 -24.63
CA GLU D 779 -50.43 25.27 -23.56
C GLU D 779 -51.06 24.54 -22.38
N GLU D 780 -52.37 24.70 -22.20
CA GLU D 780 -53.06 24.01 -21.11
C GLU D 780 -52.90 22.51 -21.22
N VAL D 781 -52.74 21.99 -22.44
CA VAL D 781 -52.51 20.56 -22.65
C VAL D 781 -51.02 20.25 -22.61
N LYS D 782 -50.21 21.11 -23.23
CA LYS D 782 -48.77 20.85 -23.33
C LYS D 782 -48.10 20.82 -21.96
N GLN D 783 -48.57 21.65 -21.02
CA GLN D 783 -47.96 21.65 -19.69
C GLN D 783 -48.28 20.36 -18.93
N GLU D 784 -49.51 19.85 -19.06
CA GLU D 784 -49.86 18.61 -18.37
C GLU D 784 -49.17 17.41 -19.01
N ILE D 785 -49.15 17.34 -20.35
CA ILE D 785 -48.49 16.23 -21.02
C ILE D 785 -46.98 16.28 -20.75
N THR D 786 -46.41 17.48 -20.72
CA THR D 786 -44.99 17.62 -20.39
C THR D 786 -44.71 17.14 -18.97
N ALA D 787 -45.57 17.55 -18.03
CA ALA D 787 -45.40 17.10 -16.65
C ALA D 787 -45.49 15.58 -16.55
N THR D 788 -46.41 14.97 -17.31
CA THR D 788 -46.54 13.52 -17.32
C THR D 788 -45.26 12.86 -17.83
N LEU D 789 -44.70 13.38 -18.94
CA LEU D 789 -43.48 12.80 -19.48
C LEU D 789 -42.31 12.94 -18.51
N GLU D 790 -42.19 14.11 -17.88
CA GLU D 790 -41.16 14.30 -16.86
C GLU D 790 -41.31 13.30 -15.72
N ALA D 791 -42.54 13.11 -15.24
CA ALA D 791 -42.80 12.13 -14.20
C ALA D 791 -42.38 10.73 -14.65
N LEU D 792 -42.65 10.39 -15.91
CA LEU D 792 -42.20 9.10 -16.44
C LEU D 792 -40.68 8.99 -16.40
N CYS D 793 -39.99 10.09 -16.71
CA CYS D 793 -38.53 10.09 -16.60
C CYS D 793 -38.09 9.83 -15.17
N GLY D 794 -38.76 10.44 -14.19
CA GLY D 794 -38.43 10.17 -12.80
C GLY D 794 -38.66 8.71 -12.43
N ILE D 795 -39.77 8.13 -12.89
CA ILE D 795 -40.06 6.73 -12.62
C ILE D 795 -38.94 5.85 -13.19
N ALA D 796 -38.54 6.11 -14.43
CA ALA D 796 -37.47 5.32 -15.04
C ALA D 796 -36.18 5.47 -14.26
N GLU D 797 -35.87 6.69 -13.79
CA GLU D 797 -34.64 6.89 -13.05
C GLU D 797 -34.70 6.29 -11.65
N ALA D 798 -35.90 5.99 -11.14
CA ALA D 798 -36.03 5.32 -9.86
C ALA D 798 -35.92 3.79 -9.96
N THR D 799 -35.49 3.27 -11.10
CA THR D 799 -35.41 1.82 -11.29
C THR D 799 -34.31 1.21 -10.44
N ASP D 802 -36.31 -6.00 -7.26
CA ASP D 802 -36.24 -5.40 -8.58
C ASP D 802 -37.48 -4.55 -8.88
N ASN D 803 -37.25 -3.41 -9.54
CA ASN D 803 -38.35 -2.55 -9.95
C ASN D 803 -38.99 -3.00 -11.25
N VAL D 804 -38.20 -3.60 -12.14
CA VAL D 804 -38.69 -4.03 -13.44
C VAL D 804 -39.79 -5.07 -13.25
N ALA D 805 -40.53 -5.36 -14.33
CA ALA D 805 -41.70 -6.23 -14.33
C ALA D 805 -42.86 -5.59 -13.56
N ILE D 806 -42.56 -4.63 -12.68
CA ILE D 806 -43.57 -3.83 -12.00
C ILE D 806 -43.62 -2.42 -12.57
N LEU D 807 -42.49 -1.70 -12.52
CA LEU D 807 -42.42 -0.37 -13.16
C LEU D 807 -42.45 -0.48 -14.67
N PHE D 808 -41.81 -1.51 -15.24
CA PHE D 808 -41.78 -1.65 -16.69
C PHE D 808 -43.18 -1.86 -17.26
N ASN D 809 -43.98 -2.73 -16.63
CA ASN D 809 -45.35 -2.92 -17.08
C ASN D 809 -46.16 -1.63 -16.96
N PHE D 810 -45.76 -0.74 -16.05
CA PHE D 810 -46.44 0.54 -15.91
C PHE D 810 -46.03 1.51 -17.01
N LEU D 811 -44.76 1.48 -17.42
CA LEU D 811 -44.26 2.44 -18.39
C LEU D 811 -44.53 2.03 -19.83
N MET D 812 -44.68 0.73 -20.09
CA MET D 812 -44.83 0.25 -21.46
C MET D 812 -46.06 0.85 -22.13
N ASP D 813 -47.18 0.91 -21.39
CA ASP D 813 -48.39 1.53 -21.93
C ASP D 813 -48.17 3.01 -22.22
N PHE D 814 -47.46 3.72 -21.33
CA PHE D 814 -47.15 5.12 -21.58
C PHE D 814 -46.31 5.29 -22.83
N LEU D 815 -45.42 4.35 -23.13
CA LEU D 815 -44.67 4.41 -24.38
C LEU D 815 -45.58 4.20 -25.58
N ASN D 816 -46.42 3.15 -25.52
CA ASN D 816 -47.33 2.87 -26.62
C ASN D 816 -48.27 4.05 -26.89
N ASN D 817 -48.62 4.81 -25.85
CA ASN D 817 -49.34 6.06 -26.08
C ASN D 817 -48.42 7.16 -26.60
N CYS D 818 -47.13 7.13 -26.23
CA CYS D 818 -46.18 8.10 -26.75
C CYS D 818 -45.93 7.92 -28.25
N ILE D 819 -46.29 6.77 -28.82
CA ILE D 819 -46.29 6.64 -30.27
C ILE D 819 -47.29 7.61 -30.89
N GLY D 820 -48.55 7.50 -30.47
CA GLY D 820 -49.57 8.43 -30.95
C GLY D 820 -49.26 9.87 -30.59
N LEU D 821 -48.64 10.08 -29.43
CA LEU D 821 -48.20 11.43 -29.07
C LEU D 821 -47.16 11.93 -30.06
N MET D 822 -46.27 11.05 -30.51
CA MET D 822 -45.31 11.41 -31.55
C MET D 822 -46.02 11.75 -32.86
N GLU D 823 -47.12 11.05 -33.16
CA GLU D 823 -47.85 11.34 -34.39
C GLU D 823 -48.64 12.65 -34.28
N VAL D 824 -49.00 13.06 -33.07
CA VAL D 824 -49.80 14.27 -32.90
C VAL D 824 -48.93 15.53 -32.85
N TYR D 825 -47.77 15.45 -32.18
CA TYR D 825 -46.86 16.59 -32.07
C TYR D 825 -45.79 16.59 -33.15
N LYS D 826 -46.16 16.31 -34.41
CA LYS D 826 -45.18 16.28 -35.50
C LYS D 826 -44.33 17.53 -35.53
N ASN D 827 -44.97 18.70 -35.65
CA ASN D 827 -44.27 19.96 -35.82
C ASN D 827 -43.86 20.61 -34.51
N THR D 828 -44.11 19.95 -33.38
CA THR D 828 -43.69 20.48 -32.08
C THR D 828 -42.37 19.82 -31.69
N PRO D 829 -41.22 20.48 -31.87
CA PRO D 829 -39.94 19.78 -31.68
C PRO D 829 -39.65 19.43 -30.23
N GLU D 830 -39.93 20.33 -29.29
CA GLU D 830 -39.56 20.10 -27.91
C GLU D 830 -40.29 18.90 -27.31
N THR D 831 -41.56 18.70 -27.70
CA THR D 831 -42.33 17.58 -27.17
C THR D 831 -41.84 16.26 -27.77
N VAL D 832 -41.52 16.27 -29.07
CA VAL D 832 -40.91 15.09 -29.69
C VAL D 832 -39.61 14.73 -28.97
N ASN D 833 -38.77 15.74 -28.74
CA ASN D 833 -37.51 15.53 -28.03
C ASN D 833 -37.75 14.94 -26.64
N LEU D 834 -38.80 15.41 -25.95
CA LEU D 834 -39.08 14.89 -24.62
C LEU D 834 -39.55 13.44 -24.67
N ILE D 835 -40.39 13.10 -25.65
CA ILE D 835 -40.84 11.71 -25.80
C ILE D 835 -39.64 10.80 -26.05
N ILE D 836 -38.78 11.18 -27.01
CA ILE D 836 -37.57 10.40 -27.27
C ILE D 836 -36.74 10.30 -26.00
N GLU D 837 -36.73 11.36 -25.19
CA GLU D 837 -36.01 11.31 -23.92
C GLU D 837 -36.63 10.30 -22.96
N VAL D 838 -37.96 10.13 -23.00
CA VAL D 838 -38.60 9.13 -22.16
C VAL D 838 -38.21 7.73 -22.61
N PHE D 839 -38.16 7.50 -23.92
CA PHE D 839 -37.70 6.20 -24.42
C PHE D 839 -36.24 5.95 -24.03
N VAL D 840 -35.42 7.00 -24.09
CA VAL D 840 -34.02 6.87 -23.66
C VAL D 840 -33.95 6.52 -22.18
N GLU D 841 -34.82 7.12 -21.37
CA GLU D 841 -34.80 6.87 -19.93
C GLU D 841 -35.17 5.42 -19.62
N VAL D 842 -36.28 4.94 -20.17
CA VAL D 842 -36.68 3.55 -19.89
C VAL D 842 -35.67 2.58 -20.46
N ALA D 843 -35.21 2.81 -21.69
CA ALA D 843 -34.28 1.89 -22.33
C ALA D 843 -32.95 1.84 -21.59
N HIS D 844 -32.48 2.98 -21.09
CA HIS D 844 -31.20 3.01 -20.40
C HIS D 844 -31.31 2.43 -19.00
N LYS D 845 -32.34 2.80 -18.25
CA LYS D 845 -32.42 2.43 -16.85
C LYS D 845 -32.92 1.01 -16.63
N GLN D 846 -33.79 0.49 -17.50
CA GLN D 846 -34.48 -0.75 -17.21
C GLN D 846 -34.04 -1.95 -18.03
N ILE D 847 -33.44 -1.75 -19.20
CA ILE D 847 -33.15 -2.87 -20.09
C ILE D 847 -32.12 -3.82 -19.50
N CYS D 848 -31.32 -3.36 -18.54
CA CYS D 848 -30.31 -4.25 -17.95
C CYS D 848 -30.95 -5.27 -17.01
N TYR D 849 -32.09 -4.92 -16.41
CA TYR D 849 -32.80 -5.83 -15.51
C TYR D 849 -33.94 -6.59 -16.19
N LEU D 850 -34.30 -6.23 -17.41
CA LEU D 850 -35.45 -6.83 -18.07
C LEU D 850 -35.10 -8.25 -18.56
N GLY D 851 -36.15 -9.03 -18.79
CA GLY D 851 -36.02 -10.34 -19.40
C GLY D 851 -35.89 -10.25 -20.90
N GLU D 852 -36.27 -11.33 -21.58
CA GLU D 852 -36.21 -11.38 -23.03
C GLU D 852 -37.49 -10.87 -23.67
N SER D 853 -38.65 -11.29 -23.16
CA SER D 853 -39.92 -10.83 -23.72
C SER D 853 -40.09 -9.33 -23.51
N LYS D 854 -39.81 -8.85 -22.31
CA LYS D 854 -39.90 -7.41 -22.03
C LYS D 854 -38.99 -6.63 -22.96
N ALA D 855 -37.76 -7.10 -23.14
CA ALA D 855 -36.84 -6.43 -24.06
C ALA D 855 -37.34 -6.48 -25.50
N MET D 856 -38.07 -7.53 -25.86
CA MET D 856 -38.67 -7.58 -27.19
C MET D 856 -39.76 -6.53 -27.34
N HIS D 857 -40.61 -6.37 -26.32
CA HIS D 857 -41.64 -5.34 -26.37
C HIS D 857 -41.02 -3.95 -26.46
N LEU D 858 -40.01 -3.68 -25.64
CA LEU D 858 -39.34 -2.38 -25.69
C LEU D 858 -38.67 -2.14 -27.04
N TYR D 859 -38.06 -3.19 -27.61
CA TYR D 859 -37.42 -3.05 -28.92
C TYR D 859 -38.44 -2.72 -30.00
N GLU D 860 -39.58 -3.43 -29.99
CA GLU D 860 -40.61 -3.16 -30.99
C GLU D 860 -41.17 -1.75 -30.84
N ALA D 861 -41.40 -1.31 -29.60
CA ALA D 861 -41.92 0.03 -29.36
C ALA D 861 -40.94 1.09 -29.86
N CYS D 862 -39.66 0.94 -29.51
CA CYS D 862 -38.66 1.92 -29.94
C CYS D 862 -38.52 1.95 -31.45
N LEU D 863 -38.52 0.77 -32.09
CA LEU D 863 -38.42 0.72 -33.55
C LEU D 863 -39.61 1.40 -34.20
N THR D 864 -40.81 1.18 -33.65
CA THR D 864 -42.00 1.84 -34.18
C THR D 864 -41.90 3.35 -34.01
N LEU D 865 -41.42 3.81 -32.86
CA LEU D 865 -41.25 5.24 -32.64
C LEU D 865 -40.29 5.84 -33.66
N LEU D 866 -39.16 5.17 -33.89
CA LEU D 866 -38.22 5.66 -34.90
C LEU D 866 -38.84 5.64 -36.29
N GLN D 867 -39.74 4.69 -36.55
CA GLN D 867 -40.46 4.70 -37.82
C GLN D 867 -41.34 5.93 -37.96
N VAL D 868 -42.05 6.29 -36.88
CA VAL D 868 -42.93 7.45 -36.92
C VAL D 868 -42.11 8.73 -37.10
N TYR D 869 -41.06 8.89 -36.29
CA TYR D 869 -40.21 10.08 -36.40
C TYR D 869 -39.61 10.18 -37.80
N SER D 870 -39.13 9.07 -38.35
CA SER D 870 -38.56 9.09 -39.69
C SER D 870 -39.62 9.45 -40.73
N LYS D 871 -40.85 8.95 -40.56
CA LYS D 871 -41.91 9.24 -41.51
C LYS D 871 -42.29 10.72 -41.47
N ASN D 872 -42.29 11.33 -40.28
CA ASN D 872 -42.70 12.72 -40.17
C ASN D 872 -41.59 13.71 -40.47
N ASN D 873 -40.33 13.29 -40.38
CA ASN D 873 -39.20 14.18 -40.59
C ASN D 873 -38.38 13.82 -41.84
N LEU D 874 -38.91 12.94 -42.70
CA LEU D 874 -38.17 12.50 -43.88
C LEU D 874 -37.81 13.67 -44.78
N GLY D 875 -38.79 14.22 -45.48
CA GLY D 875 -38.54 15.29 -46.43
C GLY D 875 -38.90 16.68 -45.92
N ARG D 876 -38.75 16.89 -44.61
CA ARG D 876 -39.10 18.19 -44.02
C ARG D 876 -37.92 19.15 -44.16
N GLN D 877 -38.20 20.35 -44.68
CA GLN D 877 -37.19 21.40 -44.82
C GLN D 877 -37.68 22.64 -44.09
N ARG D 878 -36.80 23.22 -43.27
CA ARG D 878 -37.16 24.36 -42.44
C ARG D 878 -36.33 25.57 -42.83
N ILE D 879 -36.74 26.73 -42.29
CA ILE D 879 -36.12 28.00 -42.63
C ILE D 879 -34.93 28.27 -41.72
N ASP D 880 -35.20 28.85 -40.54
CA ASP D 880 -34.14 29.32 -39.67
C ASP D 880 -34.43 28.96 -38.21
N VAL D 881 -34.39 29.97 -37.34
CA VAL D 881 -34.61 29.88 -35.89
C VAL D 881 -34.04 28.59 -35.30
N THR D 882 -32.82 28.25 -35.70
CA THR D 882 -32.07 27.11 -35.15
C THR D 882 -32.82 25.80 -35.32
N ALA D 883 -33.16 25.49 -36.57
CA ALA D 883 -33.75 24.20 -36.88
C ALA D 883 -32.68 23.10 -36.85
N GLU D 884 -31.50 23.40 -37.39
CA GLU D 884 -30.39 22.46 -37.33
C GLU D 884 -30.05 22.08 -35.89
N GLU D 885 -30.15 23.04 -34.98
CA GLU D 885 -29.93 22.76 -33.56
C GLU D 885 -30.93 21.73 -33.05
N GLU D 886 -32.20 21.93 -33.37
CA GLU D 886 -33.25 21.06 -32.86
C GLU D 886 -33.14 19.65 -33.44
N GLN D 887 -32.87 19.55 -34.75
CA GLN D 887 -32.64 18.23 -35.33
C GLN D 887 -31.38 17.59 -34.78
N TYR D 888 -30.38 18.40 -34.41
CA TYR D 888 -29.19 17.87 -33.77
C TYR D 888 -29.53 17.26 -32.41
N GLN D 889 -30.35 17.95 -31.61
CA GLN D 889 -30.75 17.39 -30.31
C GLN D 889 -31.54 16.10 -30.49
N ASP D 890 -32.55 16.12 -31.37
CA ASP D 890 -33.35 14.92 -31.59
C ASP D 890 -32.48 13.76 -32.04
N LEU D 891 -31.61 13.99 -33.03
CA LEU D 891 -30.74 12.91 -33.50
C LEU D 891 -29.79 12.45 -32.41
N LEU D 892 -29.35 13.37 -31.53
CA LEU D 892 -28.47 12.98 -30.43
C LEU D 892 -29.19 12.03 -29.48
N LEU D 893 -30.42 12.37 -29.09
CA LEU D 893 -31.20 11.49 -28.23
C LEU D 893 -31.46 10.16 -28.91
N ILE D 894 -31.71 10.17 -30.23
CA ILE D 894 -31.91 8.93 -30.97
C ILE D 894 -30.65 8.07 -30.89
N MET D 895 -29.49 8.69 -31.09
CA MET D 895 -28.23 7.95 -31.01
C MET D 895 -28.03 7.35 -29.63
N GLU D 896 -28.33 8.10 -28.57
CA GLU D 896 -28.24 7.55 -27.23
C GLU D 896 -29.23 6.41 -27.02
N LEU D 897 -30.41 6.49 -27.63
CA LEU D 897 -31.39 5.42 -27.53
C LEU D 897 -30.88 4.15 -28.18
N LEU D 898 -30.30 4.26 -29.38
CA LEU D 898 -29.76 3.09 -30.06
C LEU D 898 -28.56 2.52 -29.31
N THR D 899 -27.73 3.39 -28.73
CA THR D 899 -26.61 2.92 -27.93
C THR D 899 -27.08 2.14 -26.71
N ASN D 900 -27.94 2.77 -25.89
CA ASN D 900 -28.50 2.10 -24.72
C ASN D 900 -29.33 0.88 -25.08
N LEU D 901 -29.79 0.76 -26.32
CA LEU D 901 -30.51 -0.43 -26.74
C LEU D 901 -29.60 -1.65 -26.83
N LEU D 902 -28.31 -1.45 -27.03
CA LEU D 902 -27.35 -2.55 -27.01
C LEU D 902 -26.84 -2.79 -25.58
N ALA D 914 -30.31 -7.75 -32.14
CA ALA D 914 -29.47 -6.59 -32.43
C ALA D 914 -29.76 -6.03 -33.81
N ASP D 915 -30.65 -6.71 -34.54
CA ASP D 915 -31.04 -6.26 -35.88
C ASP D 915 -31.83 -4.96 -35.82
N VAL D 916 -32.67 -4.81 -34.79
CA VAL D 916 -33.51 -3.62 -34.65
C VAL D 916 -32.67 -2.35 -34.61
N VAL D 917 -31.44 -2.44 -34.09
CA VAL D 917 -30.56 -1.28 -34.11
C VAL D 917 -30.14 -0.94 -35.54
N LEU D 918 -29.89 -1.97 -36.36
CA LEU D 918 -29.55 -1.74 -37.76
C LEU D 918 -30.72 -1.14 -38.52
N TYR D 919 -31.93 -1.65 -38.29
CA TYR D 919 -33.10 -1.04 -38.89
C TYR D 919 -33.29 0.40 -38.43
N GLY D 920 -32.94 0.68 -37.16
CA GLY D 920 -33.07 2.04 -36.66
C GLY D 920 -32.11 3.00 -37.34
N VAL D 921 -30.81 2.66 -37.36
CA VAL D 921 -29.84 3.52 -38.01
C VAL D 921 -30.13 3.62 -39.51
N ASN D 922 -30.72 2.58 -40.10
CA ASN D 922 -31.16 2.67 -41.49
C ASN D 922 -32.29 3.67 -41.64
N LEU D 923 -33.18 3.75 -40.64
CA LEU D 923 -34.31 4.67 -40.73
C LEU D 923 -33.88 6.11 -40.54
N ILE D 924 -32.95 6.36 -39.62
CA ILE D 924 -32.55 7.73 -39.31
C ILE D 924 -31.32 8.21 -40.07
N LEU D 925 -30.69 7.32 -40.85
CA LEU D 925 -29.48 7.72 -41.59
C LEU D 925 -29.71 8.88 -42.55
N PRO D 926 -30.78 8.93 -43.36
CA PRO D 926 -30.95 10.09 -44.25
C PRO D 926 -31.04 11.42 -43.52
N LEU D 927 -31.31 11.42 -42.22
CA LEU D 927 -31.30 12.65 -41.44
C LEU D 927 -29.90 13.08 -41.05
N MET D 928 -28.90 12.22 -41.24
CA MET D 928 -27.53 12.51 -40.83
C MET D 928 -26.84 13.25 -41.97
N SER D 929 -26.96 14.57 -41.97
CA SER D 929 -26.32 15.38 -43.00
C SER D 929 -24.84 15.54 -42.71
N GLN D 930 -24.10 15.95 -43.74
CA GLN D 930 -22.66 16.17 -43.58
C GLN D 930 -22.38 17.29 -42.58
N ASP D 931 -23.27 18.28 -42.51
CA ASP D 931 -23.11 19.37 -41.54
C ASP D 931 -23.45 18.93 -40.12
N LEU D 932 -24.38 17.99 -39.96
CA LEU D 932 -24.70 17.51 -38.62
C LEU D 932 -23.59 16.66 -38.04
N LEU D 933 -22.78 16.03 -38.89
CA LEU D 933 -21.59 15.34 -38.42
C LEU D 933 -20.45 16.30 -38.06
N LYS D 934 -20.59 17.59 -38.40
CA LYS D 934 -19.66 18.60 -37.91
C LYS D 934 -19.87 18.91 -36.44
N PHE D 935 -20.95 18.41 -35.85
CA PHE D 935 -21.16 18.44 -34.41
C PHE D 935 -20.38 17.30 -33.78
N PRO D 936 -19.30 17.60 -33.06
CA PRO D 936 -18.42 16.51 -32.58
C PRO D 936 -19.12 15.50 -31.67
N THR D 937 -20.11 15.93 -30.89
CA THR D 937 -20.82 14.99 -30.03
C THR D 937 -21.62 13.98 -30.87
N LEU D 938 -22.43 14.46 -31.80
CA LEU D 938 -23.21 13.57 -32.65
C LEU D 938 -22.29 12.69 -33.50
N CYS D 939 -21.19 13.25 -33.99
CA CYS D 939 -20.25 12.48 -34.78
C CYS D 939 -19.63 11.35 -33.97
N ASN D 940 -19.15 11.68 -32.76
CA ASN D 940 -18.54 10.67 -31.90
C ASN D 940 -19.54 9.58 -31.52
N GLN D 941 -20.77 9.96 -31.18
CA GLN D 941 -21.77 8.96 -30.80
C GLN D 941 -22.12 8.07 -31.98
N TYR D 942 -22.32 8.66 -33.16
CA TYR D 942 -22.67 7.88 -34.34
C TYR D 942 -21.56 6.89 -34.70
N TYR D 943 -20.32 7.37 -34.71
CA TYR D 943 -19.21 6.50 -35.09
C TYR D 943 -18.95 5.43 -34.03
N LYS D 944 -19.13 5.78 -32.75
CA LYS D 944 -19.08 4.77 -31.70
C LYS D 944 -20.14 3.69 -31.93
N LEU D 945 -21.33 4.10 -32.36
CA LEU D 945 -22.40 3.14 -32.61
C LEU D 945 -22.04 2.21 -33.77
N ILE D 946 -21.68 2.78 -34.93
CA ILE D 946 -21.44 1.94 -36.10
C ILE D 946 -20.19 1.08 -35.91
N THR D 947 -19.18 1.59 -35.20
CA THR D 947 -18.00 0.77 -34.94
C THR D 947 -18.29 -0.33 -33.92
N PHE D 948 -19.12 -0.02 -32.92
CA PHE D 948 -19.54 -1.06 -31.98
C PHE D 948 -20.35 -2.14 -32.67
N ILE D 949 -21.15 -1.78 -33.68
CA ILE D 949 -21.90 -2.77 -34.42
C ILE D 949 -20.99 -3.54 -35.38
N CYS D 950 -19.94 -2.91 -35.90
CA CYS D 950 -19.06 -3.60 -36.85
C CYS D 950 -18.09 -4.55 -36.14
N GLU D 951 -17.63 -4.18 -34.95
CA GLU D 951 -16.69 -5.04 -34.23
C GLU D 951 -17.40 -6.27 -33.64
N ILE D 952 -18.40 -6.03 -32.80
CA ILE D 952 -19.18 -7.11 -32.20
C ILE D 952 -20.40 -7.37 -33.09
N PHE D 953 -20.64 -8.65 -33.38
CA PHE D 953 -21.64 -9.10 -34.34
C PHE D 953 -21.37 -8.52 -35.72
N PRO D 954 -20.26 -8.89 -36.36
CA PRO D 954 -20.00 -8.40 -37.72
C PRO D 954 -20.69 -9.21 -38.81
N GLU D 955 -21.21 -10.39 -38.49
CA GLU D 955 -21.81 -11.25 -39.51
C GLU D 955 -23.10 -10.69 -40.08
N LYS D 956 -23.80 -9.83 -39.34
CA LYS D 956 -25.07 -9.28 -39.78
C LYS D 956 -24.93 -8.14 -40.77
N ILE D 957 -23.70 -7.70 -41.07
CA ILE D 957 -23.46 -6.55 -41.94
C ILE D 957 -23.72 -6.90 -43.41
N PRO D 958 -23.20 -8.01 -43.95
CA PRO D 958 -23.50 -8.32 -45.36
C PRO D 958 -24.97 -8.61 -45.62
N GLN D 959 -25.73 -8.98 -44.60
CA GLN D 959 -27.15 -9.31 -44.75
C GLN D 959 -28.05 -8.08 -44.84
N LEU D 960 -27.47 -6.88 -44.93
CA LEU D 960 -28.27 -5.66 -45.04
C LEU D 960 -28.69 -5.41 -46.49
N LEU D 964 -28.36 -0.87 -47.05
CA LEU D 964 -27.57 0.36 -47.08
C LEU D 964 -26.11 0.07 -46.74
N PHE D 965 -25.53 -0.90 -47.45
CA PHE D 965 -24.14 -1.28 -47.21
C PHE D 965 -23.19 -0.15 -47.59
N LYS D 966 -23.49 0.59 -48.65
CA LYS D 966 -22.57 1.61 -49.15
C LYS D 966 -22.39 2.75 -48.16
N SER D 967 -23.47 3.14 -47.47
CA SER D 967 -23.37 4.25 -46.52
C SER D 967 -22.40 3.95 -45.40
N LEU D 968 -22.38 2.70 -44.92
CA LEU D 968 -21.48 2.32 -43.85
C LEU D 968 -20.02 2.39 -44.31
N MET D 969 -19.71 1.80 -45.46
CA MET D 969 -18.34 1.81 -45.96
C MET D 969 -17.86 3.21 -46.24
N TYR D 970 -18.72 4.06 -46.83
CA TYR D 970 -18.35 5.46 -47.02
C TYR D 970 -18.15 6.16 -45.68
N SER D 971 -18.92 5.78 -44.67
CA SER D 971 -18.72 6.35 -43.34
C SER D 971 -17.35 5.97 -42.78
N LEU D 972 -16.92 4.74 -43.04
CA LEU D 972 -15.61 4.31 -42.55
C LEU D 972 -14.48 5.02 -43.29
N GLU D 973 -14.55 5.08 -44.62
CA GLU D 973 -13.53 5.79 -45.38
C GLU D 973 -13.46 7.26 -45.00
N LEU D 974 -14.62 7.91 -44.85
CA LEU D 974 -14.66 9.30 -44.44
C LEU D 974 -14.13 9.47 -43.02
N GLY D 975 -14.35 8.48 -42.16
CA GLY D 975 -13.83 8.55 -40.81
C GLY D 975 -12.32 8.41 -40.75
N MET D 976 -11.74 7.61 -41.64
CA MET D 976 -10.28 7.46 -41.65
C MET D 976 -9.60 8.64 -42.32
N THR D 977 -10.08 9.06 -43.49
CA THR D 977 -9.41 10.11 -44.26
C THR D 977 -9.64 11.50 -43.67
N SER D 978 -10.72 11.70 -42.93
CA SER D 978 -11.07 13.01 -42.39
C SER D 978 -11.65 12.80 -41.00
N MET D 979 -12.48 13.76 -40.56
CA MET D 979 -13.12 13.72 -39.24
C MET D 979 -12.09 13.69 -38.12
N SER D 980 -12.49 13.21 -36.95
CA SER D 980 -11.66 13.30 -35.77
C SER D 980 -10.57 12.22 -35.78
N SER D 981 -9.53 12.45 -34.98
CA SER D 981 -8.50 11.43 -34.83
C SER D 981 -9.00 10.27 -33.98
N GLU D 982 -9.81 10.56 -32.96
CA GLU D 982 -10.45 9.50 -32.20
C GLU D 982 -11.39 8.68 -33.07
N VAL D 983 -12.12 9.35 -33.96
CA VAL D 983 -13.00 8.65 -34.89
C VAL D 983 -12.18 7.78 -35.83
N CYS D 984 -11.06 8.31 -36.33
CA CYS D 984 -10.18 7.52 -37.19
C CYS D 984 -9.69 6.28 -36.47
N GLN D 985 -9.33 6.42 -35.19
CA GLN D 985 -8.89 5.27 -34.42
C GLN D 985 -10.02 4.27 -34.21
N LEU D 986 -11.26 4.75 -34.05
CA LEU D 986 -12.39 3.84 -33.91
C LEU D 986 -12.63 3.05 -35.20
N CYS D 987 -12.53 3.71 -36.35
CA CYS D 987 -12.69 3.00 -37.62
C CYS D 987 -11.57 1.98 -37.81
N LEU D 988 -10.33 2.39 -37.55
CA LEU D 988 -9.21 1.47 -37.66
C LEU D 988 -9.37 0.29 -36.72
N GLU D 989 -9.94 0.52 -35.53
CA GLU D 989 -10.23 -0.59 -34.62
C GLU D 989 -11.37 -1.46 -35.15
N ALA D 990 -12.28 -0.89 -35.94
CA ALA D 990 -13.38 -1.64 -36.52
C ALA D 990 -12.99 -2.38 -37.79
N LEU D 991 -11.82 -2.09 -38.36
CA LEU D 991 -11.42 -2.73 -39.60
C LEU D 991 -10.95 -4.17 -39.40
N THR D 992 -10.34 -4.48 -38.26
CA THR D 992 -9.77 -5.79 -37.98
C THR D 992 -10.83 -6.90 -37.84
N PRO D 993 -12.00 -6.67 -37.18
CA PRO D 993 -12.98 -7.75 -37.09
C PRO D 993 -13.68 -8.06 -38.41
N LEU D 994 -13.16 -7.55 -39.52
CA LEU D 994 -13.71 -7.80 -40.85
C LEU D 994 -12.78 -8.79 -41.56
N ALA D 995 -13.09 -10.08 -41.41
CA ALA D 995 -12.32 -11.14 -42.04
C ALA D 995 -12.63 -11.24 -43.53
N PHE D 1009 -16.58 -8.32 -50.07
CA PHE D 1009 -15.16 -8.47 -49.72
C PHE D 1009 -14.29 -7.56 -50.59
N LEU D 1010 -14.90 -6.99 -51.64
CA LEU D 1010 -14.15 -6.14 -52.56
C LEU D 1010 -13.87 -4.77 -51.95
N ALA D 1011 -14.83 -4.22 -51.21
CA ALA D 1011 -14.64 -2.90 -50.60
C ALA D 1011 -13.53 -2.89 -49.56
N THR D 1012 -13.31 -4.02 -48.88
CA THR D 1012 -12.27 -4.08 -47.86
C THR D 1012 -10.87 -3.95 -48.45
N ARG D 1013 -10.69 -4.34 -49.71
CA ARG D 1013 -9.37 -4.22 -50.34
C ARG D 1013 -8.96 -2.77 -50.56
N HIS D 1014 -9.93 -1.87 -50.74
CA HIS D 1014 -9.60 -0.46 -50.91
C HIS D 1014 -8.98 0.13 -49.65
N PHE D 1015 -9.30 -0.44 -48.48
CA PHE D 1015 -8.78 0.08 -47.22
C PHE D 1015 -7.26 -0.05 -47.13
N LEU D 1016 -6.68 -1.06 -47.79
CA LEU D 1016 -5.25 -1.29 -47.67
C LEU D 1016 -4.44 -0.11 -48.18
N LYS D 1017 -4.84 0.45 -49.33
CA LYS D 1017 -4.14 1.62 -49.85
C LYS D 1017 -4.31 2.83 -48.93
N LEU D 1018 -5.50 3.03 -48.38
CA LEU D 1018 -5.74 4.19 -47.53
C LEU D 1018 -4.90 4.13 -46.27
N VAL D 1019 -4.87 2.96 -45.61
CA VAL D 1019 -4.05 2.81 -44.42
C VAL D 1019 -2.57 2.89 -44.78
N PHE D 1020 -2.20 2.40 -45.97
CA PHE D 1020 -0.81 2.48 -46.41
C PHE D 1020 -0.37 3.93 -46.62
N ASP D 1021 -1.26 4.79 -47.10
CA ASP D 1021 -0.93 6.19 -47.30
C ASP D 1021 -0.78 6.94 -45.99
N MET D 1022 -1.42 6.47 -44.92
CA MET D 1022 -1.27 7.12 -43.62
C MET D 1022 0.18 7.04 -43.14
N LEU D 1023 0.87 5.96 -43.47
CA LEU D 1023 2.27 5.76 -43.07
C LEU D 1023 3.20 6.01 -44.26
N VAL D 1024 3.07 7.21 -44.81
CA VAL D 1024 3.81 7.60 -46.01
C VAL D 1024 3.74 9.11 -46.20
N THR D 1033 -2.66 4.88 -33.96
CA THR D 1033 -1.51 4.45 -34.74
C THR D 1033 -1.19 2.98 -34.50
N THR D 1034 -1.18 2.56 -33.23
CA THR D 1034 -1.04 1.14 -32.93
C THR D 1034 -2.24 0.36 -33.43
N ALA D 1035 -3.45 0.91 -33.25
CA ALA D 1035 -4.63 0.29 -33.84
C ALA D 1035 -4.54 0.29 -35.36
N ALA D 1036 -3.96 1.34 -35.94
CA ALA D 1036 -3.70 1.35 -37.37
C ALA D 1036 -2.74 0.23 -37.76
N GLY D 1037 -1.75 -0.06 -36.89
CA GLY D 1037 -0.84 -1.16 -37.17
C GLY D 1037 -1.54 -2.50 -37.09
N GLU D 1038 -2.50 -2.63 -36.17
CA GLU D 1038 -3.30 -3.85 -36.14
C GLU D 1038 -4.14 -3.98 -37.41
N ALA D 1039 -4.67 -2.86 -37.89
CA ALA D 1039 -5.35 -2.87 -39.18
C ALA D 1039 -4.40 -3.30 -40.29
N PHE D 1040 -3.14 -2.89 -40.21
CA PHE D 1040 -2.14 -3.39 -41.15
C PHE D 1040 -2.02 -4.91 -41.06
N TYR D 1041 -1.98 -5.44 -39.84
CA TYR D 1041 -1.82 -6.88 -39.65
C TYR D 1041 -2.99 -7.64 -40.25
N THR D 1042 -4.22 -7.27 -39.92
CA THR D 1042 -5.38 -7.96 -40.47
C THR D 1042 -5.44 -7.80 -41.99
N LEU D 1043 -5.13 -6.59 -42.48
CA LEU D 1043 -5.13 -6.29 -43.91
C LEU D 1043 -3.99 -6.97 -44.67
N VAL D 1044 -3.02 -7.57 -43.96
CA VAL D 1044 -1.93 -8.25 -44.65
C VAL D 1044 -2.43 -9.48 -45.39
N CYS D 1045 -3.38 -10.21 -44.81
CA CYS D 1045 -3.93 -11.41 -45.43
C CYS D 1045 -4.72 -11.09 -46.70
N GLN D 1048 -1.83 -11.95 -49.72
CA GLN D 1048 -0.52 -11.69 -50.31
C GLN D 1048 -0.65 -11.06 -51.69
N ALA D 1049 -1.82 -11.25 -52.31
CA ALA D 1049 -2.03 -10.77 -53.67
C ALA D 1049 -2.23 -9.26 -53.72
N GLU D 1050 -3.10 -8.73 -52.86
CA GLU D 1050 -3.33 -7.29 -52.84
C GLU D 1050 -2.11 -6.52 -52.35
N TYR D 1051 -1.27 -7.16 -51.54
CA TYR D 1051 -0.09 -6.48 -51.02
C TYR D 1051 0.99 -6.36 -52.09
N SER D 1052 1.26 -7.45 -52.82
CA SER D 1052 2.28 -7.42 -53.86
C SER D 1052 1.95 -6.44 -54.98
N GLU D 1053 0.65 -6.22 -55.24
CA GLU D 1053 0.27 -5.21 -56.22
C GLU D 1053 0.73 -3.83 -55.79
N LEU D 1054 0.52 -3.49 -54.52
CA LEU D 1054 0.93 -2.19 -54.01
C LEU D 1054 2.44 -2.08 -53.95
N VAL D 1055 3.13 -3.15 -53.57
CA VAL D 1055 4.58 -3.12 -53.50
C VAL D 1055 5.17 -2.90 -54.89
N GLU D 1056 4.66 -3.63 -55.89
CA GLU D 1056 5.16 -3.46 -57.24
C GLU D 1056 4.85 -2.08 -57.81
N THR D 1057 3.66 -1.55 -57.49
CA THR D 1057 3.35 -0.20 -57.98
C THR D 1057 4.24 0.85 -57.32
N LEU D 1058 4.59 0.66 -56.05
CA LEU D 1058 5.45 1.61 -55.36
C LEU D 1058 6.89 1.51 -55.83
N LEU D 1059 7.37 0.29 -56.12
CA LEU D 1059 8.76 0.12 -56.52
C LEU D 1059 9.06 0.75 -57.87
N SER D 1060 8.04 1.05 -58.67
CA SER D 1060 8.23 1.76 -59.94
C SER D 1060 8.28 3.27 -59.75
N SER D 1061 8.99 3.74 -58.72
CA SER D 1061 9.00 5.15 -58.35
C SER D 1061 10.08 5.94 -59.07
N GLN D 1062 11.09 6.38 -58.31
CA GLN D 1062 12.15 7.23 -58.84
C GLN D 1062 13.22 6.39 -59.53
N GLN D 1063 14.11 7.09 -60.23
CA GLN D 1063 15.15 6.47 -61.04
C GLN D 1063 16.49 6.40 -60.34
N ASP D 1064 16.56 6.73 -59.06
CA ASP D 1064 17.82 6.64 -58.32
C ASP D 1064 17.89 5.29 -57.63
N PRO D 1065 18.89 4.46 -57.93
CA PRO D 1065 18.91 3.11 -57.33
C PRO D 1065 19.19 3.09 -55.84
N VAL D 1066 19.73 4.17 -55.27
CA VAL D 1066 20.03 4.17 -53.84
C VAL D 1066 18.74 4.07 -53.02
N ILE D 1067 17.68 4.75 -53.48
CA ILE D 1067 16.40 4.66 -52.78
C ILE D 1067 15.67 3.37 -53.12
N TYR D 1068 15.75 2.93 -54.38
CA TYR D 1068 15.05 1.72 -54.78
C TYR D 1068 15.59 0.49 -54.07
N GLN D 1069 16.90 0.44 -53.82
CA GLN D 1069 17.49 -0.73 -53.17
C GLN D 1069 17.03 -0.84 -51.72
N ARG D 1070 17.08 0.26 -50.99
CA ARG D 1070 16.68 0.22 -49.58
C ARG D 1070 15.17 0.10 -49.44
N LEU D 1071 14.41 0.60 -50.41
CA LEU D 1071 12.99 0.29 -50.47
C LEU D 1071 12.75 -1.20 -50.66
N ALA D 1072 13.56 -1.83 -51.52
CA ALA D 1072 13.42 -3.26 -51.77
C ALA D 1072 13.76 -4.07 -50.52
N ASP D 1073 14.88 -3.78 -49.89
CA ASP D 1073 15.25 -4.46 -48.65
C ASP D 1073 14.21 -4.22 -47.57
N ALA D 1074 13.63 -3.02 -47.54
CA ALA D 1074 12.64 -2.70 -46.51
C ALA D 1074 11.36 -3.50 -46.69
N PHE D 1075 10.81 -3.49 -47.91
CA PHE D 1075 9.60 -4.28 -48.16
C PHE D 1075 9.87 -5.77 -48.01
N ASN D 1076 11.08 -6.23 -48.37
CA ASN D 1076 11.43 -7.62 -48.14
C ASN D 1076 11.42 -7.95 -46.64
N LYS D 1077 11.96 -7.06 -45.82
CA LYS D 1077 11.91 -7.25 -44.38
C LYS D 1077 10.49 -7.13 -43.83
N LEU D 1078 9.58 -6.48 -44.56
CA LEU D 1078 8.18 -6.45 -44.17
C LEU D 1078 7.49 -7.78 -44.47
N THR D 1079 7.77 -8.37 -45.64
CA THR D 1079 7.15 -9.63 -46.04
C THR D 1079 7.59 -10.81 -45.17
N ALA D 1080 8.67 -10.66 -44.40
CA ALA D 1080 9.17 -11.77 -43.60
C ALA D 1080 8.18 -12.19 -42.53
N SER D 1081 7.45 -11.23 -41.95
CA SER D 1081 6.46 -11.56 -40.94
C SER D 1081 5.15 -12.06 -41.55
N SER D 1082 4.84 -11.65 -42.78
CA SER D 1082 3.62 -12.10 -43.44
C SER D 1082 3.66 -13.59 -43.74
N LYS D 1092 1.51 -11.64 -36.13
CA LYS D 1092 2.25 -10.45 -36.50
C LYS D 1092 2.58 -9.58 -35.28
N MET D 1093 3.84 -9.58 -34.90
CA MET D 1093 4.37 -8.77 -33.80
C MET D 1093 5.62 -8.01 -34.19
N ALA D 1094 6.54 -8.65 -34.91
CA ALA D 1094 7.74 -7.97 -35.40
C ALA D 1094 7.41 -7.01 -36.52
N PHE D 1095 6.28 -7.18 -37.20
CA PHE D 1095 5.88 -6.26 -38.26
C PHE D 1095 5.69 -4.84 -37.75
N LEU D 1096 5.43 -4.67 -36.45
CA LEU D 1096 5.32 -3.32 -35.89
C LEU D 1096 6.69 -2.66 -35.79
N LYS D 1097 7.69 -3.39 -35.28
CA LYS D 1097 9.04 -2.85 -35.19
C LYS D 1097 9.64 -2.62 -36.57
N SER D 1098 9.43 -3.57 -37.49
CA SER D 1098 9.91 -3.40 -38.86
C SER D 1098 9.15 -2.29 -39.59
N LEU D 1099 7.89 -2.05 -39.21
CA LEU D 1099 7.18 -0.90 -39.75
C LEU D 1099 7.70 0.41 -39.17
N GLU D 1100 8.20 0.37 -37.93
CA GLU D 1100 8.84 1.57 -37.36
C GLU D 1100 10.15 1.87 -38.06
N GLU D 1101 10.98 0.83 -38.27
CA GLU D 1101 12.22 1.01 -39.02
C GLU D 1101 11.92 1.47 -40.45
N PHE D 1102 10.89 0.89 -41.07
CA PHE D 1102 10.49 1.28 -42.41
C PHE D 1102 10.10 2.75 -42.45
N MET D 1103 9.29 3.18 -41.49
CA MET D 1103 8.87 4.58 -41.44
C MET D 1103 10.04 5.52 -41.20
N ALA D 1104 10.98 5.11 -40.35
CA ALA D 1104 12.15 5.94 -40.06
C ALA D 1104 13.22 5.89 -41.14
N ASN D 1105 13.12 4.97 -42.10
CA ASN D 1105 14.11 4.86 -43.16
C ASN D 1105 13.58 5.21 -44.55
N VAL D 1106 12.27 5.24 -44.75
CA VAL D 1106 11.70 5.53 -46.05
C VAL D 1106 11.03 6.90 -46.13
N GLY D 1107 10.46 7.39 -45.03
CA GLY D 1107 9.86 8.71 -45.02
C GLY D 1107 10.85 9.82 -45.29
N PRO E 3 0.37 56.55 -33.07
CA PRO E 3 1.08 55.34 -32.63
C PRO E 3 0.14 54.35 -31.95
N GLN E 4 -0.52 53.51 -32.73
CA GLN E 4 -1.49 52.56 -32.18
C GLN E 4 -0.78 51.54 -31.31
N VAL E 5 -1.40 51.21 -30.17
CA VAL E 5 -0.87 50.21 -29.25
C VAL E 5 -1.41 48.85 -29.67
N GLN E 6 -0.54 48.02 -30.24
CA GLN E 6 -0.95 46.70 -30.72
C GLN E 6 0.15 45.68 -30.44
N PHE E 7 -0.27 44.45 -30.20
CA PHE E 7 0.63 43.35 -29.87
C PHE E 7 0.30 42.13 -30.72
N LYS E 8 1.31 41.31 -30.98
CA LYS E 8 1.11 40.04 -31.66
C LYS E 8 0.89 38.94 -30.63
N LEU E 9 -0.27 38.28 -30.72
CA LEU E 9 -0.63 37.19 -29.84
C LEU E 9 -0.79 35.93 -30.69
N VAL E 10 -0.15 34.84 -30.28
CA VAL E 10 -0.26 33.57 -30.97
C VAL E 10 -1.09 32.63 -30.11
N LEU E 11 -2.15 32.09 -30.70
CA LEU E 11 -3.06 31.17 -30.03
C LEU E 11 -2.75 29.76 -30.52
N VAL E 12 -2.22 28.91 -29.65
CA VAL E 12 -1.82 27.56 -30.00
C VAL E 12 -2.56 26.57 -29.11
N GLY E 13 -2.57 25.32 -29.56
CA GLY E 13 -3.21 24.25 -28.81
C GLY E 13 -3.58 23.11 -29.71
N ASP E 14 -3.93 21.99 -29.07
CA ASP E 14 -4.35 20.80 -29.79
C ASP E 14 -5.62 21.08 -30.60
N GLY E 15 -5.83 20.26 -31.63
CA GLY E 15 -6.98 20.45 -32.49
C GLY E 15 -8.27 20.16 -31.75
N GLY E 16 -9.25 21.06 -31.88
CA GLY E 16 -10.54 20.85 -31.26
C GLY E 16 -10.64 21.28 -29.82
N THR E 17 -9.69 22.08 -29.33
CA THR E 17 -9.74 22.59 -27.96
C THR E 17 -10.57 23.86 -27.84
N GLY E 18 -11.02 24.44 -28.96
CA GLY E 18 -11.82 25.63 -28.94
C GLY E 18 -11.10 26.93 -29.16
N LYS E 19 -10.05 26.95 -29.99
CA LYS E 19 -9.35 28.19 -30.27
C LYS E 19 -10.18 29.13 -31.16
N THR E 20 -10.54 28.63 -32.35
CA THR E 20 -11.33 29.43 -33.28
C THR E 20 -12.66 29.85 -32.67
N THR E 21 -13.26 28.97 -31.86
CA THR E 21 -14.49 29.31 -31.17
C THR E 21 -14.26 30.44 -30.15
N PHE E 22 -13.19 30.34 -29.37
CA PHE E 22 -12.85 31.40 -28.42
C PHE E 22 -12.71 32.74 -29.13
N VAL E 23 -11.96 32.77 -30.24
CA VAL E 23 -11.74 34.01 -30.96
C VAL E 23 -13.05 34.54 -31.54
N LYS E 24 -13.81 33.67 -32.22
CA LYS E 24 -15.02 34.12 -32.90
C LYS E 24 -16.07 34.63 -31.93
N ARG E 25 -16.23 33.95 -30.79
CA ARG E 25 -17.13 34.48 -29.77
C ARG E 25 -16.61 35.79 -29.19
N HIS E 26 -15.29 35.90 -29.00
CA HIS E 26 -14.69 37.16 -28.58
C HIS E 26 -14.86 38.26 -29.64
N LEU E 27 -15.20 37.90 -30.87
CA LEU E 27 -15.16 38.81 -32.00
C LEU E 27 -16.57 39.22 -32.45
N THR E 28 -17.41 38.25 -32.77
CA THR E 28 -18.79 38.54 -33.17
C THR E 28 -19.74 38.49 -31.98
N GLY E 29 -19.54 37.54 -31.08
CA GLY E 29 -20.44 37.31 -29.97
C GLY E 29 -21.27 36.06 -30.09
N GLU E 30 -21.03 35.25 -31.11
CA GLU E 30 -21.77 34.03 -31.35
C GLU E 30 -20.88 32.82 -31.06
N PHE E 31 -21.49 31.78 -30.48
CA PHE E 31 -20.80 30.54 -30.19
C PHE E 31 -21.15 29.52 -31.27
N GLU E 32 -20.13 29.02 -31.96
CA GLU E 32 -20.33 28.04 -33.02
C GLU E 32 -20.18 26.63 -32.46
N LYS E 33 -21.25 25.85 -32.54
CA LYS E 33 -21.20 24.46 -32.05
C LYS E 33 -20.48 23.55 -33.03
N LYS E 34 -20.51 23.87 -34.32
CA LYS E 34 -19.83 23.04 -35.31
C LYS E 34 -18.31 23.20 -35.20
N TYR E 35 -17.60 22.15 -35.58
CA TYR E 35 -16.15 22.13 -35.55
C TYR E 35 -15.62 22.08 -36.98
N VAL E 36 -14.98 23.16 -37.41
CA VAL E 36 -14.32 23.21 -38.71
C VAL E 36 -12.84 23.49 -38.43
N ALA E 37 -11.99 22.52 -38.73
CA ALA E 37 -10.58 22.63 -38.35
C ALA E 37 -9.92 23.77 -39.10
N THR E 38 -9.13 24.56 -38.37
CA THR E 38 -8.41 25.66 -38.99
C THR E 38 -7.23 25.12 -39.81
N LEU E 39 -7.02 25.71 -40.98
CA LEU E 39 -5.90 25.39 -41.84
C LEU E 39 -4.89 26.52 -41.79
N GLY E 40 -3.68 26.21 -41.33
CA GLY E 40 -2.64 27.21 -41.19
C GLY E 40 -2.89 28.21 -40.08
N VAL E 41 -3.13 29.47 -40.44
CA VAL E 41 -3.35 30.53 -39.46
C VAL E 41 -4.43 31.48 -39.99
N GLU E 42 -5.15 32.10 -39.06
CA GLU E 42 -6.08 33.18 -39.38
C GLU E 42 -5.90 34.28 -38.35
N VAL E 43 -5.50 35.47 -38.82
CA VAL E 43 -5.20 36.58 -37.93
C VAL E 43 -6.46 37.42 -37.75
N HIS E 44 -6.91 37.54 -36.50
CA HIS E 44 -8.10 38.30 -36.16
C HIS E 44 -7.73 39.40 -35.18
N PRO E 45 -8.02 40.67 -35.47
CA PRO E 45 -7.75 41.73 -34.50
C PRO E 45 -8.85 41.81 -33.46
N LEU E 46 -8.44 42.02 -32.21
CA LEU E 46 -9.36 42.16 -31.08
C LEU E 46 -9.02 43.44 -30.33
N VAL E 47 -10.00 44.32 -30.17
CA VAL E 47 -9.81 45.61 -29.51
C VAL E 47 -10.45 45.56 -28.13
N PHE E 48 -9.70 46.03 -27.13
CA PHE E 48 -10.20 46.14 -25.77
C PHE E 48 -10.00 47.56 -25.29
N HIS E 49 -11.05 48.15 -24.72
CA HIS E 49 -11.00 49.52 -24.22
C HIS E 49 -10.65 49.52 -22.74
N THR E 50 -9.51 50.14 -22.41
CA THR E 50 -9.02 50.18 -21.04
C THR E 50 -9.00 51.62 -20.54
N ASN E 51 -8.80 51.76 -19.23
CA ASN E 51 -8.74 53.09 -18.63
C ASN E 51 -7.57 53.91 -19.17
N ARG E 52 -6.57 53.27 -19.78
CA ARG E 52 -5.46 53.97 -20.41
C ARG E 52 -5.57 54.01 -21.93
N GLY E 53 -6.74 53.72 -22.48
CA GLY E 53 -6.95 53.78 -23.91
C GLY E 53 -7.20 52.43 -24.53
N PRO E 54 -7.28 52.38 -25.85
CA PRO E 54 -7.53 51.11 -26.54
C PRO E 54 -6.25 50.28 -26.67
N ILE E 55 -6.45 48.96 -26.68
CA ILE E 55 -5.37 48.00 -26.89
C ILE E 55 -5.82 47.03 -27.97
N LYS E 56 -4.90 46.69 -28.87
CA LYS E 56 -5.18 45.80 -29.99
C LYS E 56 -4.35 44.53 -29.84
N PHE E 57 -5.03 43.39 -29.85
CA PHE E 57 -4.39 42.07 -29.87
C PHE E 57 -4.64 41.46 -31.25
N ASN E 58 -3.57 41.35 -32.05
CA ASN E 58 -3.63 40.64 -33.32
C ASN E 58 -3.49 39.16 -33.03
N VAL E 59 -4.62 38.50 -32.82
CA VAL E 59 -4.64 37.09 -32.44
C VAL E 59 -4.36 36.24 -33.67
N TRP E 60 -3.25 35.52 -33.66
CA TRP E 60 -2.93 34.56 -34.71
C TRP E 60 -3.57 33.24 -34.33
N ASP E 61 -4.75 32.95 -34.89
CA ASP E 61 -5.44 31.70 -34.61
C ASP E 61 -4.80 30.62 -35.47
N THR E 62 -3.95 29.81 -34.85
CA THR E 62 -3.17 28.81 -35.57
C THR E 62 -3.88 27.47 -35.56
N ALA E 63 -3.37 26.55 -36.38
CA ALA E 63 -4.00 25.24 -36.55
C ALA E 63 -3.46 24.27 -35.51
N GLY E 64 -4.38 23.50 -34.91
CA GLY E 64 -4.01 22.49 -33.95
C GLY E 64 -3.55 21.21 -34.61
N LEU E 65 -4.29 20.76 -35.61
CA LEU E 65 -3.98 19.51 -36.29
C LEU E 65 -2.65 19.63 -37.05
N GLU E 66 -1.83 18.59 -36.95
CA GLU E 66 -0.56 18.58 -37.65
C GLU E 66 -0.76 18.59 -39.17
N LYS E 67 -1.80 17.93 -39.65
CA LYS E 67 -2.06 17.87 -41.09
C LYS E 67 -2.29 19.27 -41.66
N PHE E 68 -2.95 20.14 -40.91
CA PHE E 68 -3.23 21.50 -41.34
C PHE E 68 -2.28 22.52 -40.72
N GLY E 69 -1.12 22.07 -40.21
CA GLY E 69 -0.25 22.96 -39.46
C GLY E 69 0.28 24.12 -40.28
N GLY E 70 0.57 23.90 -41.55
CA GLY E 70 1.16 24.93 -42.37
C GLY E 70 2.63 25.16 -42.04
N LEU E 71 2.97 26.37 -41.60
CA LEU E 71 4.33 26.69 -41.18
C LEU E 71 4.55 26.48 -39.69
N ARG E 72 3.49 26.22 -38.92
CA ARG E 72 3.58 25.93 -37.49
C ARG E 72 4.39 26.98 -36.74
N ASP E 73 5.55 26.58 -36.20
CA ASP E 73 6.33 27.48 -35.36
C ASP E 73 6.85 28.69 -36.13
N GLY E 74 6.83 28.64 -37.46
CA GLY E 74 7.18 29.82 -38.24
C GLY E 74 6.26 30.99 -37.96
N TYR E 75 5.03 30.73 -37.54
CA TYR E 75 4.11 31.80 -37.18
C TYR E 75 4.47 32.45 -35.86
N TYR E 76 5.31 31.81 -35.05
CA TYR E 76 5.61 32.32 -33.72
C TYR E 76 6.67 33.42 -33.73
N ILE E 77 7.31 33.67 -34.87
CA ILE E 77 8.41 34.63 -34.92
C ILE E 77 7.89 36.03 -34.65
N GLN E 78 8.64 36.79 -33.85
CA GLN E 78 8.30 38.15 -33.43
C GLN E 78 6.95 38.23 -32.73
N ALA E 79 6.49 37.13 -32.13
CA ALA E 79 5.30 37.15 -31.32
C ALA E 79 5.60 37.75 -29.95
N GLN E 80 4.70 38.61 -29.48
CA GLN E 80 4.90 39.29 -28.20
C GLN E 80 4.15 38.64 -27.05
N CYS E 81 3.13 37.84 -27.32
CA CYS E 81 2.45 37.12 -26.25
C CYS E 81 1.73 35.92 -26.85
N ALA E 82 1.38 34.96 -25.98
CA ALA E 82 0.82 33.71 -26.46
C ALA E 82 -0.26 33.21 -25.51
N ILE E 83 -1.15 32.38 -26.06
CA ILE E 83 -2.19 31.69 -25.32
C ILE E 83 -2.19 30.23 -25.76
N ILE E 84 -1.92 29.33 -24.82
CA ILE E 84 -1.99 27.89 -25.05
C ILE E 84 -3.31 27.39 -24.50
N MET E 85 -4.06 26.65 -25.32
CA MET E 85 -5.38 26.17 -24.90
C MET E 85 -5.41 24.64 -24.90
N PHE E 86 -6.10 24.08 -23.91
CA PHE E 86 -6.33 22.65 -23.84
C PHE E 86 -7.77 22.41 -23.40
N ASP E 87 -8.23 21.18 -23.61
CA ASP E 87 -9.58 20.75 -23.26
C ASP E 87 -9.54 20.03 -21.92
N VAL E 88 -10.25 20.56 -20.92
CA VAL E 88 -10.28 19.93 -19.61
C VAL E 88 -11.00 18.59 -19.61
N THR E 89 -11.73 18.28 -20.69
CA THR E 89 -12.39 16.99 -20.83
C THR E 89 -11.57 16.00 -21.63
N SER E 90 -10.42 16.42 -22.16
CA SER E 90 -9.55 15.57 -22.97
C SER E 90 -8.14 15.65 -22.42
N ARG E 91 -7.71 14.59 -21.73
CA ARG E 91 -6.40 14.63 -21.07
C ARG E 91 -5.26 14.71 -22.06
N VAL E 92 -5.44 14.17 -23.26
CA VAL E 92 -4.37 14.18 -24.27
C VAL E 92 -4.03 15.61 -24.66
N THR E 93 -5.04 16.49 -24.72
CA THR E 93 -4.77 17.89 -25.02
C THR E 93 -4.02 18.59 -23.90
N TYR E 94 -4.10 18.07 -22.67
CA TYR E 94 -3.30 18.62 -21.59
C TYR E 94 -1.88 18.07 -21.61
N LYS E 95 -1.73 16.78 -21.94
CA LYS E 95 -0.40 16.18 -22.03
C LYS E 95 0.47 16.85 -23.07
N ASN E 96 -0.13 17.50 -24.07
CA ASN E 96 0.62 18.16 -25.14
C ASN E 96 0.95 19.62 -24.83
N VAL E 97 0.44 20.16 -23.72
CA VAL E 97 0.72 21.56 -23.37
C VAL E 97 2.22 21.85 -23.28
N PRO E 98 3.04 21.02 -22.61
CA PRO E 98 4.48 21.32 -22.57
C PRO E 98 5.16 21.34 -23.94
N ASN E 99 4.59 20.69 -24.95
CA ASN E 99 5.15 20.76 -26.30
C ASN E 99 4.98 22.16 -26.88
N TRP E 100 3.73 22.65 -26.89
CA TRP E 100 3.47 24.02 -27.31
C TRP E 100 4.32 25.01 -26.52
N HIS E 101 4.38 24.82 -25.20
CA HIS E 101 5.21 25.66 -24.36
C HIS E 101 6.66 25.65 -24.82
N ARG E 102 7.18 24.47 -25.16
CA ARG E 102 8.56 24.35 -25.63
C ARG E 102 8.77 25.13 -26.92
N ASP E 103 7.84 24.98 -27.87
CA ASP E 103 8.01 25.64 -29.17
C ASP E 103 7.96 27.16 -29.01
N LEU E 104 6.99 27.66 -28.23
CA LEU E 104 6.93 29.09 -27.96
C LEU E 104 8.22 29.58 -27.33
N VAL E 105 8.71 28.86 -26.31
CA VAL E 105 9.93 29.27 -25.63
C VAL E 105 11.15 29.16 -26.55
N ARG E 106 11.06 28.37 -27.62
CA ARG E 106 12.18 28.28 -28.54
C ARG E 106 12.18 29.45 -29.52
N VAL E 107 11.04 29.70 -30.18
CA VAL E 107 10.98 30.78 -31.15
C VAL E 107 10.99 32.14 -30.46
N CYS E 108 10.12 32.31 -29.48
CA CYS E 108 10.14 33.49 -28.62
C CYS E 108 11.03 33.19 -27.40
N GLU E 109 10.90 33.99 -26.34
CA GLU E 109 11.65 33.69 -25.11
C GLU E 109 10.77 33.86 -23.88
N ASN E 110 10.85 35.01 -23.22
CA ASN E 110 10.12 35.26 -21.97
C ASN E 110 8.81 35.99 -22.21
N ILE E 111 8.23 35.86 -23.41
CA ILE E 111 6.95 36.51 -23.70
C ILE E 111 5.89 35.93 -22.79
N PRO E 112 4.91 36.72 -22.36
CA PRO E 112 3.88 36.18 -21.46
C PRO E 112 2.97 35.20 -22.19
N ILE E 113 2.76 34.05 -21.56
CA ILE E 113 1.91 32.99 -22.09
C ILE E 113 0.80 32.76 -21.06
N VAL E 114 -0.42 32.53 -21.55
CA VAL E 114 -1.54 32.20 -20.69
C VAL E 114 -2.05 30.81 -21.05
N LEU E 115 -2.13 29.94 -20.05
CA LEU E 115 -2.69 28.61 -20.24
C LEU E 115 -4.19 28.66 -19.95
N CYS E 116 -4.98 28.07 -20.83
CA CYS E 116 -6.43 28.12 -20.74
C CYS E 116 -6.99 26.70 -20.80
N GLY E 117 -7.67 26.30 -19.73
CA GLY E 117 -8.45 25.08 -19.75
C GLY E 117 -9.88 25.40 -20.18
N ASN E 118 -10.23 24.99 -21.38
CA ASN E 118 -11.51 25.35 -21.98
C ASN E 118 -12.54 24.24 -21.76
N LYS E 119 -13.81 24.59 -22.01
CA LYS E 119 -14.94 23.67 -21.91
C LYS E 119 -15.18 23.21 -20.47
N VAL E 120 -14.98 24.12 -19.50
CA VAL E 120 -15.27 23.81 -18.11
C VAL E 120 -16.76 23.69 -17.85
N ASP E 121 -17.61 23.99 -18.84
CA ASP E 121 -19.05 23.83 -18.72
C ASP E 121 -19.50 22.38 -18.86
N ILE E 122 -18.60 21.48 -19.21
CA ILE E 122 -18.91 20.06 -19.36
C ILE E 122 -18.76 19.38 -18.00
N LYS E 123 -19.68 18.48 -17.69
CA LYS E 123 -19.74 17.89 -16.36
C LYS E 123 -18.48 17.08 -16.04
N ASP E 124 -18.20 16.07 -16.84
CA ASP E 124 -17.07 15.17 -16.56
C ASP E 124 -15.77 15.87 -16.96
N ARG E 125 -15.12 16.47 -15.97
CA ARG E 125 -13.89 17.21 -16.16
C ARG E 125 -12.71 16.33 -15.74
N LYS E 126 -11.82 16.05 -16.68
CA LYS E 126 -10.71 15.13 -16.40
C LYS E 126 -9.49 15.85 -15.85
N VAL E 127 -9.20 17.06 -16.32
CA VAL E 127 -8.06 17.83 -15.85
C VAL E 127 -8.56 18.80 -14.79
N LYS E 128 -8.24 18.53 -13.53
CA LYS E 128 -8.66 19.38 -12.43
C LYS E 128 -7.81 20.65 -12.37
N ALA E 129 -8.37 21.68 -11.72
CA ALA E 129 -7.70 22.97 -11.67
C ALA E 129 -6.45 22.92 -10.81
N LYS E 130 -6.50 22.19 -9.70
CA LYS E 130 -5.34 22.07 -8.83
C LYS E 130 -4.21 21.28 -9.47
N SER E 131 -4.47 20.60 -10.58
CA SER E 131 -3.46 19.79 -11.26
C SER E 131 -2.51 20.63 -12.11
N ILE E 132 -2.67 21.95 -12.14
CA ILE E 132 -1.87 22.83 -12.98
C ILE E 132 -0.72 23.39 -12.14
N VAL E 133 0.51 23.27 -12.67
CA VAL E 133 1.69 23.83 -12.04
C VAL E 133 2.38 24.84 -12.95
N PHE E 134 1.78 25.16 -14.10
CA PHE E 134 2.43 26.00 -15.09
C PHE E 134 2.29 27.50 -14.80
N HIS E 135 1.33 27.89 -13.96
CA HIS E 135 1.11 29.31 -13.68
C HIS E 135 2.13 29.89 -12.71
N ARG E 136 3.00 29.07 -12.14
CA ARG E 136 3.97 29.53 -11.13
C ARG E 136 5.17 30.13 -11.85
N LYS E 137 5.01 31.38 -12.27
CA LYS E 137 6.07 32.14 -12.95
C LYS E 137 5.59 33.57 -13.12
N LYS E 138 6.56 34.48 -13.23
CA LYS E 138 6.23 35.90 -13.38
C LYS E 138 5.56 36.19 -14.72
N ASN E 139 5.86 35.38 -15.75
CA ASN E 139 5.32 35.61 -17.09
C ASN E 139 4.36 34.51 -17.53
N LEU E 140 3.94 33.64 -16.62
CA LEU E 140 3.00 32.57 -16.92
C LEU E 140 1.77 32.68 -16.02
N GLN E 141 0.62 32.32 -16.59
CA GLN E 141 -0.66 32.45 -15.91
C GLN E 141 -1.61 31.38 -16.42
N TYR E 142 -2.49 30.91 -15.55
CA TYR E 142 -3.49 29.92 -15.90
C TYR E 142 -4.88 30.45 -15.58
N TYR E 143 -5.85 30.09 -16.44
CA TYR E 143 -7.24 30.50 -16.26
C TYR E 143 -8.17 29.39 -16.70
N ASP E 144 -9.29 29.25 -15.98
CA ASP E 144 -10.39 28.37 -16.37
C ASP E 144 -11.40 29.17 -17.18
N ILE E 145 -11.65 28.75 -18.42
CA ILE E 145 -12.56 29.47 -19.31
C ILE E 145 -13.52 28.48 -19.96
N SER E 146 -14.67 29.01 -20.38
CA SER E 146 -15.65 28.26 -21.16
C SER E 146 -16.13 29.14 -22.30
N ALA E 147 -15.87 28.70 -23.54
CA ALA E 147 -16.28 29.49 -24.69
C ALA E 147 -17.79 29.58 -24.81
N LYS E 148 -18.53 28.55 -24.38
CA LYS E 148 -19.98 28.59 -24.35
C LYS E 148 -20.49 29.69 -23.43
N SER E 149 -20.33 29.49 -22.12
CA SER E 149 -20.99 30.31 -21.11
C SER E 149 -20.34 31.67 -20.91
N ASN E 150 -19.34 32.03 -21.72
CA ASN E 150 -18.67 33.33 -21.62
C ASN E 150 -18.06 33.53 -20.23
N TYR E 151 -17.22 32.58 -19.83
CA TYR E 151 -16.68 32.50 -18.48
C TYR E 151 -15.19 32.84 -18.52
N ASN E 152 -14.81 33.89 -17.80
CA ASN E 152 -13.42 34.37 -17.75
C ASN E 152 -12.88 34.66 -19.15
N PHE E 153 -13.73 35.22 -20.01
CA PHE E 153 -13.33 35.49 -21.39
C PHE E 153 -12.24 36.56 -21.47
N GLU E 154 -12.50 37.73 -20.89
CA GLU E 154 -11.55 38.83 -21.01
C GLU E 154 -10.31 38.66 -20.15
N LYS E 155 -10.32 37.67 -19.25
CA LYS E 155 -9.24 37.54 -18.27
C LYS E 155 -7.87 37.29 -18.92
N PRO E 156 -7.70 36.34 -19.86
CA PRO E 156 -6.37 36.20 -20.48
C PRO E 156 -5.87 37.47 -21.13
N PHE E 157 -6.75 38.19 -21.82
CA PHE E 157 -6.35 39.44 -22.47
C PHE E 157 -6.07 40.53 -21.45
N LEU E 158 -6.81 40.53 -20.33
CA LEU E 158 -6.55 41.53 -19.29
C LEU E 158 -5.21 41.30 -18.62
N TRP E 159 -4.89 40.03 -18.31
CA TRP E 159 -3.59 39.72 -17.72
C TRP E 159 -2.46 40.04 -18.69
N LEU E 160 -2.59 39.59 -19.94
CA LEU E 160 -1.56 39.85 -20.94
C LEU E 160 -1.35 41.35 -21.15
N ALA E 161 -2.45 42.12 -21.17
CA ALA E 161 -2.31 43.57 -21.31
C ALA E 161 -1.63 44.18 -20.08
N ARG E 162 -2.00 43.72 -18.89
CA ARG E 162 -1.39 44.23 -17.66
C ARG E 162 0.11 43.96 -17.63
N LYS E 163 0.55 42.82 -18.18
CA LYS E 163 1.98 42.51 -18.16
C LYS E 163 2.72 43.22 -19.29
N LEU E 164 2.10 43.31 -20.47
CA LEU E 164 2.78 43.96 -21.60
C LEU E 164 2.91 45.46 -21.39
N ILE E 165 1.89 46.11 -20.83
CA ILE E 165 1.98 47.53 -20.54
C ILE E 165 2.77 47.77 -19.27
N GLY E 166 2.55 46.96 -18.25
CA GLY E 166 3.21 47.13 -16.97
C GLY E 166 2.41 47.84 -15.90
N ASP E 167 1.10 47.95 -16.08
CA ASP E 167 0.23 48.62 -15.11
C ASP E 167 -0.78 47.61 -14.58
N PRO E 168 -0.55 47.04 -13.40
CA PRO E 168 -1.53 46.08 -12.84
C PRO E 168 -2.87 46.71 -12.50
N ASN E 169 -2.97 48.04 -12.47
CA ASN E 169 -4.24 48.72 -12.22
C ASN E 169 -5.04 48.93 -13.49
N LEU E 170 -4.63 48.35 -14.62
CA LEU E 170 -5.37 48.49 -15.86
C LEU E 170 -6.63 47.64 -15.82
N GLU E 171 -7.75 48.23 -16.22
CA GLU E 171 -9.03 47.54 -16.22
C GLU E 171 -9.78 47.86 -17.50
N PHE E 172 -10.58 46.89 -17.95
CA PHE E 172 -11.38 47.06 -19.16
C PHE E 172 -12.66 47.80 -18.83
N VAL E 173 -13.04 48.75 -19.69
CA VAL E 173 -14.22 49.57 -19.50
C VAL E 173 -15.09 49.52 -20.75
N ALA E 174 -16.33 49.97 -20.59
CA ALA E 174 -17.31 50.01 -21.68
C ALA E 174 -17.46 48.67 -22.38
N ALA F 3 -53.13 34.33 -25.07
CA ALA F 3 -52.11 34.94 -25.90
C ALA F 3 -50.71 34.53 -25.45
N THR F 4 -50.41 34.80 -24.18
CA THR F 4 -49.16 34.39 -23.56
C THR F 4 -49.46 33.87 -22.16
N PHE F 5 -48.56 33.03 -21.65
CA PHE F 5 -48.74 32.50 -20.31
C PHE F 5 -47.54 32.86 -19.43
N PRO F 6 -47.79 33.30 -18.21
CA PRO F 6 -46.68 33.65 -17.31
C PRO F 6 -46.02 32.42 -16.74
N MET F 7 -44.71 32.52 -16.53
CA MET F 7 -43.93 31.41 -16.00
C MET F 7 -42.77 31.98 -15.19
N GLN F 8 -42.54 31.39 -14.02
CA GLN F 8 -41.43 31.80 -13.17
C GLN F 8 -40.12 31.65 -13.94
N CYS F 9 -39.28 32.70 -13.89
CA CYS F 9 -38.08 32.73 -14.71
C CYS F 9 -37.16 31.55 -14.44
N SER F 10 -37.11 31.10 -13.18
CA SER F 10 -36.27 29.96 -12.84
C SER F 10 -36.70 28.69 -13.56
N ALA F 11 -37.98 28.57 -13.87
CA ALA F 11 -38.55 27.37 -14.48
C ALA F 11 -38.42 27.33 -15.99
N LEU F 12 -37.84 28.37 -16.61
CA LEU F 12 -37.73 28.42 -18.07
C LEU F 12 -36.77 27.36 -18.57
N ARG F 13 -37.23 26.55 -19.52
CA ARG F 13 -36.38 25.53 -20.10
C ARG F 13 -35.36 26.16 -21.05
N LYS F 14 -34.16 25.58 -21.08
CA LYS F 14 -33.11 26.08 -21.98
C LYS F 14 -33.43 25.82 -23.44
N ASN F 15 -34.37 24.94 -23.75
CA ASN F 15 -34.75 24.66 -25.13
C ASN F 15 -36.08 25.30 -25.53
N GLY F 16 -36.75 25.99 -24.61
CA GLY F 16 -38.07 26.52 -24.84
C GLY F 16 -38.05 27.95 -25.34
N PHE F 17 -39.20 28.61 -25.19
CA PHE F 17 -39.40 29.96 -25.71
C PHE F 17 -39.76 30.91 -24.57
N VAL F 18 -39.58 32.21 -24.84
CA VAL F 18 -39.90 33.24 -23.87
C VAL F 18 -40.01 34.57 -24.62
N VAL F 19 -40.83 35.47 -24.09
CA VAL F 19 -40.98 36.81 -24.64
C VAL F 19 -39.88 37.69 -24.09
N LEU F 20 -39.06 38.25 -24.97
CA LEU F 20 -37.98 39.15 -24.59
C LEU F 20 -38.18 40.48 -25.31
N LYS F 21 -38.27 41.56 -24.54
CA LYS F 21 -38.38 42.92 -25.08
C LYS F 21 -39.55 43.04 -26.05
N GLY F 22 -40.60 42.26 -25.82
CA GLY F 22 -41.80 42.31 -26.64
C GLY F 22 -41.87 41.28 -27.75
N ARG F 23 -40.76 40.60 -28.05
CA ARG F 23 -40.80 39.65 -29.15
C ARG F 23 -40.72 38.21 -28.66
N PRO F 24 -41.44 37.28 -29.29
CA PRO F 24 -41.31 35.87 -28.91
C PRO F 24 -39.99 35.29 -29.43
N CYS F 25 -39.24 34.66 -28.53
CA CYS F 25 -37.90 34.21 -28.85
C CYS F 25 -37.71 32.75 -28.43
N LYS F 26 -36.84 32.07 -29.18
CA LYS F 26 -36.34 30.74 -28.82
C LYS F 26 -35.09 30.91 -27.97
N ILE F 27 -35.08 30.32 -26.78
CA ILE F 27 -33.96 30.49 -25.86
C ILE F 27 -32.75 29.75 -26.41
N VAL F 28 -31.64 30.48 -26.57
CA VAL F 28 -30.41 29.89 -27.06
C VAL F 28 -29.33 29.79 -25.99
N GLU F 29 -29.38 30.61 -24.95
CA GLU F 29 -28.47 30.49 -23.81
C GLU F 29 -29.19 30.99 -22.57
N MET F 30 -28.95 30.31 -21.44
CA MET F 30 -29.59 30.67 -20.18
C MET F 30 -28.61 30.36 -19.06
N SER F 31 -28.02 31.40 -18.49
CA SER F 31 -27.01 31.25 -17.45
C SER F 31 -27.43 32.01 -16.20
N THR F 32 -27.07 31.48 -15.04
CA THR F 32 -27.47 32.03 -13.75
C THR F 32 -26.24 32.57 -13.03
N SER F 33 -26.43 33.68 -12.32
CA SER F 33 -25.39 34.27 -11.50
C SER F 33 -26.01 34.86 -10.24
N LYS F 34 -25.18 35.19 -9.27
CA LYS F 34 -25.63 35.84 -8.05
C LYS F 34 -24.70 36.98 -7.70
N THR F 35 -25.27 38.03 -7.10
CA THR F 35 -24.50 39.23 -6.80
C THR F 35 -23.46 38.96 -5.72
N GLY F 36 -23.91 38.55 -4.53
CA GLY F 36 -22.99 38.16 -3.47
C GLY F 36 -22.83 36.65 -3.48
CG 5CT F 37 -20.78 32.82 -1.12
CD 5CT F 37 -19.36 32.27 -1.35
CE 5CT F 37 -18.30 32.90 -0.40
NZ 5CT F 37 -17.05 32.17 -0.48
C1 5CT F 37 -15.94 33.11 -0.60
C2 5CT F 37 -14.61 32.39 -0.77
C3 5CT F 37 -14.17 32.48 -2.22
C4 5CT F 37 -12.91 33.34 -2.40
N1 5CT F 37 -12.26 33.03 -3.64
O1 5CT F 37 -14.74 31.05 -0.39
CB 5CT F 37 -20.91 34.34 -1.38
CA 5CT F 37 -22.08 34.70 -2.33
C 5CT F 37 -23.37 34.20 -1.80
O 5CT F 37 -23.75 33.02 -1.99
N 5CT F 37 -22.19 36.11 -2.45
N HIS F 38 -24.10 35.09 -1.13
CA HIS F 38 -25.37 34.73 -0.51
C HIS F 38 -26.54 35.42 -1.20
N GLY F 39 -26.25 36.08 -2.32
CA GLY F 39 -27.31 36.71 -3.08
C GLY F 39 -28.21 35.70 -3.75
N HIS F 40 -29.43 36.14 -4.05
CA HIS F 40 -30.37 35.26 -4.73
C HIS F 40 -30.07 35.22 -6.22
N ALA F 41 -30.58 34.17 -6.86
CA ALA F 41 -30.20 33.88 -8.24
C ALA F 41 -30.87 34.86 -9.20
N LYS F 42 -30.13 35.24 -10.24
CA LYS F 42 -30.65 36.04 -11.33
C LYS F 42 -30.23 35.42 -12.65
N VAL F 43 -31.17 35.36 -13.59
CA VAL F 43 -31.00 34.62 -14.83
C VAL F 43 -30.68 35.60 -15.97
N HIS F 44 -29.72 35.22 -16.80
CA HIS F 44 -29.37 35.95 -18.01
C HIS F 44 -29.91 35.15 -19.20
N LEU F 45 -31.00 35.63 -19.78
CA LEU F 45 -31.62 35.00 -20.94
C LEU F 45 -31.13 35.66 -22.23
N VAL F 46 -31.03 34.86 -23.29
CA VAL F 46 -30.78 35.35 -24.63
C VAL F 46 -31.42 34.39 -25.62
N GLY F 47 -32.22 34.94 -26.54
CA GLY F 47 -32.95 34.13 -27.48
C GLY F 47 -32.97 34.77 -28.86
N ILE F 48 -33.42 33.97 -29.82
CA ILE F 48 -33.49 34.35 -31.23
C ILE F 48 -34.94 34.66 -31.56
N ASP F 49 -35.17 35.78 -32.24
CA ASP F 49 -36.51 36.14 -32.67
C ASP F 49 -37.10 35.02 -33.52
N ILE F 50 -38.22 34.45 -33.05
CA ILE F 50 -38.83 33.31 -33.70
C ILE F 50 -39.26 33.60 -35.12
N PHE F 51 -39.23 34.87 -35.54
CA PHE F 51 -39.58 35.26 -36.90
C PHE F 51 -38.41 35.89 -37.65
N THR F 52 -37.88 37.02 -37.16
CA THR F 52 -36.82 37.71 -37.87
C THR F 52 -35.47 37.03 -37.72
N GLY F 53 -35.20 36.42 -36.56
CA GLY F 53 -33.93 35.78 -36.30
C GLY F 53 -32.92 36.63 -35.56
N LYS F 54 -33.28 37.84 -35.14
CA LYS F 54 -32.35 38.70 -34.43
C LYS F 54 -32.15 38.23 -32.99
N LYS F 55 -30.98 38.55 -32.45
CA LYS F 55 -30.61 38.12 -31.10
C LYS F 55 -31.05 39.18 -30.09
N TYR F 56 -31.92 38.79 -29.16
CA TYR F 56 -32.33 39.66 -28.07
C TYR F 56 -31.96 39.01 -26.74
N GLU F 57 -31.40 39.80 -25.82
CA GLU F 57 -30.98 39.29 -24.53
C GLU F 57 -31.45 40.23 -23.42
N ASP F 58 -31.64 39.67 -22.24
CA ASP F 58 -32.06 40.43 -21.08
C ASP F 58 -31.67 39.66 -19.82
N ILE F 59 -31.48 40.38 -18.73
CA ILE F 59 -31.13 39.78 -17.45
C ILE F 59 -32.19 40.15 -16.42
N CYS F 60 -32.83 39.14 -15.85
CA CYS F 60 -33.86 39.37 -14.84
C CYS F 60 -33.72 38.32 -13.74
N PRO F 61 -34.02 38.68 -12.49
CA PRO F 61 -33.88 37.73 -11.39
C PRO F 61 -34.86 36.58 -11.49
N SER F 62 -34.50 35.48 -10.82
CA SER F 62 -35.40 34.34 -10.70
C SER F 62 -36.63 34.72 -9.89
N THR F 63 -37.58 33.78 -9.75
CA THR F 63 -38.81 33.97 -9.00
C THR F 63 -39.71 35.02 -9.62
N HIS F 64 -39.13 35.95 -10.38
CA HIS F 64 -39.91 36.94 -11.10
C HIS F 64 -40.49 36.31 -12.37
N ASN F 65 -41.70 36.73 -12.72
CA ASN F 65 -42.44 36.10 -13.80
C ASN F 65 -42.03 36.65 -15.16
N MET F 66 -41.81 35.75 -16.11
CA MET F 66 -41.58 36.09 -17.50
C MET F 66 -42.77 35.64 -18.33
N ASP F 67 -42.94 36.29 -19.48
CA ASP F 67 -44.01 35.94 -20.40
C ASP F 67 -43.52 34.90 -21.40
N VAL F 68 -44.22 33.78 -21.48
CA VAL F 68 -43.91 32.71 -22.41
C VAL F 68 -44.95 32.73 -23.52
N PRO F 69 -44.54 32.84 -24.79
CA PRO F 69 -45.52 32.89 -25.87
C PRO F 69 -46.10 31.52 -26.17
N ASN F 70 -47.39 31.50 -26.50
CA ASN F 70 -48.06 30.27 -26.91
C ASN F 70 -47.76 30.05 -28.40
N ILE F 71 -47.03 28.99 -28.69
CA ILE F 71 -46.53 28.71 -30.04
C ILE F 71 -47.39 27.64 -30.68
N LYS F 72 -47.88 27.90 -31.89
CA LYS F 72 -48.61 26.92 -32.67
C LYS F 72 -47.97 26.77 -34.04
N ARG F 73 -47.94 25.54 -34.54
CA ARG F 73 -47.43 25.26 -35.88
C ARG F 73 -48.41 24.33 -36.57
N ASN F 74 -48.81 24.70 -37.78
CA ASN F 74 -49.88 23.98 -38.49
C ASN F 74 -49.46 23.66 -39.92
N ASP F 75 -50.08 22.64 -40.48
CA ASP F 75 -49.77 22.16 -41.83
C ASP F 75 -50.95 22.45 -42.75
N PHE F 76 -50.71 23.27 -43.77
CA PHE F 76 -51.69 23.55 -44.82
C PHE F 76 -51.13 23.06 -46.16
N GLN F 77 -52.04 22.77 -47.09
CA GLN F 77 -51.64 22.39 -48.44
C GLN F 77 -51.53 23.63 -49.33
N LEU F 78 -50.41 23.75 -50.04
CA LEU F 78 -50.18 24.91 -50.90
C LEU F 78 -50.98 24.73 -52.19
N ILE F 79 -51.92 25.64 -52.43
CA ILE F 79 -52.73 25.60 -53.65
C ILE F 79 -52.57 26.83 -54.53
N GLY F 80 -51.85 27.87 -54.09
CA GLY F 80 -51.67 29.01 -54.96
C GLY F 80 -50.54 29.91 -54.54
N ILE F 81 -50.06 30.70 -55.51
CA ILE F 81 -49.08 31.77 -55.30
C ILE F 81 -49.53 32.95 -56.17
N GLN F 82 -49.99 34.02 -55.53
CA GLN F 82 -50.63 35.13 -56.23
C GLN F 82 -49.64 36.29 -56.32
N ASP F 83 -49.98 37.52 -55.93
CA ASP F 83 -49.08 38.66 -55.99
C ASP F 83 -47.95 38.57 -54.97
N GLY F 84 -47.67 37.36 -54.48
CA GLY F 84 -46.71 37.14 -53.42
C GLY F 84 -47.34 36.62 -52.15
N TYR F 85 -48.65 36.40 -52.14
CA TYR F 85 -49.36 35.86 -51.00
C TYR F 85 -49.68 34.39 -51.24
N LEU F 86 -49.19 33.54 -50.36
CA LEU F 86 -49.45 32.11 -50.46
C LEU F 86 -50.93 31.81 -50.25
N SER F 87 -51.51 31.02 -51.15
CA SER F 87 -52.88 30.54 -51.01
C SER F 87 -52.81 29.11 -50.49
N LEU F 88 -53.17 28.94 -49.22
CA LEU F 88 -52.99 27.69 -48.48
C LEU F 88 -54.34 27.11 -48.10
N LEU F 89 -54.46 25.79 -48.19
CA LEU F 89 -55.71 25.08 -47.98
C LEU F 89 -55.60 24.24 -46.70
N GLN F 90 -56.46 24.53 -45.74
CA GLN F 90 -56.55 23.71 -44.53
C GLN F 90 -57.29 22.42 -44.82
N ASP F 91 -57.12 21.44 -43.93
CA ASP F 91 -57.88 20.21 -44.03
C ASP F 91 -59.35 20.37 -43.66
N SER F 92 -59.73 21.53 -43.14
CA SER F 92 -61.12 21.84 -42.82
C SER F 92 -61.89 22.43 -43.99
N GLY F 93 -61.22 22.65 -45.14
CA GLY F 93 -61.83 23.19 -46.32
C GLY F 93 -61.56 24.66 -46.56
N GLU F 94 -61.14 25.39 -45.53
CA GLU F 94 -60.90 26.82 -45.66
C GLU F 94 -59.60 27.09 -46.40
N VAL F 95 -59.58 28.21 -47.13
CA VAL F 95 -58.41 28.67 -47.87
C VAL F 95 -58.04 30.04 -47.33
N ARG F 96 -56.77 30.21 -46.94
CA ARG F 96 -56.27 31.47 -46.41
C ARG F 96 -55.18 31.99 -47.33
N GLU F 97 -55.36 33.22 -47.82
CA GLU F 97 -54.43 33.85 -48.74
C GLU F 97 -53.73 35.06 -48.13
N ASP F 98 -53.70 35.15 -46.80
CA ASP F 98 -53.11 36.31 -46.13
C ASP F 98 -51.61 36.18 -45.90
N LEU F 99 -51.08 34.97 -45.72
CA LEU F 99 -49.66 34.82 -45.43
C LEU F 99 -48.83 35.09 -46.68
N ARG F 100 -47.76 35.86 -46.53
CA ARG F 100 -46.88 36.23 -47.62
C ARG F 100 -45.96 35.06 -47.98
N LEU F 101 -45.05 35.32 -48.93
CA LEU F 101 -44.01 34.36 -49.29
C LEU F 101 -42.74 34.67 -48.51
N PRO F 102 -42.09 33.67 -47.92
CA PRO F 102 -40.88 33.94 -47.15
C PRO F 102 -39.71 34.31 -48.06
N GLU F 103 -38.86 35.19 -47.55
CA GLU F 103 -37.68 35.59 -48.29
C GLU F 103 -36.57 34.56 -48.10
N GLY F 104 -35.59 34.62 -48.99
CA GLY F 104 -34.46 33.72 -48.94
C GLY F 104 -34.66 32.52 -49.84
N ASP F 105 -33.77 31.53 -49.64
CA ASP F 105 -33.80 30.33 -50.45
C ASP F 105 -35.05 29.48 -50.23
N LEU F 106 -35.74 29.67 -49.11
CA LEU F 106 -36.93 28.86 -48.86
C LEU F 106 -38.10 29.31 -49.73
N GLY F 107 -38.29 30.61 -49.89
CA GLY F 107 -39.30 31.09 -50.82
C GLY F 107 -38.99 30.72 -52.26
N LYS F 108 -37.70 30.72 -52.61
CA LYS F 108 -37.30 30.25 -53.94
C LYS F 108 -37.63 28.78 -54.10
N GLU F 109 -37.43 27.98 -53.06
CA GLU F 109 -37.81 26.58 -53.11
C GLU F 109 -39.32 26.42 -53.24
N ILE F 110 -40.09 27.32 -52.61
CA ILE F 110 -41.55 27.26 -52.73
C ILE F 110 -41.97 27.58 -54.16
N GLU F 111 -41.36 28.61 -54.76
CA GLU F 111 -41.69 28.95 -56.14
C GLU F 111 -41.29 27.84 -57.10
N GLN F 112 -40.14 27.22 -56.88
CA GLN F 112 -39.69 26.14 -57.74
C GLN F 112 -40.61 24.93 -57.63
N LYS F 113 -40.88 24.48 -56.41
CA LYS F 113 -41.73 23.30 -56.22
C LYS F 113 -43.19 23.57 -56.60
N TYR F 114 -43.61 24.85 -56.61
CA TYR F 114 -44.95 25.17 -57.06
C TYR F 114 -45.03 25.22 -58.58
N ASP F 115 -44.02 25.81 -59.22
CA ASP F 115 -43.97 25.84 -60.68
C ASP F 115 -43.78 24.45 -61.27
N CYS F 116 -43.16 23.54 -60.52
CA CYS F 116 -42.97 22.17 -60.99
C CYS F 116 -44.23 21.32 -60.85
N GLY F 117 -45.24 21.78 -60.11
CA GLY F 117 -46.49 21.05 -59.99
C GLY F 117 -46.53 20.01 -58.90
N GLU F 118 -45.62 20.07 -57.93
CA GLU F 118 -45.61 19.10 -56.84
C GLU F 118 -46.59 19.50 -55.73
N GLU F 119 -47.11 18.48 -55.06
CA GLU F 119 -47.97 18.71 -53.88
C GLU F 119 -47.07 19.12 -52.72
N ILE F 120 -47.16 20.38 -52.32
CA ILE F 120 -46.26 20.96 -51.32
C ILE F 120 -47.06 21.27 -50.06
N LEU F 121 -46.59 20.73 -48.94
CA LEU F 121 -47.17 21.01 -47.62
C LEU F 121 -46.37 22.14 -46.98
N ILE F 122 -47.07 23.12 -46.42
CA ILE F 122 -46.45 24.30 -45.83
C ILE F 122 -46.83 24.33 -44.36
N THR F 123 -45.81 24.38 -43.50
CA THR F 123 -46.02 24.51 -42.07
C THR F 123 -45.86 25.99 -41.70
N VAL F 124 -46.95 26.58 -41.21
CA VAL F 124 -47.02 27.98 -40.82
C VAL F 124 -46.97 28.06 -39.30
N LEU F 125 -46.25 29.07 -38.80
CA LEU F 125 -45.99 29.26 -37.38
C LEU F 125 -46.76 30.48 -36.89
N SER F 126 -47.75 30.25 -36.04
CA SER F 126 -48.51 31.31 -35.40
C SER F 126 -48.03 31.46 -33.96
N ALA F 127 -47.51 32.65 -33.63
CA ALA F 127 -46.93 32.87 -32.32
C ALA F 127 -47.85 33.76 -31.52
N MET F 128 -47.68 35.09 -31.56
CA MET F 128 -48.50 35.97 -30.73
C MET F 128 -49.56 36.66 -31.57
N THR F 129 -49.18 37.66 -32.35
CA THR F 129 -50.08 38.28 -33.32
C THR F 129 -49.64 38.03 -34.75
N GLU F 130 -48.50 37.38 -34.97
CA GLU F 130 -47.93 37.20 -36.29
C GLU F 130 -48.01 35.74 -36.72
N GLU F 131 -48.04 35.53 -38.03
CA GLU F 131 -48.04 34.21 -38.63
C GLU F 131 -47.12 34.23 -39.84
N ALA F 132 -46.42 33.12 -40.07
CA ALA F 132 -45.47 33.05 -41.17
C ALA F 132 -45.22 31.59 -41.52
N ALA F 133 -45.03 31.32 -42.82
CA ALA F 133 -44.69 29.99 -43.27
C ALA F 133 -43.23 29.70 -42.92
N VAL F 134 -43.00 28.59 -42.20
CA VAL F 134 -41.67 28.29 -41.69
C VAL F 134 -41.14 26.95 -42.16
N ALA F 135 -41.96 26.03 -42.65
CA ALA F 135 -41.43 24.72 -43.04
C ALA F 135 -42.09 24.23 -44.32
N ILE F 136 -41.41 23.28 -44.97
CA ILE F 136 -41.85 22.70 -46.24
C ILE F 136 -41.76 21.18 -46.12
N LYS F 137 -42.85 20.51 -46.48
CA LYS F 137 -42.94 19.06 -46.56
C LYS F 137 -43.57 18.69 -47.90
N ALA F 138 -43.69 17.38 -48.14
CA ALA F 138 -44.26 16.86 -49.37
C ALA F 138 -45.41 15.92 -49.04
N MET F 139 -46.41 15.93 -49.91
CA MET F 139 -47.60 15.09 -49.72
C MET F 139 -47.73 14.09 -50.87
PG GTP G . 27.90 -18.60 22.83
O1G GTP G . 28.57 -18.93 21.54
O2G GTP G . 27.98 -17.02 23.12
O3G GTP G . 28.64 -19.41 24.01
O3B GTP G . 26.36 -19.03 22.77
PB GTP G . 25.60 -20.33 23.30
O1B GTP G . 25.20 -21.22 22.18
O2B GTP G . 26.57 -21.16 24.29
O3A GTP G . 24.31 -19.92 24.15
PA GTP G . 23.71 -20.67 25.44
O1A GTP G . 23.73 -22.11 25.17
O2A GTP G . 24.64 -20.35 26.72
O5' GTP G . 22.22 -20.13 25.68
C5' GTP G . 21.94 -18.72 25.59
C4' GTP G . 20.65 -18.41 26.36
O4' GTP G . 19.53 -19.01 25.69
C3' GTP G . 20.70 -19.00 27.78
O3' GTP G . 20.08 -18.09 28.69
C2' GTP G . 19.87 -20.30 27.66
O2' GTP G . 19.26 -20.63 28.91
C1' GTP G . 18.82 -19.87 26.60
N9 GTP G . 18.32 -21.01 25.83
C8 GTP G . 19.06 -21.98 25.24
N7 GTP G . 18.27 -22.82 24.63
C5 GTP G . 16.99 -22.42 24.78
C6 GTP G . 15.74 -22.92 24.34
O6 GTP G . 15.68 -23.93 23.67
N1 GTP G . 14.62 -22.23 24.68
C2 GTP G . 14.71 -21.10 25.43
N2 GTP G . 13.56 -20.43 25.77
N3 GTP G . 15.86 -20.62 25.84
C4 GTP G . 17.00 -21.25 25.55
MG MG H . 28.58 -21.70 23.35
PG GTP I . -8.42 23.55 -34.82
O1G GTP I . -9.22 24.47 -35.68
O2G GTP I . -6.89 24.04 -34.78
O3G GTP I . -8.50 22.07 -35.43
O3B GTP I . -9.03 23.57 -33.33
PB GTP I . -9.93 24.66 -32.56
O1B GTP I . -9.95 26.03 -33.42
O2B GTP I . -9.37 24.92 -31.21
O3A GTP I . -11.44 24.11 -32.43
PA GTP I . -12.86 24.85 -32.63
O1A GTP I . -13.05 25.22 -34.18
O2A GTP I . -12.86 26.11 -31.84
O5' GTP I . -14.04 23.88 -32.12
C5' GTP I . -13.92 23.11 -30.92
C4' GTP I . -15.17 22.26 -30.74
O4' GTP I . -15.55 22.26 -29.34
C3' GTP I . -16.35 22.86 -31.51
O3' GTP I . -17.34 21.86 -31.75
C2' GTP I . -16.88 23.90 -30.50
O2' GTP I . -18.25 24.20 -30.74
C1' GTP I . -16.70 23.13 -29.17
N9 GTP I . -16.45 24.06 -28.07
C8 GTP I . -15.68 25.19 -28.12
N7 GTP I . -15.69 25.78 -26.96
C5 GTP I . -16.45 25.07 -26.10
C6 GTP I . -16.82 25.22 -24.74
O6 GTP I . -16.41 26.16 -24.08
N1 GTP I . -17.62 24.29 -24.18
C2 GTP I . -18.07 23.24 -24.92
N2 GTP I . -18.89 22.31 -24.33
N3 GTP I . -17.75 23.08 -26.19
C4 GTP I . -16.95 23.96 -26.80
MG MG J . -8.75 26.52 -35.07
#